data_4NS3
#
_entry.id   4NS3
#
_cell.length_a   164.855
_cell.length_b   164.855
_cell.length_c   260.242
_cell.angle_alpha   90.00
_cell.angle_beta   90.00
_cell.angle_gamma   120.00
#
_symmetry.space_group_name_H-M   'P 31 2 1'
#
loop_
_entity.id
_entity.type
_entity.pdbx_description
1 polymer 'Delta-1-pyrroline-5-carboxylate dehydrogenase'
2 non-polymer COBALAMIN
3 non-polymer NICOTINAMIDE-ADENINE-DINUCLEOTIDE
4 water water
#
_entity_poly.entity_id   1
_entity_poly.type   'polypeptide(L)'
_entity_poly.pdbx_seq_one_letter_code
;MGSSHHHHHHSSGLVPRGSHMDAITQVPVPANEPVHDYAPKSPERTRLRTELASLADHPIDLPHVIGGRHRMGDGERIDV
VQPHRHAARLGTLTNATHADAAAAVEAAMSAKSDWAALPFDERAAVFLRAADLLAGPWREKIAAATMLGQSKSVYQAEID
AVCELIDFWRFNVAFARQILEQQPISGPGEWNRIDYRPLDGFVYAITPFNFTSIAGNLPTAPALMGNTVIWKPSITQTLA
AYLTMQLLEAAGLPPGVINLVTGDGFAVSDVALADPRLAGIHFTGSTATFGHLWQWVGTNIGRYHSYPRLVGETGGKDFV
VAHASARPDVLRTALIRGAFDYQGQK(CME)SAVSRAFIAHSVWQRMGDELLAKAAELRYGDITDLSNYGGALIDQRAFV
KNVDAIERAKGAAAVTVAVGGEYDDSEGYFVRPTVLLSDDPTDESFVIEYFGPLLSVHVYPDERYEQILDVIDTGSRYAL
TGAVIADDRQAVLTALDRLRFAAGNFYVNDKPTGAVVGRQPFGGARGSDTNDKAGSPLNLLRWTSARSIKETFVAATDHI
YPHMAVD
;
_entity_poly.pdbx_strand_id   A,B,C,D,E,F
#
loop_
_chem_comp.id
_chem_comp.type
_chem_comp.name
_chem_comp.formula
B12 non-polymer COBALAMIN 'C62 H89 Co N13 O14 P 2'
NAD non-polymer NICOTINAMIDE-ADENINE-DINUCLEOTIDE 'C21 H27 N7 O14 P2'
#
# COMPACT_ATOMS: atom_id res chain seq x y z
N HIS A 20 -25.65 15.94 -10.36
CA HIS A 20 -24.37 15.31 -10.64
C HIS A 20 -23.81 14.60 -9.40
N MET A 21 -22.48 14.45 -9.35
CA MET A 21 -21.78 13.93 -8.18
C MET A 21 -20.27 14.04 -8.35
N ASP A 22 -19.61 14.47 -7.29
CA ASP A 22 -18.18 14.65 -7.32
C ASP A 22 -17.53 13.74 -6.30
N ALA A 23 -17.05 12.60 -6.77
CA ALA A 23 -16.49 11.61 -5.87
C ALA A 23 -15.75 10.51 -6.58
N ILE A 24 -14.79 9.93 -5.89
CA ILE A 24 -14.20 8.66 -6.26
C ILE A 24 -14.68 7.65 -5.22
N THR A 25 -15.73 6.93 -5.53
CA THR A 25 -16.37 6.05 -4.55
C THR A 25 -15.77 4.66 -4.46
N GLN A 26 -15.96 4.03 -3.30
CA GLN A 26 -15.56 2.65 -3.05
C GLN A 26 -16.82 1.80 -2.99
N VAL A 27 -16.76 0.53 -3.38
CA VAL A 27 -17.89 -0.35 -3.10
C VAL A 27 -17.63 -1.07 -1.80
N PRO A 28 -18.69 -1.57 -1.15
CA PRO A 28 -18.54 -2.42 0.03
C PRO A 28 -17.58 -3.58 -0.19
N VAL A 29 -16.85 -3.95 0.85
CA VAL A 29 -15.91 -5.04 0.76
C VAL A 29 -16.64 -6.37 0.91
N PRO A 30 -16.50 -7.27 -0.08
CA PRO A 30 -17.13 -8.57 -0.06
C PRO A 30 -16.44 -9.60 0.83
N ALA A 31 -17.25 -10.40 1.52
CA ALA A 31 -16.79 -11.62 2.16
C ALA A 31 -17.76 -12.74 1.81
N ASN A 32 -17.26 -13.97 1.79
CA ASN A 32 -18.10 -15.11 1.51
C ASN A 32 -19.26 -15.22 2.47
N GLU A 33 -20.44 -15.46 1.92
CA GLU A 33 -21.65 -15.59 2.72
C GLU A 33 -21.62 -16.88 3.53
N PRO A 34 -21.86 -16.78 4.83
CA PRO A 34 -21.86 -17.94 5.73
C PRO A 34 -22.89 -18.99 5.34
N VAL A 35 -22.55 -20.25 5.54
CA VAL A 35 -23.44 -21.35 5.24
C VAL A 35 -24.24 -21.76 6.46
N HIS A 36 -25.56 -21.77 6.34
CA HIS A 36 -26.43 -22.23 7.41
C HIS A 36 -26.51 -23.74 7.41
N ASP A 37 -26.71 -24.33 8.59
CA ASP A 37 -26.67 -25.78 8.75
C ASP A 37 -28.03 -26.46 8.69
N TYR A 38 -29.09 -25.70 8.97
CA TYR A 38 -30.43 -26.25 9.03
C TYR A 38 -30.53 -27.47 9.96
N ALA A 39 -29.76 -27.44 11.04
CA ALA A 39 -29.82 -28.47 12.07
C ALA A 39 -31.17 -28.47 12.74
N PRO A 40 -31.57 -29.60 13.33
CA PRO A 40 -32.82 -29.69 14.09
C PRO A 40 -32.95 -28.58 15.13
N LYS A 41 -34.17 -28.06 15.28
CA LYS A 41 -34.50 -26.98 16.21
C LYS A 41 -33.99 -25.60 15.76
N SER A 42 -33.32 -25.53 14.61
CA SER A 42 -32.82 -24.25 14.14
C SER A 42 -33.96 -23.49 13.51
N PRO A 43 -33.96 -22.16 13.66
CA PRO A 43 -35.01 -21.33 13.06
C PRO A 43 -35.04 -21.42 11.55
N GLU A 44 -33.87 -21.54 10.91
CA GLU A 44 -33.84 -21.54 9.46
C GLU A 44 -34.49 -22.82 8.92
N ARG A 45 -34.42 -23.88 9.69
CA ARG A 45 -35.04 -25.15 9.31
C ARG A 45 -36.55 -25.01 9.29
N THR A 46 -37.09 -24.25 10.24
CA THR A 46 -38.53 -24.03 10.34
C THR A 46 -39.02 -23.15 9.19
N ARG A 47 -38.27 -22.10 8.88
CA ARG A 47 -38.56 -21.25 7.75
C ARG A 47 -38.52 -22.04 6.45
N LEU A 48 -37.53 -22.91 6.32
CA LEU A 48 -37.40 -23.73 5.13
C LEU A 48 -38.63 -24.63 4.92
N ARG A 49 -39.14 -25.20 6.01
CA ARG A 49 -40.28 -26.09 5.91
C ARG A 49 -41.52 -25.33 5.48
N THR A 50 -41.62 -24.09 5.91
CA THR A 50 -42.73 -23.24 5.49
C THR A 50 -42.63 -23.02 3.98
N GLU A 51 -41.44 -22.68 3.52
CA GLU A 51 -41.22 -22.42 2.12
C GLU A 51 -41.41 -23.65 1.26
N LEU A 52 -40.92 -24.79 1.71
CA LEU A 52 -41.03 -26.02 0.95
C LEU A 52 -42.51 -26.37 0.74
N ALA A 53 -43.32 -26.21 1.78
CA ALA A 53 -44.73 -26.53 1.66
C ALA A 53 -45.42 -25.53 0.75
N SER A 54 -45.06 -24.26 0.88
CA SER A 54 -45.65 -23.23 0.04
C SER A 54 -45.42 -23.48 -1.45
N LEU A 55 -44.19 -23.81 -1.84
CA LEU A 55 -43.93 -23.97 -3.26
C LEU A 55 -44.54 -25.25 -3.79
N ALA A 56 -44.53 -26.31 -2.98
CA ALA A 56 -44.95 -27.60 -3.45
C ALA A 56 -46.47 -27.71 -3.53
N ASP A 57 -47.15 -27.07 -2.60
CA ASP A 57 -48.61 -27.13 -2.54
C ASP A 57 -49.28 -26.09 -3.44
N HIS A 58 -48.51 -25.22 -4.07
CA HIS A 58 -49.10 -24.21 -4.94
C HIS A 58 -48.34 -23.98 -6.24
N PRO A 59 -48.43 -24.95 -7.15
CA PRO A 59 -47.81 -24.82 -8.46
C PRO A 59 -48.30 -23.60 -9.21
N ILE A 60 -47.42 -22.97 -9.97
CA ILE A 60 -47.72 -21.70 -10.62
C ILE A 60 -47.45 -21.77 -12.08
N ASP A 61 -47.94 -20.79 -12.81
CA ASP A 61 -47.48 -20.57 -14.17
C ASP A 61 -46.01 -20.14 -14.10
N LEU A 62 -45.26 -20.53 -15.11
CA LEU A 62 -43.88 -20.11 -15.21
C LEU A 62 -43.72 -19.40 -16.53
N PRO A 63 -43.91 -18.08 -16.52
CA PRO A 63 -44.02 -17.29 -17.72
C PRO A 63 -42.69 -16.72 -18.18
N HIS A 64 -42.66 -16.28 -19.42
CA HIS A 64 -41.61 -15.44 -19.92
C HIS A 64 -41.65 -14.10 -19.20
N VAL A 65 -40.50 -13.47 -19.01
CA VAL A 65 -40.43 -12.14 -18.47
C VAL A 65 -39.70 -11.28 -19.49
N ILE A 66 -40.49 -10.60 -20.30
CA ILE A 66 -40.02 -9.82 -21.44
C ILE A 66 -40.37 -8.34 -21.27
N GLY A 67 -39.35 -7.51 -21.17
CA GLY A 67 -39.55 -6.09 -20.96
C GLY A 67 -40.35 -5.81 -19.70
N GLY A 68 -40.18 -6.64 -18.69
CA GLY A 68 -40.89 -6.41 -17.45
C GLY A 68 -42.25 -7.06 -17.39
N ARG A 69 -42.79 -7.50 -18.52
CA ARG A 69 -44.11 -8.11 -18.54
C ARG A 69 -44.00 -9.62 -18.39
N HIS A 70 -44.72 -10.17 -17.43
CA HIS A 70 -44.76 -11.61 -17.22
C HIS A 70 -45.89 -12.21 -18.05
N ARG A 71 -45.54 -13.02 -19.05
CA ARG A 71 -46.50 -13.58 -20.01
C ARG A 71 -46.23 -15.04 -20.33
N MET A 72 -47.26 -15.86 -20.24
CA MET A 72 -47.23 -17.15 -20.91
C MET A 72 -47.37 -16.90 -22.39
N GLY A 73 -46.75 -17.73 -23.20
CA GLY A 73 -46.79 -17.61 -24.63
C GLY A 73 -47.61 -18.72 -25.24
N ASP A 74 -47.54 -18.85 -26.57
CA ASP A 74 -48.37 -19.79 -27.30
C ASP A 74 -47.69 -21.12 -27.63
N GLY A 75 -46.49 -21.31 -27.12
CA GLY A 75 -45.75 -22.55 -27.34
C GLY A 75 -46.28 -23.66 -26.46
N GLU A 76 -45.80 -24.89 -26.65
CA GLU A 76 -46.39 -26.00 -25.91
C GLU A 76 -46.11 -25.87 -24.43
N ARG A 77 -47.06 -26.34 -23.65
CA ARG A 77 -46.93 -26.30 -22.22
C ARG A 77 -46.08 -27.46 -21.73
N ILE A 78 -45.14 -27.16 -20.86
CA ILE A 78 -44.26 -28.18 -20.30
C ILE A 78 -44.27 -28.06 -18.78
N ASP A 79 -44.49 -29.19 -18.13
CA ASP A 79 -44.53 -29.24 -16.69
C ASP A 79 -43.13 -29.34 -16.08
N VAL A 80 -42.93 -28.58 -15.03
CA VAL A 80 -41.75 -28.67 -14.22
C VAL A 80 -42.16 -29.45 -12.99
N VAL A 81 -41.44 -30.53 -12.67
CA VAL A 81 -41.83 -31.39 -11.55
C VAL A 81 -40.72 -31.59 -10.50
N GLN A 82 -41.05 -32.28 -9.42
CA GLN A 82 -40.05 -32.73 -8.45
C GLN A 82 -39.40 -34.01 -8.97
N PRO A 83 -38.09 -33.98 -9.23
CA PRO A 83 -37.47 -35.15 -9.85
C PRO A 83 -37.55 -36.36 -8.94
N HIS A 84 -37.48 -36.11 -7.65
CA HIS A 84 -37.64 -37.15 -6.64
C HIS A 84 -39.10 -37.59 -6.44
N ARG A 85 -40.04 -36.91 -7.06
CA ARG A 85 -41.45 -37.31 -7.01
C ARG A 85 -42.16 -36.77 -8.22
N HIS A 86 -41.91 -37.35 -9.37
CA HIS A 86 -42.24 -36.68 -10.61
C HIS A 86 -43.74 -36.57 -10.92
N ALA A 87 -44.59 -37.12 -10.06
CA ALA A 87 -46.03 -36.94 -10.20
C ALA A 87 -46.48 -35.58 -9.66
N ALA A 88 -45.60 -34.93 -8.92
CA ALA A 88 -45.93 -33.67 -8.29
C ALA A 88 -45.43 -32.50 -9.13
N ARG A 89 -46.36 -31.73 -9.67
CA ARG A 89 -46.04 -30.57 -10.47
C ARG A 89 -45.59 -29.40 -9.58
N LEU A 90 -44.59 -28.65 -10.01
CA LEU A 90 -44.19 -27.41 -9.35
C LEU A 90 -44.65 -26.22 -10.16
N GLY A 91 -44.75 -26.40 -11.46
CA GLY A 91 -45.23 -25.35 -12.34
C GLY A 91 -45.39 -25.78 -13.77
N THR A 92 -45.73 -24.82 -14.62
CA THR A 92 -45.87 -25.10 -16.03
C THR A 92 -45.34 -23.91 -16.82
N LEU A 93 -44.41 -24.17 -17.73
CA LEU A 93 -43.89 -23.11 -18.57
C LEU A 93 -44.42 -23.30 -19.98
N THR A 94 -44.21 -22.31 -20.83
CA THR A 94 -44.54 -22.46 -22.23
C THR A 94 -43.26 -22.40 -23.03
N ASN A 95 -43.10 -23.31 -23.97
CA ASN A 95 -41.91 -23.34 -24.80
C ASN A 95 -41.86 -22.09 -25.68
N ALA A 96 -40.77 -21.34 -25.59
CA ALA A 96 -40.68 -20.07 -26.28
C ALA A 96 -40.72 -20.27 -27.78
N THR A 97 -41.46 -19.41 -28.44
CA THR A 97 -41.58 -19.41 -29.87
C THR A 97 -40.62 -18.42 -30.43
N HIS A 98 -40.50 -18.38 -31.75
CA HIS A 98 -39.65 -17.41 -32.41
C HIS A 98 -40.11 -15.99 -32.12
N ALA A 99 -41.42 -15.80 -32.01
CA ALA A 99 -41.97 -14.51 -31.71
C ALA A 99 -41.61 -14.07 -30.30
N ASP A 100 -41.68 -14.97 -29.33
CA ASP A 100 -41.27 -14.67 -27.98
C ASP A 100 -39.80 -14.29 -27.94
N ALA A 101 -38.97 -15.02 -28.67
CA ALA A 101 -37.55 -14.74 -28.69
C ALA A 101 -37.26 -13.39 -29.33
N ALA A 102 -37.93 -13.08 -30.44
CA ALA A 102 -37.82 -11.78 -31.06
C ALA A 102 -38.22 -10.65 -30.14
N ALA A 103 -39.25 -10.86 -29.34
CA ALA A 103 -39.72 -9.82 -28.44
C ALA A 103 -38.72 -9.58 -27.30
N ALA A 104 -38.09 -10.64 -26.85
CA ALA A 104 -37.09 -10.55 -25.81
C ALA A 104 -35.85 -9.79 -26.30
N VAL A 105 -35.40 -10.07 -27.51
CA VAL A 105 -34.31 -9.31 -28.08
C VAL A 105 -34.66 -7.82 -28.15
N GLU A 106 -35.82 -7.48 -28.73
CA GLU A 106 -36.26 -6.09 -28.82
C GLU A 106 -36.41 -5.39 -27.45
N ALA A 107 -36.88 -6.12 -26.45
CA ALA A 107 -36.93 -5.57 -25.11
C ALA A 107 -35.53 -5.26 -24.59
N ALA A 108 -34.60 -6.19 -24.77
CA ALA A 108 -33.21 -5.98 -24.38
C ALA A 108 -32.61 -4.76 -25.08
N MET A 109 -32.83 -4.62 -26.38
CA MET A 109 -32.34 -3.44 -27.08
C MET A 109 -33.07 -2.14 -26.68
N SER A 110 -34.31 -2.21 -26.20
CA SER A 110 -35.02 -1.00 -25.80
C SER A 110 -34.51 -0.49 -24.47
N ALA A 111 -34.16 -1.42 -23.59
CA ALA A 111 -33.77 -1.08 -22.24
C ALA A 111 -32.31 -0.63 -22.18
N LYS A 112 -31.57 -0.87 -23.26
CA LYS A 112 -30.12 -0.71 -23.24
C LYS A 112 -29.67 0.70 -22.88
N SER A 113 -30.27 1.69 -23.49
CA SER A 113 -29.83 3.06 -23.36
C SER A 113 -29.91 3.63 -21.94
N ASP A 114 -31.05 3.45 -21.28
CA ASP A 114 -31.22 3.93 -19.92
C ASP A 114 -30.36 3.18 -18.92
N TRP A 115 -30.15 1.90 -19.17
CA TRP A 115 -29.40 1.05 -18.27
C TRP A 115 -27.91 1.39 -18.33
N ALA A 116 -27.38 1.44 -19.54
CA ALA A 116 -25.99 1.78 -19.76
C ALA A 116 -25.69 3.20 -19.24
N ALA A 117 -26.67 4.08 -19.33
CA ALA A 117 -26.46 5.45 -18.91
C ALA A 117 -26.50 5.61 -17.39
N LEU A 118 -27.05 4.63 -16.68
CA LEU A 118 -26.97 4.64 -15.22
C LEU A 118 -25.51 4.56 -14.81
N PRO A 119 -25.11 5.38 -13.83
CA PRO A 119 -23.75 5.33 -13.27
C PRO A 119 -23.47 3.95 -12.78
N PHE A 120 -22.21 3.53 -12.84
CA PHE A 120 -21.83 2.22 -12.35
C PHE A 120 -22.38 1.91 -10.94
N ASP A 121 -22.29 2.89 -10.04
CA ASP A 121 -22.70 2.66 -8.66
C ASP A 121 -24.17 2.29 -8.51
N GLU A 122 -25.02 2.85 -9.36
CA GLU A 122 -26.45 2.59 -9.28
C GLU A 122 -26.77 1.22 -9.85
N ARG A 123 -26.04 0.82 -10.89
CA ARG A 123 -26.17 -0.53 -11.42
C ARG A 123 -25.65 -1.54 -10.41
N ALA A 124 -24.57 -1.19 -9.73
CA ALA A 124 -24.01 -2.06 -8.71
C ALA A 124 -24.96 -2.24 -7.54
N ALA A 125 -25.64 -1.16 -7.15
CA ALA A 125 -26.56 -1.17 -6.03
C ALA A 125 -27.63 -2.24 -6.19
N VAL A 126 -28.10 -2.41 -7.42
CA VAL A 126 -29.13 -3.38 -7.72
C VAL A 126 -28.70 -4.76 -7.28
N PHE A 127 -27.49 -5.15 -7.67
CA PHE A 127 -27.02 -6.48 -7.38
C PHE A 127 -26.54 -6.65 -5.95
N LEU A 128 -26.01 -5.59 -5.35
CA LEU A 128 -25.73 -5.64 -3.92
C LEU A 128 -27.03 -5.79 -3.13
N ARG A 129 -28.10 -5.13 -3.56
CA ARG A 129 -29.37 -5.24 -2.88
C ARG A 129 -29.97 -6.62 -3.05
N ALA A 130 -29.80 -7.19 -4.24
CA ALA A 130 -30.29 -8.52 -4.49
C ALA A 130 -29.54 -9.51 -3.61
N ALA A 131 -28.24 -9.31 -3.44
CA ALA A 131 -27.44 -10.14 -2.54
C ALA A 131 -27.99 -10.13 -1.13
N ASP A 132 -28.26 -8.96 -0.59
CA ASP A 132 -28.83 -8.87 0.74
C ASP A 132 -30.25 -9.41 0.82
N LEU A 133 -31.04 -9.27 -0.23
CA LEU A 133 -32.39 -9.84 -0.20
C LEU A 133 -32.33 -11.37 -0.12
N LEU A 134 -31.40 -11.97 -0.87
CA LEU A 134 -31.24 -13.41 -0.91
C LEU A 134 -30.62 -13.93 0.39
N ALA A 135 -29.81 -13.10 1.03
CA ALA A 135 -29.19 -13.48 2.29
C ALA A 135 -30.19 -13.44 3.44
N GLY A 136 -31.17 -12.55 3.32
CA GLY A 136 -32.18 -12.40 4.35
C GLY A 136 -33.53 -12.95 3.97
N PRO A 137 -34.47 -12.09 3.60
CA PRO A 137 -35.89 -12.45 3.40
C PRO A 137 -36.17 -13.48 2.29
N TRP A 138 -35.35 -13.54 1.26
CA TRP A 138 -35.59 -14.47 0.17
C TRP A 138 -34.87 -15.81 0.32
N ARG A 139 -34.09 -15.96 1.39
CA ARG A 139 -33.12 -17.06 1.53
C ARG A 139 -33.72 -18.44 1.42
N GLU A 140 -34.65 -18.79 2.29
CA GLU A 140 -35.18 -20.15 2.31
C GLU A 140 -36.15 -20.43 1.17
N LYS A 141 -36.74 -19.38 0.61
CA LYS A 141 -37.58 -19.56 -0.57
C LYS A 141 -36.78 -20.01 -1.79
N ILE A 142 -35.68 -19.34 -2.07
CA ILE A 142 -34.86 -19.68 -3.24
C ILE A 142 -34.20 -21.02 -3.02
N ALA A 143 -33.79 -21.28 -1.80
CA ALA A 143 -33.25 -22.56 -1.43
C ALA A 143 -34.26 -23.68 -1.65
N ALA A 144 -35.49 -23.47 -1.18
CA ALA A 144 -36.52 -24.48 -1.30
C ALA A 144 -36.83 -24.73 -2.76
N ALA A 145 -36.81 -23.68 -3.56
CA ALA A 145 -37.13 -23.81 -4.97
C ALA A 145 -36.12 -24.68 -5.67
N THR A 146 -34.87 -24.49 -5.29
CA THR A 146 -33.79 -25.27 -5.83
C THR A 146 -33.88 -26.70 -5.32
N MET A 147 -34.16 -26.88 -4.04
CA MET A 147 -34.40 -28.21 -3.49
C MET A 147 -35.47 -28.91 -4.29
N LEU A 148 -36.60 -28.28 -4.44
CA LEU A 148 -37.75 -28.91 -5.04
C LEU A 148 -37.54 -29.24 -6.50
N GLY A 149 -37.07 -28.26 -7.27
CA GLY A 149 -36.96 -28.41 -8.70
C GLY A 149 -35.75 -29.18 -9.20
N GLN A 150 -34.62 -29.03 -8.52
CA GLN A 150 -33.41 -29.66 -8.98
C GLN A 150 -33.04 -30.90 -8.16
N SER A 151 -33.87 -31.22 -7.16
CA SER A 151 -33.67 -32.37 -6.26
C SER A 151 -32.35 -32.25 -5.49
N LYS A 152 -32.12 -31.08 -4.89
CA LYS A 152 -30.99 -30.88 -3.99
C LYS A 152 -31.43 -31.05 -2.54
N SER A 153 -30.55 -31.66 -1.75
CA SER A 153 -30.63 -31.59 -0.30
C SER A 153 -30.46 -30.12 0.10
N VAL A 154 -30.86 -29.77 1.31
CA VAL A 154 -30.83 -28.39 1.74
C VAL A 154 -29.39 -27.88 1.78
N TYR A 155 -28.43 -28.74 2.16
CA TYR A 155 -27.04 -28.32 2.18
C TYR A 155 -26.58 -27.93 0.77
N GLN A 156 -26.94 -28.76 -0.21
CA GLN A 156 -26.59 -28.49 -1.60
C GLN A 156 -27.31 -27.27 -2.17
N ALA A 157 -28.53 -27.01 -1.71
CA ALA A 157 -29.24 -25.83 -2.12
C ALA A 157 -28.56 -24.60 -1.53
N GLU A 158 -28.18 -24.71 -0.27
CA GLU A 158 -27.61 -23.61 0.49
C GLU A 158 -26.27 -23.17 -0.08
N ILE A 159 -25.39 -24.10 -0.42
CA ILE A 159 -24.09 -23.69 -0.95
C ILE A 159 -24.23 -23.16 -2.35
N ASP A 160 -25.35 -23.48 -3.00
CA ASP A 160 -25.58 -23.08 -4.38
C ASP A 160 -26.46 -21.86 -4.52
N ALA A 161 -27.77 -22.06 -4.33
CA ALA A 161 -28.78 -21.04 -4.59
C ALA A 161 -28.60 -19.83 -3.70
N VAL A 162 -28.11 -20.05 -2.49
CA VAL A 162 -27.92 -18.97 -1.55
C VAL A 162 -26.49 -18.42 -1.60
N CYS A 163 -25.52 -19.18 -1.09
CA CYS A 163 -24.18 -18.68 -0.85
C CYS A 163 -23.38 -18.37 -2.13
N GLU A 164 -23.40 -19.27 -3.10
CA GLU A 164 -22.61 -19.02 -4.29
C GLU A 164 -23.21 -17.88 -5.12
N LEU A 165 -24.53 -17.81 -5.21
CA LEU A 165 -25.16 -16.76 -5.99
C LEU A 165 -24.91 -15.41 -5.33
N ILE A 166 -25.04 -15.36 -4.01
CA ILE A 166 -24.77 -14.14 -3.26
C ILE A 166 -23.31 -13.73 -3.44
N ASP A 167 -22.39 -14.68 -3.32
CA ASP A 167 -20.97 -14.41 -3.47
C ASP A 167 -20.63 -13.92 -4.88
N PHE A 168 -21.28 -14.47 -5.91
CA PHE A 168 -21.10 -13.97 -7.27
C PHE A 168 -21.44 -12.49 -7.35
N TRP A 169 -22.59 -12.12 -6.80
CA TRP A 169 -23.03 -10.74 -6.92
C TRP A 169 -22.08 -9.80 -6.19
N ARG A 170 -21.75 -10.12 -4.94
CA ARG A 170 -20.94 -9.22 -4.16
C ARG A 170 -19.52 -9.19 -4.67
N PHE A 171 -19.00 -10.33 -5.11
CA PHE A 171 -17.62 -10.35 -5.57
C PHE A 171 -17.50 -9.74 -6.95
N ASN A 172 -18.49 -9.98 -7.81
CA ASN A 172 -18.46 -9.32 -9.11
C ASN A 172 -18.55 -7.81 -8.99
N VAL A 173 -19.34 -7.29 -8.06
CA VAL A 173 -19.39 -5.84 -7.87
C VAL A 173 -18.01 -5.32 -7.45
N ALA A 174 -17.33 -6.04 -6.57
CA ALA A 174 -15.97 -5.70 -6.20
C ALA A 174 -15.00 -5.88 -7.37
N PHE A 175 -15.16 -6.96 -8.15
CA PHE A 175 -14.30 -7.18 -9.29
C PHE A 175 -14.43 -6.02 -10.29
N ALA A 176 -15.66 -5.60 -10.54
CA ALA A 176 -15.95 -4.58 -11.53
C ALA A 176 -15.30 -3.26 -11.13
N ARG A 177 -15.41 -2.93 -9.85
CA ARG A 177 -14.90 -1.69 -9.31
C ARG A 177 -13.37 -1.66 -9.41
N GLN A 178 -12.77 -2.82 -9.20
CA GLN A 178 -11.33 -2.99 -9.31
C GLN A 178 -10.88 -2.81 -10.76
N ILE A 179 -11.64 -3.35 -11.71
CA ILE A 179 -11.38 -3.16 -13.13
C ILE A 179 -11.39 -1.68 -13.54
N LEU A 180 -12.36 -0.95 -13.03
CA LEU A 180 -12.56 0.45 -13.44
C LEU A 180 -11.39 1.31 -13.00
N GLU A 181 -10.71 0.84 -11.98
CA GLU A 181 -9.61 1.52 -11.36
C GLU A 181 -8.28 1.23 -12.08
N GLN A 182 -8.26 0.28 -13.00
CA GLN A 182 -7.03 -0.03 -13.73
C GLN A 182 -6.77 1.03 -14.82
N GLN A 183 -5.78 1.87 -14.57
CA GLN A 183 -5.59 3.05 -15.39
C GLN A 183 -4.14 3.17 -15.84
N PRO A 184 -3.90 3.88 -16.93
CA PRO A 184 -2.55 3.87 -17.48
C PRO A 184 -1.67 4.98 -16.96
N ILE A 185 -0.44 5.00 -17.47
CA ILE A 185 0.55 6.01 -17.18
C ILE A 185 0.27 7.27 -18.00
N SER A 186 0.41 8.44 -17.38
CA SER A 186 0.44 9.67 -18.15
C SER A 186 1.86 10.19 -18.30
N GLY A 187 2.33 10.28 -19.53
CA GLY A 187 3.62 10.90 -19.79
C GLY A 187 3.53 12.39 -19.55
N PRO A 188 4.67 13.10 -19.62
CA PRO A 188 4.59 14.55 -19.49
C PRO A 188 3.78 15.18 -20.61
N GLY A 189 2.97 16.17 -20.27
CA GLY A 189 2.22 16.92 -21.26
C GLY A 189 0.92 16.29 -21.70
N GLU A 190 0.46 15.28 -21.00
CA GLU A 190 -0.70 14.57 -21.48
C GLU A 190 -1.49 13.96 -20.33
N TRP A 191 -2.66 13.45 -20.66
CA TRP A 191 -3.49 12.77 -19.71
C TRP A 191 -4.09 11.57 -20.42
N ASN A 192 -3.77 10.38 -19.95
CA ASN A 192 -4.34 9.15 -20.50
C ASN A 192 -5.35 8.53 -19.54
N ARG A 193 -6.47 8.06 -20.07
CA ARG A 193 -7.50 7.43 -19.26
C ARG A 193 -8.12 6.24 -19.99
N ILE A 194 -8.66 5.29 -19.24
CA ILE A 194 -9.30 4.15 -19.85
C ILE A 194 -10.78 4.12 -19.50
N ASP A 195 -11.59 3.90 -20.52
CA ASP A 195 -13.02 3.89 -20.41
C ASP A 195 -13.51 2.47 -20.68
N TYR A 196 -14.11 1.84 -19.69
CA TYR A 196 -14.59 0.47 -19.85
C TYR A 196 -16.04 0.43 -20.32
N ARG A 197 -16.21 0.51 -21.64
CA ARG A 197 -17.51 0.61 -22.27
C ARG A 197 -18.25 -0.70 -22.20
N PRO A 198 -19.57 -0.64 -22.12
CA PRO A 198 -20.37 -1.82 -22.41
C PRO A 198 -20.24 -2.26 -23.87
N LEU A 199 -20.72 -3.45 -24.18
CA LEU A 199 -20.81 -3.93 -25.55
C LEU A 199 -21.95 -3.25 -26.28
N ASP A 200 -21.95 -3.30 -27.61
CA ASP A 200 -23.11 -2.91 -28.40
C ASP A 200 -23.93 -4.13 -28.69
N GLY A 201 -25.20 -4.12 -28.35
CA GLY A 201 -26.01 -5.28 -28.65
C GLY A 201 -26.26 -6.11 -27.42
N PHE A 202 -26.98 -7.20 -27.57
CA PHE A 202 -27.44 -7.96 -26.43
C PHE A 202 -26.60 -9.20 -26.17
N VAL A 203 -26.61 -9.63 -24.93
CA VAL A 203 -25.94 -10.84 -24.55
C VAL A 203 -26.98 -11.94 -24.36
N TYR A 204 -26.71 -13.09 -24.96
CA TYR A 204 -27.55 -14.26 -24.83
C TYR A 204 -26.98 -15.17 -23.76
N ALA A 205 -27.73 -15.38 -22.69
CA ALA A 205 -27.29 -16.23 -21.60
C ALA A 205 -28.08 -17.53 -21.56
N ILE A 206 -27.37 -18.66 -21.61
CA ILE A 206 -27.94 -19.99 -21.60
C ILE A 206 -27.43 -20.75 -20.40
N THR A 207 -28.30 -21.18 -19.50
CA THR A 207 -27.84 -21.71 -18.22
C THR A 207 -28.30 -23.14 -17.93
N PRO A 208 -27.48 -23.87 -17.18
CA PRO A 208 -27.75 -25.30 -17.03
C PRO A 208 -28.61 -25.60 -15.81
N PHE A 209 -28.91 -26.87 -15.59
CA PHE A 209 -29.78 -27.25 -14.48
C PHE A 209 -29.04 -27.29 -13.16
N ASN A 210 -27.74 -27.52 -13.24
CA ASN A 210 -26.94 -27.95 -12.10
C ASN A 210 -26.87 -26.98 -10.95
N PHE A 211 -26.85 -25.69 -11.24
CA PHE A 211 -26.70 -24.66 -10.21
C PHE A 211 -27.56 -23.42 -10.45
N THR A 212 -28.34 -23.08 -9.44
CA THR A 212 -29.14 -21.87 -9.43
C THR A 212 -28.22 -20.64 -9.42
N SER A 213 -27.03 -20.80 -8.86
CA SER A 213 -26.04 -19.73 -8.82
C SER A 213 -25.54 -19.41 -10.22
N ILE A 214 -25.16 -20.42 -10.97
CA ILE A 214 -24.69 -20.22 -12.33
C ILE A 214 -25.83 -19.67 -13.16
N ALA A 215 -27.02 -20.22 -12.91
CA ALA A 215 -28.20 -19.81 -13.65
C ALA A 215 -28.44 -18.33 -13.41
N GLY A 216 -28.23 -17.89 -12.19
CA GLY A 216 -28.37 -16.48 -11.88
C GLY A 216 -27.21 -15.58 -12.28
N ASN A 217 -26.00 -16.12 -12.32
CA ASN A 217 -24.84 -15.30 -12.58
C ASN A 217 -24.59 -15.01 -14.07
N LEU A 218 -24.78 -16.00 -14.92
CA LEU A 218 -24.49 -15.78 -16.35
C LEU A 218 -25.29 -14.62 -16.99
N PRO A 219 -26.59 -14.43 -16.64
CA PRO A 219 -27.24 -13.23 -17.17
C PRO A 219 -26.95 -11.93 -16.40
N THR A 220 -26.68 -11.99 -15.10
CA THR A 220 -26.47 -10.75 -14.34
C THR A 220 -25.06 -10.15 -14.48
N ALA A 221 -24.04 -10.99 -14.61
CA ALA A 221 -22.68 -10.49 -14.75
C ALA A 221 -22.48 -9.52 -15.93
N PRO A 222 -22.94 -9.88 -17.15
CA PRO A 222 -22.90 -8.86 -18.20
C PRO A 222 -23.77 -7.65 -17.90
N ALA A 223 -24.89 -7.85 -17.23
CA ALA A 223 -25.80 -6.74 -16.96
C ALA A 223 -25.12 -5.69 -16.08
N LEU A 224 -24.39 -6.17 -15.08
CA LEU A 224 -23.61 -5.33 -14.20
C LEU A 224 -22.77 -4.32 -14.96
N MET A 225 -22.16 -4.76 -16.04
CA MET A 225 -21.24 -3.92 -16.78
C MET A 225 -21.94 -3.01 -17.79
N GLY A 226 -23.28 -2.94 -17.73
CA GLY A 226 -24.04 -2.06 -18.58
C GLY A 226 -24.69 -2.69 -19.80
N ASN A 227 -24.71 -4.01 -19.86
CA ASN A 227 -25.32 -4.70 -20.98
C ASN A 227 -26.74 -5.12 -20.69
N THR A 228 -27.47 -5.48 -21.74
CA THR A 228 -28.77 -6.11 -21.60
C THR A 228 -28.77 -7.50 -22.23
N VAL A 229 -29.71 -8.31 -21.79
CA VAL A 229 -29.56 -9.75 -21.80
C VAL A 229 -30.86 -10.47 -22.13
N ILE A 230 -30.77 -11.54 -22.90
CA ILE A 230 -31.84 -12.53 -22.91
C ILE A 230 -31.29 -13.79 -22.25
N TRP A 231 -32.10 -14.36 -21.37
CA TRP A 231 -31.71 -15.45 -20.51
C TRP A 231 -32.60 -16.66 -20.76
N LYS A 232 -32.01 -17.77 -21.22
CA LYS A 232 -32.78 -18.99 -21.31
C LYS A 232 -32.30 -20.05 -20.34
N PRO A 233 -33.05 -20.24 -19.27
CA PRO A 233 -32.66 -21.19 -18.24
C PRO A 233 -33.06 -22.60 -18.61
N SER A 234 -32.52 -23.55 -17.88
CA SER A 234 -32.83 -24.94 -18.11
C SER A 234 -34.22 -25.23 -17.56
N ILE A 235 -34.99 -26.04 -18.28
CA ILE A 235 -36.37 -26.32 -17.92
C ILE A 235 -36.53 -26.76 -16.47
N THR A 236 -35.74 -27.74 -16.06
CA THR A 236 -35.81 -28.29 -14.71
C THR A 236 -35.31 -27.35 -13.60
N GLN A 237 -34.75 -26.20 -13.98
CA GLN A 237 -34.27 -25.22 -13.00
C GLN A 237 -35.19 -23.98 -13.02
N THR A 238 -36.21 -24.00 -13.88
CA THR A 238 -37.01 -22.81 -14.16
C THR A 238 -37.86 -22.29 -12.98
N LEU A 239 -38.21 -23.14 -12.02
CA LEU A 239 -38.87 -22.60 -10.83
C LEU A 239 -37.94 -21.65 -10.07
N ALA A 240 -36.71 -22.08 -9.82
CA ALA A 240 -35.79 -21.23 -9.11
C ALA A 240 -35.36 -20.04 -9.99
N ALA A 241 -35.25 -20.24 -11.29
CA ALA A 241 -34.89 -19.15 -12.17
C ALA A 241 -35.97 -18.05 -12.21
N TYR A 242 -37.24 -18.45 -12.23
CA TYR A 242 -38.33 -17.48 -12.23
C TYR A 242 -38.38 -16.70 -10.93
N LEU A 243 -38.12 -17.37 -9.81
CA LEU A 243 -38.10 -16.70 -8.54
C LEU A 243 -36.84 -15.82 -8.43
N THR A 244 -35.75 -16.22 -9.05
CA THR A 244 -34.57 -15.39 -9.14
C THR A 244 -34.87 -14.10 -9.88
N MET A 245 -35.61 -14.23 -10.97
CA MET A 245 -36.11 -13.10 -11.73
C MET A 245 -37.00 -12.16 -10.90
N GLN A 246 -37.89 -12.73 -10.08
CA GLN A 246 -38.70 -11.93 -9.19
C GLN A 246 -37.85 -11.21 -8.16
N LEU A 247 -36.84 -11.90 -7.64
CA LEU A 247 -35.95 -11.32 -6.65
C LEU A 247 -35.27 -10.10 -7.25
N LEU A 248 -34.79 -10.22 -8.48
CA LEU A 248 -34.05 -9.15 -9.11
C LEU A 248 -34.96 -7.94 -9.38
N GLU A 249 -36.24 -8.19 -9.65
CA GLU A 249 -37.18 -7.09 -9.83
C GLU A 249 -37.44 -6.39 -8.51
N ALA A 250 -37.57 -7.18 -7.45
CA ALA A 250 -37.73 -6.64 -6.11
C ALA A 250 -36.52 -5.81 -5.69
N ALA A 251 -35.34 -6.09 -6.24
CA ALA A 251 -34.14 -5.33 -5.92
C ALA A 251 -34.02 -4.08 -6.78
N GLY A 252 -34.87 -3.96 -7.79
CA GLY A 252 -34.88 -2.78 -8.62
C GLY A 252 -34.33 -2.88 -10.02
N LEU A 253 -34.06 -4.09 -10.51
CA LEU A 253 -33.65 -4.26 -11.90
C LEU A 253 -34.69 -3.67 -12.83
N PRO A 254 -34.27 -2.71 -13.67
CA PRO A 254 -35.25 -2.08 -14.55
C PRO A 254 -35.75 -3.07 -15.61
N PRO A 255 -36.98 -2.87 -16.09
CA PRO A 255 -37.55 -3.81 -17.04
C PRO A 255 -36.78 -3.85 -18.37
N GLY A 256 -36.69 -5.04 -18.96
CA GLY A 256 -35.98 -5.24 -20.21
C GLY A 256 -34.48 -5.47 -20.11
N VAL A 257 -33.90 -5.29 -18.92
CA VAL A 257 -32.47 -5.44 -18.75
C VAL A 257 -32.07 -6.89 -18.80
N ILE A 258 -32.84 -7.72 -18.11
CA ILE A 258 -32.75 -9.15 -18.28
C ILE A 258 -34.14 -9.68 -18.72
N ASN A 259 -34.16 -10.50 -19.76
CA ASN A 259 -35.41 -11.00 -20.32
C ASN A 259 -35.43 -12.51 -20.35
N LEU A 260 -36.29 -13.09 -19.53
CA LEU A 260 -36.36 -14.53 -19.36
C LEU A 260 -37.25 -15.17 -20.40
N VAL A 261 -36.70 -16.07 -21.20
CA VAL A 261 -37.50 -16.89 -22.10
C VAL A 261 -37.34 -18.36 -21.75
N THR A 262 -38.47 -19.04 -21.52
CA THR A 262 -38.45 -20.42 -21.06
C THR A 262 -38.47 -21.44 -22.20
N GLY A 263 -38.12 -22.69 -21.88
CA GLY A 263 -38.24 -23.77 -22.83
C GLY A 263 -36.96 -24.46 -23.22
N ASP A 264 -36.93 -25.05 -24.40
CA ASP A 264 -35.81 -25.89 -24.78
C ASP A 264 -34.70 -25.11 -25.47
N GLY A 265 -34.98 -23.87 -25.82
CA GLY A 265 -33.97 -23.01 -26.39
C GLY A 265 -33.78 -23.01 -27.88
N PHE A 266 -34.45 -23.92 -28.56
CA PHE A 266 -34.27 -24.08 -29.99
C PHE A 266 -34.67 -22.81 -30.75
N ALA A 267 -35.85 -22.28 -30.47
CA ALA A 267 -36.33 -21.10 -31.19
C ALA A 267 -35.56 -19.86 -30.77
N VAL A 268 -35.19 -19.81 -29.50
CA VAL A 268 -34.39 -18.73 -28.96
C VAL A 268 -33.05 -18.65 -29.68
N SER A 269 -32.37 -19.77 -29.80
CA SER A 269 -31.11 -19.78 -30.54
C SER A 269 -31.29 -19.40 -32.01
N ASP A 270 -32.40 -19.82 -32.62
CA ASP A 270 -32.67 -19.45 -34.02
C ASP A 270 -32.68 -17.93 -34.18
N VAL A 271 -33.45 -17.27 -33.32
CA VAL A 271 -33.58 -15.82 -33.39
C VAL A 271 -32.30 -15.08 -32.96
N ALA A 272 -31.72 -15.47 -31.84
CA ALA A 272 -30.57 -14.76 -31.28
C ALA A 272 -29.35 -14.84 -32.20
N LEU A 273 -29.10 -16.03 -32.73
CA LEU A 273 -27.97 -16.18 -33.61
C LEU A 273 -28.18 -15.63 -35.01
N ALA A 274 -29.41 -15.27 -35.36
CA ALA A 274 -29.67 -14.63 -36.65
C ALA A 274 -29.69 -13.11 -36.54
N ASP A 275 -29.81 -12.60 -35.34
CA ASP A 275 -29.88 -11.16 -35.14
C ASP A 275 -28.49 -10.53 -35.23
N PRO A 276 -28.34 -9.52 -36.07
CA PRO A 276 -27.07 -8.82 -36.26
C PRO A 276 -26.56 -8.14 -35.00
N ARG A 277 -27.41 -7.94 -34.00
CA ARG A 277 -27.02 -7.27 -32.77
C ARG A 277 -26.53 -8.22 -31.68
N LEU A 278 -26.40 -9.50 -31.98
CA LEU A 278 -25.84 -10.45 -31.01
C LEU A 278 -24.41 -10.11 -30.63
N ALA A 279 -24.20 -9.70 -29.38
CA ALA A 279 -22.89 -9.27 -28.92
C ALA A 279 -22.09 -10.38 -28.25
N GLY A 280 -22.78 -11.35 -27.68
CA GLY A 280 -22.10 -12.42 -26.98
C GLY A 280 -23.01 -13.48 -26.45
N ILE A 281 -22.44 -14.64 -26.14
CA ILE A 281 -23.19 -15.73 -25.57
C ILE A 281 -22.48 -16.20 -24.32
N HIS A 282 -23.22 -16.33 -23.23
CA HIS A 282 -22.70 -16.72 -21.92
C HIS A 282 -23.35 -18.04 -21.56
N PHE A 283 -22.59 -19.12 -21.59
CA PHE A 283 -23.21 -20.41 -21.57
C PHE A 283 -22.36 -21.44 -20.84
N THR A 284 -22.87 -22.64 -20.71
CA THR A 284 -22.04 -23.78 -20.41
C THR A 284 -22.25 -24.83 -21.48
N GLY A 285 -21.23 -25.63 -21.72
CA GLY A 285 -21.33 -26.71 -22.66
C GLY A 285 -20.03 -27.43 -22.94
N SER A 286 -20.13 -28.48 -23.76
CA SER A 286 -19.00 -29.31 -24.12
C SER A 286 -18.08 -28.64 -25.12
N THR A 287 -16.89 -29.21 -25.28
CA THR A 287 -15.97 -28.80 -26.33
C THR A 287 -16.67 -28.79 -27.69
N ALA A 288 -17.52 -29.78 -27.94
CA ALA A 288 -18.20 -29.89 -29.21
C ALA A 288 -19.19 -28.74 -29.42
N THR A 289 -19.82 -28.29 -28.33
CA THR A 289 -20.73 -27.16 -28.39
C THR A 289 -19.96 -25.88 -28.69
N PHE A 290 -18.84 -25.69 -28.02
CA PHE A 290 -17.93 -24.59 -28.30
C PHE A 290 -17.52 -24.58 -29.76
N GLY A 291 -17.17 -25.75 -30.29
CA GLY A 291 -16.75 -25.86 -31.67
C GLY A 291 -17.85 -25.46 -32.63
N HIS A 292 -19.07 -25.90 -32.32
CA HIS A 292 -20.23 -25.63 -33.14
C HIS A 292 -20.53 -24.14 -33.15
N LEU A 293 -20.47 -23.49 -32.00
CA LEU A 293 -20.65 -22.05 -31.96
C LEU A 293 -19.53 -21.29 -32.65
N TRP A 294 -18.29 -21.77 -32.51
CA TRP A 294 -17.15 -21.17 -33.23
C TRP A 294 -17.33 -21.28 -34.73
N GLN A 295 -17.67 -22.48 -35.18
CA GLN A 295 -17.93 -22.71 -36.59
C GLN A 295 -19.01 -21.78 -37.11
N TRP A 296 -20.13 -21.69 -36.40
CA TRP A 296 -21.23 -20.86 -36.85
C TRP A 296 -20.85 -19.38 -36.94
N VAL A 297 -20.25 -18.86 -35.88
CA VAL A 297 -19.96 -17.43 -35.80
C VAL A 297 -18.88 -17.04 -36.83
N GLY A 298 -17.86 -17.88 -36.97
CA GLY A 298 -16.85 -17.68 -38.00
C GLY A 298 -17.36 -17.70 -39.43
N THR A 299 -18.16 -18.72 -39.76
CA THR A 299 -18.77 -18.84 -41.08
C THR A 299 -19.62 -17.61 -41.38
N ASN A 300 -20.30 -17.09 -40.38
CA ASN A 300 -21.23 -15.98 -40.60
C ASN A 300 -20.85 -14.62 -40.03
N ILE A 301 -19.56 -14.42 -39.78
CA ILE A 301 -19.08 -13.22 -39.10
C ILE A 301 -19.58 -11.93 -39.73
N GLY A 302 -19.70 -11.91 -41.06
CA GLY A 302 -20.18 -10.75 -41.79
C GLY A 302 -21.61 -10.33 -41.48
N ARG A 303 -22.38 -11.20 -40.85
CA ARG A 303 -23.73 -10.90 -40.47
C ARG A 303 -23.85 -10.01 -39.23
N TYR A 304 -22.82 -9.96 -38.40
CA TYR A 304 -22.92 -9.31 -37.10
C TYR A 304 -22.25 -7.96 -37.03
N HIS A 305 -22.84 -7.02 -36.32
CA HIS A 305 -22.24 -5.71 -36.12
C HIS A 305 -20.99 -5.80 -35.26
N SER A 306 -21.01 -6.68 -34.28
CA SER A 306 -19.88 -6.90 -33.41
C SER A 306 -19.38 -8.31 -33.59
N TYR A 307 -18.11 -8.56 -33.28
CA TYR A 307 -17.62 -9.91 -33.18
C TYR A 307 -18.22 -10.55 -31.96
N PRO A 308 -19.07 -11.56 -32.13
CA PRO A 308 -19.74 -12.16 -30.97
C PRO A 308 -18.72 -12.80 -30.03
N ARG A 309 -18.90 -12.60 -28.74
CA ARG A 309 -18.00 -13.15 -27.74
C ARG A 309 -18.59 -14.41 -27.12
N LEU A 310 -17.83 -15.49 -27.17
CA LEU A 310 -18.29 -16.78 -26.68
C LEU A 310 -17.56 -17.08 -25.38
N VAL A 311 -18.28 -16.97 -24.28
CA VAL A 311 -17.71 -17.10 -22.95
C VAL A 311 -18.41 -18.19 -22.18
N GLY A 312 -17.71 -19.24 -21.80
CA GLY A 312 -18.31 -20.26 -21.00
C GLY A 312 -17.35 -21.18 -20.30
N GLU A 313 -17.88 -22.30 -19.82
CA GLU A 313 -17.15 -23.34 -19.11
C GLU A 313 -17.72 -24.69 -19.58
N THR A 314 -16.96 -25.76 -19.40
CA THR A 314 -17.45 -27.10 -19.67
C THR A 314 -17.63 -27.88 -18.39
N GLY A 315 -18.31 -29.02 -18.50
CA GLY A 315 -18.38 -29.98 -17.40
C GLY A 315 -17.21 -30.93 -17.50
N GLY A 316 -17.17 -31.92 -16.61
CA GLY A 316 -16.18 -32.97 -16.67
C GLY A 316 -16.43 -34.08 -15.66
N LYS A 317 -15.45 -34.97 -15.52
CA LYS A 317 -15.48 -36.01 -14.50
C LYS A 317 -14.10 -36.10 -13.85
N ASP A 318 -14.06 -36.25 -12.55
CA ASP A 318 -12.84 -36.03 -11.80
C ASP A 318 -12.24 -37.29 -11.19
N PHE A 319 -11.00 -37.17 -10.71
CA PHE A 319 -10.32 -38.30 -10.09
C PHE A 319 -9.76 -38.00 -8.71
N VAL A 320 -9.53 -39.07 -7.96
CA VAL A 320 -8.84 -39.01 -6.69
C VAL A 320 -7.79 -40.13 -6.66
N VAL A 321 -6.58 -39.79 -6.26
CA VAL A 321 -5.54 -40.79 -6.09
C VAL A 321 -5.08 -40.78 -4.65
N ALA A 322 -5.00 -41.95 -4.05
CA ALA A 322 -4.57 -42.07 -2.68
C ALA A 322 -3.22 -42.76 -2.64
N HIS A 323 -2.27 -42.04 -2.06
CA HIS A 323 -0.95 -42.56 -1.79
C HIS A 323 -1.04 -43.51 -0.63
N ALA A 324 -0.02 -44.32 -0.43
CA ALA A 324 0.02 -45.21 0.73
C ALA A 324 -0.09 -44.46 2.07
N SER A 325 0.33 -43.20 2.11
CA SER A 325 0.25 -42.43 3.34
C SER A 325 -1.07 -41.68 3.56
N ALA A 326 -2.05 -41.89 2.68
CA ALA A 326 -3.38 -41.29 2.84
C ALA A 326 -4.04 -41.64 4.17
N ARG A 327 -4.70 -40.68 4.78
CA ARG A 327 -5.57 -40.96 5.92
C ARG A 327 -6.85 -41.63 5.43
N PRO A 328 -7.13 -42.84 5.91
CA PRO A 328 -8.26 -43.62 5.38
C PRO A 328 -9.62 -42.99 5.61
N ASP A 329 -9.87 -42.41 6.76
CA ASP A 329 -11.14 -41.74 7.02
C ASP A 329 -11.32 -40.52 6.12
N VAL A 330 -10.26 -39.75 5.94
CA VAL A 330 -10.30 -38.62 5.04
C VAL A 330 -10.61 -39.04 3.61
N LEU A 331 -9.95 -40.09 3.13
CA LEU A 331 -10.16 -40.58 1.77
C LEU A 331 -11.59 -41.04 1.58
N ARG A 332 -12.09 -41.79 2.55
CA ARG A 332 -13.42 -42.34 2.51
C ARG A 332 -14.49 -41.25 2.39
N THR A 333 -14.36 -40.21 3.22
CA THR A 333 -15.26 -39.07 3.23
C THR A 333 -15.21 -38.27 1.95
N ALA A 334 -14.00 -38.12 1.41
CA ALA A 334 -13.83 -37.36 0.20
C ALA A 334 -14.39 -38.09 -1.00
N LEU A 335 -14.30 -39.40 -0.99
CA LEU A 335 -14.84 -40.22 -2.08
C LEU A 335 -16.35 -40.22 -2.02
N ILE A 336 -16.91 -40.39 -0.83
CA ILE A 336 -18.35 -40.42 -0.69
C ILE A 336 -18.94 -39.08 -1.06
N ARG A 337 -18.38 -38.00 -0.55
CA ARG A 337 -18.93 -36.69 -0.88
C ARG A 337 -18.61 -36.30 -2.32
N GLY A 338 -17.41 -36.61 -2.77
CA GLY A 338 -17.01 -36.27 -4.11
C GLY A 338 -17.80 -36.98 -5.18
N ALA A 339 -18.16 -38.22 -4.93
CA ALA A 339 -18.89 -38.99 -5.92
C ALA A 339 -20.38 -38.89 -5.70
N PHE A 340 -20.83 -38.72 -4.46
CA PHE A 340 -22.26 -38.85 -4.18
C PHE A 340 -22.98 -37.59 -3.71
N ASP A 341 -22.27 -36.48 -3.49
CA ASP A 341 -22.95 -35.19 -3.26
C ASP A 341 -23.79 -34.86 -4.47
N TYR A 342 -25.02 -34.43 -4.20
CA TYR A 342 -25.99 -34.07 -5.22
C TYR A 342 -26.11 -35.16 -6.30
N GLN A 343 -26.07 -36.41 -5.85
CA GLN A 343 -26.26 -37.57 -6.71
C GLN A 343 -25.25 -37.57 -7.87
N GLY A 344 -24.08 -37.00 -7.65
CA GLY A 344 -23.07 -36.87 -8.69
C GLY A 344 -23.38 -35.92 -9.83
N GLN A 345 -24.23 -34.92 -9.58
CA GLN A 345 -24.71 -34.09 -10.69
C GLN A 345 -24.21 -32.65 -10.68
N LYS A 346 -23.09 -32.41 -10.00
CA LYS A 346 -22.41 -31.13 -10.11
C LYS A 346 -21.77 -31.03 -11.48
N CME A 347 -21.10 -29.90 -11.74
CA CME A 347 -20.53 -29.66 -13.05
CB CME A 347 -19.89 -28.27 -13.22
SG CME A 347 -21.05 -26.96 -13.07
SD CME A 347 -22.44 -27.29 -14.57
CE CME A 347 -21.89 -26.41 -15.97
CZ CME A 347 -20.77 -27.12 -16.73
OH CME A 347 -21.29 -28.34 -17.24
C CME A 347 -19.53 -30.76 -13.39
O CME A 347 -19.39 -31.24 -14.51
N SER A 348 -18.83 -31.19 -12.36
CA SER A 348 -18.07 -32.42 -12.44
C SER A 348 -18.28 -33.14 -11.14
N ALA A 349 -17.87 -34.40 -11.09
CA ALA A 349 -17.96 -35.21 -9.88
C ALA A 349 -16.85 -36.24 -9.91
N VAL A 350 -16.55 -36.86 -8.77
CA VAL A 350 -15.54 -37.89 -8.74
C VAL A 350 -16.05 -39.19 -9.35
N SER A 351 -15.44 -39.59 -10.45
CA SER A 351 -15.81 -40.81 -11.12
C SER A 351 -14.80 -41.92 -10.92
N ARG A 352 -13.54 -41.56 -10.72
CA ARG A 352 -12.48 -42.55 -10.63
C ARG A 352 -11.56 -42.35 -9.44
N ALA A 353 -11.38 -43.42 -8.68
CA ALA A 353 -10.50 -43.39 -7.54
C ALA A 353 -9.36 -44.38 -7.77
N PHE A 354 -8.14 -43.95 -7.47
CA PHE A 354 -6.97 -44.78 -7.57
C PHE A 354 -6.35 -44.92 -6.18
N ILE A 355 -6.50 -46.11 -5.60
CA ILE A 355 -6.19 -46.30 -4.20
C ILE A 355 -5.13 -47.38 -3.97
N ALA A 356 -4.11 -47.01 -3.23
CA ALA A 356 -3.05 -47.92 -2.83
C ALA A 356 -3.62 -49.08 -2.03
N HIS A 357 -3.18 -50.28 -2.38
CA HIS A 357 -3.59 -51.53 -1.76
C HIS A 357 -3.71 -51.49 -0.24
N SER A 358 -2.69 -50.99 0.45
CA SER A 358 -2.69 -51.01 1.90
C SER A 358 -3.72 -50.06 2.49
N VAL A 359 -4.05 -49.00 1.76
CA VAL A 359 -5.09 -48.08 2.21
C VAL A 359 -6.46 -48.70 1.96
N TRP A 360 -6.60 -49.39 0.85
CA TRP A 360 -7.83 -50.11 0.55
C TRP A 360 -8.15 -51.21 1.58
N GLN A 361 -7.11 -51.88 2.10
CA GLN A 361 -7.32 -52.88 3.14
C GLN A 361 -7.95 -52.24 4.36
N ARG A 362 -7.61 -50.98 4.61
CA ARG A 362 -8.08 -50.29 5.79
C ARG A 362 -9.44 -49.62 5.64
N MET A 363 -9.87 -49.23 4.44
CA MET A 363 -11.13 -48.50 4.37
C MET A 363 -12.08 -48.96 3.26
N GLY A 364 -11.68 -49.96 2.50
CA GLY A 364 -12.51 -50.50 1.44
C GLY A 364 -13.88 -50.97 1.91
N ASP A 365 -13.90 -51.83 2.91
CA ASP A 365 -15.15 -52.34 3.47
C ASP A 365 -16.02 -51.24 4.04
N GLU A 366 -15.41 -50.25 4.67
CA GLU A 366 -16.19 -49.15 5.24
C GLU A 366 -16.77 -48.27 4.14
N LEU A 367 -16.02 -48.03 3.07
CA LEU A 367 -16.53 -47.26 1.95
C LEU A 367 -17.78 -47.91 1.37
N LEU A 368 -17.71 -49.21 1.13
CA LEU A 368 -18.83 -49.93 0.52
C LEU A 368 -20.04 -49.95 1.44
N ALA A 369 -19.79 -50.14 2.74
CA ALA A 369 -20.88 -50.17 3.70
C ALA A 369 -21.57 -48.82 3.81
N LYS A 370 -20.80 -47.74 3.92
CA LYS A 370 -21.40 -46.41 3.99
C LYS A 370 -22.19 -46.11 2.73
N ALA A 371 -21.65 -46.50 1.58
CA ALA A 371 -22.29 -46.24 0.31
C ALA A 371 -23.64 -46.95 0.22
N ALA A 372 -23.74 -48.12 0.83
CA ALA A 372 -24.99 -48.87 0.80
C ALA A 372 -26.00 -48.26 1.74
N GLU A 373 -25.54 -47.69 2.85
CA GLU A 373 -26.40 -47.07 3.83
C GLU A 373 -26.86 -45.67 3.43
N LEU A 374 -26.18 -45.06 2.47
CA LEU A 374 -26.48 -43.67 2.08
C LEU A 374 -27.90 -43.52 1.54
N ARG A 375 -28.66 -42.60 2.10
CA ARG A 375 -30.06 -42.48 1.72
C ARG A 375 -30.31 -41.43 0.67
N TYR A 376 -30.85 -41.88 -0.45
CA TYR A 376 -31.41 -40.98 -1.45
C TYR A 376 -32.91 -41.07 -1.37
N GLY A 377 -33.58 -39.92 -1.36
CA GLY A 377 -35.02 -39.89 -1.29
C GLY A 377 -35.58 -38.51 -1.54
N ASP A 378 -36.83 -38.33 -1.15
CA ASP A 378 -37.50 -37.07 -1.17
C ASP A 378 -36.77 -36.07 -0.27
N ILE A 379 -36.32 -34.96 -0.84
CA ILE A 379 -35.46 -34.04 -0.10
C ILE A 379 -36.22 -33.12 0.86
N THR A 380 -37.54 -33.24 0.91
CA THR A 380 -38.29 -32.56 1.96
C THR A 380 -38.13 -33.34 3.26
N ASP A 381 -37.70 -34.58 3.14
CA ASP A 381 -37.25 -35.32 4.29
C ASP A 381 -35.75 -35.03 4.47
N LEU A 382 -35.44 -34.16 5.40
CA LEU A 382 -34.12 -33.60 5.54
C LEU A 382 -33.08 -34.61 6.00
N SER A 383 -33.51 -35.76 6.46
CA SER A 383 -32.56 -36.76 6.93
C SER A 383 -31.90 -37.50 5.78
N ASN A 384 -32.47 -37.39 4.58
CA ASN A 384 -31.83 -37.93 3.39
C ASN A 384 -30.54 -37.21 3.02
N TYR A 385 -29.55 -37.98 2.61
CA TYR A 385 -28.30 -37.43 2.10
C TYR A 385 -28.51 -36.65 0.82
N GLY A 386 -29.29 -37.22 -0.09
CA GLY A 386 -29.57 -36.56 -1.35
C GLY A 386 -30.85 -37.01 -2.00
N GLY A 387 -31.09 -36.53 -3.21
CA GLY A 387 -32.33 -36.78 -3.92
C GLY A 387 -32.24 -37.72 -5.10
N ALA A 388 -32.85 -37.31 -6.19
CA ALA A 388 -32.93 -38.15 -7.39
C ALA A 388 -32.18 -37.48 -8.51
N LEU A 389 -32.02 -38.19 -9.62
CA LEU A 389 -31.46 -37.60 -10.82
C LEU A 389 -32.43 -36.57 -11.40
N ILE A 390 -31.94 -35.70 -12.27
CA ILE A 390 -32.68 -34.51 -12.67
C ILE A 390 -33.88 -34.79 -13.59
N ASP A 391 -33.78 -35.74 -14.51
CA ASP A 391 -34.94 -36.11 -15.33
C ASP A 391 -34.85 -37.53 -15.89
N GLN A 392 -35.82 -37.88 -16.72
CA GLN A 392 -35.90 -39.20 -17.31
C GLN A 392 -34.67 -39.53 -18.17
N ARG A 393 -34.24 -38.58 -18.97
CA ARG A 393 -33.13 -38.80 -19.87
C ARG A 393 -31.85 -39.12 -19.14
N ALA A 394 -31.58 -38.38 -18.07
CA ALA A 394 -30.42 -38.62 -17.23
C ALA A 394 -30.54 -39.96 -16.53
N PHE A 395 -31.76 -40.34 -16.16
CA PHE A 395 -31.98 -41.64 -15.55
C PHE A 395 -31.61 -42.76 -16.50
N VAL A 396 -32.00 -42.64 -17.76
CA VAL A 396 -31.77 -43.70 -18.72
C VAL A 396 -30.27 -43.86 -18.97
N LYS A 397 -29.55 -42.75 -19.02
CA LYS A 397 -28.11 -42.81 -19.22
C LYS A 397 -27.41 -43.51 -18.06
N ASN A 398 -27.96 -43.38 -16.86
CA ASN A 398 -27.37 -44.04 -15.73
C ASN A 398 -27.62 -45.53 -15.76
N VAL A 399 -28.85 -45.89 -16.09
CA VAL A 399 -29.20 -47.28 -16.26
C VAL A 399 -28.29 -47.92 -17.30
N ASP A 400 -28.08 -47.25 -18.43
CA ASP A 400 -27.21 -47.82 -19.44
C ASP A 400 -25.80 -48.05 -18.92
N ALA A 401 -25.29 -47.10 -18.13
CA ALA A 401 -23.94 -47.23 -17.58
C ALA A 401 -23.85 -48.39 -16.60
N ILE A 402 -24.90 -48.60 -15.82
CA ILE A 402 -24.88 -49.68 -14.87
C ILE A 402 -24.96 -51.05 -15.55
N GLU A 403 -25.81 -51.18 -16.57
CA GLU A 403 -25.91 -52.44 -17.29
C GLU A 403 -24.63 -52.72 -18.06
N ARG A 404 -24.01 -51.66 -18.55
CA ARG A 404 -22.75 -51.76 -19.25
C ARG A 404 -21.69 -52.35 -18.32
N ALA A 405 -21.63 -51.83 -17.10
CA ALA A 405 -20.68 -52.28 -16.12
C ALA A 405 -20.94 -53.74 -15.73
N LYS A 406 -22.20 -54.09 -15.50
CA LYS A 406 -22.57 -55.45 -15.15
C LYS A 406 -22.08 -56.47 -16.16
N GLY A 407 -22.17 -56.13 -17.43
CA GLY A 407 -21.77 -57.05 -18.49
C GLY A 407 -20.31 -56.97 -18.82
N ALA A 408 -19.60 -56.00 -18.26
CA ALA A 408 -18.20 -55.82 -18.61
C ALA A 408 -17.31 -56.75 -17.81
N ALA A 409 -16.33 -57.34 -18.47
CA ALA A 409 -15.42 -58.28 -17.85
C ALA A 409 -14.53 -57.56 -16.85
N ALA A 410 -14.08 -56.37 -17.22
CA ALA A 410 -13.14 -55.63 -16.39
C ALA A 410 -13.70 -55.26 -15.02
N VAL A 411 -15.00 -55.06 -14.93
CA VAL A 411 -15.52 -54.39 -13.76
C VAL A 411 -16.56 -55.18 -13.01
N THR A 412 -16.59 -54.99 -11.70
CA THR A 412 -17.56 -55.64 -10.83
C THR A 412 -18.38 -54.60 -10.09
N VAL A 413 -19.68 -54.84 -9.94
CA VAL A 413 -20.51 -53.99 -9.12
C VAL A 413 -20.34 -54.43 -7.67
N ALA A 414 -19.59 -53.66 -6.89
CA ALA A 414 -19.28 -54.04 -5.52
C ALA A 414 -20.38 -53.68 -4.53
N VAL A 415 -21.12 -52.62 -4.83
CA VAL A 415 -22.25 -52.19 -4.02
C VAL A 415 -23.10 -51.25 -4.87
N GLY A 416 -24.39 -51.17 -4.55
CA GLY A 416 -25.30 -50.34 -5.31
C GLY A 416 -25.69 -50.94 -6.64
N GLY A 417 -26.00 -50.09 -7.61
CA GLY A 417 -26.46 -50.55 -8.91
C GLY A 417 -27.97 -50.64 -9.07
N GLU A 418 -28.71 -50.47 -7.99
CA GLU A 418 -30.16 -50.50 -8.04
C GLU A 418 -30.72 -49.19 -8.57
N TYR A 419 -31.80 -49.27 -9.33
CA TYR A 419 -32.45 -48.09 -9.86
C TYR A 419 -33.94 -48.33 -10.03
N ASP A 420 -34.72 -47.26 -9.92
CA ASP A 420 -36.16 -47.33 -9.92
C ASP A 420 -36.72 -45.95 -10.27
N ASP A 421 -37.39 -45.82 -11.41
CA ASP A 421 -37.94 -44.53 -11.81
C ASP A 421 -39.44 -44.43 -11.60
N SER A 422 -40.02 -45.31 -10.80
CA SER A 422 -41.48 -45.38 -10.74
C SER A 422 -42.10 -44.20 -9.98
N GLU A 423 -41.37 -43.66 -9.00
CA GLU A 423 -41.90 -42.54 -8.23
C GLU A 423 -41.02 -41.30 -8.36
N GLY A 424 -39.72 -41.52 -8.44
CA GLY A 424 -38.75 -40.46 -8.65
C GLY A 424 -37.67 -41.04 -9.53
N TYR A 425 -36.74 -40.23 -10.04
CA TYR A 425 -35.67 -40.78 -10.88
C TYR A 425 -34.49 -41.29 -10.04
N PHE A 426 -34.71 -42.33 -9.25
CA PHE A 426 -33.73 -42.74 -8.24
C PHE A 426 -32.74 -43.79 -8.73
N VAL A 427 -31.46 -43.51 -8.50
CA VAL A 427 -30.38 -44.45 -8.74
C VAL A 427 -29.54 -44.50 -7.48
N ARG A 428 -29.16 -45.70 -7.04
CA ARG A 428 -28.44 -45.84 -5.78
C ARG A 428 -26.96 -45.49 -5.95
N PRO A 429 -26.32 -45.09 -4.84
CA PRO A 429 -24.87 -44.92 -4.85
C PRO A 429 -24.21 -46.22 -5.24
N THR A 430 -23.31 -46.17 -6.21
CA THR A 430 -22.75 -47.37 -6.78
C THR A 430 -21.24 -47.33 -6.78
N VAL A 431 -20.60 -48.42 -6.36
CA VAL A 431 -19.16 -48.57 -6.47
C VAL A 431 -18.78 -49.70 -7.42
N LEU A 432 -18.01 -49.36 -8.44
CA LEU A 432 -17.49 -50.33 -9.36
C LEU A 432 -16.04 -50.63 -9.00
N LEU A 433 -15.70 -51.92 -8.92
CA LEU A 433 -14.31 -52.35 -8.73
C LEU A 433 -13.69 -52.76 -10.06
N SER A 434 -12.65 -52.06 -10.46
CA SER A 434 -12.03 -52.29 -11.75
C SER A 434 -10.64 -52.88 -11.60
N ASP A 435 -10.42 -54.05 -12.21
CA ASP A 435 -9.12 -54.73 -12.13
C ASP A 435 -8.00 -53.93 -12.72
N ASP A 436 -8.30 -53.28 -13.84
CA ASP A 436 -7.33 -52.44 -14.50
C ASP A 436 -7.81 -51.00 -14.39
N PRO A 437 -6.91 -50.03 -14.59
CA PRO A 437 -7.32 -48.64 -14.42
C PRO A 437 -8.52 -48.30 -15.30
N THR A 438 -9.48 -47.61 -14.70
CA THR A 438 -10.74 -47.34 -15.37
C THR A 438 -10.54 -46.42 -16.57
N ASP A 439 -11.04 -46.84 -17.71
CA ASP A 439 -10.97 -46.04 -18.92
C ASP A 439 -11.89 -44.82 -18.82
N GLU A 440 -11.30 -43.64 -18.87
CA GLU A 440 -12.02 -42.37 -18.72
C GLU A 440 -13.25 -42.26 -19.61
N SER A 441 -13.17 -42.81 -20.82
CA SER A 441 -14.23 -42.63 -21.80
C SER A 441 -15.57 -43.18 -21.33
N PHE A 442 -15.55 -44.09 -20.37
CA PHE A 442 -16.79 -44.68 -19.89
C PHE A 442 -17.52 -43.80 -18.88
N VAL A 443 -16.76 -43.06 -18.09
CA VAL A 443 -17.36 -42.31 -17.00
C VAL A 443 -17.97 -40.97 -17.43
N ILE A 444 -17.79 -40.59 -18.69
CA ILE A 444 -18.37 -39.32 -19.12
C ILE A 444 -19.71 -39.44 -19.83
N GLU A 445 -20.22 -40.65 -20.01
CA GLU A 445 -21.46 -40.84 -20.76
C GLU A 445 -22.69 -40.69 -19.87
N TYR A 446 -22.50 -40.26 -18.64
CA TYR A 446 -23.60 -40.08 -17.71
C TYR A 446 -23.19 -39.08 -16.63
N PHE A 447 -24.17 -38.59 -15.90
CA PHE A 447 -23.93 -37.89 -14.64
C PHE A 447 -24.83 -38.51 -13.61
N GLY A 448 -24.24 -39.14 -12.62
CA GLY A 448 -24.97 -39.86 -11.59
C GLY A 448 -24.01 -40.37 -10.53
N PRO A 449 -24.51 -41.15 -9.59
CA PRO A 449 -23.70 -41.55 -8.44
C PRO A 449 -22.93 -42.84 -8.66
N LEU A 450 -22.08 -42.86 -9.67
CA LEU A 450 -21.32 -44.05 -10.04
C LEU A 450 -19.81 -43.86 -9.86
N LEU A 451 -19.26 -44.47 -8.81
CA LEU A 451 -17.85 -44.37 -8.51
C LEU A 451 -17.10 -45.63 -8.91
N SER A 452 -16.08 -45.50 -9.74
CA SER A 452 -15.19 -46.61 -10.07
C SER A 452 -13.91 -46.55 -9.27
N VAL A 453 -13.53 -47.67 -8.69
CA VAL A 453 -12.34 -47.77 -7.86
C VAL A 453 -11.35 -48.73 -8.47
N HIS A 454 -10.09 -48.31 -8.57
CA HIS A 454 -9.00 -49.18 -8.97
C HIS A 454 -7.98 -49.28 -7.84
N VAL A 455 -7.71 -50.50 -7.40
CA VAL A 455 -6.72 -50.73 -6.38
C VAL A 455 -5.37 -51.03 -7.01
N TYR A 456 -4.35 -50.27 -6.64
CA TYR A 456 -3.03 -50.43 -7.22
C TYR A 456 -2.02 -50.74 -6.11
N PRO A 457 -0.94 -51.47 -6.45
CA PRO A 457 0.11 -51.79 -5.48
C PRO A 457 0.79 -50.54 -4.97
N ASP A 458 0.89 -50.39 -3.65
CA ASP A 458 1.56 -49.27 -3.00
C ASP A 458 2.80 -48.76 -3.72
N GLU A 459 3.63 -49.69 -4.19
CA GLU A 459 4.94 -49.35 -4.71
C GLU A 459 4.87 -48.79 -6.12
N ARG A 460 3.71 -48.87 -6.75
CA ARG A 460 3.57 -48.39 -8.11
C ARG A 460 2.89 -47.01 -8.18
N TYR A 461 3.08 -46.21 -7.15
CA TYR A 461 2.47 -44.90 -7.06
C TYR A 461 2.74 -44.02 -8.27
N GLU A 462 4.00 -43.92 -8.67
CA GLU A 462 4.36 -43.06 -9.77
C GLU A 462 3.84 -43.57 -11.08
N GLN A 463 3.83 -44.89 -11.24
CA GLN A 463 3.26 -45.51 -12.42
C GLN A 463 1.80 -45.14 -12.55
N ILE A 464 1.09 -45.18 -11.43
CA ILE A 464 -0.33 -44.86 -11.44
C ILE A 464 -0.53 -43.39 -11.79
N LEU A 465 0.37 -42.53 -11.35
CA LEU A 465 0.31 -41.11 -11.71
C LEU A 465 0.45 -40.93 -13.20
N ASP A 466 1.32 -41.72 -13.83
CA ASP A 466 1.52 -41.62 -15.25
C ASP A 466 0.29 -42.12 -16.00
N VAL A 467 -0.37 -43.13 -15.46
CA VAL A 467 -1.59 -43.67 -16.01
C VAL A 467 -2.73 -42.65 -15.94
N ILE A 468 -2.84 -42.00 -14.79
CA ILE A 468 -3.84 -40.97 -14.62
C ILE A 468 -3.59 -39.88 -15.64
N ASP A 469 -2.35 -39.43 -15.72
CA ASP A 469 -1.96 -38.36 -16.64
C ASP A 469 -2.23 -38.70 -18.08
N THR A 470 -1.89 -39.91 -18.46
CA THR A 470 -1.99 -40.30 -19.84
C THR A 470 -3.45 -40.52 -20.23
N GLY A 471 -4.26 -40.95 -19.27
CA GLY A 471 -5.62 -41.31 -19.57
C GLY A 471 -6.71 -40.33 -19.14
N SER A 472 -6.36 -39.10 -18.83
CA SER A 472 -7.41 -38.17 -18.43
C SER A 472 -7.39 -36.86 -19.22
N ARG A 473 -8.50 -36.58 -19.87
CA ARG A 473 -8.65 -35.45 -20.76
C ARG A 473 -9.87 -34.63 -20.34
N TYR A 474 -10.63 -35.16 -19.39
CA TYR A 474 -11.92 -34.60 -19.08
C TYR A 474 -12.10 -34.23 -17.61
N ALA A 475 -11.02 -34.32 -16.85
CA ALA A 475 -11.07 -33.96 -15.45
C ALA A 475 -11.10 -32.45 -15.29
N LEU A 476 -12.12 -31.94 -14.63
CA LEU A 476 -12.09 -30.56 -14.23
C LEU A 476 -11.17 -30.42 -13.04
N THR A 477 -11.26 -31.35 -12.12
CA THR A 477 -10.51 -31.29 -10.88
C THR A 477 -9.88 -32.62 -10.55
N GLY A 478 -8.89 -32.61 -9.68
CA GLY A 478 -8.20 -33.80 -9.27
C GLY A 478 -7.71 -33.65 -7.85
N ALA A 479 -7.53 -34.77 -7.16
CA ALA A 479 -7.10 -34.71 -5.77
C ALA A 479 -6.11 -35.80 -5.44
N VAL A 480 -5.16 -35.45 -4.56
CA VAL A 480 -4.29 -36.43 -3.96
C VAL A 480 -4.57 -36.49 -2.46
N ILE A 481 -4.73 -37.70 -1.95
CA ILE A 481 -4.79 -37.91 -0.53
C ILE A 481 -3.47 -38.55 -0.08
N ALA A 482 -2.74 -37.83 0.76
CA ALA A 482 -1.38 -38.21 1.18
C ALA A 482 -0.88 -37.31 2.30
N ASP A 483 -0.31 -37.89 3.33
CA ASP A 483 0.35 -37.10 4.37
C ASP A 483 1.81 -36.86 4.04
N ASP A 484 2.39 -37.74 3.24
CA ASP A 484 3.79 -37.67 2.88
C ASP A 484 4.03 -36.50 1.94
N ARG A 485 4.94 -35.60 2.30
CA ARG A 485 5.10 -34.38 1.52
C ARG A 485 5.68 -34.62 0.13
N GLN A 486 6.66 -35.52 0.01
CA GLN A 486 7.20 -35.86 -1.30
C GLN A 486 6.10 -36.35 -2.21
N ALA A 487 5.20 -37.16 -1.67
CA ALA A 487 4.12 -37.74 -2.45
C ALA A 487 3.15 -36.68 -2.94
N VAL A 488 2.85 -35.70 -2.08
CA VAL A 488 2.00 -34.59 -2.44
C VAL A 488 2.65 -33.80 -3.57
N LEU A 489 3.93 -33.46 -3.38
CA LEU A 489 4.64 -32.67 -4.36
C LEU A 489 4.78 -33.41 -5.68
N THR A 490 4.95 -34.72 -5.61
CA THR A 490 5.05 -35.52 -6.81
C THR A 490 3.73 -35.48 -7.60
N ALA A 491 2.62 -35.44 -6.90
CA ALA A 491 1.32 -35.36 -7.56
C ALA A 491 1.08 -33.99 -8.17
N LEU A 492 1.53 -32.95 -7.48
CA LEU A 492 1.39 -31.59 -7.97
C LEU A 492 2.16 -31.39 -9.25
N ASP A 493 3.31 -32.02 -9.35
CA ASP A 493 4.14 -31.93 -10.53
C ASP A 493 3.59 -32.80 -11.65
N ARG A 494 3.38 -34.07 -11.35
CA ARG A 494 3.13 -35.03 -12.40
C ARG A 494 1.74 -34.94 -12.98
N LEU A 495 0.78 -34.46 -12.20
CA LEU A 495 -0.56 -34.28 -12.70
C LEU A 495 -0.89 -32.80 -12.92
N ARG A 496 0.14 -31.99 -13.05
CA ARG A 496 -0.02 -30.54 -13.21
C ARG A 496 -1.00 -30.17 -14.32
N PHE A 497 -0.97 -30.94 -15.40
CA PHE A 497 -1.78 -30.67 -16.57
C PHE A 497 -2.93 -31.67 -16.76
N ALA A 498 -3.17 -32.51 -15.77
CA ALA A 498 -4.12 -33.59 -15.93
C ALA A 498 -5.51 -33.17 -15.46
N ALA A 499 -5.56 -32.02 -14.81
CA ALA A 499 -6.80 -31.44 -14.37
C ALA A 499 -6.58 -29.95 -14.21
N GLY A 500 -7.65 -29.19 -14.14
CA GLY A 500 -7.53 -27.80 -13.78
C GLY A 500 -7.21 -27.74 -12.31
N ASN A 501 -8.19 -27.31 -11.50
CA ASN A 501 -8.01 -27.17 -10.08
C ASN A 501 -7.69 -28.46 -9.36
N PHE A 502 -6.67 -28.41 -8.51
CA PHE A 502 -6.13 -29.61 -7.89
C PHE A 502 -6.24 -29.52 -6.37
N TYR A 503 -6.50 -30.64 -5.72
CA TYR A 503 -6.80 -30.63 -4.29
C TYR A 503 -5.89 -31.58 -3.50
N VAL A 504 -5.48 -31.13 -2.33
CA VAL A 504 -4.61 -31.90 -1.45
C VAL A 504 -5.33 -32.19 -0.15
N ASN A 505 -5.49 -33.48 0.12
CA ASN A 505 -6.21 -34.01 1.28
C ASN A 505 -7.60 -33.42 1.52
N ASP A 506 -8.40 -33.36 0.45
CA ASP A 506 -9.82 -33.01 0.51
C ASP A 506 -10.53 -33.49 -0.76
N LYS A 507 -11.85 -33.48 -0.77
CA LYS A 507 -12.55 -33.84 -1.98
C LYS A 507 -12.30 -32.78 -3.05
N PRO A 508 -12.18 -33.20 -4.31
CA PRO A 508 -12.05 -32.25 -5.40
C PRO A 508 -13.43 -31.85 -5.91
N THR A 509 -13.82 -30.58 -5.75
CA THR A 509 -15.17 -30.18 -6.14
C THR A 509 -15.26 -28.75 -6.61
N GLY A 510 -16.51 -28.30 -6.67
CA GLY A 510 -16.81 -26.92 -7.02
C GLY A 510 -16.17 -25.92 -6.09
N ALA A 511 -15.54 -24.92 -6.71
CA ALA A 511 -14.89 -23.83 -6.03
C ALA A 511 -15.82 -22.96 -5.20
N VAL A 512 -15.31 -22.39 -4.12
CA VAL A 512 -15.96 -21.27 -3.45
C VAL A 512 -15.52 -19.97 -4.13
N VAL A 513 -16.43 -19.02 -4.33
CA VAL A 513 -16.10 -17.81 -5.06
C VAL A 513 -14.91 -17.06 -4.43
N GLY A 514 -13.93 -16.72 -5.25
CA GLY A 514 -12.77 -15.98 -4.78
C GLY A 514 -11.71 -16.82 -4.08
N ARG A 515 -11.94 -18.11 -3.99
CA ARG A 515 -11.00 -18.98 -3.32
C ARG A 515 -10.35 -20.00 -4.25
N GLN A 516 -11.11 -20.54 -5.20
CA GLN A 516 -10.53 -21.41 -6.21
C GLN A 516 -10.94 -21.04 -7.63
N PRO A 517 -10.51 -19.87 -8.10
CA PRO A 517 -10.84 -19.44 -9.47
C PRO A 517 -10.21 -20.30 -10.55
N PHE A 518 -10.58 -20.02 -11.79
CA PHE A 518 -10.00 -20.63 -12.97
C PHE A 518 -10.19 -22.14 -13.01
N GLY A 519 -9.24 -22.85 -13.60
CA GLY A 519 -9.33 -24.29 -13.77
C GLY A 519 -9.70 -24.67 -15.20
N GLY A 520 -10.56 -25.68 -15.34
CA GLY A 520 -10.93 -26.17 -16.66
C GLY A 520 -10.23 -27.49 -16.98
N ALA A 521 -10.72 -28.24 -17.95
CA ALA A 521 -10.07 -29.50 -18.29
C ALA A 521 -8.87 -29.30 -19.20
N ARG A 522 -8.12 -30.38 -19.39
CA ARG A 522 -6.88 -30.35 -20.10
C ARG A 522 -7.03 -29.65 -21.45
N GLY A 523 -6.20 -28.64 -21.66
CA GLY A 523 -6.12 -27.93 -22.91
C GLY A 523 -7.21 -26.92 -23.18
N SER A 524 -8.15 -26.79 -22.26
CA SER A 524 -9.25 -25.85 -22.42
C SER A 524 -8.80 -24.42 -22.29
N ASP A 525 -9.65 -23.53 -22.75
CA ASP A 525 -9.38 -22.12 -22.75
C ASP A 525 -10.55 -21.41 -22.12
N THR A 526 -10.70 -21.55 -20.82
CA THR A 526 -11.87 -20.99 -20.16
C THR A 526 -11.55 -20.19 -18.90
N ASN A 527 -10.34 -19.65 -18.80
CA ASN A 527 -9.99 -18.84 -17.65
C ASN A 527 -10.80 -17.54 -17.55
N ASP A 528 -11.54 -17.21 -18.60
CA ASP A 528 -12.36 -16.02 -18.53
C ASP A 528 -13.77 -16.32 -18.05
N LYS A 529 -13.99 -17.52 -17.56
CA LYS A 529 -15.28 -17.91 -17.01
C LYS A 529 -15.58 -17.19 -15.69
N ALA A 530 -16.77 -17.42 -15.16
CA ALA A 530 -17.19 -16.79 -13.92
C ALA A 530 -16.24 -17.14 -12.79
N GLY A 531 -16.06 -16.23 -11.86
CA GLY A 531 -15.27 -16.47 -10.68
C GLY A 531 -14.08 -15.54 -10.51
N SER A 532 -13.78 -14.74 -11.52
CA SER A 532 -12.67 -13.78 -11.43
C SER A 532 -13.03 -12.51 -12.19
N PRO A 533 -12.22 -11.45 -12.04
CA PRO A 533 -12.45 -10.25 -12.84
C PRO A 533 -12.39 -10.48 -14.35
N LEU A 534 -11.73 -11.54 -14.79
CA LEU A 534 -11.59 -11.76 -16.22
C LEU A 534 -12.93 -11.92 -16.93
N ASN A 535 -13.93 -12.47 -16.24
CA ASN A 535 -15.23 -12.63 -16.81
C ASN A 535 -15.91 -11.29 -17.06
N LEU A 536 -15.77 -10.36 -16.13
CA LEU A 536 -16.43 -9.07 -16.30
C LEU A 536 -15.77 -8.26 -17.40
N LEU A 537 -14.47 -8.41 -17.59
CA LEU A 537 -13.80 -7.74 -18.70
C LEU A 537 -14.35 -8.17 -20.06
N ARG A 538 -14.80 -9.41 -20.21
CA ARG A 538 -15.39 -9.86 -21.47
C ARG A 538 -16.67 -9.09 -21.83
N TRP A 539 -17.36 -8.54 -20.83
CA TRP A 539 -18.56 -7.77 -21.07
C TRP A 539 -18.23 -6.29 -21.15
N THR A 540 -16.95 -6.00 -21.37
CA THR A 540 -16.56 -4.62 -21.61
C THR A 540 -15.73 -4.50 -22.84
N SER A 541 -15.66 -3.28 -23.36
CA SER A 541 -14.79 -2.94 -24.47
C SER A 541 -14.01 -1.69 -24.11
N ALA A 542 -12.80 -1.89 -23.62
CA ALA A 542 -12.01 -0.79 -23.10
C ALA A 542 -11.43 0.05 -24.22
N ARG A 543 -11.47 1.36 -24.03
CA ARG A 543 -10.78 2.26 -24.94
C ARG A 543 -9.88 3.18 -24.15
N SER A 544 -8.76 3.56 -24.75
CA SER A 544 -7.93 4.58 -24.14
C SER A 544 -8.32 5.95 -24.64
N ILE A 545 -8.18 6.94 -23.78
CA ILE A 545 -8.38 8.33 -24.13
C ILE A 545 -7.13 9.11 -23.77
N LYS A 546 -6.59 9.82 -24.74
CA LYS A 546 -5.41 10.65 -24.56
C LYS A 546 -5.68 12.08 -24.93
N GLU A 547 -5.58 12.96 -23.97
CA GLU A 547 -5.60 14.37 -24.27
C GLU A 547 -4.16 14.91 -24.22
N THR A 548 -3.74 15.60 -25.27
CA THR A 548 -2.46 16.29 -25.25
C THR A 548 -2.67 17.79 -25.01
N PHE A 549 -1.93 18.37 -24.07
CA PHE A 549 -2.19 19.75 -23.67
C PHE A 549 -1.56 20.78 -24.60
N VAL A 550 -0.35 20.54 -25.07
CA VAL A 550 0.30 21.46 -25.99
C VAL A 550 0.93 20.68 -27.15
N ALA A 551 0.11 20.27 -28.12
CA ALA A 551 0.60 19.43 -29.21
C ALA A 551 1.50 20.17 -30.18
N ALA A 552 2.20 19.40 -31.02
CA ALA A 552 3.06 19.97 -32.05
C ALA A 552 2.30 20.88 -33.01
N THR A 553 2.94 21.96 -33.45
CA THR A 553 2.32 22.87 -34.38
C THR A 553 3.09 22.92 -35.70
N ASP A 554 4.16 22.14 -35.76
CA ASP A 554 4.91 21.99 -36.99
C ASP A 554 5.22 20.49 -37.14
N HIS A 555 5.13 19.99 -38.37
CA HIS A 555 5.18 18.56 -38.59
C HIS A 555 6.58 18.05 -38.78
N ILE A 556 7.50 18.96 -39.06
CA ILE A 556 8.89 18.60 -39.37
C ILE A 556 9.57 17.95 -38.17
N TYR A 557 10.44 16.98 -38.43
CA TYR A 557 11.11 16.24 -37.38
C TYR A 557 12.58 16.63 -37.25
N PRO A 558 13.16 16.50 -36.06
CA PRO A 558 14.55 16.88 -35.79
C PRO A 558 15.56 16.29 -36.77
N HIS A 559 15.39 15.03 -37.17
CA HIS A 559 16.34 14.40 -38.08
C HIS A 559 16.32 14.95 -39.51
N MET A 560 15.35 15.79 -39.82
CA MET A 560 15.20 16.28 -41.18
C MET A 560 16.06 17.51 -41.45
N ALA A 561 16.58 18.14 -40.40
CA ALA A 561 17.29 19.42 -40.50
C ALA A 561 18.47 19.42 -41.47
N HIS B 20 18.69 -24.67 -5.83
CA HIS B 20 17.40 -24.16 -5.37
C HIS B 20 17.48 -22.64 -5.06
N MET B 21 16.38 -22.08 -4.55
CA MET B 21 16.30 -20.67 -4.22
C MET B 21 15.14 -20.39 -3.30
N ASP B 22 15.39 -19.61 -2.26
CA ASP B 22 14.34 -19.26 -1.31
C ASP B 22 14.08 -17.76 -1.29
N ALA B 23 13.09 -17.35 -2.07
CA ALA B 23 12.83 -15.95 -2.27
C ALA B 23 11.48 -15.65 -2.90
N ILE B 24 11.04 -14.42 -2.70
CA ILE B 24 9.96 -13.82 -3.44
C ILE B 24 10.58 -12.62 -4.13
N THR B 25 10.94 -12.78 -5.39
CA THR B 25 11.70 -11.76 -6.08
C THR B 25 10.83 -10.73 -6.80
N GLN B 26 11.44 -9.59 -7.14
CA GLN B 26 10.83 -8.56 -7.94
C GLN B 26 11.58 -8.47 -9.27
N VAL B 27 10.87 -8.06 -10.31
CA VAL B 27 11.51 -7.71 -11.56
C VAL B 27 11.82 -6.21 -11.56
N PRO B 28 12.82 -5.79 -12.32
CA PRO B 28 13.07 -4.37 -12.52
C PRO B 28 11.84 -3.60 -12.98
N VAL B 29 11.65 -2.42 -12.42
CA VAL B 29 10.55 -1.54 -12.80
C VAL B 29 10.75 -0.94 -14.20
N PRO B 30 9.80 -1.16 -15.10
CA PRO B 30 10.01 -0.60 -16.43
C PRO B 30 9.57 0.86 -16.58
N ALA B 31 10.27 1.59 -17.43
CA ALA B 31 9.83 2.89 -17.91
C ALA B 31 10.03 2.92 -19.40
N ASN B 32 9.30 3.79 -20.09
CA ASN B 32 9.44 3.91 -21.53
C ASN B 32 10.83 4.31 -21.94
N GLU B 33 11.33 3.63 -22.96
CA GLU B 33 12.63 3.92 -23.51
C GLU B 33 12.59 5.23 -24.24
N PRO B 34 13.59 6.07 -24.01
CA PRO B 34 13.66 7.39 -24.67
C PRO B 34 13.82 7.29 -26.18
N VAL B 35 13.18 8.20 -26.90
CA VAL B 35 13.29 8.33 -28.34
C VAL B 35 14.48 9.20 -28.74
N HIS B 36 15.46 8.65 -29.44
CA HIS B 36 16.56 9.48 -29.89
C HIS B 36 16.13 10.27 -31.13
N ASP B 37 16.71 11.45 -31.31
CA ASP B 37 16.32 12.38 -32.36
C ASP B 37 17.12 12.26 -33.66
N TYR B 38 18.37 11.81 -33.56
CA TYR B 38 19.26 11.74 -34.72
C TYR B 38 19.42 13.09 -35.38
N ALA B 39 19.53 14.14 -34.58
CA ALA B 39 19.80 15.47 -35.08
C ALA B 39 21.16 15.47 -35.78
N PRO B 40 21.37 16.41 -36.70
CA PRO B 40 22.72 16.53 -37.27
C PRO B 40 23.77 16.66 -36.18
N LYS B 41 24.93 16.08 -36.41
CA LYS B 41 26.08 16.12 -35.49
C LYS B 41 25.89 15.23 -34.25
N SER B 42 24.76 14.55 -34.12
CA SER B 42 24.57 13.67 -32.97
C SER B 42 25.35 12.38 -33.15
N PRO B 43 25.77 11.77 -32.03
CA PRO B 43 26.52 10.53 -32.22
C PRO B 43 25.64 9.38 -32.71
N GLU B 44 24.35 9.40 -32.43
CA GLU B 44 23.51 8.30 -32.91
C GLU B 44 23.33 8.41 -34.42
N ARG B 45 23.39 9.62 -34.94
CA ARG B 45 23.31 9.81 -36.38
C ARG B 45 24.50 9.19 -37.10
N THR B 46 25.70 9.40 -36.57
CA THR B 46 26.89 8.81 -37.16
C THR B 46 26.85 7.28 -37.10
N ARG B 47 26.40 6.72 -35.97
CA ARG B 47 26.31 5.26 -35.85
C ARG B 47 25.28 4.67 -36.80
N LEU B 48 24.18 5.39 -37.00
CA LEU B 48 23.15 4.95 -37.95
C LEU B 48 23.67 4.86 -39.37
N ARG B 49 24.40 5.87 -39.82
CA ARG B 49 24.96 5.86 -41.17
C ARG B 49 25.91 4.70 -41.38
N THR B 50 26.68 4.37 -40.34
CA THR B 50 27.56 3.22 -40.39
C THR B 50 26.77 1.94 -40.56
N GLU B 51 25.72 1.77 -39.78
CA GLU B 51 24.89 0.58 -39.90
C GLU B 51 24.11 0.55 -41.21
N LEU B 52 23.60 1.71 -41.64
CA LEU B 52 22.89 1.78 -42.91
C LEU B 52 23.76 1.31 -44.06
N ALA B 53 25.01 1.77 -44.07
CA ALA B 53 25.95 1.37 -45.12
C ALA B 53 26.32 -0.10 -44.99
N SER B 54 26.46 -0.57 -43.77
CA SER B 54 26.86 -1.94 -43.57
C SER B 54 25.80 -2.92 -44.08
N LEU B 55 24.54 -2.59 -43.89
CA LEU B 55 23.47 -3.48 -44.32
C LEU B 55 23.19 -3.39 -45.81
N ALA B 56 23.29 -2.19 -46.36
CA ALA B 56 22.93 -2.01 -47.75
C ALA B 56 24.02 -2.51 -48.70
N ASP B 57 25.27 -2.47 -48.25
CA ASP B 57 26.40 -2.87 -49.09
C ASP B 57 26.71 -4.36 -48.99
N HIS B 58 26.16 -5.04 -47.99
CA HIS B 58 26.45 -6.46 -47.84
C HIS B 58 25.21 -7.31 -47.63
N PRO B 59 24.46 -7.53 -48.70
CA PRO B 59 23.26 -8.38 -48.61
C PRO B 59 23.60 -9.82 -48.23
N ILE B 60 22.69 -10.46 -47.51
CA ILE B 60 22.93 -11.78 -46.93
C ILE B 60 21.81 -12.76 -47.23
N ASP B 61 22.12 -14.05 -47.09
CA ASP B 61 21.08 -15.06 -47.06
C ASP B 61 20.22 -14.81 -45.85
N LEU B 62 18.90 -14.89 -46.02
CA LEU B 62 18.00 -14.80 -44.88
C LEU B 62 17.40 -16.16 -44.61
N PRO B 63 18.01 -16.90 -43.68
CA PRO B 63 17.67 -18.32 -43.51
C PRO B 63 16.57 -18.55 -42.50
N HIS B 64 15.99 -19.74 -42.51
CA HIS B 64 15.19 -20.22 -41.40
C HIS B 64 16.12 -20.43 -40.22
N VAL B 65 15.57 -20.26 -39.03
CA VAL B 65 16.25 -20.59 -37.79
C VAL B 65 15.39 -21.59 -37.07
N ILE B 66 15.79 -22.85 -37.15
CA ILE B 66 15.03 -23.94 -36.60
C ILE B 66 15.84 -24.79 -35.63
N GLY B 67 15.38 -24.86 -34.39
CA GLY B 67 16.12 -25.52 -33.34
C GLY B 67 17.51 -24.95 -33.18
N GLY B 68 17.63 -23.64 -33.38
CA GLY B 68 18.88 -22.94 -33.23
C GLY B 68 19.80 -23.00 -34.43
N ARG B 69 19.44 -23.77 -35.43
CA ARG B 69 20.35 -23.84 -36.55
C ARG B 69 19.83 -23.06 -37.74
N HIS B 70 20.71 -22.29 -38.34
CA HIS B 70 20.39 -21.34 -39.39
C HIS B 70 20.63 -21.96 -40.75
N ARG B 71 19.57 -22.13 -41.55
CA ARG B 71 19.73 -22.71 -42.89
C ARG B 71 18.75 -22.19 -43.90
N MET B 72 19.23 -22.09 -45.13
CA MET B 72 18.37 -21.95 -46.27
C MET B 72 17.66 -23.27 -46.55
N GLY B 73 16.42 -23.19 -47.03
CA GLY B 73 15.68 -24.37 -47.41
C GLY B 73 15.70 -24.58 -48.91
N ASP B 74 14.90 -25.54 -49.36
CA ASP B 74 14.85 -25.90 -50.77
C ASP B 74 13.78 -25.17 -51.55
N GLY B 75 13.02 -24.31 -50.88
CA GLY B 75 11.97 -23.57 -51.53
C GLY B 75 12.46 -22.45 -52.40
N GLU B 76 11.53 -21.78 -53.05
CA GLU B 76 11.82 -20.67 -53.94
C GLU B 76 12.61 -19.53 -53.28
N ARG B 77 13.62 -19.04 -53.98
CA ARG B 77 14.39 -17.92 -53.51
C ARG B 77 13.67 -16.60 -53.81
N ILE B 78 13.49 -15.78 -52.78
CA ILE B 78 12.80 -14.52 -52.90
C ILE B 78 13.67 -13.40 -52.35
N ASP B 79 13.86 -12.35 -53.13
CA ASP B 79 14.72 -11.27 -52.70
C ASP B 79 13.98 -10.31 -51.79
N VAL B 80 14.70 -9.75 -50.83
CA VAL B 80 14.19 -8.69 -50.01
C VAL B 80 14.89 -7.44 -50.47
N VAL B 81 14.14 -6.42 -50.83
CA VAL B 81 14.76 -5.24 -51.41
C VAL B 81 14.41 -3.98 -50.62
N GLN B 82 15.08 -2.89 -50.93
CA GLN B 82 14.70 -1.59 -50.41
C GLN B 82 13.49 -1.07 -51.17
N PRO B 83 12.37 -0.84 -50.48
CA PRO B 83 11.17 -0.42 -51.23
C PRO B 83 11.33 0.92 -51.95
N HIS B 84 12.17 1.78 -51.42
CA HIS B 84 12.43 3.09 -51.98
C HIS B 84 13.48 3.05 -53.09
N ARG B 85 14.04 1.87 -53.32
CA ARG B 85 15.07 1.63 -54.31
C ARG B 85 15.12 0.13 -54.58
N HIS B 86 14.13 -0.35 -55.32
CA HIS B 86 13.87 -1.78 -55.36
C HIS B 86 14.82 -2.55 -56.27
N ALA B 87 15.75 -1.85 -56.91
CA ALA B 87 16.86 -2.51 -57.60
C ALA B 87 17.96 -2.90 -56.62
N ALA B 88 17.90 -2.37 -55.40
CA ALA B 88 18.93 -2.64 -54.42
C ALA B 88 18.48 -3.72 -53.45
N ARG B 89 19.17 -4.84 -53.50
CA ARG B 89 18.82 -6.02 -52.75
C ARG B 89 19.45 -6.05 -51.36
N LEU B 90 18.67 -6.44 -50.36
CA LEU B 90 19.15 -6.51 -48.99
C LEU B 90 19.47 -7.95 -48.58
N GLY B 91 18.85 -8.90 -49.25
CA GLY B 91 19.01 -10.27 -48.86
C GLY B 91 18.12 -11.20 -49.66
N THR B 92 18.22 -12.50 -49.39
CA THR B 92 17.43 -13.46 -50.12
C THR B 92 17.02 -14.60 -49.21
N LEU B 93 15.73 -14.87 -49.17
CA LEU B 93 15.23 -15.90 -48.30
C LEU B 93 14.76 -17.07 -49.14
N THR B 94 14.47 -18.18 -48.48
CA THR B 94 13.85 -19.29 -49.15
C THR B 94 12.46 -19.48 -48.60
N ASN B 95 11.52 -19.66 -49.51
CA ASN B 95 10.13 -19.88 -49.14
C ASN B 95 10.01 -21.22 -48.43
N ALA B 96 9.47 -21.22 -47.22
CA ALA B 96 9.41 -22.44 -46.42
C ALA B 96 8.59 -23.53 -47.10
N THR B 97 9.15 -24.72 -47.13
CA THR B 97 8.47 -25.90 -47.60
C THR B 97 7.71 -26.51 -46.46
N HIS B 98 6.88 -27.49 -46.74
CA HIS B 98 6.18 -28.22 -45.70
C HIS B 98 7.16 -28.89 -44.74
N ALA B 99 8.26 -29.39 -45.26
CA ALA B 99 9.27 -30.06 -44.46
C ALA B 99 9.99 -29.08 -43.53
N ASP B 100 10.27 -27.87 -44.00
CA ASP B 100 10.83 -26.82 -43.15
C ASP B 100 9.87 -26.55 -41.99
N ALA B 101 8.60 -26.40 -42.34
CA ALA B 101 7.56 -26.13 -41.37
C ALA B 101 7.46 -27.25 -40.35
N ALA B 102 7.51 -28.48 -40.82
CA ALA B 102 7.45 -29.62 -39.91
C ALA B 102 8.65 -29.65 -38.98
N ALA B 103 9.80 -29.28 -39.50
CA ALA B 103 11.00 -29.25 -38.68
C ALA B 103 10.88 -28.18 -37.60
N ALA B 104 10.31 -27.04 -37.98
CA ALA B 104 10.09 -25.94 -37.05
C ALA B 104 9.24 -26.38 -35.88
N VAL B 105 8.18 -27.12 -36.17
CA VAL B 105 7.25 -27.58 -35.16
C VAL B 105 7.89 -28.61 -34.24
N GLU B 106 8.66 -29.53 -34.81
CA GLU B 106 9.35 -30.52 -34.01
C GLU B 106 10.38 -29.88 -33.10
N ALA B 107 11.08 -28.88 -33.61
CA ALA B 107 12.04 -28.13 -32.80
C ALA B 107 11.39 -27.42 -31.60
N ALA B 108 10.26 -26.78 -31.83
CA ALA B 108 9.50 -26.14 -30.75
C ALA B 108 9.08 -27.15 -29.69
N MET B 109 8.47 -28.25 -30.11
CA MET B 109 8.03 -29.27 -29.17
C MET B 109 9.20 -29.85 -28.41
N SER B 110 10.33 -29.98 -29.07
CA SER B 110 11.48 -30.61 -28.48
C SER B 110 12.15 -29.71 -27.43
N ALA B 111 12.06 -28.41 -27.63
CA ALA B 111 12.65 -27.47 -26.71
C ALA B 111 11.72 -27.17 -25.53
N LYS B 112 10.48 -27.61 -25.61
CA LYS B 112 9.47 -27.18 -24.67
C LYS B 112 9.81 -27.51 -23.22
N SER B 113 10.25 -28.74 -22.99
CA SER B 113 10.43 -29.22 -21.63
C SER B 113 11.46 -28.42 -20.85
N ASP B 114 12.61 -28.16 -21.46
CA ASP B 114 13.66 -27.41 -20.80
C ASP B 114 13.32 -25.95 -20.66
N TRP B 115 12.55 -25.40 -21.59
CA TRP B 115 12.20 -24.00 -21.54
C TRP B 115 11.19 -23.74 -20.43
N ALA B 116 10.13 -24.53 -20.37
CA ALA B 116 9.11 -24.35 -19.33
C ALA B 116 9.62 -24.70 -17.93
N ALA B 117 10.67 -25.51 -17.84
CA ALA B 117 11.20 -25.88 -16.53
C ALA B 117 12.09 -24.80 -15.94
N LEU B 118 12.60 -23.91 -16.77
CA LEU B 118 13.32 -22.76 -16.26
C LEU B 118 12.40 -21.96 -15.36
N PRO B 119 12.92 -21.47 -14.24
CA PRO B 119 12.13 -20.55 -13.43
C PRO B 119 11.74 -19.32 -14.25
N PHE B 120 10.61 -18.72 -13.93
CA PHE B 120 10.18 -17.49 -14.56
C PHE B 120 11.27 -16.43 -14.66
N ASP B 121 12.03 -16.23 -13.58
CA ASP B 121 13.04 -15.16 -13.55
C ASP B 121 14.10 -15.38 -14.60
N GLU B 122 14.54 -16.61 -14.78
CA GLU B 122 15.55 -16.92 -15.77
C GLU B 122 15.02 -16.70 -17.18
N ARG B 123 13.76 -17.08 -17.43
CA ARG B 123 13.15 -16.80 -18.73
C ARG B 123 12.98 -15.29 -18.92
N ALA B 124 12.62 -14.58 -17.86
CA ALA B 124 12.41 -13.15 -17.98
C ALA B 124 13.72 -12.41 -18.24
N ALA B 125 14.82 -12.93 -17.72
CA ALA B 125 16.12 -12.29 -17.92
C ALA B 125 16.53 -12.29 -19.38
N VAL B 126 16.13 -13.31 -20.13
CA VAL B 126 16.44 -13.35 -21.54
C VAL B 126 15.91 -12.11 -22.24
N PHE B 127 14.68 -11.73 -21.91
CA PHE B 127 14.06 -10.63 -22.60
C PHE B 127 14.44 -9.28 -22.00
N LEU B 128 14.76 -9.27 -20.72
CA LEU B 128 15.30 -8.07 -20.14
C LEU B 128 16.70 -7.81 -20.73
N ARG B 129 17.49 -8.86 -20.92
CA ARG B 129 18.80 -8.71 -21.53
C ARG B 129 18.65 -8.29 -23.00
N ALA B 130 17.67 -8.86 -23.69
CA ALA B 130 17.44 -8.49 -25.07
C ALA B 130 17.05 -7.02 -25.17
N ALA B 131 16.23 -6.55 -24.24
CA ALA B 131 15.82 -5.16 -24.24
C ALA B 131 17.03 -4.23 -24.13
N ASP B 132 17.93 -4.54 -23.21
CA ASP B 132 19.12 -3.74 -23.01
C ASP B 132 20.12 -3.83 -24.15
N LEU B 133 20.27 -5.00 -24.76
CA LEU B 133 21.08 -5.12 -25.96
C LEU B 133 20.51 -4.23 -27.07
N LEU B 134 19.18 -4.22 -27.22
CA LEU B 134 18.53 -3.40 -28.21
C LEU B 134 18.67 -1.90 -27.87
N ALA B 135 18.61 -1.57 -26.59
CA ALA B 135 18.75 -0.18 -26.18
C ALA B 135 20.15 0.38 -26.45
N GLY B 136 21.17 -0.48 -26.42
CA GLY B 136 22.54 -0.05 -26.55
C GLY B 136 23.23 -0.52 -27.82
N PRO B 137 24.01 -1.59 -27.74
CA PRO B 137 24.87 -2.02 -28.84
C PRO B 137 24.15 -2.46 -30.11
N TRP B 138 22.89 -2.90 -30.05
CA TRP B 138 22.18 -3.34 -31.26
C TRP B 138 21.28 -2.25 -31.84
N ARG B 139 21.18 -1.10 -31.16
CA ARG B 139 20.16 -0.10 -31.44
C ARG B 139 20.11 0.36 -32.89
N GLU B 140 21.17 0.94 -33.39
CA GLU B 140 21.13 1.48 -34.73
C GLU B 140 21.09 0.39 -35.79
N LYS B 141 21.57 -0.81 -35.48
CA LYS B 141 21.52 -1.86 -36.47
C LYS B 141 20.07 -2.32 -36.72
N ILE B 142 19.28 -2.49 -35.67
CA ILE B 142 17.90 -2.93 -35.82
C ILE B 142 17.08 -1.80 -36.44
N ALA B 143 17.37 -0.57 -36.06
CA ALA B 143 16.72 0.58 -36.63
C ALA B 143 17.04 0.71 -38.12
N ALA B 144 18.31 0.58 -38.47
CA ALA B 144 18.74 0.65 -39.86
C ALA B 144 18.11 -0.44 -40.69
N ALA B 145 18.05 -1.65 -40.13
CA ALA B 145 17.49 -2.76 -40.87
C ALA B 145 16.02 -2.51 -41.17
N THR B 146 15.34 -1.91 -40.21
CA THR B 146 13.94 -1.55 -40.33
C THR B 146 13.72 -0.42 -41.33
N MET B 147 14.50 0.65 -41.20
CA MET B 147 14.56 1.69 -42.22
C MET B 147 14.71 1.12 -43.64
N LEU B 148 15.69 0.26 -43.84
CA LEU B 148 16.02 -0.18 -45.19
C LEU B 148 14.99 -1.17 -45.77
N GLY B 149 14.55 -2.13 -44.98
CA GLY B 149 13.61 -3.13 -45.45
C GLY B 149 12.17 -2.65 -45.56
N GLN B 150 11.77 -1.77 -44.66
CA GLN B 150 10.39 -1.40 -44.55
C GLN B 150 10.12 0.03 -45.01
N SER B 151 11.18 0.70 -45.46
CA SER B 151 11.15 2.08 -45.93
C SER B 151 10.65 3.04 -44.86
N LYS B 152 11.19 2.92 -43.65
CA LYS B 152 10.87 3.87 -42.61
C LYS B 152 11.93 4.94 -42.52
N SER B 153 11.51 6.17 -42.23
CA SER B 153 12.42 7.23 -41.82
C SER B 153 13.02 6.81 -40.49
N VAL B 154 14.14 7.42 -40.11
CA VAL B 154 14.79 7.04 -38.87
C VAL B 154 13.86 7.27 -37.67
N TYR B 155 13.08 8.35 -37.66
CA TYR B 155 12.14 8.55 -36.58
C TYR B 155 11.11 7.42 -36.52
N GLN B 156 10.58 7.02 -37.67
CA GLN B 156 9.59 5.95 -37.67
C GLN B 156 10.23 4.63 -37.22
N ALA B 157 11.49 4.42 -37.57
CA ALA B 157 12.20 3.24 -37.14
C ALA B 157 12.53 3.28 -35.65
N GLU B 158 12.80 4.46 -35.13
CA GLU B 158 13.22 4.59 -33.75
C GLU B 158 12.05 4.33 -32.78
N ILE B 159 10.88 4.85 -33.09
CA ILE B 159 9.71 4.61 -32.25
C ILE B 159 9.20 3.17 -32.36
N ASP B 160 9.56 2.47 -33.43
CA ASP B 160 9.08 1.13 -33.68
C ASP B 160 10.11 0.07 -33.27
N ALA B 161 11.15 -0.09 -34.08
CA ALA B 161 12.09 -1.20 -33.96
C ALA B 161 12.92 -1.11 -32.68
N VAL B 162 13.08 0.10 -32.17
CA VAL B 162 13.81 0.32 -30.94
C VAL B 162 12.87 0.45 -29.75
N CYS B 163 12.16 1.56 -29.67
CA CYS B 163 11.47 1.93 -28.46
C CYS B 163 10.27 1.04 -28.15
N GLU B 164 9.46 0.73 -29.14
CA GLU B 164 8.29 -0.06 -28.88
C GLU B 164 8.64 -1.52 -28.57
N LEU B 165 9.64 -2.06 -29.24
CA LEU B 165 10.04 -3.43 -29.02
C LEU B 165 10.69 -3.55 -27.64
N ILE B 166 11.55 -2.61 -27.29
CA ILE B 166 12.15 -2.59 -25.97
C ILE B 166 11.07 -2.47 -24.90
N ASP B 167 10.11 -1.58 -25.14
CA ASP B 167 9.00 -1.38 -24.22
C ASP B 167 8.17 -2.66 -24.08
N PHE B 168 7.84 -3.32 -25.17
CA PHE B 168 7.10 -4.58 -25.10
C PHE B 168 7.82 -5.56 -24.17
N TRP B 169 9.13 -5.74 -24.37
CA TRP B 169 9.87 -6.69 -23.57
C TRP B 169 9.90 -6.32 -22.07
N ARG B 170 10.25 -5.10 -21.74
CA ARG B 170 10.36 -4.72 -20.33
C ARG B 170 9.00 -4.66 -19.62
N PHE B 171 7.98 -4.12 -20.30
CA PHE B 171 6.66 -4.05 -19.71
C PHE B 171 5.99 -5.43 -19.66
N ASN B 172 6.24 -6.27 -20.65
CA ASN B 172 5.71 -7.63 -20.60
C ASN B 172 6.27 -8.40 -19.43
N VAL B 173 7.57 -8.26 -19.16
CA VAL B 173 8.16 -8.90 -17.99
C VAL B 173 7.47 -8.42 -16.71
N ALA B 174 7.20 -7.12 -16.62
CA ALA B 174 6.51 -6.55 -15.47
C ALA B 174 5.06 -7.02 -15.41
N PHE B 175 4.40 -7.11 -16.55
CA PHE B 175 3.03 -7.59 -16.60
C PHE B 175 2.95 -9.02 -16.07
N ALA B 176 3.84 -9.86 -16.53
CA ALA B 176 3.85 -11.27 -16.16
C ALA B 176 4.04 -11.46 -14.65
N ARG B 177 4.98 -10.72 -14.09
CA ARG B 177 5.26 -10.78 -12.65
C ARG B 177 4.07 -10.32 -11.81
N GLN B 178 3.35 -9.33 -12.31
CA GLN B 178 2.12 -8.89 -11.72
C GLN B 178 1.05 -9.99 -11.79
N ILE B 179 0.95 -10.67 -12.92
CA ILE B 179 0.03 -11.79 -13.04
C ILE B 179 0.32 -12.89 -11.98
N LEU B 180 1.58 -13.33 -11.88
CA LEU B 180 1.93 -14.43 -10.99
C LEU B 180 1.56 -14.17 -9.54
N GLU B 181 1.46 -12.91 -9.20
CA GLU B 181 1.16 -12.41 -7.87
C GLU B 181 -0.35 -12.33 -7.57
N GLN B 182 -1.19 -12.50 -8.59
CA GLN B 182 -2.62 -12.49 -8.36
C GLN B 182 -3.01 -13.81 -7.72
N GLN B 183 -3.39 -13.77 -6.45
CA GLN B 183 -3.60 -14.96 -5.68
C GLN B 183 -4.91 -14.90 -4.91
N PRO B 184 -5.49 -16.05 -4.58
CA PRO B 184 -6.81 -16.04 -3.93
C PRO B 184 -6.78 -15.88 -2.42
N ILE B 185 -7.97 -15.92 -1.85
CA ILE B 185 -8.19 -15.89 -0.42
C ILE B 185 -8.03 -17.30 0.15
N SER B 186 -7.32 -17.45 1.27
CA SER B 186 -7.36 -18.70 1.99
C SER B 186 -8.30 -18.63 3.20
N GLY B 187 -9.35 -19.44 3.17
CA GLY B 187 -10.23 -19.56 4.31
C GLY B 187 -9.52 -20.25 5.46
N PRO B 188 -10.15 -20.29 6.63
CA PRO B 188 -9.57 -21.01 7.77
C PRO B 188 -9.40 -22.49 7.47
N GLY B 189 -8.30 -23.08 7.93
CA GLY B 189 -8.09 -24.50 7.82
C GLY B 189 -7.57 -24.98 6.48
N GLU B 190 -7.22 -24.04 5.62
CA GLU B 190 -6.83 -24.37 4.26
C GLU B 190 -5.80 -23.40 3.68
N TRP B 191 -5.34 -23.70 2.48
CA TRP B 191 -4.40 -22.85 1.78
C TRP B 191 -4.69 -22.95 0.29
N ASN B 192 -5.05 -21.84 -0.34
CA ASN B 192 -5.33 -21.79 -1.77
C ASN B 192 -4.26 -21.02 -2.50
N ARG B 193 -3.84 -21.54 -3.63
CA ARG B 193 -2.80 -20.94 -4.44
C ARG B 193 -3.19 -21.06 -5.90
N ILE B 194 -2.66 -20.17 -6.74
CA ILE B 194 -2.86 -20.26 -8.18
C ILE B 194 -1.55 -20.43 -8.94
N ASP B 195 -1.55 -21.39 -9.84
CA ASP B 195 -0.38 -21.74 -10.60
C ASP B 195 -0.64 -21.37 -12.06
N TYR B 196 0.16 -20.48 -12.62
CA TYR B 196 -0.06 -20.05 -13.99
C TYR B 196 0.74 -20.88 -14.97
N ARG B 197 0.17 -21.99 -15.41
CA ARG B 197 0.86 -22.93 -16.27
C ARG B 197 1.00 -22.39 -17.67
N PRO B 198 2.08 -22.76 -18.34
CA PRO B 198 2.17 -22.53 -19.78
C PRO B 198 1.19 -23.42 -20.54
N LEU B 199 1.05 -23.21 -21.84
CA LEU B 199 0.12 -24.02 -22.60
C LEU B 199 0.75 -25.36 -22.95
N ASP B 200 -0.05 -26.29 -23.46
CA ASP B 200 0.46 -27.53 -24.06
C ASP B 200 0.59 -27.30 -25.55
N GLY B 201 1.64 -27.80 -26.18
CA GLY B 201 1.77 -27.55 -27.61
C GLY B 201 2.33 -26.20 -27.99
N PHE B 202 2.51 -25.97 -29.28
CA PHE B 202 3.26 -24.83 -29.76
C PHE B 202 2.38 -23.66 -30.17
N VAL B 203 2.95 -22.47 -30.16
CA VAL B 203 2.25 -21.29 -30.61
C VAL B 203 2.78 -20.89 -31.98
N TYR B 204 1.86 -20.53 -32.86
CA TYR B 204 2.14 -20.10 -34.23
C TYR B 204 1.99 -18.58 -34.34
N ALA B 205 3.12 -17.88 -34.41
CA ALA B 205 3.12 -16.42 -34.56
C ALA B 205 3.28 -16.01 -36.01
N ILE B 206 2.37 -15.16 -36.48
CA ILE B 206 2.37 -14.61 -37.83
C ILE B 206 2.39 -13.08 -37.77
N THR B 207 3.41 -12.44 -38.31
CA THR B 207 3.59 -11.02 -38.05
C THR B 207 3.59 -10.18 -39.32
N PRO B 208 3.13 -8.92 -39.24
CA PRO B 208 2.94 -8.12 -40.44
C PRO B 208 4.18 -7.32 -40.81
N PHE B 209 4.13 -6.63 -41.92
CA PHE B 209 5.24 -5.82 -42.40
C PHE B 209 5.38 -4.53 -41.61
N ASN B 210 4.28 -4.06 -41.03
CA ASN B 210 4.18 -2.68 -40.57
C ASN B 210 5.14 -2.29 -39.42
N PHE B 211 5.41 -3.21 -38.51
CA PHE B 211 6.21 -2.89 -37.33
C PHE B 211 7.16 -4.02 -36.95
N THR B 212 8.41 -3.66 -36.75
CA THR B 212 9.41 -4.57 -36.26
C THR B 212 9.08 -4.94 -34.82
N SER B 213 8.42 -4.03 -34.13
CA SER B 213 8.04 -4.26 -32.74
C SER B 213 7.00 -5.36 -32.58
N ILE B 214 5.92 -5.27 -33.34
CA ILE B 214 4.92 -6.33 -33.37
C ILE B 214 5.57 -7.64 -33.82
N ALA B 215 6.41 -7.53 -34.85
CA ALA B 215 7.12 -8.68 -35.38
C ALA B 215 7.92 -9.38 -34.29
N GLY B 216 8.56 -8.62 -33.42
CA GLY B 216 9.36 -9.20 -32.37
C GLY B 216 8.54 -9.58 -31.16
N ASN B 217 7.43 -8.89 -30.95
CA ASN B 217 6.64 -9.17 -29.77
C ASN B 217 5.68 -10.37 -29.91
N LEU B 218 5.02 -10.55 -31.03
CA LEU B 218 4.07 -11.67 -31.12
C LEU B 218 4.73 -13.02 -30.83
N PRO B 219 5.96 -13.27 -31.32
CA PRO B 219 6.61 -14.52 -30.92
C PRO B 219 7.20 -14.53 -29.52
N THR B 220 7.64 -13.41 -28.97
CA THR B 220 8.34 -13.48 -27.70
C THR B 220 7.40 -13.45 -26.49
N ALA B 221 6.24 -12.84 -26.62
CA ALA B 221 5.30 -12.75 -25.51
C ALA B 221 4.82 -14.13 -25.00
N PRO B 222 4.41 -15.06 -25.89
CA PRO B 222 4.11 -16.38 -25.33
C PRO B 222 5.36 -17.14 -24.87
N ALA B 223 6.50 -16.86 -25.46
CA ALA B 223 7.73 -17.52 -25.06
C ALA B 223 8.02 -17.24 -23.59
N LEU B 224 7.89 -15.98 -23.22
CA LEU B 224 8.07 -15.51 -21.87
C LEU B 224 7.28 -16.32 -20.84
N MET B 225 6.06 -16.70 -21.18
CA MET B 225 5.21 -17.43 -20.26
C MET B 225 5.54 -18.94 -20.23
N GLY B 226 6.53 -19.37 -20.98
CA GLY B 226 6.98 -20.74 -20.92
C GLY B 226 6.63 -21.57 -22.14
N ASN B 227 6.21 -20.90 -23.22
CA ASN B 227 5.81 -21.60 -24.41
C ASN B 227 6.87 -21.57 -25.49
N THR B 228 6.74 -22.46 -26.46
CA THR B 228 7.63 -22.44 -27.61
C THR B 228 6.83 -22.13 -28.86
N VAL B 229 7.53 -21.72 -29.90
CA VAL B 229 6.94 -20.89 -30.93
C VAL B 229 7.51 -21.19 -32.32
N ILE B 230 6.65 -21.23 -33.33
CA ILE B 230 7.13 -21.06 -34.69
C ILE B 230 6.67 -19.69 -35.16
N TRP B 231 7.56 -18.97 -35.84
CA TRP B 231 7.36 -17.57 -36.18
C TRP B 231 7.55 -17.43 -37.67
N LYS B 232 6.53 -16.92 -38.36
CA LYS B 232 6.68 -16.60 -39.76
C LYS B 232 6.48 -15.12 -40.00
N PRO B 233 7.57 -14.42 -40.26
CA PRO B 233 7.44 -12.98 -40.44
C PRO B 233 7.04 -12.64 -41.84
N SER B 234 6.57 -11.42 -42.02
CA SER B 234 6.30 -10.89 -43.34
C SER B 234 7.61 -10.78 -44.16
N ILE B 235 7.53 -11.13 -45.44
CA ILE B 235 8.70 -11.13 -46.31
C ILE B 235 9.43 -9.79 -46.32
N THR B 236 8.69 -8.69 -46.44
CA THR B 236 9.33 -7.40 -46.59
C THR B 236 9.92 -6.87 -45.28
N GLN B 237 9.74 -7.61 -44.19
CA GLN B 237 10.26 -7.22 -42.88
C GLN B 237 11.34 -8.23 -42.44
N THR B 238 11.65 -9.18 -43.31
CA THR B 238 12.42 -10.35 -42.88
C THR B 238 13.88 -10.00 -42.52
N LEU B 239 14.45 -8.96 -43.13
CA LEU B 239 15.78 -8.55 -42.74
C LEU B 239 15.78 -8.13 -41.27
N ALA B 240 14.88 -7.26 -40.87
CA ALA B 240 14.80 -6.89 -39.47
C ALA B 240 14.37 -8.07 -38.60
N ALA B 241 13.54 -8.95 -39.12
CA ALA B 241 13.12 -10.11 -38.34
C ALA B 241 14.32 -11.01 -38.01
N TYR B 242 15.14 -11.26 -39.01
CA TYR B 242 16.26 -12.17 -38.85
C TYR B 242 17.27 -11.62 -37.86
N LEU B 243 17.50 -10.31 -37.92
CA LEU B 243 18.43 -9.68 -37.00
C LEU B 243 17.88 -9.70 -35.58
N THR B 244 16.57 -9.58 -35.46
CA THR B 244 15.89 -9.70 -34.18
C THR B 244 16.12 -11.07 -33.57
N MET B 245 16.06 -12.09 -34.42
CA MET B 245 16.33 -13.46 -34.04
C MET B 245 17.77 -13.65 -33.55
N GLN B 246 18.70 -13.03 -34.25
CA GLN B 246 20.10 -13.01 -33.83
C GLN B 246 20.30 -12.34 -32.48
N LEU B 247 19.62 -11.20 -32.29
CA LEU B 247 19.68 -10.45 -31.06
C LEU B 247 19.20 -11.30 -29.89
N LEU B 248 18.11 -12.01 -30.08
CA LEU B 248 17.55 -12.80 -29.01
C LEU B 248 18.51 -13.94 -28.66
N GLU B 249 19.14 -14.51 -29.67
CA GLU B 249 20.14 -15.54 -29.47
C GLU B 249 21.30 -14.97 -28.67
N ALA B 250 21.72 -13.75 -29.00
CA ALA B 250 22.80 -13.13 -28.26
C ALA B 250 22.39 -12.86 -26.82
N ALA B 251 21.10 -12.74 -26.58
CA ALA B 251 20.58 -12.52 -25.23
C ALA B 251 20.44 -13.82 -24.46
N GLY B 252 20.63 -14.96 -25.13
CA GLY B 252 20.57 -16.24 -24.47
C GLY B 252 19.31 -17.08 -24.66
N LEU B 253 18.48 -16.73 -25.62
CA LEU B 253 17.30 -17.53 -25.93
C LEU B 253 17.75 -18.91 -26.39
N PRO B 254 17.33 -19.96 -25.70
CA PRO B 254 17.75 -21.33 -26.02
C PRO B 254 17.25 -21.78 -27.39
N PRO B 255 17.97 -22.68 -28.03
CA PRO B 255 17.59 -23.10 -29.38
C PRO B 255 16.25 -23.82 -29.37
N GLY B 256 15.48 -23.62 -30.43
CA GLY B 256 14.16 -24.22 -30.53
C GLY B 256 13.04 -23.54 -29.76
N VAL B 257 13.34 -22.53 -28.96
CA VAL B 257 12.27 -21.89 -28.22
C VAL B 257 11.42 -21.03 -29.16
N ILE B 258 12.07 -20.34 -30.09
CA ILE B 258 11.39 -19.65 -31.17
C ILE B 258 12.04 -20.12 -32.48
N ASN B 259 11.20 -20.45 -33.45
CA ASN B 259 11.68 -21.00 -34.70
C ASN B 259 11.22 -20.17 -35.87
N LEU B 260 12.17 -19.55 -36.56
CA LEU B 260 11.85 -18.64 -37.63
C LEU B 260 11.75 -19.38 -38.97
N VAL B 261 10.60 -19.28 -39.62
CA VAL B 261 10.46 -19.79 -40.97
C VAL B 261 9.99 -18.68 -41.90
N THR B 262 10.75 -18.44 -42.96
CA THR B 262 10.50 -17.33 -43.87
C THR B 262 9.59 -17.71 -45.02
N GLY B 263 9.03 -16.70 -45.67
CA GLY B 263 8.25 -16.93 -46.85
C GLY B 263 6.81 -16.43 -46.78
N ASP B 264 5.96 -16.97 -47.64
CA ASP B 264 4.62 -16.43 -47.78
C ASP B 264 3.68 -17.04 -46.76
N GLY B 265 4.18 -18.01 -46.01
CA GLY B 265 3.41 -18.70 -45.00
C GLY B 265 2.41 -19.77 -45.41
N PHE B 266 2.28 -20.05 -46.69
CA PHE B 266 1.26 -20.97 -47.13
C PHE B 266 1.55 -22.38 -46.63
N ALA B 267 2.79 -22.81 -46.82
CA ALA B 267 3.18 -24.16 -46.45
C ALA B 267 3.27 -24.30 -44.94
N VAL B 268 3.62 -23.20 -44.28
CA VAL B 268 3.72 -23.20 -42.83
C VAL B 268 2.35 -23.38 -42.22
N SER B 269 1.36 -22.67 -42.77
CA SER B 269 -0.02 -22.80 -42.31
C SER B 269 -0.61 -24.20 -42.57
N ASP B 270 -0.25 -24.82 -43.70
CA ASP B 270 -0.70 -26.20 -43.97
C ASP B 270 -0.24 -27.12 -42.85
N VAL B 271 1.03 -27.02 -42.52
CA VAL B 271 1.58 -27.85 -41.47
C VAL B 271 1.09 -27.48 -40.07
N ALA B 272 1.11 -26.21 -39.72
CA ALA B 272 0.77 -25.82 -38.34
C ALA B 272 -0.67 -26.11 -37.99
N LEU B 273 -1.58 -25.85 -38.91
CA LEU B 273 -3.00 -26.04 -38.64
C LEU B 273 -3.42 -27.51 -38.71
N ALA B 274 -2.58 -28.36 -39.26
CA ALA B 274 -2.85 -29.80 -39.27
C ALA B 274 -2.26 -30.49 -38.05
N ASP B 275 -1.39 -29.82 -37.32
CA ASP B 275 -0.75 -30.48 -36.18
C ASP B 275 -1.66 -30.45 -34.95
N PRO B 276 -1.97 -31.61 -34.37
CA PRO B 276 -2.88 -31.64 -33.23
C PRO B 276 -2.33 -30.94 -31.99
N ARG B 277 -1.07 -30.54 -32.02
CA ARG B 277 -0.45 -29.89 -30.87
C ARG B 277 -0.50 -28.37 -30.98
N LEU B 278 -1.15 -27.85 -32.01
CA LEU B 278 -1.28 -26.42 -32.16
C LEU B 278 -2.04 -25.84 -30.97
N ALA B 279 -1.40 -24.94 -30.23
CA ALA B 279 -1.98 -24.40 -29.00
C ALA B 279 -2.64 -23.02 -29.17
N GLY B 280 -2.17 -22.28 -30.15
CA GLY B 280 -2.67 -20.96 -30.39
C GLY B 280 -2.00 -20.29 -31.57
N ILE B 281 -2.62 -19.23 -32.04
CA ILE B 281 -2.10 -18.44 -33.12
C ILE B 281 -2.08 -17.00 -32.67
N HIS B 282 -0.94 -16.37 -32.83
CA HIS B 282 -0.74 -14.96 -32.48
C HIS B 282 -0.46 -14.20 -33.74
N PHE B 283 -1.34 -13.27 -34.10
CA PHE B 283 -1.30 -12.74 -35.45
C PHE B 283 -1.94 -11.36 -35.57
N THR B 284 -1.89 -10.81 -36.77
CA THR B 284 -2.71 -9.67 -37.07
C THR B 284 -3.51 -10.00 -38.30
N GLY B 285 -4.68 -9.41 -38.45
CA GLY B 285 -5.49 -9.63 -39.61
C GLY B 285 -6.86 -9.00 -39.60
N SER B 286 -7.53 -9.09 -40.74
CA SER B 286 -8.86 -8.55 -40.88
C SER B 286 -9.89 -9.35 -40.11
N THR B 287 -11.08 -8.77 -39.98
CA THR B 287 -12.22 -9.47 -39.46
C THR B 287 -12.47 -10.76 -40.25
N ALA B 288 -12.31 -10.71 -41.57
CA ALA B 288 -12.51 -11.90 -42.38
C ALA B 288 -11.53 -13.02 -42.04
N THR B 289 -10.28 -12.64 -41.77
CA THR B 289 -9.26 -13.60 -41.40
C THR B 289 -9.60 -14.27 -40.07
N PHE B 290 -9.99 -13.48 -39.09
CA PHE B 290 -10.48 -13.98 -37.82
C PHE B 290 -11.59 -14.99 -38.04
N GLY B 291 -12.57 -14.57 -38.83
CA GLY B 291 -13.73 -15.39 -39.10
C GLY B 291 -13.33 -16.70 -39.75
N HIS B 292 -12.40 -16.63 -40.69
CA HIS B 292 -11.88 -17.82 -41.35
C HIS B 292 -11.24 -18.79 -40.35
N LEU B 293 -10.41 -18.27 -39.44
CA LEU B 293 -9.71 -19.09 -38.47
C LEU B 293 -10.69 -19.66 -37.44
N TRP B 294 -11.70 -18.87 -37.11
CA TRP B 294 -12.77 -19.29 -36.23
C TRP B 294 -13.51 -20.50 -36.81
N GLN B 295 -13.82 -20.41 -38.09
CA GLN B 295 -14.58 -21.43 -38.77
C GLN B 295 -13.70 -22.67 -38.92
N TRP B 296 -12.41 -22.47 -39.17
CA TRP B 296 -11.51 -23.61 -39.29
C TRP B 296 -11.35 -24.34 -37.97
N VAL B 297 -11.08 -23.60 -36.91
CA VAL B 297 -10.79 -24.20 -35.62
C VAL B 297 -12.06 -24.90 -35.09
N GLY B 298 -13.21 -24.26 -35.27
CA GLY B 298 -14.47 -24.82 -34.82
C GLY B 298 -14.88 -26.10 -35.55
N THR B 299 -14.72 -26.09 -36.87
CA THR B 299 -14.97 -27.26 -37.70
C THR B 299 -14.05 -28.42 -37.34
N ASN B 300 -12.80 -28.10 -37.00
CA ASN B 300 -11.79 -29.12 -36.78
C ASN B 300 -11.38 -29.30 -35.34
N ILE B 301 -12.22 -28.87 -34.41
CA ILE B 301 -11.84 -28.81 -33.01
C ILE B 301 -11.44 -30.19 -32.44
N GLY B 302 -12.06 -31.25 -32.94
CA GLY B 302 -11.80 -32.60 -32.46
C GLY B 302 -10.43 -33.12 -32.81
N ARG B 303 -9.75 -32.45 -33.72
CA ARG B 303 -8.40 -32.77 -34.13
C ARG B 303 -7.32 -32.30 -33.13
N TYR B 304 -7.60 -31.23 -32.38
CA TYR B 304 -6.57 -30.65 -31.52
C TYR B 304 -6.58 -31.16 -30.09
N HIS B 305 -5.41 -31.43 -29.52
CA HIS B 305 -5.30 -31.75 -28.10
C HIS B 305 -5.85 -30.64 -27.22
N SER B 306 -5.52 -29.40 -27.54
CA SER B 306 -6.01 -28.23 -26.81
C SER B 306 -6.94 -27.42 -27.67
N TYR B 307 -7.76 -26.58 -27.05
CA TYR B 307 -8.54 -25.62 -27.81
C TYR B 307 -7.64 -24.47 -28.26
N PRO B 308 -7.40 -24.36 -29.56
CA PRO B 308 -6.46 -23.36 -30.04
C PRO B 308 -6.91 -21.96 -29.67
N ARG B 309 -5.99 -21.14 -29.19
CA ARG B 309 -6.29 -19.78 -28.80
C ARG B 309 -5.94 -18.84 -29.96
N LEU B 310 -6.89 -18.00 -30.33
CA LEU B 310 -6.71 -17.10 -31.45
C LEU B 310 -6.66 -15.69 -30.94
N VAL B 311 -5.48 -15.10 -30.98
CA VAL B 311 -5.24 -13.81 -30.38
C VAL B 311 -4.60 -12.87 -31.39
N GLY B 312 -5.21 -11.71 -31.57
CA GLY B 312 -4.65 -10.75 -32.50
C GLY B 312 -5.37 -9.42 -32.54
N GLU B 313 -5.06 -8.63 -33.57
CA GLU B 313 -5.61 -7.30 -33.74
C GLU B 313 -5.89 -7.08 -35.21
N THR B 314 -6.75 -6.12 -35.53
CA THR B 314 -6.97 -5.74 -36.92
C THR B 314 -6.30 -4.42 -37.25
N GLY B 315 -6.24 -4.09 -38.53
CA GLY B 315 -5.90 -2.76 -38.96
C GLY B 315 -7.15 -1.92 -39.07
N GLY B 316 -7.00 -0.68 -39.52
CA GLY B 316 -8.12 0.21 -39.69
C GLY B 316 -7.76 1.49 -40.41
N LYS B 317 -8.72 2.40 -40.53
CA LYS B 317 -8.48 3.74 -41.06
C LYS B 317 -9.17 4.71 -40.12
N ASP B 318 -8.56 5.84 -39.88
CA ASP B 318 -8.97 6.70 -38.79
C ASP B 318 -9.55 8.01 -39.26
N PHE B 319 -10.20 8.71 -38.34
CA PHE B 319 -10.78 10.00 -38.64
C PHE B 319 -10.31 11.08 -37.69
N VAL B 320 -10.41 12.31 -38.14
CA VAL B 320 -10.17 13.46 -37.28
C VAL B 320 -11.32 14.44 -37.49
N VAL B 321 -11.89 14.93 -36.40
CA VAL B 321 -12.90 15.97 -36.54
C VAL B 321 -12.43 17.24 -35.83
N ALA B 322 -12.50 18.36 -36.53
CA ALA B 322 -12.16 19.65 -35.94
C ALA B 322 -13.41 20.49 -35.73
N HIS B 323 -13.61 20.89 -34.48
CA HIS B 323 -14.64 21.85 -34.07
C HIS B 323 -14.19 23.25 -34.48
N ALA B 324 -15.09 24.23 -34.39
CA ALA B 324 -14.77 25.60 -34.76
C ALA B 324 -13.68 26.18 -33.86
N SER B 325 -13.57 25.64 -32.65
CA SER B 325 -12.60 26.13 -31.69
C SER B 325 -11.23 25.45 -31.83
N ALA B 326 -11.04 24.71 -32.92
CA ALA B 326 -9.79 24.01 -33.15
C ALA B 326 -8.62 24.94 -33.42
N ARG B 327 -7.48 24.66 -32.84
CA ARG B 327 -6.27 25.38 -33.17
C ARG B 327 -5.82 24.95 -34.56
N PRO B 328 -5.74 25.90 -35.49
CA PRO B 328 -5.42 25.60 -36.89
C PRO B 328 -4.12 24.84 -37.06
N ASP B 329 -3.07 25.29 -36.41
CA ASP B 329 -1.73 24.71 -36.56
C ASP B 329 -1.62 23.33 -35.94
N VAL B 330 -2.38 23.11 -34.88
CA VAL B 330 -2.37 21.81 -34.23
C VAL B 330 -3.09 20.83 -35.11
N LEU B 331 -4.18 21.28 -35.72
CA LEU B 331 -4.95 20.45 -36.61
C LEU B 331 -4.17 20.10 -37.87
N ARG B 332 -3.54 21.10 -38.47
CA ARG B 332 -2.74 20.90 -39.66
C ARG B 332 -1.66 19.85 -39.43
N THR B 333 -0.93 20.00 -38.33
CA THR B 333 0.14 19.11 -37.96
C THR B 333 -0.37 17.70 -37.63
N ALA B 334 -1.47 17.63 -36.89
CA ALA B 334 -2.09 16.35 -36.61
C ALA B 334 -2.49 15.66 -37.91
N LEU B 335 -2.95 16.42 -38.89
CA LEU B 335 -3.38 15.84 -40.14
C LEU B 335 -2.20 15.37 -40.99
N ILE B 336 -1.16 16.18 -41.11
CA ILE B 336 0.00 15.79 -41.90
C ILE B 336 0.69 14.55 -41.33
N ARG B 337 0.88 14.51 -40.02
CA ARG B 337 1.56 13.37 -39.43
C ARG B 337 0.65 12.14 -39.42
N GLY B 338 -0.60 12.32 -39.06
CA GLY B 338 -1.55 11.23 -38.94
C GLY B 338 -1.82 10.53 -40.24
N ALA B 339 -1.75 11.27 -41.33
CA ALA B 339 -2.02 10.72 -42.65
C ALA B 339 -0.75 10.37 -43.40
N PHE B 340 0.35 11.06 -43.10
CA PHE B 340 1.53 10.87 -43.91
C PHE B 340 2.78 10.35 -43.18
N ASP B 341 2.73 10.17 -41.86
CA ASP B 341 3.79 9.41 -41.16
C ASP B 341 3.85 8.02 -41.76
N TYR B 342 5.06 7.55 -42.00
CA TYR B 342 5.30 6.26 -42.63
C TYR B 342 4.40 6.02 -43.86
N GLN B 343 4.17 7.09 -44.62
CA GLN B 343 3.42 7.02 -45.86
C GLN B 343 2.00 6.44 -45.66
N GLY B 344 1.42 6.63 -44.48
CA GLY B 344 0.13 6.07 -44.16
C GLY B 344 0.09 4.56 -44.04
N GLN B 345 1.18 3.95 -43.58
CA GLN B 345 1.27 2.50 -43.58
C GLN B 345 1.34 1.89 -42.19
N LYS B 346 1.08 2.66 -41.14
CA LYS B 346 0.89 2.11 -39.81
C LYS B 346 -0.34 1.22 -39.79
N CME B 347 -0.66 0.63 -38.64
CA CME B 347 -1.76 -0.32 -38.55
CB CME B 347 -1.91 -1.06 -37.21
SG CME B 347 -0.52 -2.02 -36.69
SD CME B 347 -0.19 -3.36 -38.24
CE CME B 347 -1.14 -4.78 -37.80
CZ CME B 347 -2.63 -4.55 -37.96
OH CME B 347 -2.92 -4.77 -39.34
C CME B 347 -3.06 0.36 -38.96
O CME B 347 -3.98 -0.18 -39.57
N SER B 348 -3.12 1.63 -38.61
CA SER B 348 -4.14 2.51 -39.11
C SER B 348 -3.51 3.86 -39.39
N ALA B 349 -4.13 4.65 -40.25
CA ALA B 349 -3.69 6.01 -40.52
C ALA B 349 -4.91 6.87 -40.69
N VAL B 350 -4.74 8.18 -40.63
CA VAL B 350 -5.85 9.09 -40.81
C VAL B 350 -6.24 9.19 -42.28
N SER B 351 -7.44 8.76 -42.60
CA SER B 351 -7.90 8.77 -43.98
C SER B 351 -8.94 9.85 -44.22
N ARG B 352 -9.64 10.23 -43.16
CA ARG B 352 -10.74 11.16 -43.25
C ARG B 352 -10.69 12.31 -42.24
N ALA B 353 -10.77 13.52 -42.73
CA ALA B 353 -10.83 14.69 -41.87
C ALA B 353 -12.18 15.40 -42.02
N PHE B 354 -12.75 15.81 -40.90
CA PHE B 354 -13.98 16.57 -40.88
C PHE B 354 -13.70 17.91 -40.24
N ILE B 355 -13.64 18.95 -41.08
CA ILE B 355 -13.16 20.24 -40.65
C ILE B 355 -14.23 21.34 -40.76
N ALA B 356 -14.46 22.04 -39.65
CA ALA B 356 -15.34 23.20 -39.63
C ALA B 356 -14.90 24.27 -40.64
N HIS B 357 -15.87 24.80 -41.37
CA HIS B 357 -15.64 25.76 -42.42
C HIS B 357 -14.71 26.92 -42.05
N SER B 358 -14.93 27.52 -40.90
CA SER B 358 -14.14 28.68 -40.51
C SER B 358 -12.72 28.27 -40.18
N VAL B 359 -12.55 27.01 -39.80
CA VAL B 359 -11.23 26.51 -39.49
C VAL B 359 -10.51 26.19 -40.79
N TRP B 360 -11.24 25.66 -41.76
CA TRP B 360 -10.67 25.37 -43.06
C TRP B 360 -10.22 26.65 -43.76
N GLN B 361 -10.93 27.75 -43.54
CA GLN B 361 -10.55 29.04 -44.11
C GLN B 361 -9.17 29.44 -43.64
N ARG B 362 -8.85 29.07 -42.40
CA ARG B 362 -7.62 29.49 -41.77
C ARG B 362 -6.40 28.58 -41.99
N MET B 363 -6.62 27.28 -42.24
CA MET B 363 -5.48 26.41 -42.40
C MET B 363 -5.53 25.52 -43.63
N GLY B 364 -6.54 25.69 -44.46
CA GLY B 364 -6.69 24.85 -45.63
C GLY B 364 -5.57 24.97 -46.66
N ASP B 365 -5.22 26.20 -47.00
CA ASP B 365 -4.14 26.44 -47.96
C ASP B 365 -2.80 25.95 -47.44
N GLU B 366 -2.58 26.10 -46.14
CA GLU B 366 -1.33 25.68 -45.55
C GLU B 366 -1.22 24.17 -45.59
N LEU B 367 -2.29 23.48 -45.25
CA LEU B 367 -2.30 22.03 -45.33
C LEU B 367 -1.85 21.57 -46.70
N LEU B 368 -2.50 22.11 -47.73
CA LEU B 368 -2.24 21.69 -49.10
C LEU B 368 -0.83 22.01 -49.54
N ALA B 369 -0.31 23.15 -49.11
CA ALA B 369 1.02 23.57 -49.48
C ALA B 369 2.06 22.69 -48.82
N LYS B 370 1.87 22.40 -47.55
CA LYS B 370 2.82 21.58 -46.83
C LYS B 370 2.83 20.17 -47.39
N ALA B 371 1.66 19.68 -47.77
CA ALA B 371 1.56 18.37 -48.38
C ALA B 371 2.31 18.32 -49.70
N ALA B 372 2.19 19.38 -50.49
CA ALA B 372 2.89 19.45 -51.77
C ALA B 372 4.39 19.45 -51.60
N GLU B 373 4.87 20.01 -50.49
CA GLU B 373 6.30 20.16 -50.25
C GLU B 373 6.90 18.95 -49.54
N LEU B 374 6.03 18.13 -48.96
CA LEU B 374 6.47 17.02 -48.13
C LEU B 374 7.33 16.07 -48.96
N ARG B 375 8.49 15.69 -48.45
CA ARG B 375 9.42 14.90 -49.25
C ARG B 375 9.43 13.41 -48.92
N TYR B 376 9.14 12.60 -49.93
CA TYR B 376 9.28 11.16 -49.87
C TYR B 376 10.43 10.76 -50.78
N GLY B 377 11.38 9.99 -50.26
CA GLY B 377 12.50 9.56 -51.05
C GLY B 377 13.26 8.43 -50.39
N ASP B 378 14.48 8.20 -50.85
CA ASP B 378 15.42 7.27 -50.24
C ASP B 378 15.60 7.63 -48.77
N ILE B 379 15.30 6.72 -47.85
CA ILE B 379 15.34 7.09 -46.45
C ILE B 379 16.76 7.14 -45.88
N THR B 380 17.77 6.83 -46.68
CA THR B 380 19.14 7.01 -46.22
C THR B 380 19.54 8.46 -46.37
N ASP B 381 18.73 9.20 -47.12
CA ASP B 381 18.77 10.65 -47.10
C ASP B 381 17.89 11.06 -45.94
N LEU B 382 18.50 11.44 -44.83
CA LEU B 382 17.74 11.65 -43.60
C LEU B 382 16.89 12.92 -43.65
N SER B 383 17.00 13.69 -44.72
CA SER B 383 16.21 14.90 -44.79
C SER B 383 14.81 14.60 -45.32
N ASN B 384 14.58 13.40 -45.83
CA ASN B 384 13.24 13.03 -46.30
C ASN B 384 12.30 12.84 -45.14
N TYR B 385 11.03 13.15 -45.35
CA TYR B 385 10.00 12.97 -44.33
C TYR B 385 9.66 11.52 -44.23
N GLY B 386 9.70 10.84 -45.36
CA GLY B 386 9.37 9.44 -45.41
C GLY B 386 9.86 8.78 -46.67
N GLY B 387 9.49 7.52 -46.83
CA GLY B 387 9.97 6.72 -47.91
C GLY B 387 8.93 6.33 -48.94
N ALA B 388 8.93 5.07 -49.31
CA ALA B 388 8.03 4.56 -50.32
C ALA B 388 7.05 3.55 -49.75
N LEU B 389 6.08 3.12 -50.55
CA LEU B 389 5.18 2.05 -50.15
C LEU B 389 5.93 0.73 -50.11
N ILE B 390 5.38 -0.25 -49.40
CA ILE B 390 6.12 -1.44 -49.01
C ILE B 390 6.46 -2.39 -50.18
N ASP B 391 5.56 -2.56 -51.14
CA ASP B 391 5.84 -3.38 -52.30
C ASP B 391 4.96 -3.01 -53.48
N GLN B 392 5.12 -3.74 -54.58
CA GLN B 392 4.40 -3.47 -55.82
C GLN B 392 2.91 -3.65 -55.62
N ARG B 393 2.53 -4.67 -54.86
CA ARG B 393 1.12 -4.90 -54.59
C ARG B 393 0.49 -3.73 -53.91
N ALA B 394 1.13 -3.22 -52.86
CA ALA B 394 0.59 -2.06 -52.20
C ALA B 394 0.56 -0.81 -53.10
N PHE B 395 1.55 -0.70 -53.99
CA PHE B 395 1.59 0.42 -54.93
C PHE B 395 0.38 0.44 -55.87
N VAL B 396 0.02 -0.72 -56.39
CA VAL B 396 -1.07 -0.82 -57.36
C VAL B 396 -2.39 -0.41 -56.73
N LYS B 397 -2.61 -0.85 -55.49
CA LYS B 397 -3.82 -0.49 -54.77
C LYS B 397 -3.93 1.01 -54.53
N ASN B 398 -2.81 1.69 -54.37
CA ASN B 398 -2.83 3.13 -54.19
C ASN B 398 -3.15 3.84 -55.50
N VAL B 399 -2.57 3.35 -56.60
CA VAL B 399 -2.83 3.93 -57.89
C VAL B 399 -4.31 3.77 -58.24
N ASP B 400 -4.87 2.61 -57.96
CA ASP B 400 -6.27 2.37 -58.25
C ASP B 400 -7.18 3.32 -57.48
N ALA B 401 -6.82 3.63 -56.24
CA ALA B 401 -7.64 4.49 -55.41
C ALA B 401 -7.55 5.93 -55.87
N ILE B 402 -6.39 6.33 -56.37
CA ILE B 402 -6.18 7.67 -56.88
C ILE B 402 -6.95 7.87 -58.18
N GLU B 403 -6.86 6.89 -59.07
CA GLU B 403 -7.54 6.97 -60.35
C GLU B 403 -9.04 6.97 -60.11
N ARG B 404 -9.48 6.16 -59.18
CA ARG B 404 -10.88 6.09 -58.83
C ARG B 404 -11.36 7.42 -58.27
N ALA B 405 -10.47 8.16 -57.62
CA ALA B 405 -10.84 9.46 -57.07
C ALA B 405 -10.97 10.50 -58.17
N LYS B 406 -10.07 10.45 -59.14
CA LYS B 406 -10.09 11.39 -60.25
C LYS B 406 -11.42 11.36 -61.00
N GLY B 407 -11.94 10.17 -61.23
CA GLY B 407 -13.13 10.02 -62.04
C GLY B 407 -14.43 10.15 -61.25
N ALA B 408 -14.30 10.15 -59.92
CA ALA B 408 -15.48 10.14 -59.08
C ALA B 408 -16.04 11.54 -58.84
N ALA B 409 -17.36 11.65 -58.92
CA ALA B 409 -18.07 12.89 -58.64
C ALA B 409 -18.20 13.12 -57.13
N VAL B 411 -15.71 14.45 -55.92
CA VAL B 411 -14.44 14.50 -55.20
C VAL B 411 -13.38 15.10 -56.11
N THR B 412 -12.48 15.87 -55.51
CA THR B 412 -11.44 16.59 -56.24
C THR B 412 -10.04 16.26 -55.72
N VAL B 413 -9.08 16.13 -56.62
CA VAL B 413 -7.70 15.95 -56.19
C VAL B 413 -7.08 17.32 -55.97
N ALA B 414 -7.18 17.80 -54.74
CA ALA B 414 -6.71 19.12 -54.38
C ALA B 414 -5.19 19.27 -54.45
N VAL B 415 -4.47 18.21 -54.11
CA VAL B 415 -3.02 18.22 -54.20
C VAL B 415 -2.50 16.79 -54.22
N GLY B 416 -1.37 16.59 -54.88
CA GLY B 416 -0.79 15.27 -54.96
C GLY B 416 -1.40 14.44 -56.04
N GLY B 417 -1.46 13.14 -55.80
CA GLY B 417 -2.03 12.21 -56.76
C GLY B 417 -1.03 11.65 -57.74
N GLU B 418 0.21 12.09 -57.64
CA GLU B 418 1.28 11.60 -58.52
C GLU B 418 1.89 10.31 -57.99
N TYR B 419 2.32 9.45 -58.89
CA TYR B 419 2.94 8.20 -58.51
C TYR B 419 3.96 7.74 -59.52
N ASP B 420 4.94 6.97 -59.05
CA ASP B 420 6.05 6.52 -59.90
C ASP B 420 6.79 5.37 -59.26
N ASP B 421 6.70 4.20 -59.89
CA ASP B 421 7.32 3.01 -59.36
C ASP B 421 8.57 2.58 -60.13
N SER B 422 9.15 3.48 -60.89
CA SER B 422 10.31 3.14 -61.70
C SER B 422 11.57 2.86 -60.86
N GLU B 423 11.72 3.56 -59.74
CA GLU B 423 12.90 3.34 -58.91
C GLU B 423 12.56 2.80 -57.50
N GLY B 424 11.51 3.35 -56.91
CA GLY B 424 10.97 2.87 -55.66
C GLY B 424 9.45 2.88 -55.78
N TYR B 425 8.74 2.39 -54.78
CA TYR B 425 7.29 2.39 -54.88
C TYR B 425 6.71 3.68 -54.34
N PHE B 426 6.98 4.78 -55.03
CA PHE B 426 6.68 6.10 -54.51
C PHE B 426 5.29 6.64 -54.86
N VAL B 427 4.56 7.10 -53.85
CA VAL B 427 3.27 7.75 -54.05
C VAL B 427 3.24 9.02 -53.23
N ARG B 428 2.89 10.12 -53.87
CA ARG B 428 2.93 11.45 -53.25
C ARG B 428 1.82 11.65 -52.22
N PRO B 429 2.06 12.50 -51.22
CA PRO B 429 1.00 12.87 -50.29
C PRO B 429 -0.19 13.44 -51.05
N THR B 430 -1.38 12.95 -50.75
CA THR B 430 -2.55 13.26 -51.55
C THR B 430 -3.72 13.74 -50.69
N VAL B 431 -4.27 14.90 -51.04
CA VAL B 431 -5.46 15.39 -50.37
C VAL B 431 -6.63 15.42 -51.32
N LEU B 432 -7.68 14.70 -50.97
CA LEU B 432 -8.93 14.70 -51.71
C LEU B 432 -9.94 15.62 -51.02
N LEU B 433 -10.67 16.41 -51.81
CA LEU B 433 -11.75 17.23 -51.27
C LEU B 433 -13.12 16.68 -51.64
N SER B 434 -13.86 16.19 -50.66
CA SER B 434 -15.18 15.61 -50.91
C SER B 434 -16.30 16.54 -50.49
N ASP B 435 -17.16 16.87 -51.45
CA ASP B 435 -18.29 17.78 -51.20
C ASP B 435 -19.20 17.24 -50.13
N ASP B 436 -19.37 15.92 -50.10
CA ASP B 436 -20.19 15.25 -49.11
C ASP B 436 -19.28 14.46 -48.18
N PRO B 437 -19.77 14.11 -46.98
CA PRO B 437 -18.99 13.31 -46.03
C PRO B 437 -18.45 12.04 -46.66
N THR B 438 -17.14 11.85 -46.58
CA THR B 438 -16.48 10.78 -47.33
C THR B 438 -16.89 9.40 -46.83
N ASP B 439 -17.24 8.55 -47.79
CA ASP B 439 -17.71 7.19 -47.51
C ASP B 439 -16.56 6.29 -47.10
N GLU B 440 -16.72 5.64 -45.95
CA GLU B 440 -15.65 4.87 -45.33
C GLU B 440 -15.18 3.71 -46.21
N SER B 441 -16.11 3.11 -46.93
CA SER B 441 -15.81 1.92 -47.73
C SER B 441 -14.70 2.16 -48.73
N PHE B 442 -14.55 3.41 -49.15
CA PHE B 442 -13.53 3.72 -50.14
C PHE B 442 -12.13 3.85 -49.55
N VAL B 443 -12.01 4.33 -48.32
CA VAL B 443 -10.68 4.59 -47.79
C VAL B 443 -9.97 3.33 -47.27
N ILE B 444 -10.69 2.23 -47.11
CA ILE B 444 -10.07 1.03 -46.56
C ILE B 444 -9.47 0.08 -47.61
N GLU B 445 -9.51 0.46 -48.87
CA GLU B 445 -9.04 -0.42 -49.94
C GLU B 445 -7.57 -0.26 -50.30
N TYR B 446 -6.83 0.49 -49.50
CA TYR B 446 -5.42 0.73 -49.74
C TYR B 446 -4.78 1.20 -48.45
N PHE B 447 -3.46 1.13 -48.38
CA PHE B 447 -2.74 1.83 -47.31
C PHE B 447 -1.70 2.73 -47.93
N GLY B 448 -1.85 4.03 -47.70
CA GLY B 448 -1.01 4.99 -48.37
C GLY B 448 -1.31 6.39 -47.94
N PRO B 449 -0.60 7.35 -48.52
CA PRO B 449 -0.67 8.75 -48.11
C PRO B 449 -1.85 9.46 -48.77
N LEU B 450 -3.05 9.02 -48.45
CA LEU B 450 -4.25 9.57 -49.07
C LEU B 450 -5.22 10.05 -48.02
N LEU B 451 -5.34 11.37 -47.90
CA LEU B 451 -6.23 12.00 -46.93
C LEU B 451 -7.48 12.57 -47.59
N SER B 452 -8.64 12.24 -47.09
CA SER B 452 -9.88 12.84 -47.59
C SER B 452 -10.41 13.86 -46.63
N VAL B 453 -10.69 15.05 -47.12
CA VAL B 453 -11.19 16.13 -46.28
C VAL B 453 -12.63 16.49 -46.63
N HIS B 454 -13.49 16.54 -45.62
CA HIS B 454 -14.80 17.11 -45.80
C HIS B 454 -14.97 18.36 -44.95
N VAL B 455 -15.28 19.47 -45.60
CA VAL B 455 -15.49 20.71 -44.89
C VAL B 455 -16.98 20.84 -44.57
N TYR B 456 -17.31 21.05 -43.31
CA TYR B 456 -18.71 21.16 -42.88
C TYR B 456 -18.97 22.53 -42.23
N PRO B 457 -20.21 23.02 -42.31
CA PRO B 457 -20.56 24.31 -41.70
C PRO B 457 -20.42 24.27 -40.18
N ASP B 458 -19.79 25.28 -39.60
CA ASP B 458 -19.53 25.33 -38.16
C ASP B 458 -20.71 24.90 -37.31
N GLU B 459 -21.90 25.32 -37.69
CA GLU B 459 -23.04 25.14 -36.82
C GLU B 459 -23.58 23.71 -36.88
N ARG B 460 -23.02 22.88 -37.74
CA ARG B 460 -23.50 21.51 -37.87
C ARG B 460 -22.57 20.48 -37.23
N TYR B 461 -21.85 20.89 -36.20
CA TYR B 461 -20.95 20.01 -35.47
C TYR B 461 -21.64 18.76 -34.97
N GLU B 462 -22.78 18.89 -34.33
CA GLU B 462 -23.42 17.72 -33.78
C GLU B 462 -23.92 16.79 -34.87
N GLN B 463 -24.37 17.37 -35.98
CA GLN B 463 -24.80 16.57 -37.12
C GLN B 463 -23.63 15.76 -37.69
N ILE B 464 -22.46 16.40 -37.77
CA ILE B 464 -21.30 15.75 -38.33
C ILE B 464 -20.80 14.62 -37.44
N LEU B 465 -20.85 14.80 -36.12
CA LEU B 465 -20.52 13.72 -35.21
C LEU B 465 -21.43 12.52 -35.45
N ASP B 466 -22.71 12.77 -35.71
CA ASP B 466 -23.64 11.70 -35.99
C ASP B 466 -23.34 10.99 -37.31
N VAL B 467 -22.92 11.75 -38.31
CA VAL B 467 -22.48 11.19 -39.57
C VAL B 467 -21.22 10.34 -39.38
N ILE B 468 -20.29 10.83 -38.58
CA ILE B 468 -19.09 10.07 -38.25
C ILE B 468 -19.47 8.78 -37.52
N ASP B 469 -20.37 8.89 -36.55
CA ASP B 469 -20.78 7.72 -35.78
C ASP B 469 -21.46 6.68 -36.66
N THR B 470 -22.36 7.17 -37.50
CA THR B 470 -23.16 6.34 -38.40
C THR B 470 -22.33 5.68 -39.48
N GLY B 471 -21.24 6.32 -39.88
CA GLY B 471 -20.50 5.88 -41.04
C GLY B 471 -19.10 5.38 -40.79
N SER B 472 -18.80 5.01 -39.55
CA SER B 472 -17.46 4.52 -39.20
C SER B 472 -17.51 3.17 -38.51
N ARG B 473 -17.09 2.14 -39.21
CA ARG B 473 -17.01 0.82 -38.60
C ARG B 473 -15.57 0.33 -38.58
N TYR B 474 -14.66 1.08 -39.17
CA TYR B 474 -13.33 0.56 -39.39
C TYR B 474 -12.22 1.42 -38.79
N ALA B 475 -12.58 2.33 -37.92
CA ALA B 475 -11.60 3.19 -37.29
C ALA B 475 -11.00 2.52 -36.07
N LEU B 476 -9.67 2.49 -35.98
CA LEU B 476 -9.02 2.09 -34.73
C LEU B 476 -9.03 3.27 -33.78
N THR B 477 -8.70 4.43 -34.31
CA THR B 477 -8.59 5.63 -33.50
C THR B 477 -9.31 6.82 -34.10
N GLY B 478 -9.66 7.76 -33.25
CA GLY B 478 -10.32 8.98 -33.66
C GLY B 478 -9.83 10.14 -32.83
N ALA B 479 -9.98 11.34 -33.37
CA ALA B 479 -9.54 12.52 -32.66
C ALA B 479 -10.49 13.69 -32.86
N VAL B 480 -10.66 14.47 -31.80
CA VAL B 480 -11.33 15.74 -31.88
C VAL B 480 -10.30 16.83 -31.63
N ILE B 481 -10.29 17.85 -32.49
CA ILE B 481 -9.47 19.02 -32.24
C ILE B 481 -10.41 20.15 -31.84
N ALA B 482 -10.26 20.63 -30.61
CA ALA B 482 -11.13 21.66 -30.06
C ALA B 482 -10.62 22.15 -28.72
N ASP B 483 -10.63 23.46 -28.52
CA ASP B 483 -10.28 24.02 -27.22
C ASP B 483 -11.52 24.12 -26.35
N ASP B 484 -12.69 24.15 -26.99
CA ASP B 484 -13.95 24.31 -26.29
C ASP B 484 -14.26 23.02 -25.54
N ARG B 485 -14.41 23.14 -24.23
CA ARG B 485 -14.55 21.98 -23.39
C ARG B 485 -15.86 21.22 -23.61
N GLN B 486 -16.93 21.92 -23.96
CA GLN B 486 -18.18 21.27 -24.25
C GLN B 486 -18.09 20.46 -25.53
N ALA B 487 -17.40 21.01 -26.51
CA ALA B 487 -17.25 20.33 -27.78
C ALA B 487 -16.42 19.07 -27.62
N VAL B 488 -15.37 19.15 -26.80
CA VAL B 488 -14.56 17.98 -26.48
C VAL B 488 -15.42 16.89 -25.85
N LEU B 489 -16.22 17.27 -24.87
CA LEU B 489 -16.98 16.28 -24.12
C LEU B 489 -18.08 15.69 -24.97
N THR B 490 -18.66 16.50 -25.84
CA THR B 490 -19.68 16.04 -26.76
C THR B 490 -19.11 14.99 -27.70
N ALA B 491 -17.90 15.21 -28.19
CA ALA B 491 -17.24 14.22 -29.03
C ALA B 491 -16.94 12.93 -28.27
N LEU B 492 -16.53 13.06 -27.02
CA LEU B 492 -16.23 11.89 -26.19
C LEU B 492 -17.48 11.06 -25.94
N ASP B 493 -18.59 11.73 -25.72
CA ASP B 493 -19.88 11.09 -25.56
C ASP B 493 -20.35 10.50 -26.88
N ARG B 494 -20.47 11.34 -27.90
CA ARG B 494 -21.16 10.99 -29.13
C ARG B 494 -20.39 10.00 -30.00
N LEU B 495 -19.06 9.96 -29.85
CA LEU B 495 -18.25 9.07 -30.65
C LEU B 495 -17.65 8.00 -29.77
N ARG B 496 -18.24 7.79 -28.60
CA ARG B 496 -17.73 6.84 -27.63
C ARG B 496 -17.52 5.46 -28.26
N PHE B 497 -18.38 5.09 -29.21
CA PHE B 497 -18.32 3.76 -29.77
C PHE B 497 -17.86 3.74 -31.23
N ALA B 498 -17.39 4.86 -31.75
CA ALA B 498 -17.09 4.95 -33.17
C ALA B 498 -15.65 4.62 -33.50
N ALA B 499 -14.83 4.51 -32.48
CA ALA B 499 -13.45 4.11 -32.65
C ALA B 499 -12.96 3.59 -31.31
N GLY B 500 -11.85 2.87 -31.30
CA GLY B 500 -11.28 2.44 -30.06
C GLY B 500 -10.67 3.62 -29.36
N ASN B 501 -9.36 3.68 -29.33
CA ASN B 501 -8.66 4.77 -28.69
C ASN B 501 -8.98 6.13 -29.29
N PHE B 502 -9.22 7.09 -28.42
CA PHE B 502 -9.69 8.38 -28.84
C PHE B 502 -8.77 9.48 -28.32
N TYR B 503 -8.53 10.48 -29.15
CA TYR B 503 -7.55 11.52 -28.86
C TYR B 503 -8.15 12.93 -28.82
N VAL B 504 -7.66 13.73 -27.89
CA VAL B 504 -8.07 15.11 -27.83
C VAL B 504 -6.88 16.03 -28.10
N ASN B 505 -7.02 16.86 -29.14
CA ASN B 505 -6.01 17.84 -29.51
C ASN B 505 -4.65 17.26 -29.85
N ASP B 506 -4.65 16.11 -30.52
CA ASP B 506 -3.44 15.50 -31.02
C ASP B 506 -3.80 14.58 -32.18
N LYS B 507 -2.81 14.12 -32.94
CA LYS B 507 -3.06 13.12 -33.95
C LYS B 507 -3.47 11.80 -33.32
N PRO B 508 -4.48 11.14 -33.89
CA PRO B 508 -4.84 9.81 -33.43
C PRO B 508 -3.87 8.84 -34.03
N THR B 509 -3.17 8.08 -33.23
CA THR B 509 -2.09 7.29 -33.77
C THR B 509 -1.80 6.05 -32.95
N GLY B 510 -0.69 5.38 -33.29
CA GLY B 510 -0.26 4.22 -32.54
C GLY B 510 -0.04 4.51 -31.07
N ALA B 511 -0.19 3.47 -30.28
CA ALA B 511 -0.06 3.56 -28.84
C ALA B 511 1.39 3.47 -28.40
N VAL B 512 1.74 4.23 -27.37
CA VAL B 512 2.98 3.99 -26.61
C VAL B 512 2.68 2.94 -25.54
N VAL B 513 3.58 1.98 -25.37
CA VAL B 513 3.33 0.88 -24.44
C VAL B 513 3.10 1.40 -23.03
N GLY B 514 1.99 0.98 -22.45
CA GLY B 514 1.67 1.31 -21.08
C GLY B 514 0.88 2.60 -20.96
N ARG B 515 0.68 3.28 -22.07
CA ARG B 515 0.02 4.58 -22.03
C ARG B 515 -1.33 4.61 -22.73
N GLN B 516 -1.44 3.93 -23.87
CA GLN B 516 -2.74 3.79 -24.51
C GLN B 516 -3.03 2.34 -24.91
N PRO B 517 -3.23 1.47 -23.91
CA PRO B 517 -3.55 0.06 -24.21
C PRO B 517 -4.94 -0.08 -24.81
N PHE B 518 -5.28 -1.29 -25.21
CA PHE B 518 -6.64 -1.65 -25.62
C PHE B 518 -7.08 -0.94 -26.89
N GLY B 519 -8.38 -0.75 -27.04
CA GLY B 519 -8.91 -0.15 -28.26
C GLY B 519 -9.46 -1.16 -29.23
N GLY B 520 -9.23 -0.94 -30.52
CA GLY B 520 -9.84 -1.76 -31.56
C GLY B 520 -10.96 -1.05 -32.29
N ALA B 521 -11.34 -1.58 -33.45
CA ALA B 521 -12.43 -0.98 -34.23
C ALA B 521 -13.78 -1.37 -33.66
N ARG B 522 -14.83 -0.68 -34.09
CA ARG B 522 -16.17 -0.85 -33.52
C ARG B 522 -16.63 -2.31 -33.49
N GLY B 523 -17.01 -2.77 -32.31
CA GLY B 523 -17.53 -4.11 -32.13
C GLY B 523 -16.51 -5.22 -31.97
N SER B 524 -15.25 -4.89 -32.20
CA SER B 524 -14.19 -5.89 -32.13
C SER B 524 -14.02 -6.46 -30.73
N ASP B 525 -13.38 -7.62 -30.67
CA ASP B 525 -13.06 -8.26 -29.41
C ASP B 525 -11.56 -8.51 -29.33
N THR B 526 -10.79 -7.46 -29.18
CA THR B 526 -9.35 -7.61 -29.21
C THR B 526 -8.64 -6.96 -28.03
N ASN B 527 -9.31 -6.82 -26.89
CA ASN B 527 -8.67 -6.25 -25.71
C ASN B 527 -7.55 -7.13 -25.13
N ASP B 528 -7.45 -8.37 -25.59
CA ASP B 528 -6.37 -9.23 -25.15
C ASP B 528 -5.16 -9.20 -26.09
N LYS B 529 -5.08 -8.20 -26.95
CA LYS B 529 -3.90 -8.03 -27.79
C LYS B 529 -2.72 -7.44 -27.01
N ALA B 530 -1.56 -7.38 -27.64
CA ALA B 530 -0.36 -6.85 -27.01
C ALA B 530 -0.60 -5.46 -26.41
N GLY B 531 0.04 -5.20 -25.27
CA GLY B 531 -0.06 -3.89 -24.66
C GLY B 531 -0.56 -3.86 -23.23
N SER B 532 -1.03 -4.99 -22.71
CA SER B 532 -1.46 -5.10 -21.31
C SER B 532 -1.22 -6.52 -20.76
N PRO B 533 -1.40 -6.72 -19.46
CA PRO B 533 -1.30 -8.10 -18.97
C PRO B 533 -2.27 -9.10 -19.59
N LEU B 534 -3.37 -8.64 -20.20
CA LEU B 534 -4.36 -9.57 -20.76
C LEU B 534 -3.78 -10.45 -21.85
N ASN B 535 -2.84 -9.92 -22.61
CA ASN B 535 -2.20 -10.70 -23.65
C ASN B 535 -1.40 -11.87 -23.10
N LEU B 536 -0.66 -11.65 -22.02
CA LEU B 536 0.18 -12.70 -21.45
C LEU B 536 -0.69 -13.79 -20.81
N LEU B 537 -1.82 -13.42 -20.23
CA LEU B 537 -2.74 -14.40 -19.66
C LEU B 537 -3.25 -15.40 -20.70
N ARG B 538 -3.39 -14.98 -21.95
CA ARG B 538 -3.78 -15.89 -23.00
C ARG B 538 -2.74 -17.01 -23.17
N TRP B 539 -1.49 -16.74 -22.82
CA TRP B 539 -0.47 -17.75 -23.03
C TRP B 539 -0.26 -18.58 -21.76
N THR B 540 -1.19 -18.46 -20.82
CA THR B 540 -1.17 -19.28 -19.64
C THR B 540 -2.49 -19.99 -19.40
N SER B 541 -2.43 -21.02 -18.58
CA SER B 541 -3.60 -21.77 -18.14
C SER B 541 -3.60 -21.88 -16.63
N ALA B 542 -4.33 -21.00 -15.98
CA ALA B 542 -4.29 -20.96 -14.53
C ALA B 542 -5.02 -22.14 -13.91
N ARG B 543 -4.47 -22.69 -12.84
CA ARG B 543 -5.17 -23.67 -12.03
C ARG B 543 -5.14 -23.24 -10.57
N SER B 544 -6.18 -23.59 -9.83
CA SER B 544 -6.15 -23.39 -8.38
C SER B 544 -5.66 -24.64 -7.69
N ILE B 545 -4.88 -24.46 -6.63
CA ILE B 545 -4.46 -25.55 -5.75
C ILE B 545 -5.03 -25.29 -4.38
N LYS B 546 -5.71 -26.27 -3.81
CA LYS B 546 -6.20 -26.15 -2.45
C LYS B 546 -5.67 -27.28 -1.58
N GLU B 547 -5.10 -26.96 -0.45
CA GLU B 547 -4.78 -27.97 0.52
C GLU B 547 -5.64 -27.76 1.76
N THR B 548 -6.23 -28.82 2.27
CA THR B 548 -6.96 -28.76 3.51
C THR B 548 -6.18 -29.46 4.60
N PHE B 549 -5.99 -28.81 5.75
CA PHE B 549 -5.09 -29.34 6.77
C PHE B 549 -5.75 -30.42 7.63
N VAL B 550 -7.00 -30.20 8.03
CA VAL B 550 -7.77 -31.20 8.77
C VAL B 550 -9.17 -31.41 8.17
N ALA B 551 -9.24 -32.17 7.08
CA ALA B 551 -10.50 -32.38 6.37
C ALA B 551 -11.45 -33.31 7.13
N ALA B 552 -12.68 -33.40 6.67
CA ALA B 552 -13.71 -34.14 7.36
C ALA B 552 -13.43 -35.65 7.35
N THR B 553 -13.92 -36.33 8.36
CA THR B 553 -13.68 -37.76 8.48
C THR B 553 -15.01 -38.50 8.59
N ASP B 554 -16.09 -37.77 8.39
CA ASP B 554 -17.43 -38.31 8.38
C ASP B 554 -18.24 -37.55 7.34
N HIS B 555 -18.92 -38.27 6.47
CA HIS B 555 -19.61 -37.63 5.36
C HIS B 555 -20.97 -37.04 5.73
N ILE B 556 -21.49 -37.40 6.91
CA ILE B 556 -22.81 -36.95 7.34
C ILE B 556 -22.86 -35.43 7.47
N TYR B 557 -23.97 -34.83 7.04
CA TYR B 557 -24.16 -33.40 7.18
C TYR B 557 -25.05 -33.09 8.37
N PRO B 558 -24.85 -31.93 9.02
CA PRO B 558 -25.68 -31.54 10.16
C PRO B 558 -27.20 -31.63 9.92
N HIS B 559 -27.70 -31.30 8.74
CA HIS B 559 -29.14 -31.26 8.51
C HIS B 559 -29.78 -32.64 8.56
N MET B 560 -28.96 -33.66 8.45
CA MET B 560 -29.44 -35.04 8.41
C MET B 560 -29.80 -35.58 9.78
N ALA B 561 -29.41 -34.88 10.84
CA ALA B 561 -29.70 -35.34 12.19
C ALA B 561 -31.20 -35.39 12.49
N VAL B 562 -31.61 -36.35 13.31
CA VAL B 562 -33.01 -36.55 13.67
C VAL B 562 -33.70 -35.31 14.23
N HIS C 20 8.32 21.25 22.36
CA HIS C 20 7.89 19.91 22.02
C HIS C 20 7.60 19.79 20.51
N MET C 21 6.91 18.73 20.13
CA MET C 21 6.61 18.42 18.73
C MET C 21 5.44 17.43 18.67
N ASP C 22 4.44 17.72 17.84
CA ASP C 22 3.39 16.75 17.62
C ASP C 22 3.35 16.38 16.14
N ALA C 23 3.87 15.19 15.85
CA ALA C 23 4.09 14.74 14.47
C ALA C 23 4.53 13.30 14.36
N ILE C 24 4.20 12.71 13.22
CA ILE C 24 4.81 11.48 12.75
C ILE C 24 5.54 11.85 11.46
N THR C 25 6.84 12.05 11.56
CA THR C 25 7.61 12.59 10.46
C THR C 25 8.20 11.51 9.57
N GLN C 26 8.49 11.89 8.32
CA GLN C 26 9.20 11.07 7.35
C GLN C 26 10.61 11.60 7.13
N VAL C 27 11.59 10.73 6.94
CA VAL C 27 12.91 11.18 6.54
C VAL C 27 12.97 11.30 5.02
N PRO C 28 13.93 12.07 4.52
CA PRO C 28 14.03 12.14 3.06
C PRO C 28 14.33 10.79 2.46
N VAL C 29 13.82 10.55 1.27
CA VAL C 29 14.02 9.27 0.62
C VAL C 29 15.42 9.22 0.01
N PRO C 30 16.17 8.15 0.30
CA PRO C 30 17.52 8.02 -0.25
C PRO C 30 17.54 7.50 -1.67
N ALA C 31 18.55 7.96 -2.41
CA ALA C 31 18.92 7.39 -3.69
C ALA C 31 20.44 7.35 -3.73
N ASN C 32 21.00 6.41 -4.47
CA ASN C 32 22.45 6.30 -4.57
C ASN C 32 23.07 7.57 -5.11
N GLU C 33 24.18 7.98 -4.53
CA GLU C 33 24.90 9.13 -5.01
C GLU C 33 25.55 8.80 -6.35
N PRO C 34 25.40 9.69 -7.32
CA PRO C 34 26.03 9.53 -8.63
C PRO C 34 27.57 9.54 -8.54
N VAL C 35 28.19 8.74 -9.39
CA VAL C 35 29.63 8.63 -9.47
C VAL C 35 30.18 9.59 -10.53
N HIS C 36 31.02 10.54 -10.12
CA HIS C 36 31.67 11.43 -11.07
C HIS C 36 32.83 10.74 -11.77
N ASP C 37 33.09 11.16 -13.00
CA ASP C 37 34.04 10.50 -13.85
C ASP C 37 35.46 11.07 -13.82
N TYR C 38 35.59 12.36 -13.49
CA TYR C 38 36.87 13.08 -13.46
C TYR C 38 37.60 12.98 -14.80
N ALA C 39 36.83 12.98 -15.87
CA ALA C 39 37.36 12.95 -17.22
C ALA C 39 38.09 14.24 -17.49
N PRO C 40 39.02 14.24 -18.46
CA PRO C 40 39.76 15.45 -18.83
C PRO C 40 38.87 16.67 -19.02
N LYS C 41 39.32 17.80 -18.49
CA LYS C 41 38.66 19.09 -18.62
C LYS C 41 37.35 19.20 -17.83
N SER C 42 37.02 18.19 -17.03
CA SER C 42 35.86 18.28 -16.15
C SER C 42 36.19 19.17 -14.96
N PRO C 43 35.21 19.92 -14.47
CA PRO C 43 35.51 20.82 -13.36
C PRO C 43 35.86 20.09 -12.05
N GLU C 44 35.33 18.89 -11.81
CA GLU C 44 35.72 18.15 -10.61
C GLU C 44 37.17 17.64 -10.68
N ARG C 45 37.66 17.42 -11.89
CA ARG C 45 39.04 17.02 -12.06
C ARG C 45 39.97 18.18 -11.73
N THR C 46 39.50 19.39 -12.01
CA THR C 46 40.26 20.59 -11.65
C THR C 46 40.26 20.79 -10.14
N ARG C 47 39.11 20.62 -9.50
CA ARG C 47 39.03 20.74 -8.07
C ARG C 47 39.85 19.66 -7.36
N LEU C 48 39.87 18.45 -7.93
CA LEU C 48 40.63 17.35 -7.38
C LEU C 48 42.12 17.65 -7.33
N ARG C 49 42.65 18.24 -8.39
CA ARG C 49 44.07 18.55 -8.45
C ARG C 49 44.42 19.57 -7.38
N THR C 50 43.53 20.52 -7.15
CA THR C 50 43.74 21.51 -6.12
C THR C 50 43.86 20.85 -4.74
N GLU C 51 42.97 19.91 -4.43
CA GLU C 51 42.98 19.23 -3.16
C GLU C 51 44.15 18.27 -3.03
N LEU C 52 44.55 17.62 -4.12
CA LEU C 52 45.68 16.73 -4.09
C LEU C 52 46.97 17.49 -3.75
N ALA C 53 47.21 18.60 -4.42
CA ALA C 53 48.36 19.44 -4.16
C ALA C 53 48.35 19.96 -2.74
N SER C 54 47.18 20.36 -2.27
CA SER C 54 47.09 20.98 -0.97
C SER C 54 47.38 19.97 0.16
N LEU C 55 46.89 18.74 0.02
CA LEU C 55 47.13 17.75 1.06
C LEU C 55 48.56 17.20 1.00
N ALA C 56 49.09 17.07 -0.19
CA ALA C 56 50.40 16.48 -0.38
C ALA C 56 51.54 17.44 0.00
N ASP C 57 51.30 18.74 -0.16
CA ASP C 57 52.34 19.75 0.04
C ASP C 57 52.34 20.31 1.45
N HIS C 58 51.23 20.11 2.16
CA HIS C 58 51.12 20.61 3.52
C HIS C 58 50.67 19.54 4.49
N PRO C 59 51.58 18.62 4.82
CA PRO C 59 51.28 17.59 5.82
C PRO C 59 50.91 18.21 7.15
N ILE C 60 50.17 17.48 7.97
CA ILE C 60 49.65 18.01 9.22
C ILE C 60 49.76 17.05 10.38
N ASP C 61 49.64 17.61 11.58
CA ASP C 61 49.43 16.79 12.74
C ASP C 61 48.11 16.07 12.56
N LEU C 62 48.06 14.84 13.04
CA LEU C 62 46.86 14.03 13.00
C LEU C 62 46.57 13.64 14.43
N PRO C 63 45.77 14.44 15.11
CA PRO C 63 45.54 14.32 16.55
C PRO C 63 44.42 13.37 16.92
N HIS C 64 44.34 13.03 18.20
CA HIS C 64 43.15 12.42 18.73
C HIS C 64 42.07 13.49 18.82
N VAL C 65 40.82 13.07 18.69
CA VAL C 65 39.68 13.94 18.90
C VAL C 65 38.82 13.39 20.04
N ILE C 66 38.94 14.02 21.19
CA ILE C 66 38.38 13.52 22.43
C ILE C 66 37.55 14.63 23.07
N GLY C 67 36.28 14.36 23.32
CA GLY C 67 35.36 15.39 23.78
C GLY C 67 35.40 16.63 22.92
N GLY C 68 35.61 16.47 21.62
CA GLY C 68 35.68 17.60 20.72
C GLY C 68 37.01 18.32 20.72
N ARG C 69 37.90 17.97 21.65
CA ARG C 69 39.22 18.56 21.68
C ARG C 69 40.23 17.83 20.80
N HIS C 70 40.86 18.55 19.88
CA HIS C 70 41.88 17.96 19.03
C HIS C 70 43.25 18.18 19.63
N ARG C 71 43.94 17.09 19.98
CA ARG C 71 45.26 17.17 20.61
C ARG C 71 46.13 15.98 20.28
N MET C 72 47.40 16.24 20.03
CA MET C 72 48.41 15.18 20.00
C MET C 72 48.58 14.64 21.41
N GLY C 73 48.88 13.36 21.54
CA GLY C 73 49.12 12.75 22.83
C GLY C 73 50.61 12.57 23.09
N ASP C 74 50.94 11.82 24.13
CA ASP C 74 52.33 11.58 24.51
C ASP C 74 52.92 10.33 23.89
N GLY C 75 52.11 9.58 23.16
CA GLY C 75 52.58 8.34 22.55
C GLY C 75 53.56 8.58 21.42
N GLU C 76 54.11 7.51 20.87
CA GLU C 76 55.13 7.69 19.87
C GLU C 76 54.56 8.25 18.57
N ARG C 77 55.37 9.08 17.92
CA ARG C 77 55.01 9.67 16.63
C ARG C 77 55.18 8.68 15.49
N ILE C 78 54.12 8.51 14.72
CA ILE C 78 54.12 7.62 13.58
C ILE C 78 53.76 8.42 12.34
N ASP C 79 54.47 8.23 11.25
CA ASP C 79 54.18 8.96 10.04
C ASP C 79 53.11 8.29 9.17
N VAL C 80 52.26 9.09 8.56
CA VAL C 80 51.35 8.58 7.55
C VAL C 80 51.89 9.01 6.20
N VAL C 81 52.16 8.06 5.31
CA VAL C 81 52.84 8.38 4.06
C VAL C 81 52.05 7.96 2.82
N GLN C 82 52.53 8.40 1.65
CA GLN C 82 51.95 7.96 0.41
C GLN C 82 52.50 6.57 0.07
N PRO C 83 51.64 5.55 0.04
CA PRO C 83 52.15 4.20 -0.17
C PRO C 83 52.90 4.08 -1.50
N HIS C 84 52.42 4.78 -2.52
CA HIS C 84 53.04 4.81 -3.84
C HIS C 84 54.28 5.71 -3.92
N ARG C 85 54.53 6.48 -2.86
CA ARG C 85 55.69 7.35 -2.79
C ARG C 85 56.05 7.50 -1.34
N HIS C 86 56.57 6.44 -0.73
CA HIS C 86 56.62 6.35 0.73
C HIS C 86 57.60 7.30 1.42
N ALA C 87 58.47 7.96 0.67
CA ALA C 87 59.27 9.05 1.22
C ALA C 87 58.49 10.32 1.51
N ALA C 88 57.27 10.43 0.98
CA ALA C 88 56.49 11.67 1.14
C ALA C 88 55.47 11.54 2.26
N ARG C 89 55.60 12.40 3.26
CA ARG C 89 54.75 12.36 4.43
C ARG C 89 53.41 13.06 4.18
N LEU C 90 52.33 12.53 4.73
CA LEU C 90 51.05 13.20 4.63
C LEU C 90 50.70 13.80 5.95
N GLY C 91 51.25 13.22 7.00
CA GLY C 91 50.91 13.63 8.34
C GLY C 91 51.61 12.81 9.39
N THR C 92 51.44 13.20 10.64
CA THR C 92 52.05 12.47 11.75
C THR C 92 51.03 12.32 12.87
N LEU C 93 50.85 11.10 13.34
CA LEU C 93 49.95 10.87 14.44
C LEU C 93 50.71 10.44 15.67
N THR C 94 50.05 10.48 16.82
CA THR C 94 50.62 9.88 18.01
C THR C 94 49.89 8.61 18.37
N ASN C 95 50.66 7.60 18.72
CA ASN C 95 50.11 6.32 19.12
C ASN C 95 49.41 6.49 20.46
N ALA C 96 48.14 6.13 20.52
CA ALA C 96 47.35 6.42 21.72
C ALA C 96 47.88 5.69 22.93
N THR C 97 47.86 6.37 24.07
CA THR C 97 48.21 5.77 25.33
C THR C 97 46.98 5.32 26.04
N HIS C 98 47.19 4.61 27.15
CA HIS C 98 46.12 4.19 28.02
C HIS C 98 45.34 5.38 28.53
N ALA C 99 46.05 6.46 28.85
CA ALA C 99 45.38 7.68 29.30
C ALA C 99 44.59 8.33 28.16
N ASP C 100 45.07 8.25 26.93
CA ASP C 100 44.30 8.74 25.79
C ASP C 100 43.00 7.94 25.65
N ALA C 101 43.15 6.62 25.71
CA ALA C 101 42.02 5.73 25.55
C ALA C 101 41.03 5.89 26.69
N ALA C 102 41.51 5.95 27.92
CA ALA C 102 40.65 6.18 29.08
C ALA C 102 39.86 7.47 28.96
N ALA C 103 40.53 8.52 28.52
CA ALA C 103 39.88 9.80 28.30
C ALA C 103 38.82 9.72 27.21
N ALA C 104 39.10 8.93 26.18
CA ALA C 104 38.16 8.73 25.07
C ALA C 104 36.89 8.09 25.56
N VAL C 105 37.03 7.09 26.42
CA VAL C 105 35.89 6.42 27.02
C VAL C 105 35.12 7.37 27.92
N GLU C 106 35.80 8.17 28.74
CA GLU C 106 35.10 9.10 29.61
C GLU C 106 34.30 10.13 28.83
N ALA C 107 34.85 10.58 27.71
CA ALA C 107 34.18 11.58 26.87
C ALA C 107 32.91 11.01 26.25
N ALA C 108 32.98 9.79 25.75
CA ALA C 108 31.82 9.12 25.19
C ALA C 108 30.72 8.91 26.23
N MET C 109 31.07 8.44 27.41
CA MET C 109 30.08 8.23 28.47
C MET C 109 29.50 9.55 28.93
N SER C 110 30.28 10.60 28.81
CA SER C 110 29.87 11.90 29.30
C SER C 110 28.90 12.57 28.32
N ALA C 111 29.06 12.28 27.03
CA ALA C 111 28.25 12.88 25.99
C ALA C 111 26.96 12.10 25.76
N LYS C 112 26.89 10.90 26.33
CA LYS C 112 25.83 9.95 26.06
C LYS C 112 24.44 10.48 26.36
N SER C 113 24.28 11.10 27.52
CA SER C 113 22.97 11.49 27.99
C SER C 113 22.32 12.54 27.10
N ASP C 114 23.03 13.60 26.77
CA ASP C 114 22.46 14.61 25.89
C ASP C 114 22.24 14.09 24.47
N TRP C 115 23.06 13.15 24.04
CA TRP C 115 22.98 12.63 22.67
C TRP C 115 21.79 11.69 22.49
N ALA C 116 21.63 10.75 23.40
CA ALA C 116 20.49 9.85 23.34
C ALA C 116 19.20 10.62 23.54
N ALA C 117 19.25 11.69 24.32
CA ALA C 117 18.05 12.46 24.62
C ALA C 117 17.55 13.23 23.41
N LEU C 118 18.44 13.54 22.47
CA LEU C 118 18.03 14.17 21.21
C LEU C 118 17.02 13.30 20.50
N PRO C 119 15.99 13.91 19.92
CA PRO C 119 15.03 13.16 19.11
C PRO C 119 15.74 12.50 17.96
N PHE C 120 15.26 11.35 17.50
CA PHE C 120 15.83 10.69 16.34
C PHE C 120 16.10 11.65 15.17
N ASP C 121 15.12 12.50 14.87
CA ASP C 121 15.22 13.40 13.72
C ASP C 121 16.43 14.31 13.79
N GLU C 122 16.77 14.76 14.99
CA GLU C 122 17.91 15.65 15.16
C GLU C 122 19.23 14.88 15.03
N ARG C 123 19.30 13.67 15.55
CA ARG C 123 20.49 12.88 15.35
C ARG C 123 20.62 12.52 13.88
N ALA C 124 19.49 12.26 13.23
CA ALA C 124 19.52 11.87 11.84
C ALA C 124 20.00 13.01 10.95
N ALA C 125 19.62 14.24 11.28
CA ALA C 125 19.98 15.39 10.47
C ALA C 125 21.48 15.61 10.40
N VAL C 126 22.20 15.24 11.44
CA VAL C 126 23.64 15.35 11.46
C VAL C 126 24.24 14.56 10.32
N PHE C 127 23.77 13.33 10.14
CA PHE C 127 24.33 12.45 9.14
C PHE C 127 23.81 12.76 7.74
N LEU C 128 22.57 13.21 7.65
CA LEU C 128 22.05 13.75 6.41
C LEU C 128 22.82 15.00 5.99
N ARG C 129 23.14 15.86 6.94
CA ARG C 129 23.90 17.06 6.60
C ARG C 129 25.33 16.70 6.19
N ALA C 130 25.87 15.65 6.82
CA ALA C 130 27.21 15.21 6.50
C ALA C 130 27.25 14.64 5.09
N ALA C 131 26.28 13.81 4.75
CA ALA C 131 26.17 13.28 3.40
C ALA C 131 26.14 14.39 2.34
N ASP C 132 25.35 15.42 2.58
CA ASP C 132 25.25 16.53 1.64
C ASP C 132 26.55 17.33 1.58
N LEU C 133 27.16 17.57 2.74
CA LEU C 133 28.46 18.21 2.78
C LEU C 133 29.49 17.43 1.99
N LEU C 134 29.52 16.12 2.20
CA LEU C 134 30.43 15.23 1.48
C LEU C 134 30.08 15.21 -0.01
N ALA C 135 28.80 15.29 -0.36
CA ALA C 135 28.42 15.30 -1.77
C ALA C 135 28.86 16.57 -2.49
N GLY C 136 28.93 17.67 -1.76
CA GLY C 136 29.26 18.95 -2.36
C GLY C 136 30.62 19.53 -2.02
N PRO C 137 30.66 20.42 -1.03
CA PRO C 137 31.85 21.17 -0.64
C PRO C 137 33.05 20.34 -0.15
N TRP C 138 32.82 19.14 0.38
CA TRP C 138 33.89 18.34 0.94
C TRP C 138 34.34 17.21 0.02
N ARG C 139 33.66 17.09 -1.11
CA ARG C 139 33.79 15.92 -1.98
C ARG C 139 35.23 15.62 -2.40
N GLU C 140 35.88 16.56 -3.06
CA GLU C 140 37.18 16.26 -3.62
C GLU C 140 38.28 16.16 -2.56
N LYS C 141 38.14 16.90 -1.46
CA LYS C 141 39.09 16.81 -0.37
C LYS C 141 39.11 15.42 0.31
N ILE C 142 37.93 14.84 0.52
CA ILE C 142 37.87 13.52 1.13
C ILE C 142 38.36 12.49 0.12
N ALA C 143 38.03 12.70 -1.14
CA ALA C 143 38.50 11.80 -2.18
C ALA C 143 40.02 11.85 -2.36
N ALA C 144 40.58 13.06 -2.36
CA ALA C 144 42.03 13.21 -2.47
C ALA C 144 42.77 12.61 -1.28
N ALA C 145 42.23 12.80 -0.08
CA ALA C 145 42.86 12.27 1.12
C ALA C 145 42.88 10.76 1.08
N THR C 146 41.85 10.18 0.51
CA THR C 146 41.77 8.74 0.36
C THR C 146 42.71 8.24 -0.74
N MET C 147 42.78 8.97 -1.85
CA MET C 147 43.76 8.68 -2.90
C MET C 147 45.18 8.70 -2.37
N LEU C 148 45.51 9.71 -1.59
CA LEU C 148 46.88 9.93 -1.18
C LEU C 148 47.32 8.94 -0.10
N GLY C 149 46.45 8.67 0.85
CA GLY C 149 46.80 7.83 1.97
C GLY C 149 46.68 6.35 1.69
N GLN C 150 45.70 5.96 0.88
CA GLN C 150 45.41 4.55 0.69
C GLN C 150 45.86 4.08 -0.68
N SER C 151 46.49 4.98 -1.41
CA SER C 151 46.89 4.75 -2.79
C SER C 151 45.74 4.27 -3.67
N LYS C 152 44.65 5.02 -3.68
CA LYS C 152 43.56 4.77 -4.61
C LYS C 152 43.61 5.69 -5.82
N SER C 153 43.28 5.16 -6.98
CA SER C 153 42.99 5.99 -8.13
C SER C 153 41.75 6.83 -7.80
N VAL C 154 41.51 7.87 -8.57
CA VAL C 154 40.40 8.74 -8.27
C VAL C 154 39.07 7.97 -8.39
N TYR C 155 38.96 7.03 -9.33
CA TYR C 155 37.76 6.23 -9.44
C TYR C 155 37.54 5.38 -8.19
N GLN C 156 38.58 4.70 -7.72
CA GLN C 156 38.46 3.89 -6.52
C GLN C 156 38.11 4.73 -5.29
N ALA C 157 38.63 5.96 -5.22
CA ALA C 157 38.28 6.89 -4.15
C ALA C 157 36.84 7.40 -4.25
N GLU C 158 36.41 7.73 -5.46
CA GLU C 158 35.08 8.28 -5.68
C GLU C 158 33.98 7.28 -5.31
N ILE C 159 34.15 6.02 -5.67
CA ILE C 159 33.15 5.04 -5.33
C ILE C 159 33.18 4.64 -3.87
N ASP C 160 34.29 4.95 -3.18
CA ASP C 160 34.44 4.58 -1.78
C ASP C 160 34.21 5.76 -0.87
N ALA C 161 35.17 6.68 -0.82
CA ALA C 161 35.19 7.75 0.16
C ALA C 161 34.02 8.72 0.00
N VAL C 162 33.55 8.86 -1.22
CA VAL C 162 32.45 9.75 -1.55
C VAL C 162 31.11 8.99 -1.60
N CYS C 163 30.91 8.19 -2.65
CA CYS C 163 29.62 7.59 -2.95
C CYS C 163 29.13 6.58 -1.93
N GLU C 164 29.98 5.67 -1.48
CA GLU C 164 29.56 4.66 -0.54
C GLU C 164 29.34 5.24 0.86
N LEU C 165 30.14 6.22 1.26
CA LEU C 165 29.99 6.82 2.58
C LEU C 165 28.72 7.68 2.63
N ILE C 166 28.47 8.43 1.57
CA ILE C 166 27.23 9.16 1.44
C ILE C 166 26.01 8.23 1.47
N ASP C 167 26.08 7.15 0.70
CA ASP C 167 25.00 6.19 0.67
C ASP C 167 24.76 5.56 2.03
N PHE C 168 25.84 5.17 2.71
CA PHE C 168 25.72 4.65 4.07
C PHE C 168 24.94 5.60 4.97
N TRP C 169 25.26 6.88 4.93
CA TRP C 169 24.61 7.83 5.81
C TRP C 169 23.13 8.02 5.44
N ARG C 170 22.85 8.33 4.19
CA ARG C 170 21.48 8.52 3.73
C ARG C 170 20.64 7.24 3.87
N PHE C 171 21.20 6.10 3.49
CA PHE C 171 20.45 4.87 3.59
C PHE C 171 20.31 4.39 5.04
N ASN C 172 21.31 4.60 5.88
CA ASN C 172 21.14 4.21 7.28
C ASN C 172 20.06 5.01 7.98
N VAL C 173 19.99 6.31 7.71
CA VAL C 173 18.89 7.12 8.20
C VAL C 173 17.52 6.54 7.78
N ALA C 174 17.38 6.12 6.54
CA ALA C 174 16.14 5.51 6.08
C ALA C 174 15.86 4.18 6.75
N PHE C 175 16.87 3.32 6.85
CA PHE C 175 16.74 2.04 7.55
C PHE C 175 16.29 2.22 8.99
N ALA C 176 16.89 3.19 9.66
CA ALA C 176 16.59 3.48 11.04
C ALA C 176 15.14 3.91 11.21
N ARG C 177 14.66 4.74 10.28
CA ARG C 177 13.30 5.26 10.36
C ARG C 177 12.31 4.14 10.08
N GLN C 178 12.71 3.23 9.23
CA GLN C 178 11.93 2.04 8.91
C GLN C 178 11.80 1.14 10.12
N ILE C 179 12.87 1.04 10.89
CA ILE C 179 12.89 0.25 12.10
C ILE C 179 11.99 0.81 13.21
N LEU C 180 12.04 2.11 13.42
CA LEU C 180 11.26 2.76 14.47
C LEU C 180 9.79 2.53 14.27
N GLU C 181 9.45 2.25 13.02
CA GLU C 181 8.10 2.11 12.53
C GLU C 181 7.58 0.66 12.66
N GLN C 182 8.45 -0.29 12.95
CA GLN C 182 8.01 -1.69 13.09
C GLN C 182 7.30 -1.88 14.43
N GLN C 183 5.98 -2.05 14.38
CA GLN C 183 5.20 -2.01 15.61
C GLN C 183 4.27 -3.20 15.74
N PRO C 184 3.86 -3.53 16.97
CA PRO C 184 3.12 -4.77 17.16
C PRO C 184 1.62 -4.61 17.02
N ILE C 185 0.93 -5.72 17.19
CA ILE C 185 -0.52 -5.80 17.13
C ILE C 185 -1.13 -5.43 18.48
N SER C 186 -2.13 -4.56 18.49
CA SER C 186 -2.86 -4.31 19.73
C SER C 186 -4.18 -5.06 19.79
N GLY C 187 -4.28 -5.98 20.74
CA GLY C 187 -5.53 -6.68 20.97
C GLY C 187 -6.59 -5.77 21.56
N PRO C 188 -7.82 -6.28 21.69
CA PRO C 188 -8.86 -5.48 22.34
C PRO C 188 -8.53 -5.22 23.79
N GLY C 189 -8.78 -4.00 24.24
CA GLY C 189 -8.58 -3.64 25.63
C GLY C 189 -7.17 -3.23 26.00
N GLU C 190 -6.31 -3.08 25.01
CA GLU C 190 -4.91 -2.85 25.27
C GLU C 190 -4.24 -2.07 24.15
N TRP C 191 -3.02 -1.62 24.43
CA TRP C 191 -2.18 -0.90 23.49
C TRP C 191 -0.74 -1.41 23.65
N ASN C 192 -0.19 -1.99 22.61
CA ASN C 192 1.18 -2.44 22.63
C ASN C 192 2.05 -1.55 21.74
N ARG C 193 3.25 -1.27 22.20
CA ARG C 193 4.18 -0.46 21.42
C ARG C 193 5.57 -1.01 21.58
N ILE C 194 6.44 -0.71 20.63
CA ILE C 194 7.85 -1.05 20.78
C ILE C 194 8.72 0.20 20.86
N ASP C 195 9.62 0.21 21.83
CA ASP C 195 10.57 1.28 22.04
C ASP C 195 11.97 0.77 21.70
N TYR C 196 12.62 1.39 20.73
CA TYR C 196 13.94 0.96 20.29
C TYR C 196 15.05 1.75 21.01
N ARG C 197 15.41 1.25 22.18
CA ARG C 197 16.37 1.89 23.06
C ARG C 197 17.78 1.82 22.51
N PRO C 198 18.58 2.83 22.80
CA PRO C 198 20.02 2.71 22.55
C PRO C 198 20.67 1.75 23.56
N LEU C 199 21.93 1.39 23.36
CA LEU C 199 22.62 0.49 24.27
C LEU C 199 23.09 1.26 25.51
N ASP C 200 23.49 0.54 26.55
CA ASP C 200 24.16 1.19 27.69
C ASP C 200 25.64 1.11 27.49
N GLY C 201 26.35 2.16 27.85
CA GLY C 201 27.78 2.15 27.65
C GLY C 201 28.16 2.35 26.20
N PHE C 202 29.45 2.30 25.92
CA PHE C 202 29.96 2.78 24.66
C PHE C 202 30.20 1.69 23.63
N VAL C 203 30.33 2.11 22.38
CA VAL C 203 30.67 1.22 21.31
C VAL C 203 32.08 1.52 20.85
N TYR C 204 32.81 0.45 20.61
CA TYR C 204 34.20 0.52 20.20
C TYR C 204 34.28 0.15 18.72
N ALA C 205 34.62 1.12 17.88
CA ALA C 205 34.74 0.91 16.44
C ALA C 205 36.20 0.83 16.01
N ILE C 206 36.51 -0.19 15.24
CA ILE C 206 37.88 -0.46 14.77
C ILE C 206 37.80 -0.67 13.28
N THR C 207 38.47 0.15 12.49
CA THR C 207 38.20 0.16 11.06
C THR C 207 39.43 -0.14 10.21
N PRO C 208 39.24 -0.62 8.98
CA PRO C 208 40.39 -1.07 8.20
C PRO C 208 40.97 -0.02 7.26
N PHE C 209 42.00 -0.40 6.51
CA PHE C 209 42.64 0.54 5.61
C PHE C 209 41.87 0.65 4.31
N ASN C 210 41.15 -0.42 3.98
CA ASN C 210 40.60 -0.66 2.66
C ASN C 210 39.62 0.39 2.13
N PHE C 211 38.80 0.94 3.02
CA PHE C 211 37.70 1.80 2.62
C PHE C 211 37.46 2.93 3.58
N THR C 212 37.50 4.14 3.08
CA THR C 212 37.14 5.31 3.88
C THR C 212 35.67 5.21 4.28
N SER C 213 34.85 4.62 3.41
CA SER C 213 33.41 4.48 3.70
C SER C 213 33.16 3.59 4.91
N ILE C 214 33.77 2.42 4.94
CA ILE C 214 33.65 1.53 6.10
C ILE C 214 34.18 2.25 7.33
N ALA C 215 35.31 2.92 7.17
CA ALA C 215 35.90 3.67 8.24
C ALA C 215 34.93 4.70 8.81
N GLY C 216 34.20 5.39 7.95
CA GLY C 216 33.26 6.37 8.43
C GLY C 216 31.97 5.79 8.96
N ASN C 217 31.53 4.67 8.39
CA ASN C 217 30.27 4.07 8.77
C ASN C 217 30.30 3.29 10.09
N LEU C 218 31.35 2.55 10.39
CA LEU C 218 31.36 1.74 11.61
C LEU C 218 31.18 2.53 12.92
N PRO C 219 31.78 3.74 13.04
CA PRO C 219 31.45 4.51 14.23
C PRO C 219 30.16 5.31 14.11
N THR C 220 29.76 5.69 12.91
CA THR C 220 28.58 6.55 12.83
C THR C 220 27.26 5.77 12.90
N ALA C 221 27.22 4.54 12.41
CA ALA C 221 25.97 3.77 12.42
C ALA C 221 25.41 3.54 13.84
N PRO C 222 26.23 3.09 14.81
CA PRO C 222 25.68 3.08 16.17
C PRO C 222 25.39 4.46 16.77
N ALA C 223 26.14 5.48 16.39
CA ALA C 223 25.84 6.83 16.89
C ALA C 223 24.42 7.27 16.52
N LEU C 224 24.04 7.02 15.27
CA LEU C 224 22.72 7.37 14.78
C LEU C 224 21.61 6.83 15.67
N MET C 225 21.79 5.64 16.22
CA MET C 225 20.79 5.04 17.06
C MET C 225 20.83 5.54 18.50
N GLY C 226 21.69 6.51 18.80
CA GLY C 226 21.73 7.10 20.12
C GLY C 226 22.88 6.66 20.98
N ASN C 227 23.85 6.00 20.40
CA ASN C 227 25.02 5.55 21.13
C ASN C 227 26.20 6.50 21.01
N THR C 228 27.16 6.38 21.93
CA THR C 228 28.41 7.09 21.79
C THR C 228 29.54 6.09 21.58
N VAL C 229 30.67 6.57 21.08
CA VAL C 229 31.61 5.71 20.39
C VAL C 229 33.05 6.15 20.60
N ILE C 230 33.96 5.20 20.68
CA ILE C 230 35.36 5.47 20.43
C ILE C 230 35.79 4.80 19.14
N TRP C 231 36.56 5.51 18.34
CA TRP C 231 36.87 5.09 16.99
C TRP C 231 38.39 5.03 16.81
N LYS C 232 38.90 3.84 16.50
CA LYS C 232 40.30 3.71 16.21
C LYS C 232 40.50 3.33 14.75
N PRO C 233 40.94 4.28 13.95
CA PRO C 233 41.12 3.95 12.54
C PRO C 233 42.46 3.30 12.27
N SER C 234 42.54 2.67 11.11
CA SER C 234 43.78 2.12 10.60
C SER C 234 44.78 3.26 10.36
N ILE C 235 46.03 3.05 10.73
CA ILE C 235 47.07 4.07 10.62
C ILE C 235 47.19 4.63 9.19
N THR C 236 47.19 3.77 8.19
CA THR C 236 47.34 4.22 6.81
C THR C 236 46.09 4.89 6.23
N GLN C 237 45.01 4.94 7.00
CA GLN C 237 43.76 5.54 6.55
C GLN C 237 43.47 6.83 7.32
N THR C 238 44.38 7.17 8.23
CA THR C 238 44.11 8.17 9.26
C THR C 238 44.00 9.60 8.72
N LEU C 239 44.61 9.90 7.59
CA LEU C 239 44.38 11.20 6.97
C LEU C 239 42.91 11.38 6.61
N ALA C 240 42.35 10.45 5.85
CA ALA C 240 40.92 10.45 5.54
C ALA C 240 40.06 10.37 6.80
N ALA C 241 40.50 9.59 7.79
CA ALA C 241 39.72 9.45 9.00
C ALA C 241 39.62 10.78 9.75
N TYR C 242 40.74 11.46 9.89
CA TYR C 242 40.76 12.75 10.58
C TYR C 242 39.90 13.79 9.87
N LEU C 243 39.96 13.82 8.55
CA LEU C 243 39.14 14.75 7.79
C LEU C 243 37.65 14.40 7.85
N THR C 244 37.32 13.11 7.83
CA THR C 244 35.98 12.63 8.06
C THR C 244 35.43 13.15 9.39
N MET C 245 36.28 13.14 10.39
CA MET C 245 35.91 13.63 11.70
C MET C 245 35.61 15.13 11.67
N GLN C 246 36.39 15.89 10.90
CA GLN C 246 36.18 17.32 10.77
C GLN C 246 34.87 17.61 10.07
N LEU C 247 34.56 16.77 9.08
CA LEU C 247 33.32 16.87 8.33
C LEU C 247 32.11 16.67 9.24
N LEU C 248 32.14 15.62 10.05
CA LEU C 248 31.04 15.34 10.96
C LEU C 248 30.87 16.49 11.97
N GLU C 249 31.96 17.10 12.39
CA GLU C 249 31.88 18.22 13.30
C GLU C 249 31.24 19.40 12.59
N ALA C 250 31.57 19.57 11.32
CA ALA C 250 31.00 20.65 10.55
C ALA C 250 29.52 20.37 10.27
N ALA C 251 29.14 19.10 10.33
CA ALA C 251 27.75 18.73 10.15
C ALA C 251 26.99 18.93 11.45
N GLY C 252 27.72 19.14 12.54
CA GLY C 252 27.08 19.40 13.81
C GLY C 252 27.05 18.24 14.80
N LEU C 253 27.97 17.30 14.65
CA LEU C 253 28.12 16.24 15.61
C LEU C 253 28.57 16.83 16.93
N PRO C 254 27.82 16.59 18.00
CA PRO C 254 28.21 17.12 19.31
C PRO C 254 29.51 16.50 19.81
N PRO C 255 30.28 17.25 20.60
CA PRO C 255 31.57 16.76 21.10
C PRO C 255 31.41 15.53 21.96
N GLY C 256 32.32 14.57 21.78
CA GLY C 256 32.31 13.37 22.58
C GLY C 256 31.41 12.24 22.12
N VAL C 257 30.57 12.48 21.10
CA VAL C 257 29.70 11.45 20.59
C VAL C 257 30.53 10.40 19.86
N ILE C 258 31.53 10.87 19.13
CA ILE C 258 32.53 10.00 18.53
C ILE C 258 33.91 10.52 18.90
N ASN C 259 34.75 9.63 19.40
CA ASN C 259 36.07 10.02 19.84
C ASN C 259 37.13 9.27 19.06
N LEU C 260 37.96 10.00 18.36
CA LEU C 260 38.96 9.42 17.50
C LEU C 260 40.26 9.17 18.25
N VAL C 261 40.69 7.93 18.33
CA VAL C 261 42.03 7.68 18.84
C VAL C 261 42.86 6.96 17.79
N THR C 262 44.02 7.52 17.50
CA THR C 262 44.88 7.03 16.45
C THR C 262 45.93 6.06 16.98
N GLY C 263 46.57 5.31 16.07
CA GLY C 263 47.62 4.39 16.43
C GLY C 263 47.38 2.93 16.09
N ASP C 264 48.13 2.04 16.73
CA ASP C 264 48.02 0.60 16.43
C ASP C 264 46.89 -0.09 17.19
N GLY C 265 46.27 0.62 18.13
CA GLY C 265 45.13 0.13 18.87
C GLY C 265 45.34 -0.75 20.09
N PHE C 266 46.58 -1.08 20.40
CA PHE C 266 46.86 -2.04 21.46
C PHE C 266 46.46 -1.47 22.81
N ALA C 267 46.83 -0.23 23.08
CA ALA C 267 46.50 0.39 24.36
C ALA C 267 45.02 0.74 24.44
N VAL C 268 44.42 1.11 23.33
CA VAL C 268 42.98 1.35 23.25
C VAL C 268 42.23 0.09 23.66
N SER C 269 42.55 -1.05 23.06
CA SER C 269 41.92 -2.31 23.43
C SER C 269 42.15 -2.69 24.89
N ASP C 270 43.34 -2.43 25.42
CA ASP C 270 43.62 -2.69 26.83
C ASP C 270 42.61 -1.95 27.69
N VAL C 271 42.41 -0.67 27.40
CA VAL C 271 41.48 0.14 28.16
C VAL C 271 40.02 -0.24 27.90
N ALA C 272 39.66 -0.35 26.62
CA ALA C 272 38.28 -0.52 26.25
C ALA C 272 37.73 -1.88 26.65
N LEU C 273 38.47 -2.94 26.36
CA LEU C 273 38.02 -4.28 26.69
C LEU C 273 38.05 -4.57 28.19
N ALA C 274 38.60 -3.65 28.97
CA ALA C 274 38.66 -3.85 30.41
C ALA C 274 37.60 -3.03 31.11
N ASP C 275 36.94 -2.17 30.35
CA ASP C 275 35.94 -1.29 30.91
C ASP C 275 34.59 -2.01 30.94
N PRO C 276 33.98 -2.08 32.12
CA PRO C 276 32.71 -2.79 32.28
C PRO C 276 31.55 -2.14 31.52
N ARG C 277 31.77 -1.00 30.90
CA ARG C 277 30.70 -0.32 30.19
C ARG C 277 30.75 -0.57 28.69
N LEU C 278 31.65 -1.44 28.25
CA LEU C 278 31.76 -1.76 26.84
C LEU C 278 30.48 -2.41 26.30
N ALA C 279 29.76 -1.71 25.44
CA ALA C 279 28.49 -2.22 24.93
C ALA C 279 28.66 -3.12 23.70
N GLY C 280 29.71 -2.90 22.93
CA GLY C 280 29.95 -3.70 21.77
C GLY C 280 31.12 -3.23 20.94
N ILE C 281 31.43 -4.01 19.91
CA ILE C 281 32.57 -3.75 19.05
C ILE C 281 32.12 -3.85 17.60
N HIS C 282 32.39 -2.80 16.85
CA HIS C 282 32.08 -2.73 15.43
C HIS C 282 33.40 -2.74 14.67
N PHE C 283 33.69 -3.84 14.00
CA PHE C 283 35.00 -4.02 13.42
C PHE C 283 34.99 -4.78 12.11
N THR C 284 36.16 -5.01 11.58
CA THR C 284 36.37 -6.04 10.60
C THR C 284 37.50 -6.96 11.12
N GLY C 285 37.62 -8.15 10.56
CA GLY C 285 38.64 -9.09 11.00
C GLY C 285 38.42 -10.50 10.51
N SER C 286 39.46 -11.31 10.61
CA SER C 286 39.41 -12.72 10.23
C SER C 286 38.54 -13.54 11.18
N THR C 287 38.28 -14.79 10.80
CA THR C 287 37.52 -15.72 11.63
C THR C 287 38.18 -15.91 12.98
N ALA C 288 39.50 -16.01 12.96
CA ALA C 288 40.28 -16.15 14.17
C ALA C 288 40.07 -14.96 15.11
N THR C 289 40.04 -13.75 14.54
CA THR C 289 39.87 -12.54 15.33
C THR C 289 38.49 -12.56 15.98
N PHE C 290 37.50 -13.08 15.26
CA PHE C 290 36.17 -13.28 15.83
C PHE C 290 36.20 -14.26 17.01
N GLY C 291 36.82 -15.41 16.77
CA GLY C 291 36.95 -16.45 17.78
C GLY C 291 37.62 -15.95 19.03
N HIS C 292 38.71 -15.21 18.86
CA HIS C 292 39.45 -14.63 19.97
C HIS C 292 38.58 -13.70 20.85
N LEU C 293 37.92 -12.76 20.20
CA LEU C 293 37.01 -11.87 20.86
C LEU C 293 35.89 -12.63 21.54
N TRP C 294 35.33 -13.62 20.84
CA TRP C 294 34.28 -14.46 21.39
C TRP C 294 34.75 -15.13 22.68
N GLN C 295 35.96 -15.66 22.64
CA GLN C 295 36.52 -16.36 23.79
C GLN C 295 36.82 -15.39 24.92
N TRP C 296 37.40 -14.25 24.58
CA TRP C 296 37.65 -13.21 25.58
C TRP C 296 36.37 -12.80 26.30
N VAL C 297 35.40 -12.34 25.52
CA VAL C 297 34.18 -11.81 26.06
C VAL C 297 33.42 -12.86 26.86
N GLY C 298 33.38 -14.07 26.33
CA GLY C 298 32.69 -15.16 26.99
C GLY C 298 33.31 -15.51 28.32
N THR C 299 34.63 -15.67 28.32
CA THR C 299 35.35 -15.98 29.53
C THR C 299 35.19 -14.86 30.56
N ASN C 300 35.16 -13.63 30.06
CA ASN C 300 35.08 -12.48 30.95
C ASN C 300 33.71 -11.82 31.04
N ILE C 301 32.65 -12.56 30.76
CA ILE C 301 31.31 -11.98 30.65
C ILE C 301 30.81 -11.37 31.96
N GLY C 302 31.29 -11.89 33.09
CA GLY C 302 30.89 -11.37 34.37
C GLY C 302 31.43 -9.98 34.64
N ARG C 303 32.40 -9.55 33.84
CA ARG C 303 33.01 -8.25 34.03
C ARG C 303 32.20 -7.13 33.36
N TYR C 304 31.31 -7.46 32.43
CA TYR C 304 30.60 -6.41 31.73
C TYR C 304 29.18 -6.19 32.25
N HIS C 305 28.77 -4.93 32.33
CA HIS C 305 27.39 -4.60 32.68
C HIS C 305 26.39 -5.16 31.67
N SER C 306 26.74 -5.04 30.39
CA SER C 306 25.94 -5.57 29.30
C SER C 306 26.68 -6.68 28.58
N TYR C 307 25.95 -7.51 27.85
CA TYR C 307 26.58 -8.52 27.04
C TYR C 307 27.16 -7.86 25.80
N PRO C 308 28.48 -7.87 25.65
CA PRO C 308 29.06 -7.16 24.52
C PRO C 308 28.58 -7.70 23.19
N ARG C 309 28.32 -6.82 22.26
CA ARG C 309 27.86 -7.24 20.95
C ARG C 309 29.00 -7.15 19.95
N LEU C 310 29.36 -8.27 19.34
CA LEU C 310 30.43 -8.27 18.37
C LEU C 310 29.86 -8.27 16.97
N VAL C 311 30.07 -7.19 16.25
CA VAL C 311 29.45 -7.00 14.96
C VAL C 311 30.51 -6.64 13.95
N GLY C 312 30.62 -7.46 12.93
CA GLY C 312 31.64 -7.22 11.95
C GLY C 312 31.55 -8.05 10.69
N GLU C 313 32.58 -7.93 9.88
CA GLU C 313 32.66 -8.62 8.64
C GLU C 313 34.08 -9.05 8.41
N THR C 314 34.23 -10.02 7.53
CA THR C 314 35.45 -10.74 7.24
C THR C 314 35.89 -10.38 5.82
N GLY C 315 37.15 -10.64 5.49
CA GLY C 315 37.61 -10.49 4.12
C GLY C 315 37.52 -11.79 3.36
N GLY C 316 37.92 -11.79 2.10
CA GLY C 316 37.85 -13.02 1.33
C GLY C 316 38.69 -12.96 0.09
N LYS C 317 38.66 -14.05 -0.68
CA LYS C 317 39.23 -14.08 -2.02
C LYS C 317 38.21 -14.73 -2.94
N ASP C 318 38.10 -14.21 -4.15
CA ASP C 318 36.95 -14.49 -4.99
C ASP C 318 37.29 -15.28 -6.23
N PHE C 319 36.25 -15.85 -6.86
CA PHE C 319 36.44 -16.65 -8.05
C PHE C 319 35.50 -16.27 -9.19
N VAL C 320 35.94 -16.58 -10.41
CA VAL C 320 35.14 -16.42 -11.60
C VAL C 320 35.24 -17.72 -12.40
N VAL C 321 34.09 -18.25 -12.82
CA VAL C 321 34.09 -19.39 -13.72
C VAL C 321 33.45 -18.95 -15.03
N ALA C 322 34.14 -19.21 -16.12
CA ALA C 322 33.64 -18.89 -17.45
C ALA C 322 33.24 -20.15 -18.19
N HIS C 323 31.95 -20.24 -18.51
CA HIS C 323 31.39 -21.31 -19.31
C HIS C 323 31.87 -21.15 -20.74
N ALA C 324 31.71 -22.17 -21.57
CA ALA C 324 32.13 -22.05 -22.96
C ALA C 324 31.30 -20.98 -23.71
N SER C 325 30.13 -20.65 -23.20
CA SER C 325 29.30 -19.62 -23.81
C SER C 325 29.59 -18.21 -23.30
N ALA C 326 30.63 -18.05 -22.50
CA ALA C 326 31.01 -16.73 -22.01
C ALA C 326 31.40 -15.78 -23.14
N ARG C 327 31.00 -14.53 -23.04
CA ARG C 327 31.52 -13.50 -23.92
C ARG C 327 32.95 -13.18 -23.51
N PRO C 328 33.90 -13.38 -24.43
CA PRO C 328 35.33 -13.23 -24.11
C PRO C 328 35.72 -11.84 -23.61
N ASP C 329 35.19 -10.79 -24.21
CA ASP C 329 35.55 -9.42 -23.83
C ASP C 329 34.98 -9.05 -22.48
N VAL C 330 33.81 -9.58 -22.16
CA VAL C 330 33.22 -9.38 -20.85
C VAL C 330 34.03 -10.09 -19.77
N LEU C 331 34.42 -11.34 -20.05
CA LEU C 331 35.25 -12.12 -19.15
C LEU C 331 36.61 -11.45 -18.89
N ARG C 332 37.30 -11.10 -19.97
CA ARG C 332 38.57 -10.41 -19.88
C ARG C 332 38.48 -9.14 -19.04
N THR C 333 37.44 -8.35 -19.28
CA THR C 333 37.28 -7.10 -18.57
C THR C 333 36.96 -7.35 -17.11
N ALA C 334 36.15 -8.37 -16.86
CA ALA C 334 35.76 -8.72 -15.51
C ALA C 334 36.95 -9.23 -14.69
N LEU C 335 37.87 -9.93 -15.34
CA LEU C 335 39.03 -10.48 -14.66
C LEU C 335 40.04 -9.40 -14.35
N ILE C 336 40.34 -8.54 -15.32
CA ILE C 336 41.22 -7.41 -15.12
C ILE C 336 40.73 -6.52 -13.99
N ARG C 337 39.46 -6.11 -14.02
CA ARG C 337 38.95 -5.19 -13.01
C ARG C 337 38.76 -5.91 -11.69
N GLY C 338 38.28 -7.14 -11.74
CA GLY C 338 38.07 -7.90 -10.54
C GLY C 338 39.35 -8.21 -9.78
N ALA C 339 40.43 -8.43 -10.51
CA ALA C 339 41.69 -8.79 -9.87
C ALA C 339 42.60 -7.60 -9.63
N PHE C 340 42.46 -6.53 -10.41
CA PHE C 340 43.46 -5.48 -10.35
C PHE C 340 42.93 -4.08 -9.97
N ASP C 341 41.61 -3.92 -9.81
CA ASP C 341 41.08 -2.70 -9.21
C ASP C 341 41.71 -2.55 -7.84
N TYR C 342 42.16 -1.35 -7.51
CA TYR C 342 42.82 -1.06 -6.26
C TYR C 342 43.88 -2.12 -5.89
N GLN C 343 44.64 -2.54 -6.89
CA GLN C 343 45.75 -3.45 -6.69
C GLN C 343 45.35 -4.74 -5.92
N GLY C 344 44.11 -5.18 -6.09
CA GLY C 344 43.60 -6.36 -5.44
C GLY C 344 43.33 -6.20 -3.95
N GLN C 345 43.08 -4.98 -3.49
CA GLN C 345 43.08 -4.73 -2.06
C GLN C 345 41.74 -4.33 -1.48
N LYS C 346 40.68 -4.66 -2.17
CA LYS C 346 39.36 -4.46 -1.60
C LYS C 346 39.15 -5.53 -0.53
N CME C 347 37.98 -5.54 0.09
CA CME C 347 37.68 -6.50 1.11
CB CME C 347 36.28 -6.34 1.73
SG CME C 347 36.09 -4.85 2.62
SD CME C 347 37.68 -4.73 3.97
CE CME C 347 37.13 -5.46 5.46
CZ CME C 347 37.38 -6.95 5.45
OH CME C 347 38.78 -7.08 5.50
C CME C 347 37.87 -7.93 0.58
O CME C 347 38.24 -8.86 1.29
N SER C 348 37.63 -8.07 -0.72
CA SER C 348 38.00 -9.27 -1.45
C SER C 348 38.35 -8.87 -2.87
N ALA C 349 38.98 -9.77 -3.59
CA ALA C 349 39.33 -9.54 -4.99
C ALA C 349 39.31 -10.87 -5.70
N VAL C 350 39.24 -10.86 -7.02
CA VAL C 350 39.29 -12.10 -7.77
C VAL C 350 40.70 -12.68 -7.77
N SER C 351 40.85 -13.90 -7.29
CA SER C 351 42.15 -14.55 -7.22
C SER C 351 42.23 -15.78 -8.12
N ARG C 352 41.08 -16.40 -8.36
CA ARG C 352 41.02 -17.62 -9.12
C ARG C 352 39.99 -17.54 -10.24
N ALA C 353 40.44 -17.77 -11.45
CA ALA C 353 39.55 -17.88 -12.58
C ALA C 353 39.58 -19.31 -13.14
N PHE C 354 38.41 -19.81 -13.51
CA PHE C 354 38.32 -21.11 -14.15
C PHE C 354 37.71 -20.88 -15.53
N ILE C 355 38.51 -21.09 -16.57
CA ILE C 355 38.09 -20.69 -17.91
C ILE C 355 38.06 -21.89 -18.86
N ALA C 356 36.94 -22.03 -19.55
CA ALA C 356 36.78 -23.03 -20.58
C ALA C 356 37.84 -22.85 -21.64
N HIS C 357 38.39 -23.97 -22.08
CA HIS C 357 39.47 -24.01 -23.02
C HIS C 357 39.20 -23.17 -24.28
N SER C 358 38.03 -23.32 -24.88
CA SER C 358 37.77 -22.60 -26.13
C SER C 358 37.64 -21.11 -25.88
N VAL C 359 37.24 -20.74 -24.67
CA VAL C 359 37.13 -19.34 -24.35
C VAL C 359 38.54 -18.79 -24.12
N TRP C 360 39.40 -19.60 -23.53
CA TRP C 360 40.77 -19.18 -23.29
C TRP C 360 41.53 -18.99 -24.60
N GLN C 361 41.23 -19.81 -25.60
CA GLN C 361 41.89 -19.69 -26.88
C GLN C 361 41.60 -18.33 -27.48
N ARG C 362 40.45 -17.77 -27.11
CA ARG C 362 40.00 -16.53 -27.73
C ARG C 362 40.35 -15.25 -26.97
N MET C 363 40.59 -15.32 -25.67
CA MET C 363 40.90 -14.11 -24.94
C MET C 363 42.13 -14.24 -24.05
N GLY C 364 42.77 -15.40 -24.06
CA GLY C 364 43.92 -15.67 -23.22
C GLY C 364 45.09 -14.73 -23.46
N ASP C 365 45.49 -14.59 -24.70
CA ASP C 365 46.57 -13.70 -25.07
C ASP C 365 46.26 -12.25 -24.78
N GLU C 366 45.01 -11.86 -24.99
CA GLU C 366 44.60 -10.49 -24.76
C GLU C 366 44.63 -10.16 -23.28
N LEU C 367 44.25 -11.11 -22.46
CA LEU C 367 44.27 -10.89 -21.02
C LEU C 367 45.69 -10.61 -20.56
N LEU C 368 46.65 -11.40 -21.05
CA LEU C 368 48.03 -11.30 -20.62
C LEU C 368 48.64 -10.01 -21.10
N ALA C 369 48.36 -9.65 -22.34
CA ALA C 369 48.87 -8.41 -22.89
C ALA C 369 48.31 -7.21 -22.14
N LYS C 370 47.02 -7.22 -21.84
CA LYS C 370 46.42 -6.07 -21.16
C LYS C 370 47.00 -5.92 -19.78
N ALA C 371 47.13 -7.04 -19.08
CA ALA C 371 47.71 -7.07 -17.74
C ALA C 371 49.14 -6.53 -17.70
N ALA C 372 49.93 -6.83 -18.72
CA ALA C 372 51.30 -6.38 -18.79
C ALA C 372 51.39 -4.89 -19.06
N GLU C 373 50.39 -4.35 -19.76
CA GLU C 373 50.35 -2.94 -20.12
C GLU C 373 49.72 -2.06 -19.05
N LEU C 374 48.98 -2.68 -18.14
CA LEU C 374 48.28 -1.98 -17.08
C LEU C 374 49.23 -1.18 -16.20
N ARG C 375 48.92 0.08 -15.99
CA ARG C 375 49.82 0.97 -15.29
C ARG C 375 49.50 1.15 -13.80
N TYR C 376 50.48 0.81 -12.96
CA TYR C 376 50.46 1.15 -11.55
C TYR C 376 51.52 2.18 -11.30
N GLY C 377 51.15 3.30 -10.69
CA GLY C 377 52.09 4.36 -10.42
C GLY C 377 51.56 5.33 -9.39
N ASP C 378 52.15 6.51 -9.36
CA ASP C 378 51.70 7.63 -8.54
C ASP C 378 50.27 8.00 -8.95
N ILE C 379 49.31 7.88 -8.04
CA ILE C 379 47.92 8.09 -8.43
C ILE C 379 47.55 9.57 -8.54
N THR C 380 48.51 10.47 -8.30
CA THR C 380 48.29 11.87 -8.63
C THR C 380 48.46 12.05 -10.15
N ASP C 381 49.07 11.07 -10.80
CA ASP C 381 48.97 10.94 -12.24
C ASP C 381 47.70 10.15 -12.54
N LEU C 382 46.68 10.84 -13.03
CA LEU C 382 45.37 10.23 -13.21
C LEU C 382 45.30 9.27 -14.40
N SER C 383 46.34 9.20 -15.21
CA SER C 383 46.36 8.23 -16.28
C SER C 383 46.66 6.80 -15.79
N ASN C 384 47.24 6.66 -14.60
CA ASN C 384 47.47 5.34 -14.02
C ASN C 384 46.15 4.62 -13.70
N TYR C 385 46.14 3.31 -13.92
CA TYR C 385 45.01 2.48 -13.57
C TYR C 385 44.90 2.37 -12.06
N GLY C 386 46.04 2.20 -11.42
CA GLY C 386 46.09 2.09 -9.98
C GLY C 386 47.41 2.50 -9.37
N GLY C 387 47.57 2.19 -8.10
CA GLY C 387 48.70 2.63 -7.32
C GLY C 387 49.52 1.50 -6.74
N ALA C 388 49.90 1.64 -5.49
CA ALA C 388 50.75 0.66 -4.84
C ALA C 388 50.01 -0.07 -3.73
N LEU C 389 50.64 -1.09 -3.17
CA LEU C 389 50.12 -1.73 -1.97
C LEU C 389 50.23 -0.80 -0.78
N ILE C 390 49.42 -1.08 0.23
CA ILE C 390 49.19 -0.14 1.31
C ILE C 390 50.40 0.08 2.24
N ASP C 391 51.20 -0.94 2.50
CA ASP C 391 52.40 -0.76 3.31
C ASP C 391 53.44 -1.87 3.12
N GLN C 392 54.54 -1.78 3.87
CA GLN C 392 55.64 -2.72 3.77
C GLN C 392 55.21 -4.15 4.05
N ARG C 393 54.42 -4.33 5.09
CA ARG C 393 53.97 -5.65 5.48
C ARG C 393 53.14 -6.31 4.39
N ALA C 394 52.23 -5.57 3.80
CA ALA C 394 51.42 -6.13 2.73
C ALA C 394 52.29 -6.43 1.52
N PHE C 395 53.31 -5.61 1.29
CA PHE C 395 54.27 -5.85 0.21
C PHE C 395 55.03 -7.17 0.38
N VAL C 396 55.46 -7.46 1.60
CA VAL C 396 56.23 -8.67 1.89
C VAL C 396 55.41 -9.93 1.67
N LYS C 397 54.16 -9.91 2.09
CA LYS C 397 53.28 -11.04 1.86
C LYS C 397 53.09 -11.33 0.37
N ASN C 398 53.04 -10.28 -0.45
CA ASN C 398 52.95 -10.47 -1.89
C ASN C 398 54.22 -11.05 -2.46
N VAL C 399 55.36 -10.52 -2.03
CA VAL C 399 56.63 -11.05 -2.48
C VAL C 399 56.76 -12.53 -2.13
N ASP C 400 56.37 -12.90 -0.93
CA ASP C 400 56.43 -14.30 -0.53
C ASP C 400 55.53 -15.13 -1.43
N ALA C 401 54.37 -14.60 -1.78
CA ALA C 401 53.43 -15.34 -2.61
C ALA C 401 53.92 -15.49 -4.05
N ILE C 402 54.52 -14.44 -4.60
CA ILE C 402 55.08 -14.53 -5.94
C ILE C 402 56.23 -15.54 -6.01
N GLU C 403 57.12 -15.52 -5.02
CA GLU C 403 58.25 -16.44 -5.05
C GLU C 403 57.80 -17.87 -4.87
N ARG C 404 56.82 -18.08 -4.01
CA ARG C 404 56.23 -19.39 -3.82
C ARG C 404 55.63 -19.94 -5.12
N ALA C 405 54.93 -19.11 -5.87
CA ALA C 405 54.38 -19.52 -7.16
C ALA C 405 55.49 -19.92 -8.13
N LYS C 406 56.57 -19.14 -8.16
CA LYS C 406 57.72 -19.45 -8.98
C LYS C 406 58.29 -20.82 -8.65
N GLY C 407 58.28 -21.18 -7.37
CA GLY C 407 58.85 -22.44 -6.93
C GLY C 407 57.95 -23.65 -7.17
N ALA C 408 56.65 -23.47 -6.96
CA ALA C 408 55.70 -24.56 -7.08
C ALA C 408 55.57 -25.08 -8.51
N ALA C 409 55.57 -26.41 -8.64
CA ALA C 409 55.48 -27.08 -9.93
C ALA C 409 54.12 -26.90 -10.58
N ALA C 410 53.09 -26.76 -9.76
CA ALA C 410 51.74 -26.66 -10.27
C ALA C 410 51.50 -25.36 -11.03
N VAL C 411 52.30 -24.35 -10.71
CA VAL C 411 52.04 -22.98 -11.13
C VAL C 411 53.18 -22.39 -11.95
N THR C 412 52.85 -21.64 -13.00
CA THR C 412 53.86 -20.82 -13.68
C THR C 412 53.41 -19.36 -13.75
N VAL C 413 54.37 -18.45 -13.86
CA VAL C 413 54.06 -17.03 -14.02
C VAL C 413 53.92 -16.68 -15.48
N ALA C 414 52.70 -16.34 -15.90
CA ALA C 414 52.43 -16.08 -17.31
C ALA C 414 52.75 -14.64 -17.74
N VAL C 415 52.40 -13.67 -16.90
CA VAL C 415 52.85 -12.28 -17.03
C VAL C 415 53.01 -11.67 -15.66
N GLY C 416 53.69 -10.54 -15.60
CA GLY C 416 53.92 -9.85 -14.35
C GLY C 416 54.83 -10.60 -13.40
N GLY C 417 54.57 -10.44 -12.11
CA GLY C 417 55.37 -11.04 -11.07
C GLY C 417 56.44 -10.11 -10.52
N GLU C 418 56.69 -8.98 -11.16
CA GLU C 418 57.75 -8.10 -10.70
C GLU C 418 57.31 -7.28 -9.51
N TYR C 419 58.25 -6.96 -8.64
CA TYR C 419 57.98 -6.20 -7.45
C TYR C 419 59.16 -5.29 -7.08
N ASP C 420 58.86 -4.12 -6.53
CA ASP C 420 59.85 -3.07 -6.35
C ASP C 420 59.39 -2.07 -5.30
N ASP C 421 60.06 -2.08 -4.16
CA ASP C 421 59.67 -1.18 -3.08
C ASP C 421 60.62 -0.01 -2.89
N SER C 422 61.41 0.31 -3.92
CA SER C 422 62.40 1.37 -3.77
C SER C 422 61.76 2.79 -3.68
N GLU C 423 60.60 2.96 -4.30
CA GLU C 423 59.88 4.24 -4.28
C GLU C 423 58.49 4.18 -3.66
N GLY C 424 57.72 3.15 -4.03
CA GLY C 424 56.43 2.88 -3.44
C GLY C 424 56.35 1.37 -3.27
N TYR C 425 55.30 0.86 -2.65
CA TYR C 425 55.15 -0.60 -2.48
C TYR C 425 54.50 -1.22 -3.72
N PHE C 426 55.22 -1.19 -4.83
CA PHE C 426 54.68 -1.61 -6.11
C PHE C 426 54.87 -3.07 -6.45
N VAL C 427 53.76 -3.71 -6.75
CA VAL C 427 53.73 -5.06 -7.30
C VAL C 427 52.98 -5.03 -8.61
N ARG C 428 53.54 -5.55 -9.68
CA ARG C 428 52.87 -5.54 -10.97
C ARG C 428 51.69 -6.52 -11.01
N PRO C 429 50.72 -6.28 -11.90
CA PRO C 429 49.62 -7.22 -12.13
C PRO C 429 50.16 -8.55 -12.63
N THR C 430 49.72 -9.62 -12.00
CA THR C 430 50.31 -10.91 -12.22
C THR C 430 49.29 -11.97 -12.54
N VAL C 431 49.54 -12.72 -13.60
CA VAL C 431 48.68 -13.82 -13.99
C VAL C 431 49.46 -15.11 -13.88
N LEU C 432 48.98 -16.01 -13.04
CA LEU C 432 49.57 -17.31 -12.89
C LEU C 432 48.77 -18.35 -13.67
N LEU C 433 49.45 -19.31 -14.25
CA LEU C 433 48.80 -20.41 -14.94
C LEU C 433 48.95 -21.67 -14.13
N SER C 434 47.83 -22.31 -13.80
CA SER C 434 47.85 -23.49 -12.97
C SER C 434 47.30 -24.69 -13.75
N ASP C 435 48.09 -25.75 -13.79
CA ASP C 435 47.78 -26.96 -14.53
C ASP C 435 46.59 -27.69 -13.96
N ASP C 436 46.47 -27.66 -12.64
CA ASP C 436 45.35 -28.29 -11.98
C ASP C 436 44.54 -27.19 -11.30
N PRO C 437 43.26 -27.46 -10.98
CA PRO C 437 42.43 -26.50 -10.25
C PRO C 437 43.16 -25.85 -9.09
N THR C 438 43.11 -24.53 -9.04
CA THR C 438 43.92 -23.73 -8.12
C THR C 438 43.47 -23.89 -6.66
N ASP C 439 44.41 -24.33 -5.84
CA ASP C 439 44.17 -24.54 -4.42
C ASP C 439 43.96 -23.21 -3.71
N GLU C 440 42.83 -23.08 -3.02
CA GLU C 440 42.44 -21.81 -2.43
C GLU C 440 43.36 -21.36 -1.31
N SER C 441 43.98 -22.31 -0.62
CA SER C 441 44.80 -21.99 0.55
C SER C 441 45.96 -21.07 0.22
N PHE C 442 46.38 -21.07 -1.04
CA PHE C 442 47.52 -20.29 -1.48
C PHE C 442 47.18 -18.83 -1.77
N VAL C 443 45.94 -18.56 -2.15
CA VAL C 443 45.57 -17.21 -2.55
C VAL C 443 45.13 -16.31 -1.40
N ILE C 444 45.06 -16.86 -0.19
CA ILE C 444 44.53 -16.07 0.92
C ILE C 444 45.59 -15.45 1.83
N GLU C 445 46.86 -15.75 1.58
CA GLU C 445 47.91 -15.27 2.49
C GLU C 445 48.49 -13.92 2.06
N TYR C 446 47.77 -13.23 1.19
CA TYR C 446 48.18 -11.92 0.72
C TYR C 446 46.96 -11.20 0.17
N PHE C 447 47.05 -9.89 0.04
CA PHE C 447 46.16 -9.13 -0.81
C PHE C 447 46.98 -8.33 -1.79
N GLY C 448 46.74 -8.56 -3.06
CA GLY C 448 47.50 -7.93 -4.12
C GLY C 448 46.97 -8.32 -5.49
N PRO C 449 47.64 -7.86 -6.54
CA PRO C 449 47.23 -8.07 -7.93
C PRO C 449 47.71 -9.40 -8.48
N LEU C 450 47.27 -10.50 -7.89
CA LEU C 450 47.70 -11.82 -8.29
C LEU C 450 46.51 -12.68 -8.69
N LEU C 451 46.39 -12.95 -9.99
CA LEU C 451 45.28 -13.71 -10.51
C LEU C 451 45.72 -15.08 -11.03
N SER C 452 45.12 -16.14 -10.51
CA SER C 452 45.42 -17.49 -11.00
C SER C 452 44.36 -18.00 -11.96
N VAL C 453 44.82 -18.53 -13.09
CA VAL C 453 43.95 -19.05 -14.11
C VAL C 453 44.11 -20.53 -14.22
N HIS C 454 42.99 -21.25 -14.21
CA HIS C 454 42.99 -22.63 -14.58
C HIS C 454 42.14 -22.85 -15.83
N VAL C 455 42.74 -23.40 -16.86
CA VAL C 455 42.02 -23.70 -18.08
C VAL C 455 41.50 -25.10 -18.01
N TYR C 456 40.19 -25.26 -18.09
CA TYR C 456 39.57 -26.58 -18.03
C TYR C 456 38.91 -26.87 -19.39
N PRO C 457 38.78 -28.15 -19.74
CA PRO C 457 38.16 -28.56 -21.01
C PRO C 457 36.68 -28.26 -21.03
N ASP C 458 36.18 -27.67 -22.12
CA ASP C 458 34.81 -27.20 -22.23
C ASP C 458 33.76 -28.14 -21.63
N GLU C 459 33.86 -29.43 -21.94
CA GLU C 459 32.83 -30.37 -21.56
C GLU C 459 32.86 -30.77 -20.08
N ARG C 460 33.83 -30.28 -19.32
CA ARG C 460 33.88 -30.62 -17.91
C ARG C 460 33.43 -29.48 -17.00
N TYR C 461 32.59 -28.60 -17.53
CA TYR C 461 31.97 -27.52 -16.76
C TYR C 461 31.36 -27.95 -15.44
N GLU C 462 30.57 -29.00 -15.44
CA GLU C 462 29.92 -29.43 -14.21
C GLU C 462 30.91 -29.97 -13.21
N GLN C 463 31.97 -30.61 -13.69
CA GLN C 463 33.00 -31.11 -12.79
C GLN C 463 33.80 -29.97 -12.14
N ILE C 464 34.08 -28.94 -12.92
CA ILE C 464 34.76 -27.77 -12.40
C ILE C 464 33.89 -26.98 -11.40
N LEU C 465 32.58 -27.07 -11.52
CA LEU C 465 31.71 -26.47 -10.51
C LEU C 465 31.80 -27.24 -9.18
N ASP C 466 31.91 -28.57 -9.24
CA ASP C 466 32.07 -29.39 -8.05
C ASP C 466 33.40 -29.09 -7.36
N VAL C 467 34.45 -28.94 -8.16
CA VAL C 467 35.77 -28.60 -7.66
C VAL C 467 35.74 -27.28 -6.90
N ILE C 468 35.06 -26.29 -7.45
CA ILE C 468 34.97 -24.99 -6.82
C ILE C 468 34.22 -25.08 -5.50
N ASP C 469 33.06 -25.70 -5.54
CA ASP C 469 32.25 -25.91 -4.34
C ASP C 469 33.01 -26.66 -3.26
N THR C 470 33.79 -27.65 -3.65
CA THR C 470 34.53 -28.49 -2.72
C THR C 470 35.71 -27.75 -2.12
N GLY C 471 36.30 -26.84 -2.88
CA GLY C 471 37.51 -26.18 -2.43
C GLY C 471 37.46 -24.67 -2.34
N SER C 472 36.34 -24.13 -1.88
CA SER C 472 36.30 -22.70 -1.66
C SER C 472 35.61 -22.41 -0.34
N ARG C 473 36.40 -22.07 0.65
CA ARG C 473 35.92 -21.82 1.99
C ARG C 473 35.95 -20.34 2.32
N TYR C 474 36.61 -19.57 1.46
CA TYR C 474 36.90 -18.19 1.79
C TYR C 474 36.43 -17.19 0.76
N ALA C 475 35.55 -17.61 -0.13
CA ALA C 475 35.05 -16.72 -1.17
C ALA C 475 33.90 -15.84 -0.67
N LEU C 476 34.08 -14.53 -0.75
CA LEU C 476 33.00 -13.61 -0.43
C LEU C 476 32.04 -13.54 -1.60
N THR C 477 32.61 -13.48 -2.80
CA THR C 477 31.79 -13.39 -4.00
C THR C 477 32.27 -14.34 -5.07
N GLY C 478 31.35 -14.75 -5.92
CA GLY C 478 31.66 -15.61 -7.04
C GLY C 478 30.90 -15.11 -8.25
N ALA C 479 31.33 -15.52 -9.44
CA ALA C 479 30.67 -15.06 -10.65
C ALA C 479 30.65 -16.15 -11.72
N VAL C 480 29.56 -16.19 -12.48
CA VAL C 480 29.55 -17.03 -13.65
C VAL C 480 29.49 -16.13 -14.88
N ILE C 481 30.29 -16.42 -15.88
CA ILE C 481 30.22 -15.70 -17.14
C ILE C 481 29.76 -16.72 -18.16
N ALA C 482 28.56 -16.49 -18.68
CA ALA C 482 27.85 -17.44 -19.53
C ALA C 482 26.61 -16.82 -20.16
N ASP C 483 26.49 -16.96 -21.47
CA ASP C 483 25.30 -16.51 -22.15
C ASP C 483 24.22 -17.58 -22.05
N ASP C 484 24.64 -18.83 -22.04
CA ASP C 484 23.72 -19.96 -22.01
C ASP C 484 22.94 -20.03 -20.70
N ARG C 485 21.62 -19.96 -20.77
CA ARG C 485 20.82 -19.85 -19.55
C ARG C 485 20.89 -21.09 -18.66
N GLN C 486 21.05 -22.27 -19.26
CA GLN C 486 21.19 -23.50 -18.49
C GLN C 486 22.50 -23.50 -17.70
N ALA C 487 23.56 -22.98 -18.31
CA ALA C 487 24.84 -22.86 -17.63
C ALA C 487 24.75 -21.91 -16.45
N VAL C 488 24.07 -20.77 -16.65
CA VAL C 488 23.87 -19.80 -15.58
C VAL C 488 23.12 -20.43 -14.42
N LEU C 489 22.04 -21.13 -14.72
CA LEU C 489 21.22 -21.71 -13.67
C LEU C 489 21.94 -22.82 -12.90
N THR C 490 22.61 -23.71 -13.62
CA THR C 490 23.44 -24.73 -13.00
C THR C 490 24.44 -24.12 -12.00
N ALA C 491 25.08 -23.04 -12.41
CA ALA C 491 26.02 -22.35 -11.55
C ALA C 491 25.31 -21.74 -10.32
N LEU C 492 24.15 -21.13 -10.51
CA LEU C 492 23.38 -20.62 -9.39
C LEU C 492 22.98 -21.72 -8.40
N ASP C 493 22.67 -22.92 -8.89
CA ASP C 493 22.32 -24.02 -8.00
C ASP C 493 23.57 -24.63 -7.37
N ARG C 494 24.49 -25.07 -8.19
CA ARG C 494 25.64 -25.83 -7.72
C ARG C 494 26.57 -25.04 -6.83
N LEU C 495 26.67 -23.73 -7.04
CA LEU C 495 27.59 -22.93 -6.27
C LEU C 495 26.85 -22.09 -5.23
N ARG C 496 25.59 -22.44 -5.00
CA ARG C 496 24.73 -21.72 -4.08
C ARG C 496 25.36 -21.41 -2.72
N PHE C 497 26.13 -22.34 -2.17
CA PHE C 497 26.72 -22.15 -0.86
C PHE C 497 28.22 -21.85 -0.93
N ALA C 498 28.74 -21.72 -2.14
CA ALA C 498 30.18 -21.56 -2.30
C ALA C 498 30.64 -20.13 -2.13
N ALA C 499 29.70 -19.20 -2.12
CA ALA C 499 29.99 -17.79 -1.98
C ALA C 499 28.77 -17.05 -1.48
N GLY C 500 29.00 -15.88 -0.91
CA GLY C 500 27.94 -15.14 -0.26
C GLY C 500 27.23 -14.15 -1.12
N ASN C 501 27.85 -13.72 -2.20
CA ASN C 501 27.18 -12.88 -3.17
C ASN C 501 27.64 -13.39 -4.52
N PHE C 502 26.70 -13.63 -5.44
CA PHE C 502 27.04 -14.27 -6.69
C PHE C 502 26.67 -13.37 -7.85
N TYR C 503 27.45 -13.45 -8.93
CA TYR C 503 27.29 -12.50 -10.03
C TYR C 503 27.17 -13.21 -11.36
N VAL C 504 26.31 -12.70 -12.22
CA VAL C 504 26.12 -13.27 -13.54
C VAL C 504 26.60 -12.28 -14.60
N ASN C 505 27.54 -12.71 -15.43
CA ASN C 505 28.11 -11.90 -16.50
C ASN C 505 28.60 -10.50 -16.09
N ASP C 506 29.31 -10.44 -14.97
CA ASP C 506 29.96 -9.21 -14.53
C ASP C 506 31.04 -9.56 -13.52
N LYS C 507 31.89 -8.61 -13.20
CA LYS C 507 32.90 -8.84 -12.18
C LYS C 507 32.23 -8.96 -10.82
N PRO C 508 32.64 -9.97 -10.05
CA PRO C 508 32.17 -10.10 -8.68
C PRO C 508 32.93 -9.13 -7.82
N THR C 509 32.22 -8.30 -7.09
CA THR C 509 32.88 -7.20 -6.42
C THR C 509 32.08 -6.59 -5.27
N GLY C 510 32.65 -5.57 -4.65
CA GLY C 510 32.01 -4.87 -3.57
C GLY C 510 30.68 -4.26 -3.95
N ALA C 511 29.70 -4.52 -3.09
CA ALA C 511 28.33 -4.08 -3.25
C ALA C 511 28.15 -2.57 -3.30
N VAL C 512 27.13 -2.15 -4.04
CA VAL C 512 26.59 -0.81 -3.94
C VAL C 512 25.54 -0.83 -2.84
N VAL C 513 25.49 0.21 -2.02
CA VAL C 513 24.58 0.23 -0.87
C VAL C 513 23.11 0.12 -1.27
N GLY C 514 22.41 -0.86 -0.70
CA GLY C 514 21.00 -1.06 -0.96
C GLY C 514 20.72 -1.92 -2.17
N ARG C 515 21.77 -2.39 -2.83
CA ARG C 515 21.61 -3.17 -4.05
C ARG C 515 22.13 -4.59 -3.90
N GLN C 516 23.31 -4.76 -3.32
CA GLN C 516 23.79 -6.11 -3.02
C GLN C 516 24.12 -6.28 -1.55
N PRO C 517 23.10 -6.28 -0.69
CA PRO C 517 23.38 -6.46 0.73
C PRO C 517 23.82 -7.87 1.09
N PHE C 518 24.15 -8.06 2.37
CA PHE C 518 24.47 -9.37 2.92
C PHE C 518 25.68 -10.00 2.23
N GLY C 519 25.76 -11.32 2.28
CA GLY C 519 26.92 -12.03 1.77
C GLY C 519 27.73 -12.75 2.82
N GLY C 520 29.05 -12.59 2.77
CA GLY C 520 29.96 -13.28 3.67
C GLY C 520 30.50 -14.55 3.06
N ALA C 521 31.59 -15.08 3.59
CA ALA C 521 32.15 -16.32 3.08
C ALA C 521 31.36 -17.50 3.62
N ARG C 522 31.60 -18.67 3.05
CA ARG C 522 30.87 -19.88 3.39
C ARG C 522 30.84 -20.16 4.89
N GLY C 523 29.63 -20.36 5.42
CA GLY C 523 29.45 -20.72 6.80
C GLY C 523 29.50 -19.57 7.79
N SER C 524 29.80 -18.37 7.30
CA SER C 524 29.92 -17.19 8.16
C SER C 524 28.58 -16.70 8.64
N ASP C 525 28.61 -15.89 9.69
CA ASP C 525 27.42 -15.34 10.32
C ASP C 525 27.52 -13.83 10.46
N THR C 526 27.44 -13.15 9.34
CA THR C 526 27.67 -11.72 9.33
C THR C 526 26.61 -10.96 8.54
N ASN C 527 25.41 -11.53 8.42
CA ASN C 527 24.33 -10.79 7.79
C ASN C 527 23.92 -9.52 8.52
N ASP C 528 24.42 -9.32 9.73
CA ASP C 528 24.05 -8.11 10.46
C ASP C 528 25.09 -7.02 10.23
N LYS C 529 25.97 -7.23 9.27
CA LYS C 529 26.95 -6.22 8.92
C LYS C 529 26.29 -5.03 8.23
N ALA C 530 27.11 -4.03 7.94
CA ALA C 530 26.62 -2.81 7.34
C ALA C 530 25.94 -3.09 5.99
N GLY C 531 24.92 -2.31 5.68
CA GLY C 531 24.29 -2.39 4.38
C GLY C 531 22.83 -2.74 4.40
N SER C 532 22.32 -3.12 5.58
CA SER C 532 20.90 -3.39 5.74
C SER C 532 20.44 -2.86 7.09
N PRO C 533 19.12 -2.81 7.33
CA PRO C 533 18.60 -2.43 8.65
C PRO C 533 19.07 -3.34 9.77
N LEU C 534 19.49 -4.56 9.46
CA LEU C 534 19.93 -5.48 10.50
C LEU C 534 21.09 -4.94 11.33
N ASN C 535 21.99 -4.18 10.70
CA ASN C 535 23.10 -3.60 11.42
C ASN C 535 22.65 -2.58 12.44
N LEU C 536 21.65 -1.79 12.11
CA LEU C 536 21.23 -0.74 13.02
C LEU C 536 20.47 -1.33 14.19
N LEU C 537 19.84 -2.48 14.00
CA LEU C 537 19.16 -3.14 15.09
C LEU C 537 20.14 -3.63 16.15
N ARG C 538 21.36 -4.00 15.75
CA ARG C 538 22.38 -4.39 16.72
C ARG C 538 22.69 -3.26 17.71
N TRP C 539 22.53 -2.01 17.29
CA TRP C 539 22.82 -0.88 18.15
C TRP C 539 21.57 -0.40 18.89
N THR C 540 20.52 -1.21 18.86
CA THR C 540 19.36 -0.93 19.68
C THR C 540 19.01 -2.10 20.55
N SER C 541 18.21 -1.81 21.57
CA SER C 541 17.65 -2.85 22.41
C SER C 541 16.16 -2.63 22.56
N ALA C 542 15.37 -3.44 21.87
CA ALA C 542 13.95 -3.21 21.80
C ALA C 542 13.21 -3.75 23.01
N ARG C 543 12.31 -2.94 23.55
CA ARG C 543 11.37 -3.41 24.56
C ARG C 543 9.94 -3.19 24.09
N SER C 544 9.04 -4.05 24.54
CA SER C 544 7.62 -3.86 24.33
C SER C 544 6.98 -3.16 25.51
N ILE C 545 6.11 -2.21 25.23
CA ILE C 545 5.29 -1.58 26.25
C ILE C 545 3.85 -2.01 26.08
N LYS C 546 3.26 -2.51 27.14
CA LYS C 546 1.86 -2.84 27.11
C LYS C 546 1.08 -2.05 28.16
N GLU C 547 0.02 -1.40 27.74
CA GLU C 547 -0.93 -0.82 28.65
C GLU C 547 -2.28 -1.51 28.46
N THR C 548 -2.83 -2.00 29.55
CA THR C 548 -4.16 -2.56 29.57
C THR C 548 -5.09 -1.49 30.13
N PHE C 549 -6.24 -1.30 29.49
CA PHE C 549 -7.10 -0.20 29.87
C PHE C 549 -8.00 -0.55 31.04
N VAL C 550 -8.53 -1.77 31.05
CA VAL C 550 -9.44 -2.24 32.10
C VAL C 550 -9.07 -3.65 32.55
N ALA C 551 -8.08 -3.74 33.42
CA ALA C 551 -7.51 -5.03 33.81
C ALA C 551 -8.38 -5.80 34.80
N ALA C 552 -8.16 -7.11 34.86
CA ALA C 552 -8.86 -7.99 35.79
C ALA C 552 -8.77 -7.51 37.22
N THR C 553 -9.84 -7.72 37.98
CA THR C 553 -9.90 -7.29 39.36
C THR C 553 -10.18 -8.46 40.26
N ASP C 554 -10.19 -9.65 39.66
CA ASP C 554 -10.34 -10.88 40.40
C ASP C 554 -9.35 -11.86 39.79
N HIS C 555 -8.73 -12.69 40.61
CA HIS C 555 -7.67 -13.53 40.12
C HIS C 555 -8.12 -14.91 39.71
N ILE C 556 -9.37 -15.25 40.00
CA ILE C 556 -9.87 -16.60 39.78
C ILE C 556 -10.15 -16.85 38.30
N TYR C 557 -9.89 -18.07 37.85
CA TYR C 557 -10.09 -18.46 36.46
C TYR C 557 -11.37 -19.27 36.23
N PRO C 558 -12.01 -19.08 35.08
CA PRO C 558 -13.25 -19.78 34.72
C PRO C 558 -13.23 -21.29 34.95
N HIS C 559 -12.09 -21.96 34.79
CA HIS C 559 -12.03 -23.40 34.98
C HIS C 559 -12.16 -23.83 36.44
N MET C 560 -12.03 -22.87 37.35
CA MET C 560 -11.99 -23.18 38.77
C MET C 560 -13.35 -23.31 39.43
N ALA C 561 -14.41 -22.89 38.75
CA ALA C 561 -15.76 -23.00 39.29
C ALA C 561 -16.16 -24.46 39.37
N VAL C 562 -17.22 -24.76 40.11
CA VAL C 562 -17.54 -26.14 40.43
C VAL C 562 -18.38 -26.84 39.35
N ASP C 563 -18.09 -28.14 39.15
CA ASP C 563 -18.78 -29.11 38.26
C ASP C 563 -18.03 -29.32 36.96
N HIS D 20 6.43 -28.69 -11.20
CA HIS D 20 6.77 -27.28 -11.24
C HIS D 20 5.58 -26.43 -10.78
N MET D 21 5.73 -25.10 -10.88
CA MET D 21 4.79 -24.14 -10.32
C MET D 21 5.17 -22.74 -10.78
N ASP D 22 4.24 -22.02 -11.39
CA ASP D 22 4.53 -20.64 -11.79
C ASP D 22 3.67 -19.65 -11.04
N ALA D 23 4.21 -19.10 -9.96
CA ALA D 23 3.43 -18.26 -9.08
C ALA D 23 4.28 -17.45 -8.13
N ILE D 24 3.67 -16.41 -7.59
CA ILE D 24 4.17 -15.69 -6.44
C ILE D 24 3.10 -15.83 -5.38
N THR D 25 3.21 -16.87 -4.55
CA THR D 25 2.16 -17.21 -3.60
C THR D 25 2.15 -16.42 -2.30
N GLN D 26 1.01 -16.43 -1.63
CA GLN D 26 0.83 -15.82 -0.32
C GLN D 26 0.62 -16.93 0.69
N VAL D 27 1.05 -16.73 1.94
CA VAL D 27 0.68 -17.65 3.00
C VAL D 27 -0.59 -17.16 3.67
N PRO D 28 -1.35 -18.05 4.31
CA PRO D 28 -2.47 -17.61 5.14
C PRO D 28 -2.08 -16.54 6.17
N VAL D 29 -3.01 -15.66 6.48
CA VAL D 29 -2.82 -14.59 7.45
C VAL D 29 -3.02 -15.13 8.85
N PRO D 30 -2.02 -14.98 9.72
CA PRO D 30 -2.24 -15.48 11.07
C PRO D 30 -3.01 -14.54 11.97
N ALA D 31 -3.74 -15.14 12.89
CA ALA D 31 -4.37 -14.43 13.97
C ALA D 31 -4.14 -15.27 15.21
N ASN D 32 -4.09 -14.64 16.38
CA ASN D 32 -3.87 -15.37 17.61
C ASN D 32 -4.97 -16.41 17.86
N GLU D 33 -4.55 -17.59 18.25
CA GLU D 33 -5.48 -18.65 18.57
C GLU D 33 -6.25 -18.31 19.84
N PRO D 34 -7.58 -18.46 19.81
CA PRO D 34 -8.41 -18.18 20.98
C PRO D 34 -8.12 -19.14 22.12
N VAL D 35 -8.27 -18.67 23.34
CA VAL D 35 -8.04 -19.47 24.52
C VAL D 35 -9.35 -20.06 25.03
N HIS D 36 -9.42 -21.37 25.12
CA HIS D 36 -10.62 -22.01 25.67
C HIS D 36 -10.62 -21.95 27.20
N ASP D 37 -11.81 -21.84 27.77
CA ASP D 37 -11.96 -21.61 29.19
C ASP D 37 -12.05 -22.88 30.03
N TYR D 38 -12.53 -23.96 29.42
CA TYR D 38 -12.73 -25.22 30.13
C TYR D 38 -13.66 -25.03 31.32
N ALA D 39 -14.66 -24.17 31.15
CA ALA D 39 -15.64 -23.92 32.19
C ALA D 39 -16.44 -25.19 32.46
N PRO D 40 -17.13 -25.26 33.62
CA PRO D 40 -17.99 -26.41 33.88
C PRO D 40 -19.02 -26.67 32.77
N LYS D 41 -19.27 -27.95 32.50
CA LYS D 41 -20.21 -28.42 31.48
C LYS D 41 -19.81 -28.02 30.04
N SER D 42 -18.63 -27.42 29.86
CA SER D 42 -18.17 -27.11 28.52
C SER D 42 -17.68 -28.37 27.81
N PRO D 43 -17.83 -28.42 26.49
CA PRO D 43 -17.40 -29.65 25.82
C PRO D 43 -15.88 -29.88 25.83
N GLU D 44 -15.06 -28.83 25.88
CA GLU D 44 -13.62 -29.05 25.90
C GLU D 44 -13.19 -29.64 27.24
N ARG D 45 -13.91 -29.30 28.29
CA ARG D 45 -13.64 -29.84 29.62
C ARG D 45 -13.87 -31.35 29.69
N THR D 46 -14.91 -31.82 29.04
CA THR D 46 -15.13 -33.25 28.96
C THR D 46 -14.04 -33.92 28.14
N ARG D 47 -13.68 -33.34 27.00
CA ARG D 47 -12.62 -33.91 26.19
C ARG D 47 -11.29 -33.94 26.94
N LEU D 48 -11.04 -32.93 27.78
CA LEU D 48 -9.83 -32.87 28.58
C LEU D 48 -9.78 -33.98 29.64
N ARG D 49 -10.90 -34.19 30.33
CA ARG D 49 -10.97 -35.25 31.33
C ARG D 49 -10.65 -36.59 30.70
N THR D 50 -11.13 -36.78 29.48
CA THR D 50 -10.83 -38.01 28.77
C THR D 50 -9.35 -38.18 28.51
N GLU D 51 -8.72 -37.16 27.92
CA GLU D 51 -7.31 -37.23 27.59
C GLU D 51 -6.44 -37.36 28.83
N LEU D 52 -6.80 -36.66 29.90
CA LEU D 52 -6.06 -36.76 31.16
C LEU D 52 -6.02 -38.19 31.72
N ALA D 53 -7.18 -38.85 31.78
CA ALA D 53 -7.27 -40.22 32.27
C ALA D 53 -6.50 -41.13 31.37
N SER D 54 -6.61 -40.92 30.08
CA SER D 54 -5.93 -41.78 29.14
C SER D 54 -4.41 -41.69 29.28
N LEU D 55 -3.89 -40.52 29.57
CA LEU D 55 -2.45 -40.38 29.69
C LEU D 55 -1.96 -40.83 31.05
N ALA D 56 -2.72 -40.51 32.09
CA ALA D 56 -2.29 -40.86 33.43
C ALA D 56 -2.38 -42.36 33.69
N ASP D 57 -3.32 -43.02 33.03
CA ASP D 57 -3.55 -44.43 33.29
C ASP D 57 -2.76 -45.34 32.38
N HIS D 58 -2.18 -44.81 31.32
CA HIS D 58 -1.38 -45.66 30.43
C HIS D 58 0.00 -45.09 30.17
N PRO D 59 0.89 -45.20 31.16
CA PRO D 59 2.25 -44.67 31.01
C PRO D 59 3.00 -45.36 29.89
N ILE D 60 3.89 -44.67 29.21
CA ILE D 60 4.54 -45.23 28.03
C ILE D 60 6.04 -45.12 28.03
N ASP D 61 6.68 -45.95 27.21
CA ASP D 61 8.05 -45.68 26.84
C ASP D 61 8.12 -44.30 26.22
N LEU D 62 9.16 -43.56 26.58
CA LEU D 62 9.46 -42.27 25.97
C LEU D 62 10.79 -42.37 25.22
N PRO D 63 10.75 -42.71 23.93
CA PRO D 63 11.93 -43.06 23.14
C PRO D 63 12.60 -41.90 22.46
N HIS D 64 13.80 -42.13 21.96
CA HIS D 64 14.42 -41.18 21.07
C HIS D 64 13.71 -41.27 19.72
N VAL D 65 13.67 -40.18 18.98
CA VAL D 65 13.15 -40.24 17.64
C VAL D 65 14.25 -39.84 16.67
N ILE D 66 14.82 -40.83 16.00
CA ILE D 66 16.00 -40.61 15.18
C ILE D 66 15.82 -41.14 13.77
N GLY D 67 15.82 -40.26 12.80
CA GLY D 67 15.61 -40.65 11.43
C GLY D 67 14.23 -41.26 11.26
N GLY D 68 13.29 -40.79 12.06
CA GLY D 68 11.94 -41.32 12.04
C GLY D 68 11.75 -42.60 12.83
N ARG D 69 12.83 -43.19 13.29
CA ARG D 69 12.74 -44.40 14.08
C ARG D 69 12.53 -44.08 15.55
N HIS D 70 11.55 -44.72 16.16
CA HIS D 70 11.29 -44.52 17.57
C HIS D 70 11.97 -45.62 18.36
N ARG D 71 13.06 -45.28 19.05
CA ARG D 71 13.86 -46.28 19.74
C ARG D 71 14.25 -45.89 21.16
N MET D 72 13.98 -46.79 22.10
CA MET D 72 14.63 -46.72 23.40
C MET D 72 16.10 -47.08 23.22
N GLY D 73 16.98 -46.47 24.02
CA GLY D 73 18.39 -46.70 23.89
C GLY D 73 18.94 -47.53 25.03
N ASP D 74 20.27 -47.61 25.11
CA ASP D 74 20.92 -48.42 26.14
C ASP D 74 21.30 -47.65 27.38
N GLY D 75 21.09 -46.34 27.34
CA GLY D 75 21.40 -45.48 28.46
C GLY D 75 20.49 -45.71 29.64
N GLU D 76 20.78 -45.00 30.73
CA GLU D 76 20.06 -45.16 31.98
C GLU D 76 18.56 -44.85 31.84
N ARG D 77 17.73 -45.68 32.46
CA ARG D 77 16.29 -45.46 32.47
C ARG D 77 15.91 -44.42 33.52
N ILE D 78 15.06 -43.48 33.13
CA ILE D 78 14.62 -42.37 33.99
C ILE D 78 13.11 -42.18 33.89
N ASP D 79 12.43 -42.19 35.02
CA ASP D 79 10.98 -42.05 35.03
C ASP D 79 10.53 -40.60 34.92
N VAL D 80 9.46 -40.39 34.17
CA VAL D 80 8.82 -39.08 34.14
C VAL D 80 7.50 -39.17 34.89
N VAL D 81 7.34 -38.36 35.93
CA VAL D 81 6.24 -38.51 36.86
C VAL D 81 5.37 -37.26 36.91
N GLN D 82 4.22 -37.36 37.56
CA GLN D 82 3.43 -36.17 37.83
C GLN D 82 4.04 -35.44 39.03
N PRO D 83 4.53 -34.21 38.83
CA PRO D 83 5.15 -33.48 39.94
C PRO D 83 4.24 -33.33 41.15
N HIS D 84 2.94 -33.24 40.91
CA HIS D 84 1.95 -33.07 41.96
C HIS D 84 1.51 -34.40 42.56
N ARG D 85 1.98 -35.50 41.98
CA ARG D 85 1.75 -36.82 42.54
C ARG D 85 2.84 -37.73 42.03
N HIS D 86 4.03 -37.60 42.61
CA HIS D 86 5.23 -38.16 41.98
C HIS D 86 5.38 -39.66 42.10
N ALA D 87 4.51 -40.32 42.85
CA ALA D 87 4.45 -41.76 42.81
C ALA D 87 3.86 -42.24 41.49
N ALA D 88 3.16 -41.36 40.80
CA ALA D 88 2.45 -41.73 39.57
C ALA D 88 3.32 -41.53 38.34
N ARG D 89 3.66 -42.63 37.68
CA ARG D 89 4.51 -42.60 36.51
C ARG D 89 3.73 -42.21 35.24
N LEU D 90 4.33 -41.39 34.39
CA LEU D 90 3.72 -41.02 33.13
C LEU D 90 4.46 -41.71 32.02
N GLY D 91 5.75 -41.94 32.22
CA GLY D 91 6.60 -42.53 31.21
C GLY D 91 7.99 -42.84 31.68
N THR D 92 8.75 -43.51 30.83
CA THR D 92 10.13 -43.81 31.15
C THR D 92 10.98 -43.57 29.92
N LEU D 93 12.02 -42.77 30.07
CA LEU D 93 12.89 -42.48 28.94
C LEU D 93 14.24 -43.09 29.18
N THR D 94 15.07 -43.13 28.16
CA THR D 94 16.44 -43.56 28.33
C THR D 94 17.39 -42.39 28.09
N ASN D 95 18.39 -42.28 28.96
CA ASN D 95 19.35 -41.20 28.87
C ASN D 95 20.19 -41.40 27.61
N ALA D 96 20.23 -40.41 26.74
CA ALA D 96 20.90 -40.57 25.46
C ALA D 96 22.40 -40.80 25.64
N THR D 97 22.90 -41.83 24.98
CA THR D 97 24.33 -42.12 24.97
C THR D 97 25.03 -41.39 23.84
N HIS D 98 26.35 -41.39 23.86
CA HIS D 98 27.12 -40.75 22.81
C HIS D 98 26.76 -41.30 21.43
N ALA D 99 26.53 -42.61 21.36
CA ALA D 99 26.12 -43.24 20.12
C ALA D 99 24.75 -42.77 19.66
N ASP D 100 23.81 -42.61 20.60
CA ASP D 100 22.50 -42.07 20.27
C ASP D 100 22.63 -40.67 19.67
N ALA D 101 23.48 -39.86 20.26
CA ALA D 101 23.63 -38.49 19.83
C ALA D 101 24.28 -38.43 18.45
N ALA D 102 25.28 -39.26 18.24
CA ALA D 102 25.94 -39.35 16.94
C ALA D 102 24.98 -39.83 15.86
N ALA D 103 24.06 -40.70 16.22
CA ALA D 103 23.10 -41.19 15.26
C ALA D 103 22.08 -40.11 14.93
N ALA D 104 21.72 -39.30 15.94
CA ALA D 104 20.82 -38.18 15.74
C ALA D 104 21.42 -37.15 14.78
N VAL D 105 22.69 -36.83 14.97
CA VAL D 105 23.39 -35.92 14.09
C VAL D 105 23.42 -36.43 12.65
N GLU D 106 23.72 -37.71 12.47
CA GLU D 106 23.79 -38.30 11.13
C GLU D 106 22.43 -38.32 10.44
N ALA D 107 21.38 -38.62 11.18
CA ALA D 107 20.04 -38.56 10.64
C ALA D 107 19.69 -37.14 10.19
N ALA D 108 20.07 -36.15 10.99
CA ALA D 108 19.86 -34.77 10.62
C ALA D 108 20.60 -34.44 9.34
N MET D 109 21.83 -34.91 9.22
CA MET D 109 22.62 -34.60 8.04
C MET D 109 22.14 -35.41 6.84
N SER D 110 21.56 -36.56 7.09
CA SER D 110 21.08 -37.39 6.00
C SER D 110 19.79 -36.80 5.39
N ALA D 111 18.97 -36.18 6.23
CA ALA D 111 17.67 -35.67 5.80
C ALA D 111 17.74 -34.28 5.18
N LYS D 112 18.85 -33.59 5.41
CA LYS D 112 19.02 -32.19 5.01
C LYS D 112 18.71 -31.91 3.53
N SER D 113 19.29 -32.71 2.65
CA SER D 113 19.18 -32.50 1.22
C SER D 113 17.74 -32.48 0.69
N ASP D 114 16.93 -33.45 1.09
CA ASP D 114 15.57 -33.52 0.61
C ASP D 114 14.69 -32.46 1.26
N TRP D 115 15.00 -32.14 2.51
CA TRP D 115 14.24 -31.13 3.22
C TRP D 115 14.47 -29.74 2.65
N ALA D 116 15.74 -29.36 2.48
CA ALA D 116 16.07 -28.05 1.96
C ALA D 116 15.63 -27.88 0.51
N ALA D 117 15.51 -28.99 -0.21
CA ALA D 117 15.10 -28.95 -1.61
C ALA D 117 13.59 -28.81 -1.78
N LEU D 118 12.82 -29.08 -0.74
CA LEU D 118 11.42 -28.76 -0.76
C LEU D 118 11.23 -27.26 -0.90
N PRO D 119 10.29 -26.84 -1.76
CA PRO D 119 9.92 -25.42 -1.83
C PRO D 119 9.46 -24.94 -0.47
N PHE D 120 9.72 -23.68 -0.15
CA PHE D 120 9.26 -23.08 1.09
C PHE D 120 7.79 -23.36 1.42
N ASP D 121 6.91 -23.31 0.42
CA ASP D 121 5.48 -23.49 0.66
C ASP D 121 5.16 -24.87 1.23
N GLU D 122 5.87 -25.89 0.76
CA GLU D 122 5.64 -27.23 1.25
C GLU D 122 6.16 -27.40 2.68
N ARG D 123 7.33 -26.84 2.98
CA ARG D 123 7.86 -26.90 4.34
C ARG D 123 6.93 -26.14 5.28
N ALA D 124 6.37 -25.05 4.79
CA ALA D 124 5.45 -24.26 5.58
C ALA D 124 4.12 -24.97 5.81
N ALA D 125 3.69 -25.75 4.81
CA ALA D 125 2.45 -26.47 4.92
C ALA D 125 2.48 -27.40 6.13
N VAL D 126 3.62 -28.01 6.37
CA VAL D 126 3.80 -28.91 7.50
C VAL D 126 3.45 -28.22 8.82
N PHE D 127 3.99 -27.05 9.05
CA PHE D 127 3.79 -26.43 10.33
C PHE D 127 2.40 -25.76 10.46
N LEU D 128 1.84 -25.32 9.34
CA LEU D 128 0.47 -24.85 9.31
C LEU D 128 -0.47 -26.03 9.54
N ARG D 129 -0.12 -27.20 9.01
CA ARG D 129 -0.94 -28.36 9.25
C ARG D 129 -0.82 -28.76 10.71
N ALA D 130 0.39 -28.70 11.23
CA ALA D 130 0.62 -29.00 12.63
C ALA D 130 -0.22 -28.10 13.53
N ALA D 131 -0.22 -26.80 13.24
CA ALA D 131 -0.97 -25.82 14.02
C ALA D 131 -2.47 -26.13 14.05
N ASP D 132 -3.03 -26.45 12.90
CA ASP D 132 -4.44 -26.81 12.79
C ASP D 132 -4.79 -28.12 13.49
N LEU D 133 -3.94 -29.12 13.35
CA LEU D 133 -4.08 -30.35 14.11
C LEU D 133 -4.07 -30.07 15.62
N LEU D 134 -3.12 -29.25 16.06
CA LEU D 134 -3.04 -28.83 17.46
C LEU D 134 -4.26 -28.01 17.89
N ALA D 135 -4.77 -27.15 17.01
CA ALA D 135 -5.97 -26.37 17.28
C ALA D 135 -7.23 -27.23 17.41
N GLY D 136 -7.24 -28.39 16.77
CA GLY D 136 -8.40 -29.24 16.77
C GLY D 136 -8.23 -30.59 17.45
N PRO D 137 -8.09 -31.65 16.65
CA PRO D 137 -8.06 -33.03 17.12
C PRO D 137 -6.96 -33.36 18.16
N TRP D 138 -5.85 -32.65 18.19
CA TRP D 138 -4.78 -32.93 19.15
C TRP D 138 -4.81 -32.03 20.37
N ARG D 139 -5.78 -31.12 20.41
CA ARG D 139 -5.80 -30.01 21.34
C ARG D 139 -5.76 -30.44 22.79
N GLU D 140 -6.75 -31.21 23.22
CA GLU D 140 -6.81 -31.57 24.62
C GLU D 140 -5.69 -32.53 25.00
N LYS D 141 -5.26 -33.35 24.05
CA LYS D 141 -4.20 -34.30 24.32
C LYS D 141 -2.88 -33.60 24.66
N ILE D 142 -2.50 -32.59 23.89
CA ILE D 142 -1.26 -31.89 24.12
C ILE D 142 -1.36 -31.05 25.40
N ALA D 143 -2.53 -30.45 25.64
CA ALA D 143 -2.76 -29.73 26.88
C ALA D 143 -2.65 -30.64 28.09
N ALA D 144 -3.27 -31.82 28.03
CA ALA D 144 -3.28 -32.75 29.15
C ALA D 144 -1.88 -33.25 29.47
N ALA D 145 -1.10 -33.50 28.43
CA ALA D 145 0.26 -33.94 28.59
C ALA D 145 1.10 -32.92 29.33
N THR D 146 0.83 -31.66 29.05
CA THR D 146 1.54 -30.56 29.66
C THR D 146 1.11 -30.42 31.11
N MET D 147 -0.20 -30.51 31.35
CA MET D 147 -0.74 -30.51 32.70
C MET D 147 -0.10 -31.58 33.58
N LEU D 148 -0.09 -32.80 33.08
CA LEU D 148 0.34 -33.95 33.86
C LEU D 148 1.82 -33.93 34.15
N GLY D 149 2.63 -33.66 33.12
CA GLY D 149 4.07 -33.71 33.25
C GLY D 149 4.70 -32.48 33.90
N GLN D 150 4.16 -31.31 33.64
CA GLN D 150 4.79 -30.08 34.08
C GLN D 150 3.99 -29.45 35.21
N SER D 151 2.91 -30.11 35.59
CA SER D 151 2.05 -29.65 36.68
C SER D 151 1.49 -28.26 36.43
N LYS D 152 0.87 -28.10 35.27
CA LYS D 152 0.19 -26.87 34.93
C LYS D 152 -1.30 -27.01 35.14
N SER D 153 -1.94 -25.94 35.57
CA SER D 153 -3.40 -25.89 35.55
C SER D 153 -3.83 -25.86 34.08
N VAL D 154 -5.09 -26.16 33.80
CA VAL D 154 -5.54 -26.23 32.42
C VAL D 154 -5.42 -24.87 31.71
N TYR D 155 -5.67 -23.78 32.43
CA TYR D 155 -5.46 -22.47 31.85
C TYR D 155 -4.01 -22.25 31.45
N GLN D 156 -3.09 -22.69 32.30
CA GLN D 156 -1.67 -22.49 32.02
C GLN D 156 -1.23 -23.38 30.87
N ALA D 157 -1.83 -24.55 30.78
CA ALA D 157 -1.57 -25.45 29.66
C ALA D 157 -2.12 -24.89 28.37
N GLU D 158 -3.33 -24.34 28.42
CA GLU D 158 -4.00 -23.85 27.23
C GLU D 158 -3.26 -22.63 26.61
N ILE D 159 -2.76 -21.72 27.44
CA ILE D 159 -2.10 -20.54 26.88
C ILE D 159 -0.71 -20.89 26.36
N ASP D 160 -0.19 -22.03 26.81
CA ASP D 160 1.15 -22.47 26.47
C ASP D 160 1.15 -23.54 25.38
N ALA D 161 0.91 -24.78 25.77
CA ALA D 161 1.01 -25.94 24.91
C ALA D 161 0.03 -25.89 23.72
N VAL D 162 -1.08 -25.20 23.89
CA VAL D 162 -1.99 -25.03 22.80
C VAL D 162 -1.75 -23.71 22.08
N CYS D 163 -2.12 -22.60 22.70
CA CYS D 163 -2.20 -21.32 22.00
C CYS D 163 -0.85 -20.71 21.58
N GLU D 164 0.14 -20.71 22.45
CA GLU D 164 1.42 -20.12 22.09
C GLU D 164 2.13 -20.96 21.02
N LEU D 165 2.00 -22.28 21.11
CA LEU D 165 2.66 -23.15 20.14
C LEU D 165 2.03 -22.99 18.76
N ILE D 166 0.71 -23.00 18.71
CA ILE D 166 -0.01 -22.74 17.49
C ILE D 166 0.39 -21.39 16.91
N ASP D 167 0.40 -20.37 17.76
CA ASP D 167 0.79 -19.03 17.33
C ASP D 167 2.22 -18.99 16.79
N PHE D 168 3.17 -19.61 17.48
CA PHE D 168 4.55 -19.66 16.99
C PHE D 168 4.59 -20.22 15.57
N TRP D 169 3.83 -21.27 15.31
CA TRP D 169 3.88 -21.89 13.99
C TRP D 169 3.21 -21.01 12.93
N ARG D 170 2.03 -20.48 13.22
CA ARG D 170 1.34 -19.70 12.22
C ARG D 170 2.04 -18.38 11.96
N PHE D 171 2.49 -17.70 13.01
CA PHE D 171 3.17 -16.44 12.84
C PHE D 171 4.58 -16.59 12.24
N ASN D 172 5.31 -17.66 12.59
CA ASN D 172 6.60 -17.90 11.95
C ASN D 172 6.47 -18.11 10.46
N VAL D 173 5.48 -18.88 10.03
CA VAL D 173 5.25 -19.03 8.61
C VAL D 173 5.05 -17.67 7.95
N ALA D 174 4.27 -16.79 8.57
CA ALA D 174 4.06 -15.47 8.01
C ALA D 174 5.32 -14.63 8.06
N PHE D 175 6.04 -14.70 9.18
CA PHE D 175 7.32 -14.00 9.32
C PHE D 175 8.29 -14.42 8.22
N ALA D 176 8.42 -15.73 8.01
CA ALA D 176 9.33 -16.25 7.00
C ALA D 176 8.96 -15.73 5.61
N ARG D 177 7.67 -15.74 5.30
CA ARG D 177 7.23 -15.33 3.97
C ARG D 177 7.46 -13.83 3.79
N GLN D 178 7.30 -13.09 4.86
CA GLN D 178 7.58 -11.66 4.83
C GLN D 178 9.07 -11.43 4.58
N ILE D 179 9.92 -12.31 5.11
CA ILE D 179 11.35 -12.21 4.92
C ILE D 179 11.74 -12.45 3.48
N LEU D 180 11.16 -13.48 2.87
CA LEU D 180 11.50 -13.87 1.50
C LEU D 180 11.20 -12.74 0.56
N GLU D 181 10.29 -11.88 0.96
CA GLU D 181 9.83 -10.75 0.18
C GLU D 181 10.75 -9.53 0.25
N GLN D 182 11.69 -9.51 1.19
CA GLN D 182 12.61 -8.37 1.31
C GLN D 182 13.65 -8.45 0.20
N GLN D 183 13.56 -7.53 -0.74
CA GLN D 183 14.35 -7.59 -1.95
C GLN D 183 14.99 -6.26 -2.23
N PRO D 184 16.09 -6.26 -2.98
CA PRO D 184 16.81 -5.01 -3.18
C PRO D 184 16.34 -4.20 -4.38
N ILE D 185 17.04 -3.11 -4.61
CA ILE D 185 16.82 -2.23 -5.75
C ILE D 185 17.59 -2.72 -6.95
N SER D 186 16.95 -2.78 -8.10
CA SER D 186 17.69 -2.99 -9.33
C SER D 186 17.96 -1.67 -10.04
N GLY D 187 19.24 -1.36 -10.22
CA GLY D 187 19.63 -0.20 -10.97
C GLY D 187 19.48 -0.45 -12.45
N PRO D 188 19.63 0.59 -13.26
CA PRO D 188 19.57 0.41 -14.71
C PRO D 188 20.58 -0.62 -15.16
N GLY D 189 20.18 -1.46 -16.11
CA GLY D 189 21.09 -2.40 -16.73
C GLY D 189 21.40 -3.66 -15.94
N GLU D 190 20.67 -3.88 -14.86
CA GLU D 190 20.96 -5.01 -14.01
C GLU D 190 19.73 -5.57 -13.31
N TRP D 191 19.89 -6.70 -12.66
CA TRP D 191 18.83 -7.25 -11.83
C TRP D 191 19.44 -7.86 -10.54
N ASN D 192 19.04 -7.31 -9.40
CA ASN D 192 19.50 -7.80 -8.11
C ASN D 192 18.43 -8.60 -7.37
N ARG D 193 18.81 -9.72 -6.75
CA ARG D 193 17.88 -10.54 -6.00
C ARG D 193 18.52 -11.07 -4.73
N ILE D 194 17.70 -11.44 -3.76
CA ILE D 194 18.24 -12.03 -2.54
C ILE D 194 17.65 -13.42 -2.28
N ASP D 195 18.55 -14.36 -2.05
CA ASP D 195 18.23 -15.75 -1.82
C ASP D 195 18.50 -16.06 -0.34
N TYR D 196 17.46 -16.40 0.40
CA TYR D 196 17.59 -16.66 1.83
C TYR D 196 17.89 -18.13 2.08
N ARG D 197 19.15 -18.50 1.92
CA ARG D 197 19.58 -19.88 2.05
C ARG D 197 19.45 -20.38 3.48
N PRO D 198 19.18 -21.68 3.64
CA PRO D 198 19.34 -22.33 4.92
C PRO D 198 20.81 -22.41 5.31
N LEU D 199 21.12 -22.82 6.53
CA LEU D 199 22.52 -22.98 6.95
C LEU D 199 23.14 -24.31 6.49
N ASP D 200 24.45 -24.41 6.59
CA ASP D 200 25.15 -25.70 6.44
C ASP D 200 25.11 -26.46 7.75
N GLY D 201 24.98 -27.77 7.71
CA GLY D 201 25.00 -28.51 8.95
C GLY D 201 23.82 -28.31 9.87
N PHE D 202 23.86 -28.94 11.04
CA PHE D 202 22.69 -29.11 11.84
C PHE D 202 22.54 -28.06 12.94
N VAL D 203 21.31 -27.92 13.43
CA VAL D 203 21.00 -27.02 14.51
C VAL D 203 20.69 -27.83 15.78
N TYR D 204 21.27 -27.43 16.88
CA TYR D 204 21.09 -28.13 18.14
C TYR D 204 20.09 -27.34 18.99
N ALA D 205 18.95 -27.96 19.30
CA ALA D 205 17.93 -27.31 20.10
C ALA D 205 17.84 -27.93 21.48
N ILE D 206 17.94 -27.08 22.50
CA ILE D 206 17.90 -27.48 23.90
C ILE D 206 16.77 -26.74 24.57
N THR D 207 15.75 -27.45 25.03
CA THR D 207 14.55 -26.76 25.49
C THR D 207 14.27 -26.98 26.97
N PRO D 208 13.63 -25.98 27.61
CA PRO D 208 13.39 -26.05 29.06
C PRO D 208 12.06 -26.70 29.40
N PHE D 209 11.80 -26.82 30.71
CA PHE D 209 10.59 -27.46 31.20
C PHE D 209 9.42 -26.50 31.21
N ASN D 210 9.72 -25.22 31.29
CA ASN D 210 8.73 -24.20 31.56
C ASN D 210 7.56 -24.13 30.56
N PHE D 211 7.83 -24.36 29.28
CA PHE D 211 6.81 -24.17 28.25
C PHE D 211 6.90 -25.20 27.15
N THR D 212 5.79 -25.87 26.91
CA THR D 212 5.68 -26.81 25.82
C THR D 212 5.80 -26.07 24.49
N SER D 213 5.34 -24.82 24.48
CA SER D 213 5.45 -23.97 23.29
C SER D 213 6.90 -23.68 22.88
N ILE D 214 7.71 -23.25 23.84
CA ILE D 214 9.13 -23.04 23.59
C ILE D 214 9.79 -24.36 23.15
N ALA D 215 9.42 -25.45 23.81
CA ALA D 215 9.99 -26.76 23.52
C ALA D 215 9.66 -27.18 22.10
N GLY D 216 8.47 -26.83 21.66
CA GLY D 216 8.09 -27.09 20.29
C GLY D 216 8.69 -26.12 19.30
N ASN D 217 8.87 -24.88 19.71
CA ASN D 217 9.29 -23.86 18.77
C ASN D 217 10.78 -23.87 18.44
N LEU D 218 11.64 -24.01 19.44
CA LEU D 218 13.09 -23.94 19.19
C LEU D 218 13.60 -24.95 18.14
N PRO D 219 13.07 -26.18 18.12
CA PRO D 219 13.51 -27.03 17.01
C PRO D 219 12.76 -26.80 15.70
N THR D 220 11.53 -26.32 15.74
CA THR D 220 10.78 -26.21 14.50
C THR D 220 11.07 -24.92 13.73
N ALA D 221 11.44 -23.84 14.40
CA ALA D 221 11.68 -22.58 13.69
C ALA D 221 12.87 -22.64 12.72
N PRO D 222 14.00 -23.26 13.11
CA PRO D 222 15.00 -23.43 12.06
C PRO D 222 14.61 -24.48 11.03
N ALA D 223 13.80 -25.45 11.43
CA ALA D 223 13.32 -26.44 10.46
C ALA D 223 12.55 -25.76 9.34
N LEU D 224 11.69 -24.82 9.70
CA LEU D 224 10.92 -24.04 8.75
C LEU D 224 11.78 -23.46 7.64
N MET D 225 12.93 -22.91 7.99
CA MET D 225 13.81 -22.26 7.03
C MET D 225 14.70 -23.23 6.24
N GLY D 226 14.51 -24.52 6.45
CA GLY D 226 15.20 -25.50 5.63
C GLY D 226 16.38 -26.17 6.29
N ASN D 227 16.41 -26.10 7.61
CA ASN D 227 17.46 -26.72 8.38
C ASN D 227 17.02 -28.02 9.02
N THR D 228 17.98 -28.86 9.39
CA THR D 228 17.67 -30.03 10.19
C THR D 228 18.26 -29.90 11.58
N VAL D 229 17.69 -30.65 12.50
CA VAL D 229 17.78 -30.36 13.90
C VAL D 229 17.97 -31.61 14.75
N ILE D 230 18.79 -31.52 15.79
CA ILE D 230 18.65 -32.44 16.90
C ILE D 230 18.08 -31.67 18.06
N TRP D 231 17.15 -32.30 18.76
CA TRP D 231 16.32 -31.63 19.71
C TRP D 231 16.42 -32.36 21.03
N LYS D 232 16.90 -31.66 22.04
CA LYS D 232 17.06 -32.27 23.32
C LYS D 232 16.23 -31.58 24.38
N PRO D 233 15.09 -32.18 24.71
CA PRO D 233 14.14 -31.56 25.61
C PRO D 233 14.43 -31.83 27.09
N SER D 234 13.89 -30.98 27.93
CA SER D 234 13.97 -31.15 29.36
C SER D 234 13.22 -32.41 29.77
N ILE D 235 13.79 -33.15 30.71
CA ILE D 235 13.24 -34.43 31.13
C ILE D 235 11.79 -34.34 31.60
N THR D 236 11.47 -33.31 32.37
CA THR D 236 10.16 -33.22 32.98
C THR D 236 9.08 -32.71 32.01
N GLN D 237 9.48 -32.45 30.77
CA GLN D 237 8.59 -31.97 29.73
C GLN D 237 8.47 -33.03 28.63
N THR D 238 9.18 -34.15 28.81
CA THR D 238 9.39 -35.10 27.73
C THR D 238 8.11 -35.85 27.32
N LEU D 239 7.14 -36.00 28.21
CA LEU D 239 5.87 -36.55 27.76
C LEU D 239 5.23 -35.64 26.69
N ALA D 240 5.17 -34.35 26.97
CA ALA D 240 4.68 -33.38 26.00
C ALA D 240 5.60 -33.25 24.78
N ALA D 241 6.90 -33.33 24.98
CA ALA D 241 7.84 -33.23 23.88
C ALA D 241 7.65 -34.37 22.88
N TYR D 242 7.43 -35.56 23.40
CA TYR D 242 7.29 -36.74 22.59
C TYR D 242 5.97 -36.74 21.82
N LEU D 243 4.91 -36.23 22.43
CA LEU D 243 3.63 -36.19 21.74
C LEU D 243 3.67 -35.09 20.68
N THR D 244 4.39 -34.01 20.98
CA THR D 244 4.64 -32.96 20.00
C THR D 244 5.30 -33.53 18.77
N MET D 245 6.24 -34.43 18.99
CA MET D 245 6.95 -35.08 17.92
C MET D 245 6.02 -35.96 17.08
N GLN D 246 5.15 -36.69 17.75
CA GLN D 246 4.16 -37.51 17.07
C GLN D 246 3.20 -36.65 16.26
N LEU D 247 2.95 -35.44 16.75
CA LEU D 247 2.04 -34.52 16.09
C LEU D 247 2.66 -33.99 14.80
N LEU D 248 3.93 -33.63 14.85
CA LEU D 248 4.63 -33.17 13.68
C LEU D 248 4.71 -34.27 12.64
N GLU D 249 4.91 -35.51 13.09
CA GLU D 249 4.93 -36.63 12.17
C GLU D 249 3.57 -36.81 11.50
N ALA D 250 2.50 -36.60 12.26
CA ALA D 250 1.16 -36.65 11.71
C ALA D 250 0.91 -35.51 10.73
N ALA D 251 1.60 -34.39 10.92
CA ALA D 251 1.43 -33.26 10.03
C ALA D 251 2.27 -33.46 8.77
N GLY D 252 3.13 -34.46 8.80
CA GLY D 252 3.91 -34.79 7.64
C GLY D 252 5.38 -34.41 7.64
N LEU D 253 5.93 -34.08 8.79
CA LEU D 253 7.36 -33.84 8.90
C LEU D 253 8.15 -35.07 8.43
N PRO D 254 8.99 -34.91 7.42
CA PRO D 254 9.75 -36.05 6.94
C PRO D 254 10.75 -36.53 7.99
N PRO D 255 11.09 -37.81 7.93
CA PRO D 255 12.00 -38.42 8.91
C PRO D 255 13.37 -37.77 8.92
N GLY D 256 13.92 -37.59 10.11
CA GLY D 256 15.25 -37.05 10.25
C GLY D 256 15.38 -35.53 10.18
N VAL D 257 14.27 -34.83 9.98
CA VAL D 257 14.35 -33.37 9.91
C VAL D 257 14.47 -32.80 11.31
N ILE D 258 13.70 -33.36 12.22
CA ILE D 258 13.90 -33.10 13.63
C ILE D 258 14.21 -34.42 14.32
N ASN D 259 15.28 -34.48 15.10
CA ASN D 259 15.65 -35.70 15.80
C ASN D 259 15.68 -35.50 17.31
N LEU D 260 14.82 -36.24 17.99
CA LEU D 260 14.62 -36.11 19.43
C LEU D 260 15.51 -37.06 20.22
N VAL D 261 16.34 -36.52 21.09
CA VAL D 261 17.11 -37.35 22.00
C VAL D 261 16.79 -36.93 23.43
N THR D 262 16.42 -37.92 24.25
CA THR D 262 15.98 -37.65 25.61
C THR D 262 17.12 -37.68 26.61
N GLY D 263 16.91 -37.12 27.79
CA GLY D 263 17.87 -37.22 28.86
C GLY D 263 18.44 -35.93 29.40
N ASP D 264 19.57 -36.02 30.10
CA ASP D 264 20.11 -34.88 30.79
C ASP D 264 21.00 -34.01 29.88
N GLY D 265 21.21 -34.44 28.65
CA GLY D 265 21.96 -33.65 27.70
C GLY D 265 23.48 -33.70 27.67
N PHE D 266 24.11 -34.28 28.68
CA PHE D 266 25.57 -34.26 28.79
C PHE D 266 26.26 -34.89 27.56
N ALA D 267 25.88 -36.13 27.23
CA ALA D 267 26.47 -36.83 26.10
C ALA D 267 26.08 -36.20 24.77
N VAL D 268 24.87 -35.70 24.67
CA VAL D 268 24.44 -35.01 23.46
C VAL D 268 25.29 -33.76 23.20
N SER D 269 25.50 -32.94 24.22
CA SER D 269 26.35 -31.77 24.04
C SER D 269 27.75 -32.20 23.69
N ASP D 270 28.23 -33.27 24.30
CA ASP D 270 29.53 -33.82 23.97
C ASP D 270 29.67 -34.05 22.49
N VAL D 271 28.69 -34.75 21.92
CA VAL D 271 28.74 -35.08 20.53
C VAL D 271 28.51 -33.85 19.65
N ALA D 272 27.52 -33.04 19.98
CA ALA D 272 27.15 -31.93 19.09
C ALA D 272 28.21 -30.84 19.00
N LEU D 273 28.81 -30.48 20.13
CA LEU D 273 29.78 -29.40 20.12
C LEU D 273 31.13 -29.86 19.58
N ALA D 274 31.33 -31.16 19.45
CA ALA D 274 32.56 -31.65 18.86
C ALA D 274 32.41 -31.86 17.35
N ASP D 275 31.19 -31.87 16.85
CA ASP D 275 30.97 -32.11 15.43
C ASP D 275 31.18 -30.84 14.61
N PRO D 276 32.02 -30.92 13.59
CA PRO D 276 32.38 -29.79 12.72
C PRO D 276 31.20 -29.23 11.92
N ARG D 277 30.09 -29.95 11.91
CA ARG D 277 28.95 -29.54 11.14
C ARG D 277 27.94 -28.79 12.01
N LEU D 278 28.28 -28.56 13.27
CA LEU D 278 27.41 -27.80 14.15
C LEU D 278 27.15 -26.40 13.60
N ALA D 279 25.92 -26.10 13.23
CA ALA D 279 25.58 -24.83 12.60
C ALA D 279 25.12 -23.78 13.61
N GLY D 280 24.53 -24.23 14.70
CA GLY D 280 24.01 -23.32 15.70
C GLY D 280 23.31 -24.04 16.83
N ILE D 281 23.02 -23.29 17.88
CA ILE D 281 22.36 -23.83 19.05
C ILE D 281 21.22 -22.88 19.40
N HIS D 282 20.04 -23.45 19.60
CA HIS D 282 18.82 -22.71 19.90
C HIS D 282 18.38 -23.14 21.29
N PHE D 283 18.49 -22.25 22.27
CA PHE D 283 18.42 -22.67 23.65
C PHE D 283 17.85 -21.59 24.59
N THR D 284 17.73 -21.94 25.86
CA THR D 284 17.44 -20.96 26.90
C THR D 284 18.51 -21.16 27.95
N GLY D 285 18.80 -20.12 28.70
CA GLY D 285 19.82 -20.21 29.73
C GLY D 285 20.30 -18.88 30.25
N SER D 286 21.02 -18.94 31.36
CA SER D 286 21.55 -17.77 32.02
C SER D 286 22.67 -17.12 31.24
N THR D 287 23.03 -15.90 31.64
CA THR D 287 24.18 -15.20 31.10
C THR D 287 25.43 -16.07 31.22
N ALA D 288 25.54 -16.79 32.32
CA ALA D 288 26.67 -17.67 32.55
C ALA D 288 26.74 -18.79 31.51
N THR D 289 25.59 -19.37 31.18
CA THR D 289 25.52 -20.39 30.15
C THR D 289 25.87 -19.82 28.77
N PHE D 290 25.36 -18.63 28.46
CA PHE D 290 25.72 -17.93 27.21
C PHE D 290 27.22 -17.73 27.14
N GLY D 291 27.78 -17.25 28.24
CA GLY D 291 29.20 -17.00 28.31
C GLY D 291 30.01 -18.25 28.14
N HIS D 292 29.54 -19.36 28.71
CA HIS D 292 30.26 -20.60 28.56
C HIS D 292 30.22 -21.10 27.12
N LEU D 293 29.05 -21.01 26.47
CA LEU D 293 28.97 -21.45 25.07
C LEU D 293 29.82 -20.56 24.18
N TRP D 294 29.84 -19.25 24.46
CA TRP D 294 30.69 -18.33 23.73
C TRP D 294 32.15 -18.76 23.79
N GLN D 295 32.59 -19.08 25.00
CA GLN D 295 33.98 -19.47 25.22
C GLN D 295 34.31 -20.77 24.49
N TRP D 296 33.47 -21.77 24.66
CA TRP D 296 33.61 -23.06 23.99
C TRP D 296 33.77 -22.90 22.49
N VAL D 297 32.83 -22.20 21.86
CA VAL D 297 32.84 -22.03 20.41
C VAL D 297 34.00 -21.17 19.92
N GLY D 298 34.27 -20.08 20.61
CA GLY D 298 35.34 -19.18 20.23
C GLY D 298 36.69 -19.86 20.31
N THR D 299 36.85 -20.67 21.35
CA THR D 299 38.09 -21.39 21.58
C THR D 299 38.30 -22.44 20.50
N ASN D 300 37.24 -23.15 20.12
CA ASN D 300 37.34 -24.23 19.15
C ASN D 300 36.88 -23.83 17.76
N ILE D 301 37.00 -22.56 17.45
CA ILE D 301 36.36 -22.04 16.26
C ILE D 301 36.93 -22.66 14.98
N GLY D 302 38.18 -23.08 15.02
CA GLY D 302 38.80 -23.70 13.86
C GLY D 302 38.29 -25.09 13.56
N ARG D 303 37.46 -25.61 14.43
CA ARG D 303 36.95 -26.97 14.27
C ARG D 303 35.75 -27.03 13.32
N TYR D 304 35.01 -25.92 13.23
CA TYR D 304 33.74 -25.94 12.54
C TYR D 304 33.76 -25.46 11.11
N HIS D 305 32.97 -26.10 10.26
CA HIS D 305 32.74 -25.63 8.90
C HIS D 305 32.09 -24.25 8.88
N SER D 306 31.15 -24.03 9.78
CA SER D 306 30.50 -22.74 9.89
C SER D 306 30.72 -22.16 11.27
N TYR D 307 30.60 -20.85 11.40
CA TYR D 307 30.60 -20.19 12.68
C TYR D 307 29.28 -20.48 13.38
N PRO D 308 29.31 -21.23 14.48
CA PRO D 308 28.04 -21.63 15.09
C PRO D 308 27.26 -20.43 15.63
N ARG D 309 25.96 -20.44 15.44
CA ARG D 309 25.12 -19.34 15.86
C ARG D 309 24.42 -19.68 17.16
N LEU D 310 24.60 -18.83 18.15
CA LEU D 310 24.09 -19.07 19.48
C LEU D 310 22.92 -18.15 19.72
N VAL D 311 21.73 -18.73 19.72
CA VAL D 311 20.49 -18.00 19.83
C VAL D 311 19.69 -18.50 21.02
N GLY D 312 19.27 -17.58 21.88
CA GLY D 312 18.45 -17.92 23.01
C GLY D 312 17.95 -16.78 23.85
N GLU D 313 17.36 -17.12 24.99
CA GLU D 313 16.79 -16.16 25.91
C GLU D 313 17.20 -16.57 27.29
N THR D 314 17.13 -15.64 28.24
CA THR D 314 17.35 -15.96 29.65
C THR D 314 16.05 -15.95 30.44
N GLY D 315 16.10 -16.38 31.68
CA GLY D 315 15.00 -16.19 32.59
C GLY D 315 15.30 -14.97 33.45
N GLY D 316 14.46 -14.74 34.45
CA GLY D 316 14.62 -13.62 35.33
C GLY D 316 13.59 -13.58 36.43
N LYS D 317 13.61 -12.51 37.21
CA LYS D 317 12.61 -12.29 38.24
C LYS D 317 12.10 -10.89 38.11
N ASP D 318 10.80 -10.71 38.20
CA ASP D 318 10.20 -9.45 37.82
C ASP D 318 9.74 -8.60 38.99
N PHE D 319 9.41 -7.34 38.70
CA PHE D 319 8.93 -6.42 39.70
C PHE D 319 7.63 -5.70 39.32
N VAL D 320 6.88 -5.28 40.32
CA VAL D 320 5.72 -4.44 40.14
C VAL D 320 5.87 -3.25 41.06
N VAL D 321 5.62 -2.04 40.57
CA VAL D 321 5.60 -0.87 41.43
C VAL D 321 4.23 -0.19 41.38
N ALA D 322 3.66 0.07 42.55
CA ALA D 322 2.36 0.71 42.61
C ALA D 322 2.46 2.10 43.14
N HIS D 323 2.17 3.06 42.28
CA HIS D 323 2.00 4.46 42.64
C HIS D 323 0.78 4.64 43.54
N ALA D 324 0.67 5.79 44.17
CA ALA D 324 -0.46 6.07 45.06
C ALA D 324 -1.80 6.01 44.34
N SER D 325 -1.79 6.30 43.04
CA SER D 325 -3.00 6.30 42.25
C SER D 325 -3.37 4.94 41.69
N ALA D 326 -2.67 3.91 42.10
CA ALA D 326 -2.93 2.56 41.62
C ALA D 326 -4.30 2.09 42.06
N ARG D 327 -4.97 1.35 41.20
CA ARG D 327 -6.21 0.70 41.58
C ARG D 327 -5.91 -0.57 42.37
N PRO D 328 -6.43 -0.64 43.60
CA PRO D 328 -6.19 -1.70 44.57
C PRO D 328 -6.45 -3.11 44.05
N ASP D 329 -7.65 -3.34 43.49
CA ASP D 329 -8.04 -4.62 42.93
C ASP D 329 -7.16 -5.04 41.76
N VAL D 330 -6.85 -4.09 40.89
CA VAL D 330 -5.98 -4.35 39.76
C VAL D 330 -4.62 -4.77 40.27
N LEU D 331 -4.12 -4.05 41.28
CA LEU D 331 -2.80 -4.32 41.82
C LEU D 331 -2.78 -5.69 42.48
N ARG D 332 -3.79 -5.96 43.28
CA ARG D 332 -3.87 -7.21 44.00
C ARG D 332 -3.93 -8.40 43.03
N THR D 333 -4.72 -8.26 41.97
CA THR D 333 -4.89 -9.32 41.01
C THR D 333 -3.61 -9.53 40.20
N ALA D 334 -2.93 -8.46 39.83
CA ALA D 334 -1.66 -8.54 39.12
C ALA D 334 -0.58 -9.24 39.96
N LEU D 335 -0.57 -8.97 41.25
CA LEU D 335 0.40 -9.60 42.14
C LEU D 335 0.12 -11.07 42.32
N ILE D 336 -1.15 -11.42 42.53
CA ILE D 336 -1.52 -12.82 42.70
C ILE D 336 -1.19 -13.61 41.45
N ARG D 337 -1.60 -13.13 40.30
CA ARG D 337 -1.40 -13.90 39.10
C ARG D 337 0.06 -13.85 38.70
N GLY D 338 0.66 -12.67 38.79
CA GLY D 338 2.05 -12.50 38.45
C GLY D 338 3.02 -13.32 39.27
N ALA D 339 2.72 -13.52 40.54
CA ALA D 339 3.60 -14.27 41.43
C ALA D 339 3.22 -15.72 41.57
N PHE D 340 1.97 -16.06 41.33
CA PHE D 340 1.53 -17.40 41.67
C PHE D 340 0.94 -18.21 40.51
N ASP D 341 0.76 -17.62 39.32
CA ASP D 341 0.48 -18.40 38.12
C ASP D 341 1.57 -19.43 37.97
N TYR D 342 1.20 -20.64 37.58
CA TYR D 342 2.12 -21.76 37.38
C TYR D 342 3.11 -21.83 38.54
N GLN D 343 2.57 -21.52 39.71
CA GLN D 343 3.29 -21.45 40.97
C GLN D 343 4.72 -20.86 40.84
N GLY D 344 4.79 -19.73 40.15
CA GLY D 344 6.01 -18.97 40.00
C GLY D 344 7.03 -19.51 39.02
N GLN D 345 6.65 -20.43 38.16
CA GLN D 345 7.66 -21.17 37.38
C GLN D 345 7.73 -20.84 35.90
N LYS D 346 7.16 -19.72 35.49
CA LYS D 346 7.35 -19.24 34.14
C LYS D 346 8.82 -18.84 33.96
N CME D 347 9.17 -18.38 32.78
CA CME D 347 10.54 -17.99 32.49
CB CME D 347 10.81 -17.45 31.08
SG CME D 347 10.41 -18.60 29.83
SD CME D 347 11.58 -20.25 30.33
CE CME D 347 13.03 -20.10 29.36
CZ CME D 347 13.99 -19.05 29.87
OH CME D 347 14.44 -19.49 31.14
C CME D 347 10.99 -16.96 33.51
O CME D 347 12.08 -16.94 34.04
N SER D 348 10.07 -16.04 33.79
CA SER D 348 10.22 -15.11 34.89
C SER D 348 8.88 -15.05 35.60
N ALA D 349 8.88 -14.44 36.78
CA ALA D 349 7.68 -14.27 37.56
C ALA D 349 7.89 -13.08 38.50
N VAL D 350 6.81 -12.53 39.04
CA VAL D 350 6.92 -11.40 39.94
C VAL D 350 7.44 -11.79 41.32
N SER D 351 8.61 -11.30 41.67
CA SER D 351 9.21 -11.64 42.95
C SER D 351 9.25 -10.47 43.92
N ARG D 352 9.14 -9.26 43.38
CA ARG D 352 9.22 -8.06 44.20
C ARG D 352 8.15 -7.06 43.84
N ALA D 353 7.39 -6.66 44.83
CA ALA D 353 6.39 -5.63 44.69
C ALA D 353 6.77 -4.40 45.50
N PHE D 354 6.58 -3.23 44.91
CA PHE D 354 6.87 -1.97 45.59
C PHE D 354 5.59 -1.16 45.67
N ILE D 355 5.00 -1.09 46.85
CA ILE D 355 3.64 -0.60 47.01
C ILE D 355 3.57 0.64 47.88
N ALA D 356 2.89 1.66 47.38
CA ALA D 356 2.70 2.90 48.13
C ALA D 356 1.91 2.65 49.39
N HIS D 357 2.27 3.36 50.45
CA HIS D 357 1.70 3.14 51.76
C HIS D 357 0.17 3.17 51.79
N SER D 358 -0.41 4.19 51.17
CA SER D 358 -1.85 4.35 51.23
C SER D 358 -2.55 3.24 50.47
N VAL D 359 -1.96 2.78 49.39
CA VAL D 359 -2.50 1.68 48.61
C VAL D 359 -2.42 0.38 49.40
N TRP D 360 -1.30 0.17 50.07
CA TRP D 360 -1.13 -1.02 50.90
C TRP D 360 -2.13 -1.07 52.05
N GLN D 361 -2.53 0.09 52.58
CA GLN D 361 -3.58 0.12 53.59
C GLN D 361 -4.88 -0.43 53.02
N ARG D 362 -5.09 -0.23 51.74
CA ARG D 362 -6.35 -0.57 51.12
C ARG D 362 -6.44 -2.02 50.67
N MET D 363 -5.35 -2.60 50.20
CA MET D 363 -5.46 -3.93 49.64
C MET D 363 -4.52 -4.95 50.29
N GLY D 364 -3.74 -4.53 51.27
CA GLY D 364 -2.77 -5.40 51.90
C GLY D 364 -3.35 -6.64 52.55
N ASP D 365 -4.40 -6.46 53.32
CA ASP D 365 -5.04 -7.56 54.00
C ASP D 365 -5.69 -8.51 53.04
N GLU D 366 -6.21 -7.96 51.95
CA GLU D 366 -6.93 -8.75 50.99
C GLU D 366 -5.96 -9.64 50.23
N LEU D 367 -4.77 -9.10 49.95
CA LEU D 367 -3.74 -9.87 49.27
C LEU D 367 -3.33 -11.09 50.10
N LEU D 368 -3.10 -10.88 51.40
CA LEU D 368 -2.73 -11.97 52.30
C LEU D 368 -3.85 -12.97 52.44
N ALA D 369 -5.07 -12.47 52.54
CA ALA D 369 -6.21 -13.35 52.64
C ALA D 369 -6.35 -14.19 51.37
N LYS D 370 -6.29 -13.54 50.21
CA LYS D 370 -6.45 -14.28 48.96
C LYS D 370 -5.33 -15.30 48.81
N ALA D 371 -4.12 -14.88 49.16
CA ALA D 371 -2.97 -15.77 49.04
C ALA D 371 -3.13 -16.98 49.93
N ALA D 372 -3.66 -16.78 51.13
CA ALA D 372 -3.90 -17.86 52.05
C ALA D 372 -4.89 -18.89 51.49
N GLU D 373 -5.93 -18.41 50.80
CA GLU D 373 -6.99 -19.27 50.30
C GLU D 373 -6.60 -20.04 49.04
N LEU D 374 -5.74 -19.46 48.23
CA LEU D 374 -5.30 -20.02 46.96
C LEU D 374 -4.95 -21.51 47.04
N ARG D 375 -5.51 -22.32 46.15
CA ARG D 375 -5.31 -23.76 46.26
C ARG D 375 -4.34 -24.35 45.24
N TYR D 376 -3.30 -24.99 45.74
CA TYR D 376 -2.37 -25.75 44.93
C TYR D 376 -2.59 -27.22 45.22
N GLY D 377 -2.75 -28.03 44.19
CA GLY D 377 -3.02 -29.43 44.36
C GLY D 377 -2.89 -30.17 43.05
N ASP D 378 -3.44 -31.37 43.00
CA ASP D 378 -3.49 -32.18 41.80
C ASP D 378 -4.24 -31.43 40.71
N ILE D 379 -3.60 -31.19 39.57
CA ILE D 379 -4.26 -30.38 38.58
C ILE D 379 -5.33 -31.13 37.77
N THR D 380 -5.52 -32.42 38.03
CA THR D 380 -6.67 -33.13 37.45
C THR D 380 -7.91 -32.75 38.22
N ASP D 381 -7.72 -32.10 39.36
CA ASP D 381 -8.80 -31.41 40.02
C ASP D 381 -8.79 -29.97 39.50
N LEU D 382 -9.77 -29.65 38.68
CA LEU D 382 -9.77 -28.41 37.91
C LEU D 382 -10.08 -27.17 38.75
N SER D 383 -10.52 -27.38 39.99
CA SER D 383 -10.84 -26.27 40.85
C SER D 383 -9.59 -25.69 41.50
N ASN D 384 -8.49 -26.41 41.45
CA ASN D 384 -7.23 -25.89 41.94
C ASN D 384 -6.75 -24.72 41.11
N TYR D 385 -6.14 -23.75 41.76
CA TYR D 385 -5.53 -22.63 41.05
C TYR D 385 -4.28 -23.12 40.34
N GLY D 386 -3.52 -23.98 40.98
CA GLY D 386 -2.27 -24.47 40.41
C GLY D 386 -1.80 -25.77 41.01
N GLY D 387 -0.60 -26.19 40.65
CA GLY D 387 -0.07 -27.47 41.05
C GLY D 387 1.18 -27.42 41.91
N ALA D 388 2.10 -28.34 41.67
CA ALA D 388 3.31 -28.42 42.48
C ALA D 388 4.52 -27.87 41.71
N LEU D 389 5.67 -27.80 42.38
CA LEU D 389 6.90 -27.42 41.72
C LEU D 389 7.35 -28.55 40.82
N ILE D 390 8.26 -28.27 39.90
CA ILE D 390 8.50 -29.18 38.80
C ILE D 390 9.27 -30.46 39.20
N ASP D 391 10.26 -30.36 40.08
CA ASP D 391 10.94 -31.56 40.57
C ASP D 391 11.54 -31.35 41.96
N GLN D 392 12.20 -32.36 42.49
CA GLN D 392 12.78 -32.30 43.84
C GLN D 392 13.81 -31.19 43.99
N ARG D 393 14.60 -30.95 42.95
CA ARG D 393 15.62 -29.94 43.08
C ARG D 393 15.06 -28.53 43.16
N ALA D 394 14.00 -28.26 42.42
CA ALA D 394 13.35 -26.96 42.51
C ALA D 394 12.67 -26.81 43.86
N PHE D 395 12.18 -27.91 44.40
CA PHE D 395 11.53 -27.91 45.70
C PHE D 395 12.50 -27.50 46.80
N VAL D 396 13.67 -28.12 46.81
CA VAL D 396 14.67 -27.86 47.83
C VAL D 396 15.11 -26.40 47.82
N LYS D 397 15.31 -25.83 46.64
CA LYS D 397 15.71 -24.43 46.56
C LYS D 397 14.62 -23.55 47.17
N ASN D 398 13.37 -23.93 46.99
CA ASN D 398 12.28 -23.17 47.57
C ASN D 398 12.29 -23.30 49.09
N VAL D 399 12.54 -24.50 49.59
CA VAL D 399 12.56 -24.71 51.02
C VAL D 399 13.66 -23.88 51.65
N ASP D 400 14.86 -23.97 51.09
CA ASP D 400 16.01 -23.24 51.61
C ASP D 400 15.73 -21.75 51.68
N ALA D 401 14.99 -21.22 50.71
CA ALA D 401 14.64 -19.81 50.68
C ALA D 401 13.62 -19.48 51.76
N ILE D 402 12.62 -20.33 51.92
CA ILE D 402 11.63 -20.12 52.96
C ILE D 402 12.25 -20.15 54.37
N GLU D 403 13.17 -21.09 54.59
CA GLU D 403 13.82 -21.21 55.88
C GLU D 403 14.77 -20.04 56.12
N ARG D 404 15.37 -19.56 55.04
CA ARG D 404 16.16 -18.35 55.08
C ARG D 404 15.31 -17.18 55.59
N ALA D 405 14.07 -17.10 55.12
CA ALA D 405 13.19 -16.00 55.50
C ALA D 405 12.69 -16.12 56.95
N LYS D 406 12.41 -17.34 57.39
CA LYS D 406 11.96 -17.59 58.75
C LYS D 406 13.02 -17.19 59.76
N GLY D 407 14.23 -17.66 59.51
CA GLY D 407 15.36 -17.45 60.40
C GLY D 407 15.83 -16.01 60.45
N ALA D 408 15.43 -15.22 59.47
CA ALA D 408 15.74 -13.81 59.46
C ALA D 408 14.69 -13.04 60.22
N ALA D 409 15.10 -12.37 61.28
CA ALA D 409 14.21 -11.56 62.07
C ALA D 409 13.64 -10.40 61.26
N ALA D 410 14.44 -9.89 60.33
CA ALA D 410 14.04 -8.75 59.52
C ALA D 410 12.94 -9.09 58.51
N VAL D 411 12.78 -10.39 58.23
CA VAL D 411 11.80 -10.83 57.26
C VAL D 411 10.65 -11.52 57.96
N THR D 412 9.43 -11.12 57.64
CA THR D 412 8.24 -11.71 58.19
C THR D 412 7.51 -12.54 57.14
N VAL D 413 7.19 -13.78 57.50
CA VAL D 413 6.38 -14.60 56.64
C VAL D 413 4.91 -14.31 56.94
N ALA D 414 4.35 -13.35 56.24
CA ALA D 414 3.01 -12.87 56.55
C ALA D 414 1.94 -13.89 56.18
N VAL D 415 2.26 -14.81 55.27
CA VAL D 415 1.32 -15.83 54.86
C VAL D 415 2.04 -16.90 54.08
N GLY D 416 1.56 -18.13 54.14
CA GLY D 416 2.21 -19.24 53.48
C GLY D 416 3.46 -19.75 54.19
N GLY D 417 4.44 -20.17 53.40
CA GLY D 417 5.68 -20.67 53.95
C GLY D 417 5.64 -22.15 54.22
N GLU D 418 4.48 -22.76 54.03
CA GLU D 418 4.34 -24.18 54.28
C GLU D 418 4.79 -24.95 53.04
N TYR D 419 5.37 -26.12 53.25
CA TYR D 419 5.80 -26.96 52.15
C TYR D 419 5.71 -28.42 52.53
N ASP D 420 5.57 -29.28 51.54
CA ASP D 420 5.33 -30.69 51.80
C ASP D 420 5.58 -31.53 50.55
N ASP D 421 6.56 -32.41 50.60
CA ASP D 421 6.92 -33.17 49.41
C ASP D 421 6.64 -34.66 49.55
N SER D 422 5.78 -35.03 50.48
CA SER D 422 5.45 -36.43 50.67
C SER D 422 4.69 -37.01 49.48
N GLU D 423 3.91 -36.17 48.80
CA GLU D 423 3.06 -36.67 47.74
C GLU D 423 3.29 -35.95 46.44
N GLY D 424 3.58 -34.66 46.53
CA GLY D 424 3.89 -33.85 45.38
C GLY D 424 4.88 -32.82 45.84
N TYR D 425 5.54 -32.13 44.92
CA TYR D 425 6.44 -31.07 45.34
C TYR D 425 5.69 -29.78 45.59
N PHE D 426 4.89 -29.78 46.66
CA PHE D 426 4.02 -28.65 46.98
C PHE D 426 4.63 -27.60 47.92
N VAL D 427 4.59 -26.35 47.46
CA VAL D 427 4.98 -25.20 48.25
C VAL D 427 3.85 -24.18 48.20
N ARG D 428 3.45 -23.66 49.35
CA ARG D 428 2.30 -22.78 49.41
C ARG D 428 2.64 -21.37 48.95
N PRO D 429 1.65 -20.64 48.42
CA PRO D 429 1.88 -19.25 48.07
C PRO D 429 2.34 -18.47 49.29
N THR D 430 3.42 -17.72 49.14
CA THR D 430 4.08 -17.12 50.28
C THR D 430 4.36 -15.65 50.06
N VAL D 431 3.99 -14.84 51.04
CA VAL D 431 4.24 -13.42 50.96
C VAL D 431 5.18 -13.00 52.09
N LEU D 432 6.30 -12.39 51.72
CA LEU D 432 7.30 -12.00 52.69
C LEU D 432 7.29 -10.48 52.86
N LEU D 433 7.24 -10.02 54.10
CA LEU D 433 7.28 -8.58 54.37
C LEU D 433 8.55 -8.18 55.08
N SER D 434 9.08 -7.02 54.73
CA SER D 434 10.31 -6.51 55.31
C SER D 434 10.38 -5.00 55.13
N ASP D 435 11.11 -4.34 56.02
CA ASP D 435 11.20 -2.89 56.00
C ASP D 435 12.08 -2.39 54.86
N ASP D 436 13.29 -2.91 54.77
CA ASP D 436 14.17 -2.52 53.69
C ASP D 436 13.81 -3.31 52.44
N PRO D 437 14.09 -2.74 51.27
CA PRO D 437 13.91 -3.45 50.01
C PRO D 437 14.66 -4.79 49.98
N THR D 438 14.04 -5.81 49.41
CA THR D 438 14.70 -7.09 49.27
C THR D 438 15.76 -6.99 48.19
N ASP D 439 16.98 -7.40 48.50
CA ASP D 439 18.03 -7.38 47.50
C ASP D 439 17.71 -8.39 46.41
N GLU D 440 17.85 -7.95 45.17
CA GLU D 440 17.49 -8.77 44.02
C GLU D 440 18.17 -10.13 44.05
N SER D 441 19.32 -10.21 44.70
CA SER D 441 20.11 -11.42 44.71
C SER D 441 19.46 -12.52 45.53
N PHE D 442 18.58 -12.14 46.45
CA PHE D 442 17.87 -13.15 47.21
C PHE D 442 16.82 -13.84 46.37
N VAL D 443 16.18 -13.12 45.45
CA VAL D 443 14.99 -13.67 44.81
C VAL D 443 15.25 -14.49 43.56
N ILE D 444 16.50 -14.55 43.11
CA ILE D 444 16.83 -15.31 41.91
C ILE D 444 17.37 -16.72 42.16
N GLU D 445 17.41 -17.14 43.42
CA GLU D 445 17.95 -18.46 43.75
C GLU D 445 16.87 -19.53 43.86
N TYR D 446 15.67 -19.21 43.38
CA TYR D 446 14.57 -20.17 43.37
C TYR D 446 13.55 -19.74 42.33
N PHE D 447 12.78 -20.68 41.83
CA PHE D 447 11.55 -20.36 41.11
C PHE D 447 10.41 -21.06 41.83
N GLY D 448 9.49 -20.27 42.36
CA GLY D 448 8.41 -20.77 43.17
C GLY D 448 7.52 -19.65 43.65
N PRO D 449 6.51 -19.99 44.43
CA PRO D 449 5.44 -19.06 44.75
C PRO D 449 5.80 -18.12 45.90
N LEU D 450 6.83 -17.29 45.71
CA LEU D 450 7.34 -16.46 46.80
C LEU D 450 7.36 -14.98 46.47
N LEU D 451 6.40 -14.23 46.97
CA LEU D 451 6.30 -12.80 46.65
C LEU D 451 6.79 -11.92 47.79
N SER D 452 7.72 -11.01 47.50
CA SER D 452 8.24 -10.10 48.50
C SER D 452 7.60 -8.74 48.35
N VAL D 453 7.19 -8.13 49.45
CA VAL D 453 6.52 -6.85 49.36
C VAL D 453 7.25 -5.78 50.14
N HIS D 454 7.49 -4.66 49.49
CA HIS D 454 8.05 -3.50 50.16
C HIS D 454 7.07 -2.35 50.11
N VAL D 455 6.78 -1.79 51.27
CA VAL D 455 5.89 -0.65 51.36
C VAL D 455 6.72 0.61 51.49
N TYR D 456 6.50 1.57 50.60
CA TYR D 456 7.24 2.83 50.63
C TYR D 456 6.25 3.97 50.82
N PRO D 457 6.72 5.10 51.36
CA PRO D 457 5.84 6.25 51.55
C PRO D 457 5.37 6.86 50.23
N ASP D 458 4.08 7.18 50.14
CA ASP D 458 3.47 7.71 48.92
C ASP D 458 4.32 8.75 48.20
N GLU D 459 4.88 9.68 48.97
CA GLU D 459 5.54 10.84 48.38
C GLU D 459 6.96 10.54 47.93
N ARG D 460 7.45 9.36 48.24
CA ARG D 460 8.80 9.02 47.84
C ARG D 460 8.81 8.08 46.64
N TYR D 461 7.88 8.34 45.71
CA TYR D 461 7.74 7.57 44.49
C TYR D 461 8.98 7.63 43.62
N GLU D 462 9.48 8.83 43.37
CA GLU D 462 10.66 8.97 42.54
C GLU D 462 11.86 8.32 43.18
N GLN D 463 11.91 8.36 44.50
CA GLN D 463 13.02 7.73 45.21
C GLN D 463 12.96 6.21 45.06
N ILE D 464 11.76 5.65 45.12
CA ILE D 464 11.65 4.20 45.05
C ILE D 464 11.91 3.72 43.62
N LEU D 465 11.66 4.56 42.63
CA LEU D 465 11.99 4.18 41.26
C LEU D 465 13.50 4.07 41.10
N ASP D 466 14.24 4.99 41.71
CA ASP D 466 15.70 4.90 41.73
C ASP D 466 16.21 3.63 42.40
N VAL D 467 15.58 3.23 43.49
CA VAL D 467 15.96 1.99 44.17
C VAL D 467 15.78 0.80 43.23
N ILE D 468 14.61 0.74 42.60
CA ILE D 468 14.31 -0.33 41.66
C ILE D 468 15.34 -0.36 40.54
N ASP D 469 15.58 0.80 39.93
CA ASP D 469 16.52 0.92 38.82
C ASP D 469 17.92 0.45 39.19
N THR D 470 18.40 0.91 40.34
CA THR D 470 19.70 0.57 40.87
C THR D 470 19.77 -0.90 41.29
N GLY D 471 18.62 -1.45 41.65
CA GLY D 471 18.57 -2.81 42.14
C GLY D 471 18.00 -3.83 41.17
N SER D 472 18.07 -3.56 39.89
CA SER D 472 17.51 -4.50 38.94
C SER D 472 18.41 -4.82 37.77
N ARG D 473 18.88 -6.05 37.79
CA ARG D 473 19.83 -6.56 36.82
C ARG D 473 19.23 -7.80 36.14
N TYR D 474 18.21 -8.37 36.77
CA TYR D 474 17.72 -9.68 36.37
C TYR D 474 16.23 -9.76 36.07
N ALA D 475 15.58 -8.62 35.90
CA ALA D 475 14.16 -8.62 35.57
C ALA D 475 13.92 -8.63 34.09
N LEU D 476 13.21 -9.63 33.60
CA LEU D 476 12.77 -9.66 32.21
C LEU D 476 11.73 -8.58 32.00
N THR D 477 10.79 -8.47 32.92
CA THR D 477 9.69 -7.55 32.78
C THR D 477 9.41 -6.78 34.06
N GLY D 478 8.81 -5.60 33.92
CA GLY D 478 8.43 -4.80 35.06
C GLY D 478 7.08 -4.18 34.79
N ALA D 479 6.45 -3.64 35.81
CA ALA D 479 5.11 -3.09 35.62
C ALA D 479 4.85 -1.94 36.56
N VAL D 480 4.16 -0.93 36.08
CA VAL D 480 3.68 0.12 36.95
C VAL D 480 2.15 0.05 37.03
N ILE D 481 1.62 0.06 38.25
CA ILE D 481 0.20 0.22 38.45
C ILE D 481 -0.07 1.64 38.94
N ALA D 482 -0.77 2.41 38.12
CA ALA D 482 -1.04 3.83 38.38
C ALA D 482 -2.07 4.39 37.40
N ASP D 483 -3.00 5.21 37.87
CA ASP D 483 -3.95 5.86 36.98
C ASP D 483 -3.46 7.24 36.56
N ASP D 484 -2.56 7.82 37.34
CA ASP D 484 -2.02 9.14 37.10
C ASP D 484 -1.03 9.08 35.92
N ARG D 485 -1.27 9.90 34.90
CA ARG D 485 -0.50 9.80 33.66
C ARG D 485 0.95 10.21 33.85
N GLN D 486 1.18 11.19 34.70
CA GLN D 486 2.53 11.63 34.95
C GLN D 486 3.31 10.51 35.60
N ALA D 487 2.65 9.80 36.50
CA ALA D 487 3.29 8.69 37.19
C ALA D 487 3.60 7.55 36.23
N VAL D 488 2.75 7.35 35.23
CA VAL D 488 2.97 6.29 34.27
C VAL D 488 4.20 6.64 33.43
N LEU D 489 4.22 7.88 32.94
CA LEU D 489 5.30 8.33 32.08
C LEU D 489 6.62 8.38 32.84
N THR D 490 6.57 8.74 34.12
CA THR D 490 7.78 8.81 34.94
C THR D 490 8.37 7.41 35.08
N ALA D 491 7.51 6.45 35.34
CA ALA D 491 7.92 5.06 35.39
C ALA D 491 8.48 4.58 34.04
N LEU D 492 7.86 4.95 32.93
CA LEU D 492 8.33 4.49 31.63
C LEU D 492 9.72 5.05 31.33
N ASP D 493 10.03 6.21 31.90
CA ASP D 493 11.30 6.84 31.67
C ASP D 493 12.38 6.33 32.63
N ARG D 494 12.09 6.30 33.92
CA ARG D 494 13.09 5.95 34.93
C ARG D 494 13.51 4.50 34.89
N LEU D 495 12.57 3.64 34.53
CA LEU D 495 12.83 2.22 34.54
C LEU D 495 13.01 1.72 33.12
N ARG D 496 13.32 2.64 32.22
CA ARG D 496 13.46 2.33 30.80
C ARG D 496 14.45 1.20 30.57
N PHE D 497 15.54 1.15 31.33
CA PHE D 497 16.53 0.11 31.13
C PHE D 497 16.56 -0.91 32.26
N ALA D 498 15.59 -0.79 33.16
CA ALA D 498 15.51 -1.68 34.31
C ALA D 498 14.95 -3.03 33.94
N ALA D 499 14.20 -3.08 32.86
CA ALA D 499 13.61 -4.32 32.41
C ALA D 499 13.52 -4.30 30.90
N GLY D 500 13.11 -5.43 30.32
CA GLY D 500 12.77 -5.46 28.92
C GLY D 500 11.34 -4.98 28.78
N ASN D 501 10.43 -5.92 28.55
CA ASN D 501 9.01 -5.60 28.40
C ASN D 501 8.40 -4.97 29.64
N PHE D 502 7.73 -3.85 29.43
CA PHE D 502 7.20 -3.08 30.54
C PHE D 502 5.69 -2.98 30.43
N TYR D 503 5.03 -3.06 31.57
CA TYR D 503 3.59 -3.17 31.58
C TYR D 503 2.95 -2.04 32.39
N VAL D 504 1.86 -1.50 31.86
CA VAL D 504 1.14 -0.45 32.54
C VAL D 504 -0.26 -0.94 32.91
N ASN D 505 -0.50 -1.10 34.22
CA ASN D 505 -1.81 -1.44 34.78
C ASN D 505 -2.24 -2.84 34.43
N ASP D 506 -1.29 -3.75 34.48
CA ASP D 506 -1.54 -5.15 34.27
C ASP D 506 -0.34 -5.90 34.82
N LYS D 507 -0.50 -7.18 35.06
CA LYS D 507 0.60 -8.01 35.48
C LYS D 507 1.66 -8.05 34.39
N PRO D 508 2.93 -8.05 34.79
CA PRO D 508 4.01 -8.20 33.83
C PRO D 508 4.31 -9.68 33.65
N THR D 509 4.00 -10.22 32.50
CA THR D 509 4.18 -11.64 32.31
C THR D 509 4.63 -11.96 30.89
N GLY D 510 4.61 -13.25 30.56
CA GLY D 510 5.04 -13.70 29.24
C GLY D 510 4.25 -13.08 28.10
N ALA D 511 4.93 -12.93 26.97
CA ALA D 511 4.36 -12.28 25.81
C ALA D 511 3.29 -13.14 25.09
N VAL D 512 2.34 -12.48 24.43
CA VAL D 512 1.49 -13.10 23.42
C VAL D 512 2.20 -12.92 22.08
N VAL D 513 2.21 -13.95 21.23
CA VAL D 513 2.96 -13.87 19.97
C VAL D 513 2.45 -12.76 19.06
N GLY D 514 3.35 -11.89 18.63
CA GLY D 514 3.00 -10.79 17.76
C GLY D 514 2.53 -9.55 18.48
N ARG D 515 2.40 -9.61 19.81
CA ARG D 515 1.89 -8.47 20.57
C ARG D 515 2.94 -7.83 21.47
N GLN D 516 3.75 -8.65 22.13
CA GLN D 516 4.85 -8.14 22.94
C GLN D 516 6.18 -8.83 22.60
N PRO D 517 6.71 -8.60 21.41
CA PRO D 517 7.97 -9.27 21.08
C PRO D 517 9.18 -8.63 21.79
N PHE D 518 10.35 -9.22 21.58
CA PHE D 518 11.63 -8.74 22.11
C PHE D 518 11.70 -8.67 23.64
N GLY D 519 12.47 -7.72 24.14
CA GLY D 519 12.68 -7.58 25.58
C GLY D 519 14.02 -8.14 26.01
N GLY D 520 14.05 -8.83 27.15
CA GLY D 520 15.28 -9.32 27.74
C GLY D 520 15.68 -8.49 28.96
N ALA D 521 16.51 -9.06 29.83
CA ALA D 521 16.93 -8.35 31.04
C ALA D 521 17.96 -7.28 30.73
N ARG D 522 18.33 -6.49 31.73
CA ARG D 522 19.23 -5.37 31.53
C ARG D 522 20.52 -5.80 30.86
N GLY D 523 20.91 -5.05 29.83
CA GLY D 523 22.15 -5.26 29.12
C GLY D 523 22.21 -6.48 28.23
N SER D 524 21.11 -7.19 28.09
CA SER D 524 21.09 -8.42 27.32
C SER D 524 21.01 -8.16 25.81
N ASP D 525 21.32 -9.20 25.05
CA ASP D 525 21.37 -9.13 23.60
C ASP D 525 20.61 -10.32 23.03
N THR D 526 19.30 -10.28 23.20
CA THR D 526 18.46 -11.40 22.79
C THR D 526 17.24 -10.95 21.98
N ASN D 527 17.35 -9.85 21.24
CA ASN D 527 16.25 -9.42 20.39
C ASN D 527 16.01 -10.36 19.21
N ASP D 528 16.97 -11.24 18.93
CA ASP D 528 16.77 -12.24 17.91
C ASP D 528 16.12 -13.53 18.42
N LYS D 529 15.62 -13.50 19.65
CA LYS D 529 14.90 -14.62 20.21
C LYS D 529 13.56 -14.82 19.51
N ALA D 530 12.89 -15.91 19.84
CA ALA D 530 11.60 -16.23 19.25
C ALA D 530 10.57 -15.11 19.44
N GLY D 531 9.73 -14.90 18.45
CA GLY D 531 8.66 -13.93 18.56
C GLY D 531 8.67 -12.86 17.50
N SER D 532 9.69 -12.83 16.68
CA SER D 532 9.75 -11.87 15.59
C SER D 532 10.42 -12.51 14.37
N PRO D 533 10.36 -11.84 13.22
CA PRO D 533 11.07 -12.43 12.09
C PRO D 533 12.60 -12.47 12.30
N LEU D 534 13.12 -11.72 13.27
CA LEU D 534 14.56 -11.71 13.50
C LEU D 534 15.10 -13.08 13.90
N ASN D 535 14.30 -13.84 14.62
CA ASN D 535 14.72 -15.17 15.00
C ASN D 535 14.91 -16.07 13.78
N LEU D 536 14.01 -15.94 12.83
CA LEU D 536 14.03 -16.81 11.67
C LEU D 536 15.17 -16.45 10.73
N LEU D 537 15.54 -15.18 10.73
CA LEU D 537 16.70 -14.73 9.98
C LEU D 537 18.00 -15.39 10.43
N ARG D 538 18.11 -15.70 11.72
CA ARG D 538 19.30 -16.38 12.24
C ARG D 538 19.45 -17.78 11.66
N TRP D 539 18.37 -18.35 11.14
CA TRP D 539 18.45 -19.67 10.55
C TRP D 539 18.54 -19.56 9.04
N THR D 540 18.90 -18.39 8.56
CA THR D 540 19.20 -18.23 7.14
C THR D 540 20.56 -17.61 6.90
N SER D 541 21.06 -17.77 5.69
CA SER D 541 22.24 -17.08 5.24
C SER D 541 21.94 -16.43 3.89
N ALA D 542 21.67 -15.14 3.91
CA ALA D 542 21.22 -14.45 2.71
C ALA D 542 22.37 -14.21 1.75
N ARG D 543 22.12 -14.48 0.48
CA ARG D 543 23.02 -14.05 -0.57
C ARG D 543 22.34 -13.09 -1.53
N SER D 544 23.11 -12.13 -2.03
CA SER D 544 22.66 -11.29 -3.12
C SER D 544 23.03 -11.94 -4.43
N ILE D 545 22.22 -11.73 -5.45
CA ILE D 545 22.54 -12.22 -6.78
C ILE D 545 22.39 -11.07 -7.76
N LYS D 546 23.42 -10.82 -8.53
CA LYS D 546 23.40 -9.73 -9.47
C LYS D 546 23.70 -10.20 -10.87
N GLU D 547 22.75 -10.00 -11.78
CA GLU D 547 23.01 -10.20 -13.19
C GLU D 547 23.11 -8.84 -13.87
N THR D 548 24.18 -8.64 -14.61
CA THR D 548 24.32 -7.49 -15.49
C THR D 548 24.09 -7.91 -16.92
N PHE D 549 23.33 -7.11 -17.65
CA PHE D 549 22.86 -7.47 -18.98
C PHE D 549 23.86 -7.13 -20.09
N VAL D 550 24.50 -5.98 -19.97
CA VAL D 550 25.48 -5.53 -20.94
C VAL D 550 26.71 -4.97 -20.20
N ALA D 551 27.58 -5.85 -19.72
CA ALA D 551 28.73 -5.44 -18.96
C ALA D 551 29.82 -4.79 -19.81
N ALA D 552 30.69 -4.05 -19.16
CA ALA D 552 31.86 -3.45 -19.77
C ALA D 552 32.66 -4.47 -20.58
N THR D 553 33.18 -4.02 -21.71
CA THR D 553 34.00 -4.86 -22.57
C THR D 553 35.42 -4.31 -22.66
N ASP D 554 35.66 -3.18 -22.03
CA ASP D 554 36.98 -2.60 -21.97
C ASP D 554 37.21 -2.20 -20.50
N HIS D 555 38.43 -2.34 -20.00
CA HIS D 555 38.65 -2.15 -18.56
C HIS D 555 39.01 -0.72 -18.17
N ILE D 556 39.40 0.10 -19.14
CA ILE D 556 39.89 1.44 -18.87
C ILE D 556 38.78 2.36 -18.32
N TYR D 557 39.16 3.28 -17.45
CA TYR D 557 38.23 4.22 -16.84
C TYR D 557 38.37 5.59 -17.46
N PRO D 558 37.28 6.35 -17.48
CA PRO D 558 37.28 7.72 -18.03
C PRO D 558 38.40 8.62 -17.50
N HIS D 559 38.81 8.47 -16.25
CA HIS D 559 39.80 9.37 -15.70
C HIS D 559 41.18 9.15 -16.30
N MET D 560 41.35 8.00 -16.93
CA MET D 560 42.64 7.64 -17.46
C MET D 560 42.98 8.29 -18.80
N ALA D 561 42.00 8.91 -19.44
CA ALA D 561 42.22 9.53 -20.74
C ALA D 561 43.15 10.74 -20.62
N VAL D 562 43.81 11.11 -21.71
CA VAL D 562 44.81 12.19 -21.68
C VAL D 562 44.22 13.60 -21.53
N ASP D 563 44.96 14.42 -20.79
CA ASP D 563 44.83 15.90 -20.64
C ASP D 563 44.09 16.29 -19.37
N HIS E 20 -18.91 10.52 -21.89
CA HIS E 20 -19.49 9.44 -21.10
C HIS E 20 -18.41 8.41 -20.80
N MET E 21 -18.39 7.90 -19.56
CA MET E 21 -17.32 7.01 -19.14
C MET E 21 -17.69 6.07 -18.00
N ASP E 22 -17.17 4.85 -18.08
CA ASP E 22 -17.17 3.95 -16.95
C ASP E 22 -15.74 3.75 -16.55
N ALA E 23 -15.33 4.46 -15.51
CA ALA E 23 -13.94 4.46 -15.11
C ALA E 23 -13.75 5.06 -13.75
N ILE E 24 -12.64 4.69 -13.12
CA ILE E 24 -12.15 5.38 -11.95
C ILE E 24 -10.75 5.90 -12.32
N THR E 25 -10.70 7.15 -12.75
CA THR E 25 -9.50 7.71 -13.33
C THR E 25 -8.51 8.29 -12.34
N GLN E 26 -7.26 8.39 -12.77
CA GLN E 26 -6.22 9.07 -12.02
C GLN E 26 -5.85 10.36 -12.71
N VAL E 27 -5.46 11.37 -11.94
CA VAL E 27 -4.89 12.57 -12.53
C VAL E 27 -3.40 12.36 -12.65
N PRO E 28 -2.75 13.09 -13.56
CA PRO E 28 -1.29 13.02 -13.65
C PRO E 28 -0.61 13.35 -12.34
N VAL E 29 0.57 12.77 -12.13
CA VAL E 29 1.34 13.00 -10.92
C VAL E 29 2.09 14.32 -11.02
N PRO E 30 1.86 15.22 -10.08
CA PRO E 30 2.51 16.53 -10.04
C PRO E 30 3.93 16.50 -9.51
N ALA E 31 4.81 17.25 -10.18
CA ALA E 31 6.15 17.51 -9.71
C ALA E 31 6.41 19.01 -9.81
N ASN E 32 7.19 19.55 -8.89
CA ASN E 32 7.51 20.97 -8.92
C ASN E 32 8.23 21.35 -10.20
N GLU E 33 7.75 22.40 -10.84
CA GLU E 33 8.34 22.91 -12.06
C GLU E 33 9.77 23.43 -11.85
N PRO E 34 10.70 23.00 -12.69
CA PRO E 34 12.09 23.47 -12.61
C PRO E 34 12.19 24.97 -12.84
N VAL E 35 13.07 25.63 -12.09
CA VAL E 35 13.33 27.05 -12.26
C VAL E 35 14.42 27.26 -13.30
N HIS E 36 14.13 28.07 -14.31
CA HIS E 36 15.14 28.42 -15.32
C HIS E 36 16.02 29.54 -14.81
N ASP E 37 17.30 29.52 -15.18
CA ASP E 37 18.27 30.44 -14.58
C ASP E 37 18.43 31.73 -15.37
N TYR E 38 18.06 31.70 -16.65
CA TYR E 38 18.18 32.86 -17.53
C TYR E 38 19.61 33.38 -17.60
N ALA E 39 20.58 32.48 -17.51
CA ALA E 39 21.98 32.86 -17.61
C ALA E 39 22.27 33.44 -18.99
N PRO E 40 23.35 34.20 -19.11
CA PRO E 40 23.79 34.72 -20.41
C PRO E 40 23.91 33.65 -21.47
N LYS E 41 23.55 34.02 -22.70
CA LYS E 41 23.60 33.14 -23.86
C LYS E 41 22.63 31.96 -23.81
N SER E 42 21.79 31.91 -22.79
CA SER E 42 20.77 30.87 -22.73
C SER E 42 19.57 31.24 -23.60
N PRO E 43 18.85 30.24 -24.10
CA PRO E 43 17.75 30.54 -25.00
C PRO E 43 16.55 31.15 -24.30
N GLU E 44 16.33 30.86 -23.02
CA GLU E 44 15.19 31.47 -22.34
C GLU E 44 15.45 32.97 -22.14
N ARG E 45 16.72 33.35 -22.12
CA ARG E 45 17.08 34.75 -21.97
C ARG E 45 16.72 35.52 -23.23
N THR E 46 17.06 34.97 -24.38
CA THR E 46 16.67 35.56 -25.65
C THR E 46 15.16 35.69 -25.77
N ARG E 47 14.43 34.61 -25.48
CA ARG E 47 12.98 34.63 -25.53
C ARG E 47 12.42 35.66 -24.57
N LEU E 48 13.07 35.83 -23.43
CA LEU E 48 12.61 36.79 -22.45
C LEU E 48 12.78 38.23 -22.95
N ARG E 49 13.89 38.50 -23.60
CA ARG E 49 14.14 39.86 -24.08
C ARG E 49 13.11 40.25 -25.12
N THR E 50 12.74 39.30 -25.97
CA THR E 50 11.71 39.53 -26.96
C THR E 50 10.40 39.90 -26.30
N GLU E 51 10.03 39.18 -25.25
CA GLU E 51 8.75 39.43 -24.58
C GLU E 51 8.76 40.73 -23.79
N LEU E 52 9.89 41.03 -23.17
CA LEU E 52 10.02 42.29 -22.44
C LEU E 52 9.83 43.48 -23.38
N ALA E 53 10.45 43.45 -24.55
CA ALA E 53 10.29 44.52 -25.53
C ALA E 53 8.85 44.59 -26.05
N SER E 54 8.28 43.43 -26.34
CA SER E 54 6.94 43.37 -26.91
C SER E 54 5.88 43.93 -25.97
N LEU E 55 6.11 43.81 -24.68
CA LEU E 55 5.13 44.26 -23.71
C LEU E 55 5.32 45.73 -23.37
N ALA E 56 6.56 46.18 -23.35
CA ALA E 56 6.89 47.54 -22.99
C ALA E 56 6.60 48.50 -24.12
N ASP E 57 6.76 48.04 -25.35
CA ASP E 57 6.65 48.92 -26.50
C ASP E 57 5.23 49.01 -27.03
N HIS E 58 4.36 48.13 -26.57
CA HIS E 58 3.01 48.10 -27.11
C HIS E 58 1.98 47.99 -26.01
N PRO E 59 1.83 49.05 -25.22
CA PRO E 59 0.85 49.04 -24.13
C PRO E 59 -0.55 48.81 -24.67
N ILE E 60 -1.41 48.21 -23.86
CA ILE E 60 -2.72 47.79 -24.29
C ILE E 60 -3.79 48.28 -23.34
N ASP E 61 -5.03 48.25 -23.79
CA ASP E 61 -6.12 48.39 -22.86
C ASP E 61 -6.13 47.18 -21.95
N LEU E 62 -6.56 47.39 -20.72
CA LEU E 62 -6.73 46.32 -19.76
C LEU E 62 -8.20 46.26 -19.36
N PRO E 63 -8.98 45.49 -20.10
CA PRO E 63 -10.43 45.46 -19.91
C PRO E 63 -10.89 44.54 -18.81
N HIS E 64 -12.10 44.73 -18.34
CA HIS E 64 -12.78 43.72 -17.58
C HIS E 64 -13.01 42.52 -18.50
N VAL E 65 -13.20 41.35 -17.91
CA VAL E 65 -13.55 40.17 -18.67
C VAL E 65 -14.77 39.58 -18.00
N ILE E 66 -15.92 39.78 -18.63
CA ILE E 66 -17.19 39.43 -18.03
C ILE E 66 -18.00 38.55 -18.97
N GLY E 67 -18.35 37.35 -18.50
CA GLY E 67 -19.01 36.38 -19.34
C GLY E 67 -18.24 36.14 -20.62
N GLY E 68 -16.92 36.10 -20.50
CA GLY E 68 -16.07 35.95 -21.65
C GLY E 68 -15.92 37.18 -22.51
N ARG E 69 -16.58 38.27 -22.13
CA ARG E 69 -16.55 39.47 -22.95
C ARG E 69 -15.50 40.46 -22.42
N HIS E 70 -14.54 40.83 -23.26
CA HIS E 70 -13.51 41.77 -22.87
C HIS E 70 -13.95 43.19 -23.18
N ARG E 71 -14.35 43.92 -22.15
CA ARG E 71 -14.93 45.25 -22.30
C ARG E 71 -14.28 46.28 -21.39
N MET E 72 -13.82 47.39 -21.96
CA MET E 72 -13.50 48.56 -21.16
C MET E 72 -14.80 49.09 -20.57
N GLY E 73 -14.73 49.64 -19.37
CA GLY E 73 -15.92 50.15 -18.70
C GLY E 73 -16.05 51.65 -18.76
N ASP E 74 -17.00 52.20 -18.02
CA ASP E 74 -17.21 53.65 -18.03
C ASP E 74 -16.56 54.36 -16.86
N GLY E 75 -15.89 53.60 -16.00
CA GLY E 75 -15.25 54.15 -14.82
C GLY E 75 -13.98 54.86 -15.20
N GLU E 76 -13.35 55.53 -14.24
CA GLU E 76 -12.20 56.38 -14.57
C GLU E 76 -11.02 55.55 -15.06
N ARG E 77 -10.29 56.11 -16.01
CA ARG E 77 -9.12 55.45 -16.55
C ARG E 77 -7.95 55.56 -15.60
N ILE E 78 -7.27 54.43 -15.39
CA ILE E 78 -6.11 54.37 -14.53
C ILE E 78 -4.97 53.68 -15.27
N ASP E 79 -3.85 54.36 -15.41
CA ASP E 79 -2.71 53.79 -16.10
C ASP E 79 -2.02 52.75 -15.23
N VAL E 80 -1.45 51.75 -15.87
CA VAL E 80 -0.58 50.78 -15.21
C VAL E 80 0.83 50.98 -15.74
N VAL E 81 1.78 51.35 -14.87
CA VAL E 81 3.13 51.68 -15.31
C VAL E 81 4.20 50.80 -14.71
N GLN E 82 5.42 50.93 -15.25
CA GLN E 82 6.58 50.25 -14.72
C GLN E 82 7.06 50.97 -13.48
N PRO E 83 7.00 50.32 -12.30
CA PRO E 83 7.42 51.00 -11.07
C PRO E 83 8.87 51.53 -11.10
N HIS E 84 9.75 50.81 -11.78
CA HIS E 84 11.14 51.20 -11.91
C HIS E 84 11.36 52.23 -13.02
N ARG E 85 10.28 52.67 -13.65
CA ARG E 85 10.32 53.71 -14.66
C ARG E 85 8.91 54.17 -14.88
N HIS E 86 8.37 54.89 -13.90
CA HIS E 86 6.94 55.10 -13.79
C HIS E 86 6.35 56.05 -14.84
N ALA E 87 7.19 56.52 -15.74
CA ALA E 87 6.71 57.34 -16.84
C ALA E 87 6.26 56.43 -17.97
N ALA E 88 6.81 55.23 -18.01
CA ALA E 88 6.47 54.26 -19.05
C ALA E 88 5.17 53.53 -18.72
N ARG E 89 4.18 53.69 -19.58
CA ARG E 89 2.88 53.07 -19.39
C ARG E 89 2.89 51.66 -19.93
N LEU E 90 2.32 50.71 -19.20
CA LEU E 90 2.23 49.36 -19.70
C LEU E 90 0.85 49.09 -20.26
N GLY E 91 -0.15 49.75 -19.68
CA GLY E 91 -1.51 49.64 -20.15
C GLY E 91 -2.43 50.58 -19.40
N THR E 92 -3.73 50.51 -19.69
CA THR E 92 -4.69 51.36 -19.02
C THR E 92 -5.92 50.55 -18.70
N LEU E 93 -6.41 50.67 -17.47
CA LEU E 93 -7.61 49.95 -17.09
C LEU E 93 -8.72 50.94 -16.76
N THR E 94 -9.95 50.45 -16.68
CA THR E 94 -11.04 51.26 -16.16
C THR E 94 -11.47 50.76 -14.79
N ASN E 95 -11.72 51.69 -13.88
CA ASN E 95 -12.13 51.35 -12.53
C ASN E 95 -13.54 50.81 -12.58
N ALA E 96 -13.75 49.64 -12.00
CA ALA E 96 -15.04 48.98 -12.11
C ALA E 96 -16.12 49.88 -11.56
N THR E 97 -17.27 49.88 -12.20
CA THR E 97 -18.42 50.60 -11.71
C THR E 97 -19.36 49.58 -11.09
N HIS E 98 -20.31 50.06 -10.30
CA HIS E 98 -21.32 49.20 -9.74
C HIS E 98 -21.96 48.32 -10.82
N ALA E 99 -22.20 48.89 -11.98
CA ALA E 99 -22.81 48.15 -13.08
C ALA E 99 -21.89 47.04 -13.57
N ASP E 100 -20.60 47.31 -13.69
CA ASP E 100 -19.63 46.29 -14.02
C ASP E 100 -19.65 45.16 -13.00
N ALA E 101 -19.69 45.50 -11.72
CA ALA E 101 -19.67 44.51 -10.67
C ALA E 101 -20.91 43.63 -10.72
N ALA E 102 -22.06 44.26 -10.95
CA ALA E 102 -23.31 43.52 -11.06
C ALA E 102 -23.30 42.61 -12.27
N ALA E 103 -22.67 43.05 -13.35
CA ALA E 103 -22.59 42.25 -14.56
C ALA E 103 -21.69 41.04 -14.34
N ALA E 104 -20.60 41.25 -13.60
CA ALA E 104 -19.68 40.17 -13.30
C ALA E 104 -20.35 39.12 -12.43
N VAL E 105 -21.13 39.54 -11.45
CA VAL E 105 -21.85 38.59 -10.62
C VAL E 105 -22.86 37.79 -11.44
N GLU E 106 -23.64 38.45 -12.30
CA GLU E 106 -24.62 37.73 -13.12
C GLU E 106 -23.96 36.73 -14.07
N ALA E 107 -22.81 37.11 -14.62
CA ALA E 107 -22.06 36.22 -15.49
C ALA E 107 -21.57 34.99 -14.74
N ALA E 108 -21.09 35.18 -13.51
CA ALA E 108 -20.70 34.07 -12.68
C ALA E 108 -21.87 33.12 -12.40
N MET E 109 -23.00 33.68 -12.00
CA MET E 109 -24.17 32.89 -11.65
C MET E 109 -24.80 32.23 -12.87
N SER E 110 -24.66 32.84 -14.03
CA SER E 110 -25.21 32.28 -15.26
C SER E 110 -24.34 31.14 -15.80
N ALA E 111 -23.07 31.17 -15.47
CA ALA E 111 -22.13 30.19 -15.96
C ALA E 111 -22.07 28.98 -15.04
N LYS E 112 -22.62 29.12 -13.84
CA LYS E 112 -22.44 28.13 -12.79
C LYS E 112 -22.93 26.73 -13.19
N SER E 113 -24.11 26.67 -13.79
CA SER E 113 -24.73 25.39 -14.04
C SER E 113 -23.96 24.49 -15.01
N ASP E 114 -23.47 25.06 -16.10
CA ASP E 114 -22.73 24.25 -17.06
C ASP E 114 -21.32 23.92 -16.57
N TRP E 115 -20.80 24.72 -15.64
CA TRP E 115 -19.47 24.48 -15.11
C TRP E 115 -19.50 23.38 -14.07
N ALA E 116 -20.41 23.48 -13.12
CA ALA E 116 -20.54 22.45 -12.09
C ALA E 116 -21.00 21.11 -12.66
N ALA E 117 -21.63 21.13 -13.83
CA ALA E 117 -22.12 19.93 -14.45
C ALA E 117 -21.04 19.21 -15.23
N LEU E 118 -19.95 19.91 -15.52
CA LEU E 118 -18.81 19.25 -16.10
C LEU E 118 -18.23 18.27 -15.10
N PRO E 119 -17.81 17.10 -15.57
CA PRO E 119 -17.10 16.14 -14.72
C PRO E 119 -15.81 16.75 -14.20
N PHE E 120 -15.43 16.37 -12.99
CA PHE E 120 -14.19 16.83 -12.39
C PHE E 120 -13.00 16.76 -13.34
N ASP E 121 -12.85 15.65 -14.06
CA ASP E 121 -11.73 15.49 -14.97
C ASP E 121 -11.68 16.58 -16.04
N GLU E 122 -12.84 17.00 -16.51
CA GLU E 122 -12.87 18.00 -17.58
C GLU E 122 -12.57 19.38 -17.03
N ARG E 123 -13.03 19.67 -15.83
CA ARG E 123 -12.64 20.91 -15.19
C ARG E 123 -11.15 20.88 -14.89
N ALA E 124 -10.66 19.72 -14.45
CA ALA E 124 -9.26 19.56 -14.10
C ALA E 124 -8.36 19.80 -15.29
N ALA E 125 -8.80 19.36 -16.45
CA ALA E 125 -8.01 19.44 -17.67
C ALA E 125 -7.68 20.88 -18.03
N VAL E 126 -8.60 21.78 -17.73
CA VAL E 126 -8.41 23.17 -18.04
C VAL E 126 -7.18 23.69 -17.31
N PHE E 127 -7.05 23.35 -16.04
CA PHE E 127 -5.97 23.91 -15.28
C PHE E 127 -4.69 23.14 -15.54
N LEU E 128 -4.82 21.86 -15.85
CA LEU E 128 -3.65 21.10 -16.26
C LEU E 128 -3.13 21.64 -17.58
N ARG E 129 -4.03 21.92 -18.52
CA ARG E 129 -3.63 22.49 -19.79
C ARG E 129 -3.02 23.88 -19.59
N ALA E 130 -3.62 24.68 -18.71
CA ALA E 130 -3.07 25.99 -18.42
C ALA E 130 -1.64 25.88 -17.88
N ALA E 131 -1.45 24.97 -16.93
CA ALA E 131 -0.13 24.74 -16.36
C ALA E 131 0.91 24.46 -17.43
N ASP E 132 0.57 23.57 -18.36
CA ASP E 132 1.51 23.23 -19.42
C ASP E 132 1.70 24.38 -20.40
N LEU E 133 0.66 25.16 -20.65
CA LEU E 133 0.79 26.32 -21.51
C LEU E 133 1.73 27.35 -20.88
N LEU E 134 1.60 27.53 -19.57
CA LEU E 134 2.44 28.43 -18.83
C LEU E 134 3.88 27.94 -18.76
N ALA E 135 4.08 26.62 -18.77
CA ALA E 135 5.42 26.05 -18.74
C ALA E 135 6.15 26.20 -20.06
N GLY E 136 5.39 26.24 -21.14
CA GLY E 136 5.96 26.32 -22.48
C GLY E 136 5.77 27.65 -23.16
N PRO E 137 4.83 27.71 -24.09
CA PRO E 137 4.64 28.83 -25.02
C PRO E 137 4.37 30.19 -24.37
N TRP E 138 3.81 30.20 -23.16
CA TRP E 138 3.47 31.46 -22.51
C TRP E 138 4.48 31.87 -21.45
N ARG E 139 5.47 31.03 -21.19
CA ARG E 139 6.34 31.16 -20.02
C ARG E 139 7.01 32.54 -19.92
N GLU E 140 7.68 32.96 -20.97
CA GLU E 140 8.41 34.21 -20.88
C GLU E 140 7.50 35.42 -20.93
N LYS E 141 6.38 35.34 -21.64
CA LYS E 141 5.43 36.44 -21.67
C LYS E 141 4.85 36.78 -20.31
N ILE E 142 4.42 35.75 -19.57
CA ILE E 142 3.83 35.94 -18.26
C ILE E 142 4.87 36.40 -17.27
N ALA E 143 6.07 35.83 -17.38
CA ALA E 143 7.18 36.23 -16.55
C ALA E 143 7.57 37.68 -16.83
N ALA E 144 7.58 38.05 -18.10
CA ALA E 144 7.92 39.42 -18.49
C ALA E 144 6.89 40.41 -17.97
N ALA E 145 5.61 40.05 -18.07
CA ALA E 145 4.54 40.92 -17.59
C ALA E 145 4.67 41.14 -16.11
N THR E 146 5.16 40.14 -15.40
CA THR E 146 5.32 40.25 -13.96
C THR E 146 6.55 41.08 -13.65
N MET E 147 7.63 40.88 -14.42
CA MET E 147 8.80 41.75 -14.28
C MET E 147 8.44 43.22 -14.49
N LEU E 148 7.69 43.50 -15.55
CA LEU E 148 7.44 44.88 -15.95
C LEU E 148 6.47 45.61 -15.04
N GLY E 149 5.35 44.98 -14.73
CA GLY E 149 4.33 45.63 -13.92
C GLY E 149 4.62 45.69 -12.45
N GLN E 150 5.30 44.68 -11.92
CA GLN E 150 5.48 44.55 -10.48
C GLN E 150 6.92 44.82 -10.06
N SER E 151 7.78 45.08 -11.05
CA SER E 151 9.18 45.36 -10.85
C SER E 151 9.90 44.20 -10.19
N LYS E 152 9.78 43.02 -10.78
CA LYS E 152 10.54 41.89 -10.30
C LYS E 152 11.73 41.64 -11.20
N SER E 153 12.85 41.24 -10.62
CA SER E 153 13.92 40.69 -11.40
C SER E 153 13.42 39.41 -12.05
N VAL E 154 14.14 38.94 -13.06
CA VAL E 154 13.69 37.77 -13.79
C VAL E 154 13.65 36.53 -12.89
N TYR E 155 14.53 36.44 -11.90
CA TYR E 155 14.49 35.31 -11.00
C TYR E 155 13.23 35.35 -10.14
N GLN E 156 12.88 36.53 -9.65
CA GLN E 156 11.71 36.64 -8.79
C GLN E 156 10.46 36.37 -9.59
N ALA E 157 10.51 36.66 -10.88
CA ALA E 157 9.37 36.44 -11.75
C ALA E 157 9.16 34.95 -12.01
N GLU E 158 10.26 34.26 -12.30
CA GLU E 158 10.26 32.86 -12.64
C GLU E 158 9.75 31.98 -11.50
N ILE E 159 10.20 32.22 -10.29
CA ILE E 159 9.74 31.41 -9.16
C ILE E 159 8.32 31.76 -8.73
N ASP E 160 7.83 32.93 -9.15
CA ASP E 160 6.48 33.34 -8.81
C ASP E 160 5.54 33.09 -9.97
N ALA E 161 5.60 33.94 -10.99
CA ALA E 161 4.62 33.94 -12.07
C ALA E 161 4.61 32.66 -12.88
N VAL E 162 5.77 32.00 -12.97
CA VAL E 162 5.92 30.77 -13.71
C VAL E 162 5.78 29.56 -12.79
N CYS E 163 6.81 29.29 -12.00
CA CYS E 163 6.88 28.04 -11.25
C CYS E 163 5.82 27.84 -10.19
N GLU E 164 5.54 28.86 -9.39
CA GLU E 164 4.56 28.70 -8.33
C GLU E 164 3.13 28.63 -8.87
N LEU E 165 2.84 29.33 -9.96
CA LEU E 165 1.50 29.30 -10.50
C LEU E 165 1.26 27.94 -11.15
N ILE E 166 2.24 27.47 -11.91
CA ILE E 166 2.23 26.14 -12.50
C ILE E 166 2.01 25.10 -11.41
N ASP E 167 2.78 25.19 -10.32
CA ASP E 167 2.69 24.24 -9.23
C ASP E 167 1.32 24.28 -8.58
N PHE E 168 0.81 25.49 -8.34
CA PHE E 168 -0.52 25.64 -7.79
C PHE E 168 -1.56 24.89 -8.60
N TRP E 169 -1.50 25.00 -9.92
CA TRP E 169 -2.48 24.34 -10.76
C TRP E 169 -2.31 22.83 -10.73
N ARG E 170 -1.09 22.33 -10.89
CA ARG E 170 -0.91 20.90 -10.97
C ARG E 170 -1.15 20.21 -9.63
N PHE E 171 -0.73 20.84 -8.53
CA PHE E 171 -0.90 20.21 -7.24
C PHE E 171 -2.32 20.34 -6.75
N ASN E 172 -2.98 21.46 -7.04
CA ASN E 172 -4.38 21.56 -6.66
C ASN E 172 -5.19 20.48 -7.35
N VAL E 173 -4.85 20.18 -8.59
CA VAL E 173 -5.55 19.12 -9.30
C VAL E 173 -5.32 17.78 -8.59
N ALA E 174 -4.10 17.51 -8.18
CA ALA E 174 -3.81 16.32 -7.40
C ALA E 174 -4.50 16.34 -6.04
N PHE E 175 -4.45 17.47 -5.34
CA PHE E 175 -5.12 17.58 -4.03
C PHE E 175 -6.62 17.32 -4.14
N ALA E 176 -7.24 17.93 -5.15
CA ALA E 176 -8.67 17.79 -5.35
C ALA E 176 -9.02 16.34 -5.55
N ARG E 177 -8.23 15.64 -6.37
CA ARG E 177 -8.51 14.26 -6.69
C ARG E 177 -8.34 13.37 -5.47
N GLN E 178 -7.43 13.74 -4.58
CA GLN E 178 -7.25 12.96 -3.38
C GLN E 178 -8.39 13.23 -2.39
N ILE E 179 -8.98 14.42 -2.44
CA ILE E 179 -10.18 14.69 -1.64
C ILE E 179 -11.38 13.82 -2.07
N LEU E 180 -11.63 13.76 -3.37
CA LEU E 180 -12.76 13.01 -3.91
C LEU E 180 -12.73 11.55 -3.47
N GLU E 181 -11.52 11.07 -3.27
CA GLU E 181 -11.24 9.68 -2.92
C GLU E 181 -11.45 9.39 -1.42
N GLN E 182 -11.59 10.44 -0.62
CA GLN E 182 -11.82 10.27 0.81
C GLN E 182 -13.26 9.87 1.06
N GLN E 183 -13.45 8.61 1.42
CA GLN E 183 -14.76 8.00 1.46
C GLN E 183 -14.95 7.24 2.78
N PRO E 184 -16.21 7.02 3.17
CA PRO E 184 -16.43 6.40 4.48
C PRO E 184 -16.47 4.88 4.43
N ILE E 185 -16.73 4.28 5.59
CA ILE E 185 -16.90 2.85 5.74
C ILE E 185 -18.35 2.47 5.57
N SER E 186 -18.64 1.37 4.90
CA SER E 186 -19.99 0.86 4.86
C SER E 186 -20.14 -0.31 5.80
N GLY E 187 -21.10 -0.22 6.71
CA GLY E 187 -21.42 -1.36 7.54
C GLY E 187 -22.13 -2.41 6.70
N PRO E 188 -22.40 -3.58 7.29
CA PRO E 188 -23.22 -4.55 6.58
C PRO E 188 -24.59 -4.01 6.28
N GLY E 189 -25.05 -4.29 5.07
CA GLY E 189 -26.42 -4.00 4.69
C GLY E 189 -26.60 -2.63 4.09
N GLU E 190 -25.50 -1.96 3.79
CA GLU E 190 -25.60 -0.56 3.42
C GLU E 190 -24.46 -0.10 2.52
N TRP E 191 -24.59 1.10 2.00
CA TRP E 191 -23.57 1.68 1.17
C TRP E 191 -23.48 3.17 1.43
N ASN E 192 -22.36 3.60 1.99
CA ASN E 192 -22.13 4.99 2.36
C ASN E 192 -21.17 5.63 1.39
N ARG E 193 -21.52 6.82 0.92
CA ARG E 193 -20.70 7.54 -0.05
C ARG E 193 -20.66 9.04 0.27
N ILE E 194 -19.63 9.72 -0.18
CA ILE E 194 -19.53 11.15 0.04
C ILE E 194 -19.43 11.90 -1.27
N ASP E 195 -20.29 12.89 -1.42
CA ASP E 195 -20.32 13.74 -2.60
C ASP E 195 -19.74 15.10 -2.25
N TYR E 196 -18.69 15.52 -2.94
CA TYR E 196 -18.11 16.82 -2.63
C TYR E 196 -18.68 17.91 -3.55
N ARG E 197 -19.82 18.44 -3.13
CA ARG E 197 -20.54 19.46 -3.86
C ARG E 197 -19.78 20.75 -3.93
N PRO E 198 -20.02 21.54 -4.96
CA PRO E 198 -19.50 22.90 -4.95
C PRO E 198 -20.38 23.78 -4.06
N LEU E 199 -20.03 25.04 -3.91
CA LEU E 199 -20.83 25.94 -3.10
C LEU E 199 -22.06 26.43 -3.84
N ASP E 200 -23.04 26.89 -3.10
CA ASP E 200 -24.18 27.61 -3.63
C ASP E 200 -23.88 29.10 -3.74
N GLY E 201 -23.63 29.59 -4.94
CA GLY E 201 -23.34 30.99 -5.09
C GLY E 201 -21.93 31.25 -5.59
N PHE E 202 -21.60 32.51 -5.80
CA PHE E 202 -20.33 32.86 -6.41
C PHE E 202 -19.28 33.16 -5.36
N VAL E 203 -18.02 32.95 -5.72
CA VAL E 203 -16.91 33.23 -4.83
C VAL E 203 -16.18 34.48 -5.31
N TYR E 204 -15.83 35.33 -4.36
CA TYR E 204 -15.22 36.62 -4.62
C TYR E 204 -13.72 36.57 -4.31
N ALA E 205 -12.89 36.62 -5.35
CA ALA E 205 -11.44 36.57 -5.18
C ALA E 205 -10.83 37.95 -5.30
N ILE E 206 -10.06 38.32 -4.29
CA ILE E 206 -9.38 39.59 -4.19
C ILE E 206 -7.89 39.35 -3.98
N THR E 207 -7.05 39.84 -4.87
CA THR E 207 -5.68 39.39 -4.88
C THR E 207 -4.68 40.55 -4.84
N PRO E 208 -3.49 40.32 -4.26
CA PRO E 208 -2.53 41.40 -4.02
C PRO E 208 -1.55 41.65 -5.15
N PHE E 209 -0.66 42.61 -4.96
CA PHE E 209 0.33 42.94 -5.97
C PHE E 209 1.53 42.00 -5.93
N ASN E 210 1.79 41.41 -4.76
CA ASN E 210 3.04 40.72 -4.49
C ASN E 210 3.36 39.53 -5.39
N PHE E 211 2.35 38.75 -5.73
CA PHE E 211 2.60 37.52 -6.47
C PHE E 211 1.59 37.25 -7.55
N THR E 212 2.10 37.06 -8.76
CA THR E 212 1.25 36.67 -9.86
C THR E 212 0.64 35.31 -9.60
N SER E 213 1.41 34.43 -8.92
CA SER E 213 0.94 33.09 -8.60
C SER E 213 -0.26 33.11 -7.68
N ILE E 214 -0.22 33.94 -6.64
CA ILE E 214 -1.35 34.08 -5.73
C ILE E 214 -2.52 34.71 -6.43
N ALA E 215 -2.21 35.65 -7.31
CA ALA E 215 -3.24 36.38 -8.01
C ALA E 215 -4.02 35.40 -8.87
N GLY E 216 -3.30 34.48 -9.48
CA GLY E 216 -3.92 33.48 -10.31
C GLY E 216 -4.54 32.33 -9.55
N ASN E 217 -4.02 32.02 -8.36
CA ASN E 217 -4.52 30.85 -7.65
C ASN E 217 -5.83 31.07 -6.92
N LEU E 218 -5.99 32.24 -6.32
CA LEU E 218 -7.18 32.51 -5.53
C LEU E 218 -8.50 32.39 -6.33
N PRO E 219 -8.56 32.86 -7.58
CA PRO E 219 -9.80 32.59 -8.32
C PRO E 219 -9.87 31.18 -8.94
N THR E 220 -8.75 30.60 -9.36
CA THR E 220 -8.85 29.33 -10.05
C THR E 220 -9.09 28.16 -9.08
N ALA E 221 -8.58 28.23 -7.87
CA ALA E 221 -8.75 27.11 -6.93
C ALA E 221 -10.21 26.80 -6.63
N PRO E 222 -11.03 27.81 -6.30
CA PRO E 222 -12.46 27.51 -6.14
C PRO E 222 -13.11 27.05 -7.44
N ALA E 223 -12.64 27.59 -8.55
CA ALA E 223 -13.17 27.23 -9.85
C ALA E 223 -13.02 25.72 -10.10
N LEU E 224 -11.86 25.19 -9.74
CA LEU E 224 -11.56 23.78 -9.92
C LEU E 224 -12.63 22.87 -9.30
N MET E 225 -13.07 23.22 -8.11
CA MET E 225 -14.06 22.43 -7.42
C MET E 225 -15.47 22.67 -7.95
N GLY E 226 -15.58 23.48 -8.99
CA GLY E 226 -16.85 23.65 -9.66
C GLY E 226 -17.63 24.91 -9.32
N ASN E 227 -16.92 25.90 -8.77
CA ASN E 227 -17.51 27.19 -8.45
C ASN E 227 -17.24 28.20 -9.53
N THR E 228 -18.03 29.27 -9.55
CA THR E 228 -17.75 30.39 -10.42
C THR E 228 -17.36 31.58 -9.59
N VAL E 229 -16.71 32.55 -10.21
CA VAL E 229 -15.87 33.49 -9.51
C VAL E 229 -15.87 34.89 -10.12
N ILE E 230 -15.89 35.91 -9.26
CA ILE E 230 -15.49 37.22 -9.71
C ILE E 230 -14.11 37.52 -9.12
N TRP E 231 -13.21 38.00 -9.95
CA TRP E 231 -11.83 38.18 -9.60
C TRP E 231 -11.44 39.64 -9.71
N LYS E 232 -10.95 40.20 -8.60
CA LYS E 232 -10.53 41.58 -8.57
C LYS E 232 -9.06 41.71 -8.23
N PRO E 233 -8.23 41.86 -9.26
CA PRO E 233 -6.80 41.92 -9.04
C PRO E 233 -6.32 43.28 -8.60
N SER E 234 -5.10 43.33 -8.08
CA SER E 234 -4.47 44.59 -7.71
C SER E 234 -4.09 45.34 -8.95
N ILE E 235 -4.39 46.63 -8.97
CA ILE E 235 -4.11 47.49 -10.12
C ILE E 235 -2.70 47.32 -10.67
N THR E 236 -1.71 47.33 -9.80
CA THR E 236 -0.32 47.21 -10.24
C THR E 236 0.05 45.83 -10.78
N GLN E 237 -0.82 44.85 -10.59
CA GLN E 237 -0.56 43.50 -11.07
C GLN E 237 -1.44 43.18 -12.28
N THR E 238 -2.27 44.14 -12.69
CA THR E 238 -3.33 43.86 -13.64
C THR E 238 -2.83 43.48 -15.05
N LEU E 239 -1.64 43.91 -15.45
CA LEU E 239 -1.08 43.43 -16.72
C LEU E 239 -0.90 41.92 -16.71
N ALA E 240 -0.25 41.40 -15.68
CA ALA E 240 -0.02 39.97 -15.60
C ALA E 240 -1.33 39.23 -15.37
N ALA E 241 -2.24 39.83 -14.61
CA ALA E 241 -3.52 39.22 -14.33
C ALA E 241 -4.38 39.07 -15.59
N TYR E 242 -4.36 40.09 -16.44
CA TYR E 242 -5.12 40.05 -17.68
C TYR E 242 -4.58 38.98 -18.62
N LEU E 243 -3.26 38.93 -18.77
CA LEU E 243 -2.63 37.90 -19.56
C LEU E 243 -2.90 36.51 -18.98
N THR E 244 -3.01 36.44 -17.67
CA THR E 244 -3.34 35.20 -16.98
C THR E 244 -4.74 34.79 -17.40
N MET E 245 -5.61 35.78 -17.52
CA MET E 245 -6.96 35.55 -17.95
C MET E 245 -6.99 35.01 -19.38
N GLN E 246 -6.22 35.61 -20.27
CA GLN E 246 -6.11 35.17 -21.65
C GLN E 246 -5.59 33.75 -21.74
N LEU E 247 -4.60 33.43 -20.91
CA LEU E 247 -3.99 32.11 -20.89
C LEU E 247 -5.03 31.08 -20.48
N LEU E 248 -5.82 31.40 -19.48
CA LEU E 248 -6.88 30.52 -19.05
C LEU E 248 -7.90 30.28 -20.17
N GLU E 249 -8.24 31.33 -20.90
CA GLU E 249 -9.18 31.18 -22.00
C GLU E 249 -8.59 30.30 -23.08
N ALA E 250 -7.31 30.49 -23.36
CA ALA E 250 -6.61 29.68 -24.33
C ALA E 250 -6.54 28.24 -23.87
N ALA E 251 -6.64 28.02 -22.57
CA ALA E 251 -6.65 26.67 -22.02
C ALA E 251 -8.03 26.04 -22.09
N GLY E 252 -9.04 26.84 -22.38
CA GLY E 252 -10.38 26.30 -22.55
C GLY E 252 -11.36 26.60 -21.43
N LEU E 253 -11.01 27.55 -20.56
CA LEU E 253 -11.93 27.96 -19.52
C LEU E 253 -13.18 28.55 -20.16
N PRO E 254 -14.34 28.02 -19.83
CA PRO E 254 -15.58 28.54 -20.39
C PRO E 254 -15.89 29.94 -19.87
N PRO E 255 -16.61 30.75 -20.67
CA PRO E 255 -16.93 32.12 -20.32
C PRO E 255 -17.77 32.25 -19.07
N GLY E 256 -17.45 33.23 -18.24
CA GLY E 256 -18.21 33.53 -17.06
C GLY E 256 -17.86 32.70 -15.83
N VAL E 257 -16.95 31.76 -15.99
CA VAL E 257 -16.55 30.92 -14.86
C VAL E 257 -15.61 31.72 -13.96
N ILE E 258 -14.73 32.50 -14.56
CA ILE E 258 -14.00 33.51 -13.83
C ILE E 258 -14.21 34.88 -14.48
N ASN E 259 -14.63 35.86 -13.69
CA ASN E 259 -14.87 37.18 -14.25
C ASN E 259 -13.96 38.25 -13.66
N LEU E 260 -13.13 38.85 -14.51
CA LEU E 260 -12.17 39.85 -14.09
C LEU E 260 -12.76 41.24 -14.05
N VAL E 261 -12.76 41.88 -12.88
CA VAL E 261 -13.14 43.28 -12.77
C VAL E 261 -11.97 44.10 -12.24
N THR E 262 -11.52 45.09 -13.00
CA THR E 262 -10.31 45.82 -12.62
C THR E 262 -10.58 46.97 -11.69
N GLY E 263 -9.52 47.53 -11.12
CA GLY E 263 -9.65 48.72 -10.30
C GLY E 263 -9.33 48.62 -8.83
N ASP E 264 -9.88 49.55 -8.05
CA ASP E 264 -9.56 49.66 -6.65
C ASP E 264 -10.49 48.77 -5.85
N GLY E 265 -11.55 48.32 -6.50
CA GLY E 265 -12.46 47.37 -5.92
C GLY E 265 -13.54 47.88 -4.99
N PHE E 266 -13.63 49.19 -4.80
CA PHE E 266 -14.64 49.74 -3.90
C PHE E 266 -16.05 49.48 -4.41
N ALA E 267 -16.27 49.75 -5.69
CA ALA E 267 -17.57 49.49 -6.28
C ALA E 267 -17.89 48.00 -6.29
N VAL E 268 -16.88 47.18 -6.54
CA VAL E 268 -17.07 45.74 -6.64
C VAL E 268 -17.55 45.17 -5.31
N SER E 269 -16.93 45.61 -4.22
CA SER E 269 -17.31 45.15 -2.91
C SER E 269 -18.72 45.60 -2.52
N ASP E 270 -19.06 46.82 -2.92
CA ASP E 270 -20.39 47.38 -2.66
C ASP E 270 -21.46 46.44 -3.13
N VAL E 271 -21.31 45.98 -4.37
CA VAL E 271 -22.26 45.09 -4.99
C VAL E 271 -22.15 43.67 -4.45
N ALA E 272 -20.96 43.10 -4.49
CA ALA E 272 -20.79 41.69 -4.16
C ALA E 272 -21.17 41.37 -2.71
N LEU E 273 -20.83 42.25 -1.78
CA LEU E 273 -21.15 41.98 -0.39
C LEU E 273 -22.59 42.28 -0.04
N ALA E 274 -23.33 42.87 -0.97
CA ALA E 274 -24.75 43.11 -0.75
C ALA E 274 -25.58 42.00 -1.36
N ASP E 275 -25.00 41.30 -2.33
CA ASP E 275 -25.68 40.22 -3.04
C ASP E 275 -25.84 38.99 -2.15
N PRO E 276 -27.08 38.54 -1.94
CA PRO E 276 -27.40 37.35 -1.16
C PRO E 276 -26.69 36.09 -1.62
N ARG E 277 -26.20 36.06 -2.84
CA ARG E 277 -25.60 34.84 -3.37
C ARG E 277 -24.12 34.74 -3.09
N LEU E 278 -23.55 35.70 -2.36
CA LEU E 278 -22.15 35.63 -1.99
C LEU E 278 -21.88 34.36 -1.19
N ALA E 279 -21.00 33.50 -1.69
CA ALA E 279 -20.74 32.23 -1.04
C ALA E 279 -19.42 32.24 -0.27
N GLY E 280 -18.48 33.05 -0.73
CA GLY E 280 -17.21 33.13 -0.04
C GLY E 280 -16.32 34.21 -0.59
N ILE E 281 -15.30 34.58 0.18
CA ILE E 281 -14.28 35.52 -0.26
C ILE E 281 -12.90 34.88 -0.14
N HIS E 282 -12.12 34.94 -1.21
CA HIS E 282 -10.77 34.42 -1.21
C HIS E 282 -9.81 35.60 -1.39
N PHE E 283 -9.01 35.88 -0.35
CA PHE E 283 -8.23 37.10 -0.28
C PHE E 283 -6.79 36.88 0.22
N THR E 284 -5.88 37.71 -0.27
CA THR E 284 -4.53 37.79 0.24
C THR E 284 -4.08 39.23 0.12
N GLY E 285 -3.51 39.76 1.20
CA GLY E 285 -3.11 41.16 1.30
C GLY E 285 -2.99 41.56 2.75
N SER E 286 -3.25 42.82 3.07
CA SER E 286 -3.11 43.28 4.46
C SER E 286 -4.25 42.82 5.37
N THR E 287 -3.96 42.70 6.67
CA THR E 287 -5.00 42.42 7.65
C THR E 287 -5.84 43.65 7.86
N ALA E 288 -5.31 44.79 7.44
CA ALA E 288 -6.05 46.04 7.45
C ALA E 288 -7.31 45.91 6.60
N THR E 289 -7.13 45.55 5.33
CA THR E 289 -8.26 45.49 4.44
C THR E 289 -9.04 44.18 4.58
N PHE E 290 -8.55 43.25 5.38
CA PHE E 290 -9.35 42.06 5.60
C PHE E 290 -10.25 42.25 6.81
N GLY E 291 -9.82 43.09 7.75
CA GLY E 291 -10.72 43.49 8.82
C GLY E 291 -11.93 44.20 8.23
N HIS E 292 -11.67 45.08 7.28
CA HIS E 292 -12.69 45.85 6.57
C HIS E 292 -13.76 44.94 6.00
N LEU E 293 -13.30 43.87 5.35
CA LEU E 293 -14.18 42.96 4.65
C LEU E 293 -14.68 41.83 5.55
N TRP E 294 -13.97 41.56 6.64
CA TRP E 294 -14.51 40.63 7.60
C TRP E 294 -15.73 41.20 8.24
N GLN E 295 -15.60 42.46 8.61
CA GLN E 295 -16.63 43.18 9.31
C GLN E 295 -17.93 43.29 8.50
N TRP E 296 -17.77 43.68 7.25
CA TRP E 296 -18.86 43.97 6.34
C TRP E 296 -19.83 42.81 6.15
N VAL E 297 -19.31 41.60 6.25
CA VAL E 297 -20.14 40.41 6.24
C VAL E 297 -20.82 40.27 7.59
N GLY E 298 -20.08 40.59 8.65
CA GLY E 298 -20.58 40.48 10.02
C GLY E 298 -21.93 41.14 10.23
N THR E 299 -22.14 42.25 9.53
CA THR E 299 -23.40 42.98 9.65
C THR E 299 -24.48 42.33 8.78
N ASN E 300 -24.19 42.16 7.49
CA ASN E 300 -25.17 41.68 6.53
C ASN E 300 -25.54 40.20 6.63
N ILE E 301 -25.10 39.51 7.68
CA ILE E 301 -25.19 38.05 7.73
C ILE E 301 -26.58 37.46 7.48
N GLY E 302 -27.62 38.14 7.92
CA GLY E 302 -28.96 37.62 7.75
C GLY E 302 -29.40 37.64 6.30
N ARG E 303 -28.64 38.34 5.47
CA ARG E 303 -29.01 38.56 4.09
C ARG E 303 -28.55 37.44 3.17
N TYR E 304 -27.52 36.69 3.56
CA TYR E 304 -26.93 35.71 2.67
C TYR E 304 -27.64 34.36 2.68
N HIS E 305 -27.86 33.80 1.50
CA HIS E 305 -28.38 32.45 1.34
C HIS E 305 -27.51 31.41 2.02
N SER E 306 -26.20 31.50 1.81
CA SER E 306 -25.25 30.60 2.43
C SER E 306 -24.38 31.37 3.41
N TYR E 307 -23.84 30.68 4.41
CA TYR E 307 -22.88 31.30 5.31
C TYR E 307 -21.59 31.55 4.55
N PRO E 308 -21.25 32.81 4.33
CA PRO E 308 -20.12 33.11 3.46
C PRO E 308 -18.82 32.62 4.08
N ARG E 309 -17.94 32.11 3.25
CA ARG E 309 -16.72 31.52 3.76
C ARG E 309 -15.57 32.46 3.52
N LEU E 310 -14.99 32.94 4.60
CA LEU E 310 -13.90 33.87 4.45
C LEU E 310 -12.57 33.15 4.58
N VAL E 311 -11.86 33.06 3.47
CA VAL E 311 -10.60 32.34 3.42
C VAL E 311 -9.49 33.22 2.93
N GLY E 312 -8.39 33.24 3.67
CA GLY E 312 -7.25 34.00 3.23
C GLY E 312 -6.01 33.92 4.09
N GLU E 313 -5.11 34.87 3.85
CA GLU E 313 -3.86 34.95 4.56
C GLU E 313 -3.46 36.40 4.60
N THR E 314 -2.71 36.78 5.62
CA THR E 314 -2.26 38.15 5.74
C THR E 314 -0.75 38.18 5.78
N GLY E 315 -0.19 39.37 5.91
CA GLY E 315 1.24 39.51 5.93
C GLY E 315 1.83 39.32 7.30
N GLY E 316 3.04 39.83 7.47
CA GLY E 316 3.77 39.72 8.71
C GLY E 316 5.22 40.01 8.42
N LYS E 317 6.03 40.13 9.45
CA LYS E 317 7.45 40.30 9.20
C LYS E 317 8.27 39.32 10.03
N ASP E 318 9.42 38.99 9.49
CA ASP E 318 10.15 37.82 9.95
C ASP E 318 11.39 38.20 10.74
N PHE E 319 11.83 37.28 11.58
CA PHE E 319 13.08 37.40 12.29
C PHE E 319 14.05 36.30 11.90
N VAL E 320 15.33 36.60 12.02
CA VAL E 320 16.38 35.60 11.92
C VAL E 320 17.22 35.68 13.19
N VAL E 321 17.42 34.55 13.85
CA VAL E 321 18.28 34.56 15.01
C VAL E 321 19.52 33.71 14.75
N ALA E 322 20.68 34.32 14.93
CA ALA E 322 21.93 33.59 14.69
C ALA E 322 22.65 33.33 16.00
N HIS E 323 22.80 32.05 16.29
CA HIS E 323 23.51 31.54 17.45
C HIS E 323 25.00 31.62 17.20
N ALA E 324 25.81 31.46 18.23
CA ALA E 324 27.25 31.64 18.12
C ALA E 324 27.86 30.65 17.13
N SER E 325 27.20 29.53 16.92
CA SER E 325 27.66 28.50 16.01
C SER E 325 27.16 28.69 14.58
N ALA E 326 26.51 29.81 14.32
CA ALA E 326 26.07 30.14 12.98
C ALA E 326 27.22 30.23 12.00
N ARG E 327 27.04 29.68 10.81
CA ARG E 327 27.96 29.92 9.71
C ARG E 327 27.76 31.33 9.18
N PRO E 328 28.82 32.14 9.19
CA PRO E 328 28.72 33.54 8.81
C PRO E 328 28.34 33.77 7.34
N ASP E 329 28.92 33.01 6.41
CA ASP E 329 28.57 33.13 5.00
C ASP E 329 27.10 32.81 4.74
N VAL E 330 26.61 31.77 5.42
CA VAL E 330 25.24 31.35 5.31
C VAL E 330 24.31 32.41 5.87
N LEU E 331 24.59 32.87 7.07
CA LEU E 331 23.80 33.93 7.69
C LEU E 331 23.80 35.20 6.84
N ARG E 332 24.96 35.62 6.34
CA ARG E 332 25.07 36.84 5.55
C ARG E 332 24.22 36.73 4.29
N THR E 333 24.24 35.55 3.69
CA THR E 333 23.49 35.32 2.46
C THR E 333 22.01 35.24 2.75
N ALA E 334 21.66 34.67 3.89
CA ALA E 334 20.27 34.55 4.27
C ALA E 334 19.65 35.92 4.54
N LEU E 335 20.46 36.83 5.07
CA LEU E 335 19.98 38.15 5.41
C LEU E 335 19.81 39.01 4.17
N ILE E 336 20.82 39.05 3.32
CA ILE E 336 20.71 39.77 2.07
C ILE E 336 19.50 39.35 1.25
N ARG E 337 19.39 38.06 0.95
CA ARG E 337 18.28 37.61 0.11
C ARG E 337 16.96 37.75 0.83
N GLY E 338 16.95 37.35 2.09
CA GLY E 338 15.73 37.43 2.88
C GLY E 338 15.20 38.83 3.04
N ALA E 339 16.09 39.81 3.12
CA ALA E 339 15.69 41.19 3.30
C ALA E 339 15.54 41.94 1.99
N PHE E 340 16.32 41.58 0.97
CA PHE E 340 16.37 42.42 -0.22
C PHE E 340 15.90 41.76 -1.52
N ASP E 341 15.55 40.47 -1.49
CA ASP E 341 14.86 39.85 -2.63
C ASP E 341 13.57 40.60 -2.86
N TYR E 342 13.30 40.95 -4.11
CA TYR E 342 12.11 41.70 -4.46
C TYR E 342 11.93 42.93 -3.58
N GLN E 343 13.04 43.59 -3.27
CA GLN E 343 13.03 44.82 -2.51
C GLN E 343 12.26 44.69 -1.20
N GLY E 344 12.27 43.50 -0.62
CA GLY E 344 11.61 43.26 0.65
C GLY E 344 10.09 43.24 0.60
N GLN E 345 9.51 42.97 -0.56
CA GLN E 345 8.06 43.07 -0.72
C GLN E 345 7.34 41.73 -0.90
N LYS E 346 7.92 40.63 -0.45
CA LYS E 346 7.19 39.38 -0.44
C LYS E 346 6.17 39.43 0.69
N CME E 347 5.38 38.37 0.85
CA CME E 347 4.29 38.36 1.80
CB CME E 347 3.45 37.11 1.87
SG CME E 347 2.50 36.91 0.42
SD CME E 347 1.30 38.62 0.32
CE CME E 347 0.53 38.68 1.91
CZ CME E 347 0.08 40.06 2.32
OH CME E 347 1.21 40.89 2.35
C CME E 347 4.84 38.56 3.20
O CME E 347 4.22 39.04 4.15
N SER E 348 6.10 38.16 3.31
CA SER E 348 6.89 38.48 4.48
C SER E 348 8.34 38.63 4.04
N ALA E 349 9.04 39.50 4.72
CA ALA E 349 10.46 39.69 4.48
C ALA E 349 11.17 39.60 5.80
N VAL E 350 12.45 39.29 5.77
CA VAL E 350 13.27 39.43 6.96
C VAL E 350 13.43 40.91 7.25
N SER E 351 13.05 41.35 8.44
CA SER E 351 13.19 42.75 8.78
C SER E 351 13.96 42.91 10.08
N ARG E 352 14.01 41.85 10.88
CA ARG E 352 14.79 41.88 12.11
C ARG E 352 15.73 40.69 12.21
N ALA E 353 16.97 40.96 12.56
CA ALA E 353 17.94 39.89 12.78
C ALA E 353 18.56 40.06 14.16
N PHE E 354 18.80 38.93 14.81
CA PHE E 354 19.41 38.90 16.12
C PHE E 354 20.69 38.10 16.03
N ILE E 355 21.82 38.77 16.08
CA ILE E 355 23.08 38.15 15.76
C ILE E 355 24.04 38.14 16.94
N ALA E 356 24.58 36.95 17.23
CA ALA E 356 25.54 36.78 18.30
C ALA E 356 26.81 37.56 18.02
N HIS E 357 27.33 38.21 19.05
CA HIS E 357 28.47 39.12 18.96
C HIS E 357 29.66 38.56 18.20
N SER E 358 30.09 37.37 18.55
CA SER E 358 31.24 36.76 17.88
C SER E 358 30.97 36.55 16.40
N VAL E 359 29.72 36.24 16.06
CA VAL E 359 29.34 36.05 14.67
C VAL E 359 29.29 37.37 13.93
N TRP E 360 28.74 38.40 14.57
CA TRP E 360 28.71 39.72 13.95
C TRP E 360 30.12 40.25 13.64
N GLN E 361 31.10 39.95 14.49
CA GLN E 361 32.46 40.39 14.22
C GLN E 361 32.96 39.80 12.91
N ARG E 362 32.51 38.59 12.59
CA ARG E 362 33.02 37.86 11.45
C ARG E 362 32.35 38.22 10.12
N MET E 363 31.11 38.71 10.15
CA MET E 363 30.42 38.97 8.88
C MET E 363 29.67 40.29 8.80
N GLY E 364 29.72 41.09 9.86
CA GLY E 364 29.06 42.38 9.86
C GLY E 364 29.54 43.31 8.76
N ASP E 365 30.85 43.46 8.62
CA ASP E 365 31.40 44.34 7.61
C ASP E 365 31.03 43.89 6.21
N GLU E 366 31.07 42.58 5.97
CA GLU E 366 30.72 42.05 4.67
C GLU E 366 29.24 42.23 4.38
N LEU E 367 28.40 42.11 5.40
CA LEU E 367 26.97 42.35 5.20
C LEU E 367 26.72 43.78 4.72
N LEU E 368 27.35 44.73 5.40
CA LEU E 368 27.20 46.13 5.06
C LEU E 368 27.76 46.43 3.68
N ALA E 369 28.94 45.92 3.40
CA ALA E 369 29.59 46.13 2.11
C ALA E 369 28.72 45.61 0.97
N LYS E 370 28.31 44.35 1.07
CA LYS E 370 27.46 43.75 0.05
C LYS E 370 26.15 44.51 -0.14
N ALA E 371 25.56 44.97 0.96
CA ALA E 371 24.30 45.69 0.88
C ALA E 371 24.46 47.01 0.13
N ALA E 372 25.62 47.63 0.27
CA ALA E 372 25.87 48.88 -0.40
C ALA E 372 26.10 48.69 -1.90
N GLU E 373 26.65 47.55 -2.29
CA GLU E 373 26.92 47.30 -3.71
C GLU E 373 25.72 46.75 -4.45
N LEU E 374 24.70 46.29 -3.73
CA LEU E 374 23.55 45.65 -4.33
C LEU E 374 22.83 46.59 -5.31
N ARG E 375 22.75 46.20 -6.58
CA ARG E 375 22.20 47.09 -7.57
C ARG E 375 20.69 46.96 -7.71
N TYR E 376 19.97 48.01 -7.31
CA TYR E 376 18.56 48.14 -7.63
C TYR E 376 18.41 49.02 -8.87
N GLY E 377 17.56 48.63 -9.80
CA GLY E 377 17.42 49.37 -11.05
C GLY E 377 16.32 48.90 -11.97
N ASP E 378 16.43 49.25 -13.24
CA ASP E 378 15.48 48.81 -14.24
C ASP E 378 15.65 47.30 -14.43
N ILE E 379 14.60 46.53 -14.18
CA ILE E 379 14.74 45.08 -14.19
C ILE E 379 14.85 44.52 -15.60
N THR E 380 14.65 45.35 -16.63
CA THR E 380 15.01 44.96 -17.99
C THR E 380 16.52 44.93 -18.12
N ASP E 381 17.21 45.50 -17.14
CA ASP E 381 18.64 45.29 -17.02
C ASP E 381 18.82 44.08 -16.12
N LEU E 382 19.15 42.95 -16.74
CA LEU E 382 19.18 41.69 -16.03
C LEU E 382 20.32 41.57 -15.03
N SER E 383 21.26 42.51 -15.06
CA SER E 383 22.36 42.51 -14.09
C SER E 383 21.93 43.05 -12.73
N ASN E 384 20.83 43.79 -12.70
CA ASN E 384 20.33 44.31 -11.44
C ASN E 384 19.83 43.19 -10.54
N TYR E 385 20.05 43.34 -9.24
CA TYR E 385 19.59 42.36 -8.26
C TYR E 385 18.08 42.43 -8.09
N GLY E 386 17.56 43.65 -8.06
CA GLY E 386 16.14 43.86 -7.89
C GLY E 386 15.75 45.19 -8.49
N GLY E 387 14.50 45.57 -8.31
CA GLY E 387 13.95 46.73 -8.97
C GLY E 387 13.52 47.83 -8.03
N ALA E 388 12.28 48.25 -8.18
CA ALA E 388 11.77 49.35 -7.38
C ALA E 388 10.63 48.89 -6.50
N LEU E 389 10.22 49.75 -5.59
CA LEU E 389 9.03 49.51 -4.80
C LEU E 389 7.82 49.64 -5.70
N ILE E 390 6.69 49.12 -5.25
CA ILE E 390 5.55 48.89 -6.14
C ILE E 390 4.83 50.16 -6.58
N ASP E 391 4.68 51.13 -5.69
CA ASP E 391 4.04 52.40 -6.05
C ASP E 391 4.44 53.56 -5.16
N GLN E 392 3.84 54.73 -5.40
CA GLN E 392 4.14 55.93 -4.63
C GLN E 392 3.76 55.78 -3.18
N ARG E 393 2.60 55.17 -2.91
CA ARG E 393 2.16 54.91 -1.55
C ARG E 393 3.20 54.11 -0.79
N ALA E 394 3.77 53.11 -1.46
CA ALA E 394 4.80 52.30 -0.83
C ALA E 394 6.09 53.06 -0.66
N PHE E 395 6.41 53.90 -1.64
CA PHE E 395 7.61 54.71 -1.59
C PHE E 395 7.58 55.60 -0.36
N VAL E 396 6.45 56.24 -0.15
CA VAL E 396 6.26 57.16 0.94
C VAL E 396 6.46 56.49 2.30
N LYS E 397 5.86 55.33 2.50
CA LYS E 397 5.95 54.67 3.81
C LYS E 397 7.36 54.26 4.16
N ASN E 398 8.19 53.97 3.16
CA ASN E 398 9.58 53.61 3.43
C ASN E 398 10.41 54.82 3.82
N VAL E 399 10.22 55.90 3.07
CA VAL E 399 10.86 57.16 3.40
C VAL E 399 10.52 57.55 4.83
N ASP E 400 9.26 57.51 5.18
CA ASP E 400 8.84 57.82 6.55
C ASP E 400 9.57 56.94 7.55
N ALA E 401 9.77 55.69 7.19
CA ALA E 401 10.44 54.75 8.07
C ALA E 401 11.93 55.06 8.14
N ILE E 402 12.53 55.37 7.00
CA ILE E 402 13.93 55.71 6.97
C ILE E 402 14.21 56.96 7.77
N GLU E 403 13.38 57.98 7.61
CA GLU E 403 13.59 59.26 8.29
C GLU E 403 13.29 59.13 9.77
N ARG E 404 12.47 58.16 10.12
CA ARG E 404 12.16 57.88 11.50
C ARG E 404 13.36 57.23 12.18
N ALA E 405 14.09 56.43 11.41
CA ALA E 405 15.25 55.74 11.94
C ALA E 405 16.39 56.71 12.17
N LYS E 406 16.58 57.62 11.23
CA LYS E 406 17.60 58.63 11.33
C LYS E 406 17.44 59.42 12.63
N GLY E 407 16.21 59.84 12.88
CA GLY E 407 15.91 60.70 14.01
C GLY E 407 15.82 60.00 15.35
N ALA E 408 15.92 58.67 15.36
CA ALA E 408 15.84 57.94 16.61
C ALA E 408 17.21 57.80 17.23
N ALA E 409 17.26 57.75 18.56
CA ALA E 409 18.52 57.66 19.28
C ALA E 409 19.19 56.30 19.12
N ALA E 410 18.47 55.26 19.49
CA ALA E 410 19.03 53.91 19.53
C ALA E 410 19.29 53.32 18.16
N VAL E 411 19.07 54.10 17.11
CA VAL E 411 19.15 53.55 15.76
C VAL E 411 20.19 54.24 14.89
N THR E 412 21.07 53.44 14.30
CA THR E 412 22.08 53.96 13.38
C THR E 412 21.86 53.41 11.98
N VAL E 413 21.85 54.28 10.99
CA VAL E 413 21.78 53.83 9.61
C VAL E 413 23.18 53.42 9.17
N ALA E 414 23.51 52.16 9.30
CA ALA E 414 24.87 51.70 9.01
C ALA E 414 25.19 51.68 7.52
N VAL E 415 24.17 51.48 6.68
CA VAL E 415 24.40 51.52 5.24
C VAL E 415 23.10 51.77 4.48
N GLY E 416 23.21 52.35 3.29
CA GLY E 416 22.04 52.66 2.50
C GLY E 416 21.23 53.79 3.10
N GLY E 417 19.92 53.74 2.94
CA GLY E 417 19.04 54.77 3.46
C GLY E 417 18.69 55.83 2.41
N GLU E 418 19.37 55.80 1.29
CA GLU E 418 19.10 56.72 0.19
C GLU E 418 17.82 56.34 -0.56
N TYR E 419 17.18 57.33 -1.18
CA TYR E 419 16.00 57.07 -2.00
C TYR E 419 15.80 58.16 -3.03
N ASP E 420 15.03 57.86 -4.07
CA ASP E 420 14.80 58.78 -5.17
C ASP E 420 13.65 58.34 -6.05
N ASP E 421 12.51 59.02 -5.97
CA ASP E 421 11.33 58.63 -6.72
C ASP E 421 11.17 59.35 -8.05
N SER E 422 12.25 59.97 -8.53
CA SER E 422 12.14 60.84 -9.69
C SER E 422 11.98 60.07 -10.99
N GLU E 423 12.47 58.84 -11.04
CA GLU E 423 12.35 58.05 -12.25
C GLU E 423 11.66 56.71 -12.00
N GLY E 424 12.04 56.04 -10.92
CA GLY E 424 11.34 54.88 -10.47
C GLY E 424 11.06 55.08 -9.00
N TYR E 425 10.41 54.13 -8.35
CA TYR E 425 10.21 54.22 -6.91
C TYR E 425 11.33 53.49 -6.19
N PHE E 426 12.53 54.05 -6.26
CA PHE E 426 13.71 53.38 -5.74
C PHE E 426 14.05 53.72 -4.30
N VAL E 427 14.29 52.68 -3.51
CA VAL E 427 14.80 52.80 -2.16
C VAL E 427 15.95 51.83 -1.99
N ARG E 428 17.10 52.32 -1.56
CA ARG E 428 18.29 51.50 -1.46
C ARG E 428 18.18 50.45 -0.36
N PRO E 429 18.91 49.34 -0.49
CA PRO E 429 19.02 48.39 0.61
C PRO E 429 19.53 49.08 1.85
N THR E 430 18.87 48.87 2.98
CA THR E 430 19.22 49.62 4.17
C THR E 430 19.32 48.74 5.42
N VAL E 431 20.43 48.88 6.13
CA VAL E 431 20.65 48.15 7.36
C VAL E 431 20.67 49.10 8.53
N LEU E 432 19.84 48.83 9.53
CA LEU E 432 19.80 49.66 10.72
C LEU E 432 20.40 48.90 11.89
N LEU E 433 21.01 49.63 12.82
CA LEU E 433 21.60 49.02 13.99
C LEU E 433 20.99 49.58 15.26
N SER E 434 20.37 48.69 16.03
CA SER E 434 19.71 49.11 17.26
C SER E 434 20.36 48.51 18.48
N ASP E 435 20.62 49.34 19.48
CA ASP E 435 21.17 48.90 20.74
C ASP E 435 20.22 47.99 21.49
N ASP E 436 18.95 48.36 21.43
CA ASP E 436 17.93 47.55 22.06
C ASP E 436 17.14 46.89 20.96
N PRO E 437 16.52 45.75 21.26
CA PRO E 437 15.68 45.03 20.31
C PRO E 437 14.75 45.93 19.47
N TYR E 446 5.70 47.83 7.47
CA TYR E 446 5.60 48.18 6.05
C TYR E 446 6.56 47.36 5.21
N PHE E 447 6.25 47.22 3.93
CA PHE E 447 7.08 46.47 3.00
C PHE E 447 8.20 47.32 2.42
N GLY E 448 9.43 46.82 2.46
CA GLY E 448 10.55 47.54 1.90
C GLY E 448 11.89 46.91 2.26
N PRO E 449 12.97 47.34 1.62
CA PRO E 449 14.28 46.74 1.83
C PRO E 449 14.98 47.29 3.05
N LEU E 450 14.35 47.18 4.20
CA LEU E 450 14.90 47.69 5.45
C LEU E 450 15.15 46.57 6.46
N LEU E 451 16.40 46.41 6.87
CA LEU E 451 16.77 45.36 7.81
C LEU E 451 17.31 45.93 9.10
N SER E 452 16.73 45.55 10.22
CA SER E 452 17.25 45.93 11.53
C SER E 452 18.07 44.83 12.14
N VAL E 453 19.29 45.17 12.55
CA VAL E 453 20.17 44.20 13.16
C VAL E 453 20.39 44.53 14.61
N HIS E 454 20.15 43.58 15.49
CA HIS E 454 20.48 43.73 16.88
C HIS E 454 21.60 42.76 17.25
N VAL E 455 22.71 43.29 17.75
CA VAL E 455 23.82 42.44 18.17
C VAL E 455 23.70 42.14 19.65
N TYR E 456 23.75 40.86 20.02
CA TYR E 456 23.59 40.43 21.40
C TYR E 456 24.76 39.56 21.83
N PRO E 457 25.07 39.53 23.13
CA PRO E 457 26.21 38.71 23.56
C PRO E 457 25.92 37.21 23.54
N ASP E 458 26.85 36.46 22.95
CA ASP E 458 26.76 35.01 22.77
C ASP E 458 26.04 34.29 23.88
N GLU E 459 26.43 34.58 25.12
CA GLU E 459 25.95 33.80 26.26
C GLU E 459 24.53 34.16 26.69
N ARG E 460 23.88 35.04 25.94
CA ARG E 460 22.50 35.38 26.25
C ARG E 460 21.52 34.91 25.16
N TYR E 461 21.88 33.83 24.48
CA TYR E 461 21.03 33.19 23.47
C TYR E 461 19.61 32.91 23.95
N GLU E 462 19.49 32.26 25.10
CA GLU E 462 18.16 31.90 25.59
C GLU E 462 17.37 33.13 26.02
N GLN E 463 18.05 34.19 26.44
CA GLN E 463 17.33 35.39 26.81
C GLN E 463 16.84 36.08 25.55
N ILE E 464 17.63 36.04 24.49
CA ILE E 464 17.23 36.64 23.22
C ILE E 464 16.02 35.91 22.65
N LEU E 465 15.98 34.61 22.85
CA LEU E 465 14.83 33.82 22.42
C LEU E 465 13.60 34.28 23.18
N ASP E 466 13.75 34.51 24.48
CA ASP E 466 12.65 35.02 25.28
C ASP E 466 12.16 36.36 24.75
N VAL E 467 13.09 37.23 24.38
CA VAL E 467 12.76 38.54 23.86
C VAL E 467 11.99 38.42 22.55
N ILE E 468 12.45 37.55 21.66
CA ILE E 468 11.78 37.35 20.40
C ILE E 468 10.39 36.80 20.65
N ASP E 469 10.29 35.84 21.57
CA ASP E 469 9.02 35.21 21.91
C ASP E 469 8.00 36.24 22.37
N THR E 470 8.42 37.14 23.23
CA THR E 470 7.54 38.14 23.82
C THR E 470 7.17 39.26 22.85
N GLY E 471 8.05 39.53 21.89
CA GLY E 471 7.81 40.55 20.88
C GLY E 471 7.07 40.05 19.65
N TYR E 474 2.07 38.19 14.84
CA TYR E 474 3.06 39.19 14.49
C TYR E 474 3.98 38.70 13.38
N ALA E 475 4.68 37.61 13.68
CA ALA E 475 5.67 37.06 12.78
C ALA E 475 5.14 35.86 12.02
N LEU E 476 5.36 35.87 10.71
CA LEU E 476 4.98 34.77 9.85
C LEU E 476 6.00 33.65 9.93
N THR E 477 7.24 33.98 9.58
CA THR E 477 8.29 32.98 9.59
C THR E 477 9.48 33.41 10.43
N GLY E 478 10.22 32.44 10.93
CA GLY E 478 11.40 32.68 11.73
C GLY E 478 12.45 31.69 11.32
N ALA E 479 13.71 32.04 11.56
CA ALA E 479 14.81 31.17 11.17
C ALA E 479 15.89 31.21 12.22
N VAL E 480 16.46 30.05 12.51
CA VAL E 480 17.63 30.00 13.36
C VAL E 480 18.82 29.60 12.50
N ILE E 481 19.92 30.33 12.64
CA ILE E 481 21.14 29.91 11.96
C ILE E 481 22.09 29.37 12.99
N ALA E 482 22.34 28.06 12.96
CA ALA E 482 23.18 27.40 13.95
C ALA E 482 23.63 26.02 13.51
N ASP E 483 24.91 25.71 13.67
CA ASP E 483 25.37 24.34 13.42
C ASP E 483 25.13 23.45 14.62
N ASP E 484 25.05 24.06 15.80
CA ASP E 484 24.89 23.33 17.05
C ASP E 484 23.48 22.77 17.20
N ARG E 485 23.37 21.45 17.39
CA ARG E 485 22.06 20.81 17.41
C ARG E 485 21.23 21.16 18.64
N GLN E 486 21.87 21.33 19.79
CA GLN E 486 21.13 21.76 20.97
C GLN E 486 20.57 23.15 20.74
N ALA E 487 21.40 24.04 20.21
CA ALA E 487 20.99 25.39 19.88
C ALA E 487 19.79 25.37 18.95
N VAL E 488 19.90 24.63 17.86
CA VAL E 488 18.81 24.48 16.90
C VAL E 488 17.54 24.03 17.60
N LEU E 489 17.64 22.96 18.37
CA LEU E 489 16.47 22.37 19.02
C LEU E 489 15.89 23.29 20.08
N THR E 490 16.75 24.05 20.74
CA THR E 490 16.30 25.03 21.72
C THR E 490 15.41 26.06 21.04
N ALA E 491 15.85 26.58 19.91
CA ALA E 491 15.04 27.54 19.16
C ALA E 491 13.73 26.95 18.67
N LEU E 492 13.76 25.72 18.15
CA LEU E 492 12.54 25.06 17.70
C LEU E 492 11.54 24.91 18.83
N ASP E 493 12.04 24.71 20.04
CA ASP E 493 11.18 24.50 21.18
C ASP E 493 10.70 25.82 21.73
N ARG E 494 11.61 26.77 21.87
CA ARG E 494 11.30 28.02 22.54
C ARG E 494 10.46 28.95 21.69
N LEU E 495 10.60 28.84 20.38
CA LEU E 495 9.85 29.71 19.49
C LEU E 495 8.75 28.95 18.76
N ARG E 496 8.32 27.84 19.34
CA ARG E 496 7.36 26.97 18.68
C ARG E 496 6.08 27.70 18.33
N PHE E 497 5.65 28.60 19.20
CA PHE E 497 4.41 29.35 19.02
C PHE E 497 4.65 30.79 18.62
N ALA E 498 5.87 31.13 18.23
CA ALA E 498 6.21 32.51 17.93
C ALA E 498 6.19 32.78 16.45
N ALA E 499 6.03 31.72 15.67
CA ALA E 499 5.99 31.86 14.23
C ALA E 499 5.28 30.66 13.64
N GLY E 500 4.91 30.76 12.38
CA GLY E 500 4.12 29.72 11.76
C GLY E 500 4.91 28.87 10.80
N ASN E 501 6.04 29.36 10.37
CA ASN E 501 6.91 28.59 9.53
C ASN E 501 8.32 28.84 9.99
N PHE E 502 9.04 27.79 10.31
CA PHE E 502 10.33 27.95 10.91
C PHE E 502 11.42 27.32 10.09
N TYR E 503 12.56 27.98 10.02
CA TYR E 503 13.62 27.59 9.12
C TYR E 503 14.93 27.38 9.87
N VAL E 504 15.70 26.40 9.43
CA VAL E 504 16.98 26.07 10.03
C VAL E 504 18.09 26.19 9.00
N ASN E 505 19.02 27.10 9.25
CA ASN E 505 20.15 27.37 8.38
C ASN E 505 19.76 27.73 6.93
N ASP E 506 18.68 28.48 6.79
CA ASP E 506 18.36 29.11 5.51
C ASP E 506 17.54 30.37 5.73
N LYS E 507 17.42 31.20 4.72
CA LYS E 507 16.53 32.33 4.76
C LYS E 507 15.10 31.83 4.88
N PRO E 508 14.25 32.59 5.54
CA PRO E 508 12.84 32.22 5.66
C PRO E 508 12.04 32.61 4.42
N THR E 509 12.70 33.17 3.41
CA THR E 509 12.01 33.57 2.19
C THR E 509 11.46 32.38 1.42
N ALA E 511 8.09 30.24 0.40
CA ALA E 511 7.51 28.92 0.50
C ALA E 511 7.18 28.35 -0.88
N VAL E 512 7.36 27.04 -1.02
CA VAL E 512 7.20 26.29 -2.27
C VAL E 512 6.09 25.24 -2.15
N VAL E 513 5.20 25.19 -3.12
CA VAL E 513 4.00 24.34 -3.09
C VAL E 513 4.28 22.87 -2.76
N GLY E 514 3.63 22.38 -1.71
CA GLY E 514 3.77 20.98 -1.30
C GLY E 514 4.97 20.68 -0.42
N ARG E 515 5.70 21.72 -0.03
CA ARG E 515 6.93 21.55 0.75
C ARG E 515 6.89 22.27 2.09
N GLN E 516 6.48 23.52 2.10
CA GLN E 516 6.30 24.22 3.36
C GLN E 516 4.90 24.83 3.46
N PRO E 517 3.87 23.97 3.53
CA PRO E 517 2.50 24.45 3.59
C PRO E 517 2.19 25.10 4.94
N PHE E 518 0.98 25.61 5.08
CA PHE E 518 0.49 26.13 6.36
C PHE E 518 1.27 27.31 6.88
N GLY E 519 1.24 27.49 8.20
CA GLY E 519 1.86 28.63 8.81
C GLY E 519 0.85 29.64 9.30
N GLY E 520 1.17 30.92 9.11
CA GLY E 520 0.36 32.00 9.64
C GLY E 520 1.02 32.63 10.86
N ALA E 521 0.71 33.90 11.11
CA ALA E 521 1.26 34.61 12.27
C ALA E 521 0.66 34.06 13.56
N ARG E 522 1.25 34.42 14.69
CA ARG E 522 0.80 33.89 15.97
C ARG E 522 -0.69 34.11 16.17
N GLY E 523 -1.39 33.01 16.48
CA GLY E 523 -2.80 33.08 16.77
C GLY E 523 -3.73 33.06 15.57
N SER E 524 -3.18 33.18 14.37
CA SER E 524 -4.03 33.20 13.17
C SER E 524 -4.73 31.87 12.96
N ASP E 525 -5.82 31.91 12.22
CA ASP E 525 -6.53 30.70 11.86
C ASP E 525 -6.57 30.58 10.34
N THR E 526 -5.44 30.18 9.76
CA THR E 526 -5.30 30.18 8.31
C THR E 526 -4.63 28.93 7.77
N ASN E 527 -4.76 27.79 8.46
CA ASN E 527 -4.27 26.53 7.90
C ASN E 527 -5.05 26.08 6.68
N ASP E 528 -6.15 26.76 6.39
CA ASP E 528 -6.98 26.44 5.24
C ASP E 528 -6.62 27.28 4.02
N LYS E 529 -5.52 28.04 4.12
CA LYS E 529 -5.06 28.84 3.00
C LYS E 529 -4.44 28.01 1.90
N ALA E 530 -4.07 28.68 0.81
CA ALA E 530 -3.50 28.03 -0.35
C ALA E 530 -2.26 27.22 -0.03
N GLY E 531 -2.12 26.08 -0.68
CA GLY E 531 -0.92 25.29 -0.57
C GLY E 531 -1.15 23.90 -0.03
N SER E 532 -2.40 23.58 0.27
CA SER E 532 -2.73 22.28 0.81
C SER E 532 -4.16 21.92 0.41
N PRO E 533 -4.52 20.63 0.54
CA PRO E 533 -5.90 20.22 0.28
C PRO E 533 -6.95 20.95 1.12
N LEU E 534 -6.56 21.47 2.28
CA LEU E 534 -7.52 22.09 3.17
C LEU E 534 -8.17 23.31 2.51
N ASN E 535 -7.43 23.99 1.65
CA ASN E 535 -7.98 25.10 0.93
C ASN E 535 -9.10 24.71 -0.03
N LEU E 536 -8.88 23.67 -0.82
CA LEU E 536 -9.88 23.22 -1.76
C LEU E 536 -11.15 22.74 -1.07
N LEU E 537 -11.00 22.17 0.13
CA LEU E 537 -12.17 21.77 0.90
C LEU E 537 -13.04 22.94 1.32
N ARG E 538 -12.45 24.13 1.48
CA ARG E 538 -13.25 25.32 1.79
C ARG E 538 -14.19 25.65 0.62
N TRP E 539 -13.87 25.18 -0.57
CA TRP E 539 -14.71 25.46 -1.72
C TRP E 539 -15.64 24.30 -2.03
N THR E 540 -15.83 23.41 -1.07
CA THR E 540 -16.76 22.31 -1.20
C THR E 540 -17.75 22.24 -0.06
N SER E 541 -18.94 21.72 -0.33
CA SER E 541 -19.83 21.29 0.74
C SER E 541 -20.11 19.80 0.62
N ALA E 542 -19.54 19.01 1.52
CA ALA E 542 -19.65 17.56 1.41
C ALA E 542 -20.94 17.06 1.99
N ARG E 543 -21.58 16.13 1.28
CA ARG E 543 -22.75 15.46 1.81
C ARG E 543 -22.52 13.96 1.88
N SER E 544 -23.18 13.31 2.83
CA SER E 544 -23.15 11.87 2.88
C SER E 544 -24.39 11.29 2.22
N ILE E 545 -24.21 10.14 1.60
CA ILE E 545 -25.29 9.45 0.94
C ILE E 545 -25.31 8.05 1.49
N LYS E 546 -26.43 7.63 2.06
CA LYS E 546 -26.51 6.30 2.62
C LYS E 546 -27.65 5.52 2.01
N GLU E 547 -27.37 4.37 1.43
CA GLU E 547 -28.44 3.51 0.97
C GLU E 547 -28.47 2.25 1.80
N THR E 548 -29.65 1.90 2.27
CA THR E 548 -29.86 0.67 3.03
C THR E 548 -30.61 -0.32 2.18
N PHE E 549 -30.08 -1.52 2.06
CA PHE E 549 -30.61 -2.50 1.13
C PHE E 549 -31.86 -3.20 1.61
N VAL E 550 -31.90 -3.55 2.89
CA VAL E 550 -33.03 -4.26 3.47
C VAL E 550 -33.39 -3.67 4.83
N ALA E 551 -34.05 -2.52 4.83
CA ALA E 551 -34.35 -1.81 6.08
C ALA E 551 -35.49 -2.45 6.88
N ALA E 552 -35.64 -1.97 8.10
CA ALA E 552 -36.63 -2.49 9.02
C ALA E 552 -38.05 -2.30 8.48
N THR E 553 -38.90 -3.26 8.76
CA THR E 553 -40.29 -3.22 8.33
C THR E 553 -41.22 -3.18 9.54
N ASP E 554 -40.62 -3.21 10.73
CA ASP E 554 -41.33 -3.02 11.99
C ASP E 554 -40.56 -1.99 12.81
N HIS E 555 -41.26 -1.22 13.64
CA HIS E 555 -40.61 -0.12 14.36
C HIS E 555 -40.26 -0.47 15.80
N ILE E 556 -40.83 -1.55 16.31
CA ILE E 556 -40.63 -1.93 17.71
C ILE E 556 -39.20 -2.43 17.93
N TYR E 557 -38.65 -2.10 19.10
CA TYR E 557 -37.30 -2.44 19.48
C TYR E 557 -37.28 -3.62 20.43
N PRO E 558 -36.20 -4.42 20.41
CA PRO E 558 -36.06 -5.60 21.27
C PRO E 558 -36.26 -5.33 22.75
N HIS E 559 -35.95 -4.14 23.22
CA HIS E 559 -36.07 -3.86 24.65
C HIS E 559 -37.52 -3.72 25.10
N MET E 560 -38.43 -3.62 24.14
CA MET E 560 -39.83 -3.35 24.44
C MET E 560 -40.65 -4.60 24.71
N ALA E 561 -40.12 -5.76 24.35
CA ALA E 561 -40.82 -7.03 24.58
C ALA E 561 -41.05 -7.27 26.08
N VAL E 562 -41.99 -8.15 26.40
CA VAL E 562 -42.49 -8.31 27.77
C VAL E 562 -41.47 -8.92 28.73
N HIS F 20 12.97 9.00 26.50
CA HIS F 20 12.03 8.07 27.13
C HIS F 20 11.43 7.09 26.15
N MET F 21 11.59 7.37 24.86
CA MET F 21 10.96 6.57 23.80
C MET F 21 11.53 6.85 22.43
N ASP F 22 11.89 5.78 21.71
CA ASP F 22 12.31 5.90 20.33
C ASP F 22 11.48 4.98 19.45
N ALA F 23 10.56 5.58 18.72
CA ALA F 23 9.55 4.79 18.01
C ALA F 23 8.68 5.64 17.13
N ILE F 24 8.16 5.03 16.09
CA ILE F 24 7.05 5.58 15.35
C ILE F 24 5.89 4.68 15.68
N THR F 25 5.02 5.12 16.58
CA THR F 25 3.99 4.23 17.08
C THR F 25 2.67 4.33 16.30
N GLN F 26 1.89 3.27 16.37
CA GLN F 26 0.54 3.21 15.81
C GLN F 26 -0.45 3.22 16.96
N VAL F 27 -1.61 3.85 16.75
CA VAL F 27 -2.71 3.73 17.70
C VAL F 27 -3.56 2.51 17.35
N PRO F 28 -4.33 1.98 18.31
CA PRO F 28 -5.23 0.86 18.04
C PRO F 28 -6.28 1.18 16.99
N VAL F 29 -6.64 0.17 16.20
CA VAL F 29 -7.58 0.35 15.11
C VAL F 29 -9.00 0.41 15.65
N PRO F 30 -9.71 1.51 15.37
CA PRO F 30 -11.07 1.69 15.83
C PRO F 30 -12.11 0.87 15.06
N ALA F 31 -13.03 0.27 15.79
CA ALA F 31 -14.23 -0.34 15.22
C ALA F 31 -15.44 0.18 15.99
N ASN F 32 -16.59 0.28 15.31
CA ASN F 32 -17.78 0.78 15.95
C ASN F 32 -18.20 -0.14 17.08
N GLU F 33 -18.54 0.45 18.21
CA GLU F 33 -18.97 -0.33 19.35
C GLU F 33 -20.32 -0.95 19.07
N PRO F 34 -20.45 -2.24 19.40
CA PRO F 34 -21.72 -2.94 19.21
C PRO F 34 -22.80 -2.38 20.12
N VAL F 35 -24.04 -2.37 19.64
CA VAL F 35 -25.19 -1.89 20.39
C VAL F 35 -25.85 -3.04 21.12
N HIS F 36 -25.95 -2.94 22.43
CA HIS F 36 -26.65 -3.98 23.20
C HIS F 36 -28.17 -3.80 23.12
N ASP F 37 -28.87 -4.92 23.09
CA ASP F 37 -30.30 -4.93 22.85
C ASP F 37 -31.12 -4.74 24.09
N TYR F 38 -30.57 -5.14 25.23
CA TYR F 38 -31.27 -5.12 26.51
C TYR F 38 -32.59 -5.88 26.44
N ALA F 39 -32.57 -7.00 25.74
CA ALA F 39 -33.73 -7.88 25.65
C ALA F 39 -34.11 -8.40 27.02
N PRO F 40 -35.36 -8.85 27.19
CA PRO F 40 -35.77 -9.50 28.45
C PRO F 40 -34.85 -10.65 28.81
N LYS F 41 -34.55 -10.79 30.10
CA LYS F 41 -33.68 -11.84 30.63
C LYS F 41 -32.23 -11.75 30.12
N SER F 42 -31.83 -10.60 29.58
CA SER F 42 -30.44 -10.39 29.24
C SER F 42 -29.72 -9.81 30.44
N PRO F 43 -28.42 -10.10 30.57
CA PRO F 43 -27.65 -9.61 31.72
C PRO F 43 -27.48 -8.09 31.76
N GLU F 44 -27.41 -7.41 30.62
CA GLU F 44 -27.24 -5.97 30.66
C GLU F 44 -28.52 -5.29 31.12
N ARG F 45 -29.65 -5.94 30.87
CA ARG F 45 -30.94 -5.42 31.31
C ARG F 45 -31.02 -5.41 32.82
N THR F 46 -30.57 -6.50 33.44
CA THR F 46 -30.49 -6.60 34.89
C THR F 46 -29.54 -5.55 35.45
N ARG F 47 -28.38 -5.39 34.82
CA ARG F 47 -27.42 -4.39 35.26
C ARG F 47 -28.00 -2.99 35.16
N LEU F 48 -28.79 -2.76 34.12
CA LEU F 48 -29.40 -1.46 33.88
C LEU F 48 -30.40 -1.11 34.96
N ARG F 49 -31.19 -2.09 35.39
CA ARG F 49 -32.20 -1.85 36.40
C ARG F 49 -31.52 -1.48 37.69
N THR F 50 -30.39 -2.10 37.95
CA THR F 50 -29.63 -1.79 39.14
C THR F 50 -29.16 -0.35 39.08
N GLU F 51 -28.58 0.04 37.95
CA GLU F 51 -28.12 1.41 37.80
C GLU F 51 -29.25 2.44 37.80
N LEU F 52 -30.39 2.10 37.21
CA LEU F 52 -31.54 3.01 37.22
C LEU F 52 -32.03 3.30 38.63
N ALA F 53 -32.21 2.24 39.42
CA ALA F 53 -32.59 2.38 40.82
C ALA F 53 -31.56 3.20 41.60
N SER F 54 -30.28 2.91 41.41
CA SER F 54 -29.26 3.59 42.18
C SER F 54 -29.21 5.10 41.94
N LEU F 55 -29.46 5.54 40.72
CA LEU F 55 -29.40 6.98 40.44
C LEU F 55 -30.69 7.69 40.83
N ALA F 56 -31.82 7.02 40.62
CA ALA F 56 -33.12 7.60 40.97
C ALA F 56 -33.32 7.69 42.48
N ASP F 57 -32.85 6.69 43.22
CA ASP F 57 -33.05 6.66 44.66
C ASP F 57 -32.03 7.50 45.42
N HIS F 58 -30.92 7.81 44.80
CA HIS F 58 -29.87 8.55 45.50
C HIS F 58 -29.39 9.75 44.73
N PRO F 59 -30.22 10.81 44.69
CA PRO F 59 -29.89 12.07 44.06
C PRO F 59 -28.73 12.76 44.76
N ILE F 60 -27.96 13.56 44.03
CA ILE F 60 -26.70 14.10 44.53
C ILE F 60 -26.51 15.57 44.22
N ASP F 61 -25.55 16.19 44.88
CA ASP F 61 -25.09 17.49 44.45
C ASP F 61 -24.44 17.30 43.09
N LEU F 62 -24.58 18.29 42.22
CA LEU F 62 -23.89 18.28 40.96
C LEU F 62 -22.99 19.49 40.89
N PRO F 63 -21.73 19.32 41.30
CA PRO F 63 -20.78 20.41 41.47
C PRO F 63 -20.05 20.79 40.20
N HIS F 64 -19.53 22.01 40.20
CA HIS F 64 -18.55 22.40 39.23
C HIS F 64 -17.32 21.55 39.47
N VAL F 65 -16.60 21.23 38.40
CA VAL F 65 -15.33 20.56 38.57
C VAL F 65 -14.28 21.46 38.01
N ILE F 66 -13.57 22.14 38.90
CA ILE F 66 -12.55 23.11 38.52
C ILE F 66 -11.20 22.72 39.10
N GLY F 67 -10.18 22.73 38.26
CA GLY F 67 -8.86 22.30 38.65
C GLY F 67 -8.82 20.98 39.39
N GLY F 68 -9.71 20.07 39.03
CA GLY F 68 -9.77 18.78 39.69
C GLY F 68 -10.61 18.78 40.96
N ARG F 69 -11.00 19.96 41.42
CA ARG F 69 -11.79 20.08 42.64
C ARG F 69 -13.27 20.11 42.35
N HIS F 70 -14.00 19.21 43.00
CA HIS F 70 -15.44 19.16 42.89
C HIS F 70 -16.11 20.03 43.96
N ARG F 71 -16.62 21.19 43.57
CA ARG F 71 -17.23 22.11 44.54
C ARG F 71 -18.54 22.72 44.05
N MET F 72 -19.50 22.86 44.97
CA MET F 72 -20.70 23.63 44.71
C MET F 72 -20.33 25.11 44.81
N GLY F 73 -21.00 25.95 44.05
CA GLY F 73 -20.74 27.38 44.08
C GLY F 73 -21.75 28.16 44.90
N ASP F 74 -21.70 29.48 44.82
CA ASP F 74 -22.59 30.32 45.61
C ASP F 74 -23.83 30.72 44.82
N GLY F 75 -23.90 30.31 43.56
CA GLY F 75 -25.00 30.68 42.69
C GLY F 75 -26.23 29.90 43.04
N GLU F 76 -27.36 30.21 42.40
CA GLU F 76 -28.62 29.63 42.80
C GLU F 76 -28.70 28.13 42.55
N ARG F 77 -29.44 27.44 43.40
CA ARG F 77 -29.61 26.01 43.27
C ARG F 77 -30.72 25.69 42.29
N ILE F 78 -30.40 24.83 41.33
CA ILE F 78 -31.35 24.43 40.32
C ILE F 78 -31.44 22.92 40.35
N ASP F 79 -32.65 22.40 40.39
CA ASP F 79 -32.84 20.97 40.45
C ASP F 79 -32.74 20.37 39.06
N VAL F 80 -32.24 19.14 39.01
CA VAL F 80 -32.26 18.37 37.79
C VAL F 80 -33.22 17.22 38.02
N VAL F 81 -34.26 17.12 37.19
CA VAL F 81 -35.33 16.15 37.43
C VAL F 81 -35.53 15.19 36.26
N GLN F 82 -36.30 14.14 36.47
CA GLN F 82 -36.69 13.25 35.38
C GLN F 82 -37.79 13.93 34.55
N PRO F 83 -37.52 14.21 33.27
CA PRO F 83 -38.52 14.93 32.48
C PRO F 83 -39.85 14.19 32.41
N HIS F 84 -39.79 12.88 32.46
CA HIS F 84 -40.96 12.03 32.43
C HIS F 84 -41.62 11.87 33.80
N ARG F 85 -40.99 12.39 34.83
CA ARG F 85 -41.56 12.38 36.17
C ARG F 85 -40.93 13.50 36.96
N HIS F 86 -41.31 14.74 36.66
CA HIS F 86 -40.52 15.89 37.08
C HIS F 86 -40.61 16.23 38.55
N ALA F 87 -41.34 15.44 39.32
CA ALA F 87 -41.35 15.59 40.77
C ALA F 87 -40.19 14.83 41.40
N ALA F 88 -39.58 13.95 40.62
CA ALA F 88 -38.47 13.13 41.07
C ALA F 88 -37.14 13.80 40.76
N ARG F 89 -36.48 14.32 41.79
CA ARG F 89 -35.21 15.02 41.63
C ARG F 89 -34.08 14.01 41.36
N LEU F 90 -33.12 14.40 40.53
CA LEU F 90 -31.96 13.55 40.28
C LEU F 90 -30.71 14.16 40.90
N GLY F 91 -30.68 15.48 40.97
CA GLY F 91 -29.56 16.19 41.55
C GLY F 91 -29.80 17.69 41.63
N THR F 92 -28.83 18.41 42.17
CA THR F 92 -28.95 19.84 42.27
C THR F 92 -27.61 20.46 41.94
N LEU F 93 -27.61 21.39 41.01
CA LEU F 93 -26.39 22.07 40.64
C LEU F 93 -26.47 23.50 41.10
N THR F 94 -25.34 24.19 41.05
CA THR F 94 -25.31 25.61 41.35
C THR F 94 -25.05 26.37 40.06
N ASN F 95 -25.79 27.45 39.83
CA ASN F 95 -25.59 28.23 38.62
C ASN F 95 -24.26 28.93 38.73
N ALA F 96 -23.41 28.75 37.74
CA ALA F 96 -22.06 29.28 37.81
C ALA F 96 -22.07 30.79 37.99
N THR F 97 -21.24 31.28 38.90
CA THR F 97 -21.03 32.70 39.04
C THR F 97 -19.88 33.12 38.18
N HIS F 98 -19.66 34.42 38.08
CA HIS F 98 -18.51 34.93 37.36
C HIS F 98 -17.22 34.36 37.95
N ALA F 99 -17.14 34.31 39.27
CA ALA F 99 -15.93 33.84 39.92
C ALA F 99 -15.71 32.35 39.67
N ASP F 100 -16.80 31.59 39.67
CA ASP F 100 -16.76 30.20 39.20
C ASP F 100 -16.13 30.13 37.82
N ALA F 101 -16.60 30.99 36.92
CA ALA F 101 -16.15 30.98 35.54
C ALA F 101 -14.71 31.40 35.40
N ALA F 102 -14.33 32.39 36.18
CA ALA F 102 -12.99 32.92 36.12
C ALA F 102 -12.03 31.90 36.70
N ALA F 103 -12.49 31.14 37.68
CA ALA F 103 -11.65 30.10 38.26
C ALA F 103 -11.40 29.02 37.23
N ALA F 104 -12.44 28.65 36.49
CA ALA F 104 -12.35 27.61 35.48
C ALA F 104 -11.35 27.98 34.41
N VAL F 105 -11.36 29.23 33.99
CA VAL F 105 -10.45 29.70 32.99
C VAL F 105 -9.01 29.60 33.49
N GLU F 106 -8.76 30.01 34.73
CA GLU F 106 -7.41 29.98 35.29
C GLU F 106 -6.90 28.55 35.43
N ALA F 107 -7.77 27.65 35.89
CA ALA F 107 -7.40 26.25 36.00
C ALA F 107 -7.00 25.66 34.64
N ALA F 108 -7.72 26.05 33.59
CA ALA F 108 -7.41 25.55 32.26
C ALA F 108 -6.07 26.06 31.81
N MET F 109 -5.81 27.36 32.03
CA MET F 109 -4.54 27.93 31.59
C MET F 109 -3.39 27.37 32.41
N SER F 110 -3.65 27.12 33.69
CA SER F 110 -2.68 26.56 34.58
C SER F 110 -2.29 25.12 34.20
N ALA F 111 -3.20 24.36 33.63
CA ALA F 111 -2.94 22.97 33.32
C ALA F 111 -2.34 22.79 31.93
N LYS F 112 -2.37 23.85 31.15
CA LYS F 112 -2.01 23.77 29.74
C LYS F 112 -0.62 23.21 29.48
N SER F 113 0.34 23.67 30.26
CA SER F 113 1.74 23.36 30.00
C SER F 113 2.03 21.88 30.16
N ASP F 114 1.60 21.31 31.29
CA ASP F 114 1.82 19.90 31.57
C ASP F 114 1.04 18.99 30.62
N TRP F 115 -0.09 19.46 30.12
CA TRP F 115 -0.95 18.61 29.30
C TRP F 115 -0.44 18.60 27.87
N ALA F 116 -0.08 19.76 27.35
CA ALA F 116 0.44 19.85 26.00
C ALA F 116 1.84 19.24 25.90
N ALA F 117 2.55 19.19 27.02
CA ALA F 117 3.88 18.60 27.06
C ALA F 117 3.85 17.08 27.09
N LEU F 118 2.70 16.52 27.46
CA LEU F 118 2.52 15.08 27.36
C LEU F 118 2.60 14.69 25.92
N PRO F 119 3.26 13.57 25.63
CA PRO F 119 3.34 13.03 24.27
C PRO F 119 1.94 12.69 23.76
N PHE F 120 1.73 12.74 22.46
CA PHE F 120 0.41 12.43 21.90
C PHE F 120 -0.15 11.11 22.42
N ASP F 121 0.67 10.07 22.41
CA ASP F 121 0.20 8.73 22.81
C ASP F 121 -0.36 8.73 24.22
N GLU F 122 0.22 9.51 25.11
CA GLU F 122 -0.22 9.50 26.49
C GLU F 122 -1.53 10.26 26.65
N ARG F 123 -1.71 11.32 25.87
CA ARG F 123 -2.97 12.01 25.90
C ARG F 123 -4.04 11.08 25.31
N ALA F 124 -3.66 10.34 24.28
CA ALA F 124 -4.59 9.46 23.60
C ALA F 124 -5.05 8.33 24.49
N ALA F 125 -4.15 7.86 25.35
CA ALA F 125 -4.46 6.71 26.19
C ALA F 125 -5.59 7.02 27.14
N VAL F 126 -5.65 8.28 27.56
CA VAL F 126 -6.69 8.74 28.48
C VAL F 126 -8.04 8.46 27.85
N PHE F 127 -8.20 8.83 26.58
CA PHE F 127 -9.48 8.69 25.93
C PHE F 127 -9.74 7.27 25.47
N LEU F 128 -8.70 6.56 25.04
CA LEU F 128 -8.83 5.15 24.74
C LEU F 128 -9.22 4.40 26.00
N ARG F 129 -8.62 4.73 27.14
CA ARG F 129 -9.00 4.07 28.38
C ARG F 129 -10.44 4.41 28.77
N ALA F 130 -10.82 5.66 28.56
CA ALA F 130 -12.17 6.12 28.84
C ALA F 130 -13.15 5.32 28.02
N ALA F 131 -12.89 5.23 26.72
CA ALA F 131 -13.73 4.45 25.83
C ALA F 131 -13.95 3.02 26.33
N ASP F 132 -12.89 2.35 26.75
CA ASP F 132 -13.00 0.98 27.22
C ASP F 132 -13.72 0.88 28.55
N LEU F 133 -13.50 1.86 29.43
CA LEU F 133 -14.22 1.95 30.68
C LEU F 133 -15.72 2.10 30.44
N LEU F 134 -16.07 3.00 29.52
CA LEU F 134 -17.46 3.22 29.12
C LEU F 134 -18.06 1.97 28.48
N ALA F 135 -17.25 1.20 27.76
CA ALA F 135 -17.77 0.00 27.10
C ALA F 135 -18.04 -1.11 28.09
N GLY F 136 -17.27 -1.16 29.17
CA GLY F 136 -17.45 -2.18 30.18
C GLY F 136 -18.13 -1.70 31.44
N PRO F 137 -17.33 -1.48 32.50
CA PRO F 137 -17.77 -1.18 33.87
C PRO F 137 -18.67 0.05 34.05
N TRP F 138 -18.59 1.03 33.15
CA TRP F 138 -19.38 2.23 33.31
C TRP F 138 -20.59 2.24 32.39
N ARG F 139 -20.79 1.17 31.63
CA ARG F 139 -21.73 1.18 30.53
C ARG F 139 -23.14 1.54 30.97
N GLU F 140 -23.77 0.64 31.72
CA GLU F 140 -25.15 0.82 32.11
C GLU F 140 -25.36 2.05 32.98
N LYS F 141 -24.33 2.49 33.69
CA LYS F 141 -24.44 3.65 34.55
C LYS F 141 -24.52 4.94 33.77
N ILE F 142 -23.73 5.07 32.72
CA ILE F 142 -23.79 6.26 31.88
C ILE F 142 -25.09 6.21 31.09
N ALA F 143 -25.50 5.02 30.67
CA ALA F 143 -26.72 4.83 29.93
C ALA F 143 -27.91 5.23 30.76
N ALA F 144 -27.93 4.81 32.03
CA ALA F 144 -29.04 5.09 32.91
C ALA F 144 -29.12 6.56 33.25
N ALA F 145 -27.98 7.21 33.41
CA ALA F 145 -27.99 8.63 33.74
C ALA F 145 -28.56 9.44 32.59
N THR F 146 -28.43 8.91 31.38
CA THR F 146 -28.94 9.57 30.20
C THR F 146 -30.42 9.28 30.06
N MET F 147 -30.81 8.02 30.26
CA MET F 147 -32.22 7.65 30.31
C MET F 147 -32.99 8.52 31.28
N LEU F 148 -32.49 8.60 32.51
CA LEU F 148 -33.17 9.28 33.58
C LEU F 148 -33.22 10.79 33.40
N GLY F 149 -32.11 11.39 33.02
CA GLY F 149 -32.05 12.83 32.95
C GLY F 149 -32.59 13.46 31.69
N GLN F 150 -32.52 12.72 30.59
CA GLN F 150 -32.85 13.28 29.29
C GLN F 150 -34.05 12.59 28.71
N SER F 151 -34.66 11.72 29.51
CA SER F 151 -35.86 11.00 29.12
C SER F 151 -35.67 10.20 27.83
N LYS F 152 -34.64 9.35 27.83
CA LYS F 152 -34.35 8.50 26.69
C LYS F 152 -34.75 7.07 26.99
N SER F 153 -35.29 6.37 25.99
CA SER F 153 -35.43 4.94 26.13
C SER F 153 -34.04 4.31 26.24
N VAL F 154 -33.96 3.06 26.67
CA VAL F 154 -32.67 2.41 26.78
C VAL F 154 -31.99 2.33 25.40
N TYR F 155 -32.76 2.07 24.35
CA TYR F 155 -32.18 2.03 23.01
C TYR F 155 -31.59 3.38 22.62
N GLN F 156 -32.33 4.45 22.86
CA GLN F 156 -31.83 5.78 22.52
C GLN F 156 -30.61 6.18 23.35
N ALA F 157 -30.48 5.62 24.55
CA ALA F 157 -29.35 5.94 25.41
C ALA F 157 -28.10 5.19 24.97
N GLU F 158 -28.29 3.91 24.65
CA GLU F 158 -27.23 3.03 24.20
C GLU F 158 -26.55 3.53 22.92
N ILE F 159 -27.33 3.99 21.95
CA ILE F 159 -26.73 4.46 20.71
C ILE F 159 -26.08 5.80 20.92
N ASP F 160 -26.50 6.50 21.96
CA ASP F 160 -26.00 7.82 22.26
C ASP F 160 -24.86 7.78 23.27
N ALA F 161 -25.22 7.70 24.54
CA ALA F 161 -24.29 7.88 25.66
C ALA F 161 -23.21 6.80 25.72
N VAL F 162 -23.51 5.64 25.15
CA VAL F 162 -22.60 4.54 25.15
C VAL F 162 -21.85 4.48 23.81
N CYS F 163 -22.52 4.01 22.76
CA CYS F 163 -21.86 3.74 21.48
C CYS F 163 -21.29 4.96 20.76
N GLU F 164 -22.07 6.01 20.60
CA GLU F 164 -21.58 7.18 19.86
C GLU F 164 -20.41 7.86 20.59
N LEU F 165 -20.46 7.92 21.91
CA LEU F 165 -19.38 8.54 22.68
C LEU F 165 -18.11 7.70 22.58
N ILE F 166 -18.27 6.39 22.75
CA ILE F 166 -17.16 5.46 22.61
C ILE F 166 -16.52 5.60 21.24
N ASP F 167 -17.35 5.56 20.21
CA ASP F 167 -16.89 5.74 18.84
C ASP F 167 -16.16 7.07 18.66
N PHE F 168 -16.67 8.14 19.24
CA PHE F 168 -16.04 9.44 19.13
C PHE F 168 -14.61 9.38 19.64
N TRP F 169 -14.42 8.76 20.81
CA TRP F 169 -13.11 8.70 21.42
C TRP F 169 -12.16 7.82 20.62
N ARG F 170 -12.59 6.61 20.28
CA ARG F 170 -11.72 5.69 19.57
C ARG F 170 -11.39 6.17 18.17
N PHE F 171 -12.37 6.74 17.47
CA PHE F 171 -12.12 7.20 16.11
C PHE F 171 -11.37 8.51 16.10
N ASN F 172 -11.60 9.34 17.10
CA ASN F 172 -10.88 10.59 17.16
C ASN F 172 -9.39 10.36 17.33
N VAL F 173 -9.03 9.42 18.21
CA VAL F 173 -7.63 9.08 18.38
C VAL F 173 -7.00 8.60 17.07
N ALA F 174 -7.71 7.78 16.32
CA ALA F 174 -7.19 7.32 15.03
C ALA F 174 -7.13 8.46 14.03
N PHE F 175 -8.13 9.35 14.05
CA PHE F 175 -8.11 10.52 13.20
C PHE F 175 -6.89 11.37 13.48
N ALA F 176 -6.65 11.63 14.76
CA ALA F 176 -5.54 12.48 15.17
C ALA F 176 -4.21 11.87 14.75
N ARG F 177 -4.08 10.57 14.89
CA ARG F 177 -2.85 9.90 14.51
C ARG F 177 -2.62 9.99 13.00
N GLN F 178 -3.69 9.98 12.23
CA GLN F 178 -3.55 10.10 10.79
C GLN F 178 -3.18 11.54 10.40
N ILE F 179 -3.69 12.53 11.15
CA ILE F 179 -3.32 13.92 10.94
C ILE F 179 -1.80 14.13 11.15
N LEU F 180 -1.29 13.63 12.27
CA LEU F 180 0.12 13.79 12.60
C LEU F 180 1.03 13.21 11.51
N GLU F 181 0.53 12.21 10.83
CA GLU F 181 1.23 11.50 9.76
C GLU F 181 1.29 12.27 8.43
N GLN F 182 0.42 13.24 8.23
CA GLN F 182 0.40 14.05 7.01
C GLN F 182 1.62 14.95 6.93
N GLN F 183 2.53 14.62 6.02
CA GLN F 183 3.82 15.30 5.99
C GLN F 183 4.21 15.67 4.57
N PRO F 184 5.01 16.73 4.43
CA PRO F 184 5.34 17.22 3.11
C PRO F 184 6.44 16.44 2.40
N ILE F 185 6.73 16.87 1.19
CA ILE F 185 7.80 16.32 0.40
C ILE F 185 9.08 17.10 0.65
N SER F 186 10.19 16.39 0.86
CA SER F 186 11.47 17.05 0.98
C SER F 186 12.22 17.08 -0.34
N GLY F 187 12.51 18.27 -0.84
CA GLY F 187 13.38 18.38 -1.99
C GLY F 187 14.79 17.93 -1.63
N PRO F 188 15.67 17.85 -2.63
CA PRO F 188 17.09 17.57 -2.38
C PRO F 188 17.74 18.65 -1.55
N GLY F 189 18.60 18.26 -0.61
CA GLY F 189 19.32 19.21 0.19
C GLY F 189 18.57 19.80 1.37
N GLU F 190 17.40 19.24 1.68
CA GLU F 190 16.57 19.80 2.72
C GLU F 190 15.75 18.76 3.44
N TRP F 191 15.16 19.14 4.57
CA TRP F 191 14.24 18.29 5.28
C TRP F 191 13.04 19.13 5.72
N ASN F 192 11.86 18.80 5.21
CA ASN F 192 10.64 19.53 5.54
C ASN F 192 9.75 18.73 6.44
N ARG F 193 9.28 19.35 7.52
CA ARG F 193 8.41 18.65 8.45
C ARG F 193 7.24 19.53 8.86
N ILE F 194 6.16 18.89 9.31
CA ILE F 194 5.01 19.60 9.82
C ILE F 194 4.76 19.25 11.27
N ASP F 195 4.58 20.28 12.08
CA ASP F 195 4.32 20.15 13.51
C ASP F 195 2.91 20.62 13.86
N TYR F 196 2.05 19.70 14.29
CA TYR F 196 0.67 20.06 14.62
C TYR F 196 0.48 20.56 16.05
N ARG F 197 0.74 21.84 16.25
CA ARG F 197 0.66 22.47 17.55
C ARG F 197 -0.77 22.61 18.02
N PRO F 198 -0.99 22.56 19.35
CA PRO F 198 -2.27 22.95 19.94
C PRO F 198 -2.46 24.45 19.85
N LEU F 199 -3.66 24.94 20.14
CA LEU F 199 -3.90 26.38 20.09
C LEU F 199 -3.31 27.07 21.32
N ASP F 200 -3.14 28.40 21.25
CA ASP F 200 -2.81 29.20 22.42
C ASP F 200 -4.07 29.56 23.17
N GLY F 201 -4.09 29.37 24.47
CA GLY F 201 -5.27 29.75 25.21
C GLY F 201 -6.30 28.63 25.22
N PHE F 202 -7.42 28.87 25.89
CA PHE F 202 -8.37 27.81 26.18
C PHE F 202 -9.51 27.71 25.19
N VAL F 203 -10.15 26.55 25.19
CA VAL F 203 -11.31 26.30 24.36
C VAL F 203 -12.55 26.26 25.23
N TYR F 204 -13.62 26.86 24.73
CA TYR F 204 -14.87 26.95 25.43
C TYR F 204 -15.86 26.00 24.78
N ALA F 205 -16.25 24.94 25.48
CA ALA F 205 -17.19 23.97 24.94
C ALA F 205 -18.58 24.14 25.55
N ILE F 206 -19.58 24.31 24.70
CA ILE F 206 -20.96 24.44 25.14
C ILE F 206 -21.79 23.34 24.49
N THR F 207 -22.54 22.59 25.29
CA THR F 207 -23.15 21.39 24.77
C THR F 207 -24.65 21.30 25.05
N PRO F 208 -25.41 20.62 24.17
CA PRO F 208 -26.86 20.60 24.25
C PRO F 208 -27.43 19.45 25.05
N PHE F 209 -28.74 19.44 25.18
CA PHE F 209 -29.42 18.42 25.96
C PHE F 209 -29.53 17.11 25.21
N ASN F 210 -29.50 17.20 23.87
CA ASN F 210 -29.83 16.10 22.97
C ASN F 210 -29.02 14.82 23.11
N PHE F 211 -27.73 14.96 23.35
CA PHE F 211 -26.83 13.83 23.26
C PHE F 211 -25.73 13.90 24.28
N THR F 212 -25.60 12.85 25.06
CA THR F 212 -24.50 12.73 25.99
C THR F 212 -23.19 12.59 25.21
N SER F 213 -23.27 11.99 24.03
CA SER F 213 -22.10 11.82 23.19
C SER F 213 -21.56 13.15 22.69
N ILE F 214 -22.43 14.04 22.24
CA ILE F 214 -22.00 15.35 21.81
C ILE F 214 -21.49 16.15 23.01
N ALA F 215 -22.16 16.00 24.13
CA ALA F 215 -21.77 16.69 25.35
C ALA F 215 -20.37 16.27 25.75
N GLY F 216 -20.09 14.98 25.58
CA GLY F 216 -18.80 14.42 25.95
C GLY F 216 -17.72 14.75 24.96
N ASN F 217 -18.09 14.84 23.70
CA ASN F 217 -17.09 14.98 22.66
C ASN F 217 -16.60 16.41 22.43
N LEU F 218 -17.48 17.39 22.58
CA LEU F 218 -17.08 18.76 22.25
C LEU F 218 -15.91 19.28 23.11
N PRO F 219 -15.84 18.92 24.41
CA PRO F 219 -14.65 19.32 25.15
C PRO F 219 -13.46 18.37 25.06
N THR F 220 -13.68 17.07 24.86
CA THR F 220 -12.55 16.15 24.83
C THR F 220 -11.78 16.21 23.51
N ALA F 221 -12.48 16.41 22.40
CA ALA F 221 -11.83 16.49 21.11
C ALA F 221 -10.70 17.53 21.04
N PRO F 222 -10.97 18.80 21.45
CA PRO F 222 -9.81 19.69 21.46
C PRO F 222 -8.77 19.32 22.51
N ALA F 223 -9.18 18.69 23.60
CA ALA F 223 -8.27 18.29 24.65
C ALA F 223 -7.26 17.29 24.12
N LEU F 224 -7.75 16.32 23.34
CA LEU F 224 -6.91 15.33 22.71
C LEU F 224 -5.75 15.92 21.95
N MET F 225 -5.98 17.04 21.28
CA MET F 225 -4.95 17.66 20.46
C MET F 225 -4.00 18.54 21.25
N GLY F 226 -4.18 18.57 22.57
CA GLY F 226 -3.28 19.30 23.44
C GLY F 226 -3.85 20.55 24.08
N ASN F 227 -5.15 20.75 23.96
CA ASN F 227 -5.79 21.94 24.49
C ASN F 227 -6.41 21.72 25.85
N THR F 228 -6.59 22.80 26.60
CA THR F 228 -7.38 22.73 27.81
C THR F 228 -8.68 23.51 27.64
N VAL F 229 -9.65 23.21 28.49
CA VAL F 229 -11.04 23.41 28.14
C VAL F 229 -11.93 23.79 29.31
N ILE F 230 -12.81 24.77 29.10
CA ILE F 230 -13.94 24.92 30.00
C ILE F 230 -15.20 24.39 29.32
N TRP F 231 -15.92 23.55 30.05
CA TRP F 231 -17.03 22.82 29.49
C TRP F 231 -18.30 23.18 30.19
N LYS F 232 -19.28 23.69 29.48
CA LYS F 232 -20.52 23.98 30.15
C LYS F 232 -21.70 23.20 29.56
N PRO F 233 -22.15 22.19 30.28
CA PRO F 233 -23.19 21.32 29.76
C PRO F 233 -24.57 21.93 29.90
N SER F 234 -25.50 21.41 29.14
CA SER F 234 -26.89 21.77 29.31
C SER F 234 -27.38 21.23 30.64
N ILE F 235 -28.13 22.07 31.33
CA ILE F 235 -28.66 21.76 32.65
C ILE F 235 -29.37 20.42 32.72
N THR F 236 -30.23 20.14 31.77
CA THR F 236 -31.02 18.91 31.80
C THR F 236 -30.17 17.68 31.46
N GLN F 237 -28.90 17.89 31.16
CA GLN F 237 -28.01 16.80 30.79
C GLN F 237 -26.89 16.65 31.84
N THR F 238 -26.94 17.50 32.86
CA THR F 238 -25.81 17.69 33.75
C THR F 238 -25.49 16.45 34.59
N LEU F 239 -26.49 15.62 34.89
CA LEU F 239 -26.23 14.38 35.62
C LEU F 239 -25.30 13.48 34.82
N ALA F 240 -25.61 13.30 33.54
CA ALA F 240 -24.79 12.49 32.67
C ALA F 240 -23.47 13.17 32.41
N ALA F 241 -23.46 14.49 32.40
CA ALA F 241 -22.21 15.21 32.16
C ALA F 241 -21.27 15.08 33.35
N TYR F 242 -21.82 15.16 34.55
CA TYR F 242 -21.01 15.03 35.74
C TYR F 242 -20.43 13.63 35.86
N LEU F 243 -21.26 12.62 35.61
CA LEU F 243 -20.79 11.24 35.57
C LEU F 243 -19.72 11.04 34.48
N THR F 244 -19.93 11.64 33.31
CA THR F 244 -18.94 11.64 32.24
C THR F 244 -17.59 12.17 32.73
N MET F 245 -17.65 13.32 33.38
CA MET F 245 -16.48 13.90 33.98
C MET F 245 -15.80 12.92 34.95
N GLN F 246 -16.59 12.20 35.74
CA GLN F 246 -16.01 11.27 36.69
C GLN F 246 -15.33 10.13 35.97
N LEU F 247 -15.89 9.77 34.82
CA LEU F 247 -15.35 8.69 34.02
C LEU F 247 -14.00 9.08 33.46
N LEU F 248 -13.90 10.30 32.98
CA LEU F 248 -12.67 10.81 32.43
C LEU F 248 -11.58 10.86 33.51
N GLU F 249 -11.94 11.31 34.71
CA GLU F 249 -10.98 11.37 35.80
C GLU F 249 -10.52 9.96 36.17
N ALA F 250 -11.43 9.02 36.15
CA ALA F 250 -11.09 7.64 36.43
C ALA F 250 -10.23 7.07 35.32
N ALA F 251 -10.25 7.69 34.14
CA ALA F 251 -9.40 7.25 33.05
C ALA F 251 -8.01 7.87 33.10
N GLY F 252 -7.84 8.87 33.99
CA GLY F 252 -6.57 9.50 34.18
C GLY F 252 -6.41 10.89 33.60
N LEU F 253 -7.53 11.52 33.22
CA LEU F 253 -7.50 12.90 32.79
C LEU F 253 -6.94 13.78 33.91
N PRO F 254 -5.87 14.52 33.62
CA PRO F 254 -5.27 15.39 34.63
C PRO F 254 -6.18 16.55 35.03
N PRO F 255 -6.13 16.99 36.29
CA PRO F 255 -6.92 18.12 36.79
C PRO F 255 -6.72 19.40 36.00
N GLY F 256 -7.82 20.09 35.72
CA GLY F 256 -7.78 21.36 35.01
C GLY F 256 -7.72 21.29 33.49
N VAL F 257 -7.62 20.09 32.93
CA VAL F 257 -7.54 19.95 31.48
C VAL F 257 -8.91 20.23 30.88
N ILE F 258 -9.94 19.75 31.57
CA ILE F 258 -11.32 20.03 31.25
C ILE F 258 -12.00 20.49 32.53
N ASN F 259 -12.58 21.67 32.49
CA ASN F 259 -13.24 22.20 33.66
C ASN F 259 -14.73 22.40 33.43
N LEU F 260 -15.51 21.70 34.23
CA LEU F 260 -16.95 21.67 34.12
C LEU F 260 -17.61 22.74 34.96
N VAL F 261 -18.35 23.66 34.34
CA VAL F 261 -19.14 24.62 35.09
C VAL F 261 -20.61 24.53 34.73
N THR F 262 -21.46 24.31 35.73
CA THR F 262 -22.87 24.05 35.51
C THR F 262 -23.71 25.33 35.42
N GLY F 263 -24.96 25.19 34.99
CA GLY F 263 -25.87 26.32 34.93
C GLY F 263 -26.31 26.75 33.56
N ASP F 264 -26.74 28.01 33.44
CA ASP F 264 -27.32 28.55 32.22
C ASP F 264 -26.22 29.12 31.33
N GLY F 265 -25.07 29.37 31.92
CA GLY F 265 -23.93 29.80 31.15
C GLY F 265 -23.81 31.26 30.82
N PHE F 266 -24.76 32.07 31.27
CA PHE F 266 -24.73 33.50 31.00
C PHE F 266 -23.49 34.12 31.62
N ALA F 267 -23.22 33.80 32.88
CA ALA F 267 -22.06 34.34 33.55
C ALA F 267 -20.76 33.78 33.00
N VAL F 268 -20.77 32.50 32.62
CA VAL F 268 -19.59 31.88 32.04
C VAL F 268 -19.19 32.61 30.76
N SER F 269 -20.16 32.84 29.88
CA SER F 269 -19.90 33.53 28.63
C SER F 269 -19.38 34.94 28.83
N ASP F 270 -19.96 35.67 29.78
CA ASP F 270 -19.48 37.00 30.14
C ASP F 270 -17.99 36.98 30.34
N VAL F 271 -17.54 36.05 31.17
CA VAL F 271 -16.14 35.89 31.48
C VAL F 271 -15.34 35.36 30.30
N ALA F 272 -15.77 34.22 29.76
CA ALA F 272 -15.00 33.58 28.69
C ALA F 272 -14.82 34.50 27.48
N LEU F 273 -15.89 35.15 27.03
CA LEU F 273 -15.78 35.96 25.83
C LEU F 273 -15.06 37.27 26.07
N ALA F 274 -14.81 37.61 27.32
CA ALA F 274 -14.06 38.80 27.63
C ALA F 274 -12.57 38.51 27.77
N ASP F 275 -12.25 37.25 28.05
CA ASP F 275 -10.87 36.86 28.31
C ASP F 275 -10.11 36.80 27.01
N PRO F 276 -8.98 37.52 26.94
CA PRO F 276 -8.16 37.60 25.73
C PRO F 276 -7.55 36.25 25.37
N ARG F 277 -7.58 35.31 26.29
CA ARG F 277 -6.99 34.01 26.03
C ARG F 277 -7.96 33.01 25.39
N LEU F 278 -9.18 33.43 25.07
CA LEU F 278 -10.13 32.54 24.39
C LEU F 278 -9.61 32.11 23.01
N ALA F 279 -9.39 30.81 22.83
CA ALA F 279 -8.83 30.32 21.58
C ALA F 279 -9.92 29.86 20.63
N GLY F 280 -11.03 29.40 21.20
CA GLY F 280 -12.12 28.88 20.41
C GLY F 280 -13.36 28.49 21.19
N ILE F 281 -14.46 28.39 20.48
CA ILE F 281 -15.70 27.91 21.04
C ILE F 281 -16.15 26.68 20.29
N HIS F 282 -16.56 25.66 21.02
CA HIS F 282 -17.05 24.44 20.43
C HIS F 282 -18.48 24.26 20.89
N PHE F 283 -19.45 24.48 19.99
CA PHE F 283 -20.86 24.48 20.37
C PHE F 283 -21.71 23.63 19.45
N THR F 284 -22.77 23.09 20.03
CA THR F 284 -23.83 22.41 19.31
C THR F 284 -25.15 22.76 20.00
N GLY F 285 -26.17 23.07 19.22
CA GLY F 285 -27.44 23.51 19.76
C GLY F 285 -28.21 24.32 18.73
N SER F 286 -28.93 25.35 19.17
CA SER F 286 -29.77 26.14 18.27
C SER F 286 -28.98 27.24 17.54
N THR F 287 -29.37 27.52 16.30
CA THR F 287 -28.71 28.55 15.51
C THR F 287 -28.95 29.91 16.13
N ALA F 288 -30.03 30.00 16.90
CA ALA F 288 -30.32 31.21 17.63
C ALA F 288 -29.18 31.57 18.59
N THR F 289 -28.76 30.62 19.42
CA THR F 289 -27.79 30.96 20.44
C THR F 289 -26.36 31.03 19.89
N PHE F 290 -26.11 30.58 18.67
CA PHE F 290 -24.77 30.77 18.12
C PHE F 290 -24.75 31.97 17.18
N GLY F 291 -25.92 32.47 16.83
CA GLY F 291 -25.96 33.79 16.26
C GLY F 291 -25.45 34.76 17.31
N HIS F 292 -25.93 34.56 18.53
CA HIS F 292 -25.61 35.39 19.69
C HIS F 292 -24.14 35.32 20.06
N LEU F 293 -23.56 34.13 19.92
CA LEU F 293 -22.16 33.90 20.30
C LEU F 293 -21.17 34.26 19.19
N TRP F 294 -21.58 34.17 17.92
CA TRP F 294 -20.67 34.53 16.83
C TRP F 294 -20.41 36.03 16.87
N GLN F 295 -21.45 36.76 17.21
CA GLN F 295 -21.51 38.19 17.01
C GLN F 295 -20.73 38.90 18.14
N TRP F 296 -20.89 38.38 19.34
CA TRP F 296 -20.14 38.81 20.51
C TRP F 296 -18.61 38.74 20.31
N VAL F 297 -18.17 37.85 19.41
CA VAL F 297 -16.75 37.72 19.08
C VAL F 297 -16.35 38.65 17.93
N GLY F 298 -17.28 38.93 17.03
CA GLY F 298 -17.05 39.91 15.99
C GLY F 298 -16.77 41.27 16.60
N THR F 299 -17.50 41.58 17.65
CA THR F 299 -17.31 42.82 18.40
C THR F 299 -15.91 42.88 19.01
N ASN F 300 -15.64 41.97 19.94
CA ASN F 300 -14.45 42.03 20.75
C ASN F 300 -13.18 41.59 20.05
N ILE F 301 -13.20 41.59 18.73
CA ILE F 301 -12.17 40.90 17.95
C ILE F 301 -10.75 41.45 18.20
N GLY F 302 -10.66 42.71 18.58
CA GLY F 302 -9.37 43.33 18.78
C GLY F 302 -8.72 42.99 20.11
N ARG F 303 -9.48 42.36 20.99
CA ARG F 303 -8.96 42.07 22.31
C ARG F 303 -8.40 40.66 22.46
N TYR F 304 -8.62 39.81 21.47
CA TYR F 304 -8.14 38.43 21.55
C TYR F 304 -6.70 38.28 21.06
N HIS F 305 -5.91 37.49 21.78
CA HIS F 305 -4.55 37.16 21.37
C HIS F 305 -4.54 36.37 20.10
N SER F 306 -5.46 35.42 20.02
CA SER F 306 -5.61 34.67 18.80
C SER F 306 -6.94 34.91 18.18
N TYR F 307 -7.08 34.60 16.90
CA TYR F 307 -8.38 34.64 16.25
C TYR F 307 -9.22 33.47 16.79
N PRO F 308 -10.30 33.78 17.49
CA PRO F 308 -11.08 32.67 18.04
C PRO F 308 -11.64 31.76 16.96
N ARG F 309 -11.60 30.47 17.20
CA ARG F 309 -12.14 29.52 16.24
C ARG F 309 -13.53 29.03 16.66
N LEU F 310 -14.55 29.43 15.92
CA LEU F 310 -15.90 29.01 16.22
C LEU F 310 -16.25 27.79 15.41
N VAL F 311 -16.46 26.69 16.11
CA VAL F 311 -16.73 25.42 15.49
C VAL F 311 -18.04 24.88 16.00
N GLY F 312 -18.96 24.61 15.10
CA GLY F 312 -20.28 24.25 15.54
C GLY F 312 -21.13 23.52 14.54
N GLU F 313 -22.32 23.15 15.00
CA GLU F 313 -23.34 22.56 14.18
C GLU F 313 -24.67 22.99 14.76
N THR F 314 -25.66 23.16 13.91
CA THR F 314 -26.98 23.49 14.40
C THR F 314 -27.94 22.40 13.98
N GLY F 315 -29.18 22.50 14.41
CA GLY F 315 -30.16 21.51 14.09
C GLY F 315 -30.85 21.78 12.77
N GLY F 316 -32.00 21.15 12.58
CA GLY F 316 -32.78 21.32 11.39
C GLY F 316 -34.00 20.43 11.43
N LYS F 317 -34.79 20.46 10.36
CA LYS F 317 -35.94 19.57 10.22
C LYS F 317 -35.82 18.84 8.90
N ASP F 318 -36.07 17.54 8.95
CA ASP F 318 -35.75 16.70 7.81
C ASP F 318 -37.00 16.27 7.10
N PHE F 319 -36.85 15.97 5.81
CA PHE F 319 -37.96 15.50 4.99
C PHE F 319 -37.76 14.08 4.49
N VAL F 320 -38.87 13.41 4.22
CA VAL F 320 -38.88 12.13 3.56
C VAL F 320 -39.80 12.20 2.35
N VAL F 321 -39.34 11.80 1.18
CA VAL F 321 -40.21 11.74 0.02
C VAL F 321 -40.34 10.29 -0.46
N ALA F 322 -41.57 9.84 -0.60
CA ALA F 322 -41.81 8.47 -1.06
C ALA F 322 -42.38 8.44 -2.47
N HIS F 323 -41.61 7.84 -3.36
CA HIS F 323 -42.00 7.60 -4.74
C HIS F 323 -43.06 6.50 -4.80
N ALA F 324 -43.76 6.40 -5.92
CA ALA F 324 -44.75 5.33 -6.10
C ALA F 324 -44.15 3.92 -5.94
N SER F 325 -42.85 3.76 -6.13
CA SER F 325 -42.22 2.45 -6.00
C SER F 325 -41.69 2.16 -4.58
N ALA F 326 -42.02 3.01 -3.62
CA ALA F 326 -41.61 2.80 -2.24
C ALA F 326 -42.23 1.56 -1.62
N ARG F 327 -41.43 0.83 -0.86
CA ARG F 327 -41.96 -0.25 -0.04
C ARG F 327 -42.75 0.33 1.12
N PRO F 328 -44.04 0.01 1.19
CA PRO F 328 -44.92 0.58 2.20
C PRO F 328 -44.41 0.38 3.63
N ASP F 329 -44.07 -0.85 3.99
CA ASP F 329 -43.63 -1.14 5.35
C ASP F 329 -42.30 -0.47 5.66
N VAL F 330 -41.44 -0.35 4.66
CA VAL F 330 -40.20 0.37 4.83
C VAL F 330 -40.49 1.84 5.07
N LEU F 331 -41.42 2.40 4.31
CA LEU F 331 -41.80 3.79 4.47
C LEU F 331 -42.43 4.02 5.83
N ARG F 332 -43.38 3.16 6.20
CA ARG F 332 -44.07 3.30 7.48
C ARG F 332 -43.12 3.28 8.67
N THR F 333 -42.20 2.31 8.67
CA THR F 333 -41.23 2.17 9.75
C THR F 333 -40.28 3.35 9.82
N ALA F 334 -39.83 3.81 8.67
CA ALA F 334 -38.92 4.91 8.59
C ALA F 334 -39.56 6.18 9.16
N LEU F 335 -40.84 6.38 8.92
CA LEU F 335 -41.52 7.59 9.39
C LEU F 335 -41.76 7.52 10.90
N ILE F 336 -42.21 6.37 11.39
CA ILE F 336 -42.42 6.21 12.81
C ILE F 336 -41.13 6.46 13.60
N ARG F 337 -40.05 5.80 13.22
CA ARG F 337 -38.80 5.95 13.96
C ARG F 337 -38.16 7.29 13.70
N GLY F 338 -38.23 7.74 12.46
CA GLY F 338 -37.63 9.01 12.10
C GLY F 338 -38.28 10.20 12.75
N ALA F 339 -39.55 10.08 13.08
CA ALA F 339 -40.29 11.19 13.65
C ALA F 339 -40.49 11.05 15.14
N PHE F 340 -40.50 9.81 15.63
CA PHE F 340 -40.90 9.55 16.99
C PHE F 340 -39.81 8.90 17.86
N ASP F 341 -38.65 8.55 17.29
CA ASP F 341 -37.51 8.16 18.11
C ASP F 341 -37.16 9.34 18.98
N TYR F 342 -36.85 9.07 20.23
CA TYR F 342 -36.55 10.10 21.20
C TYR F 342 -37.55 11.29 21.15
N GLN F 343 -38.85 11.01 21.08
CA GLN F 343 -39.85 12.06 21.12
C GLN F 343 -39.63 13.12 20.01
N GLY F 344 -38.91 12.79 18.94
CA GLY F 344 -38.52 13.79 17.96
C GLY F 344 -37.51 14.83 18.41
N GLN F 345 -36.64 14.50 19.37
CA GLN F 345 -35.73 15.50 19.92
C GLN F 345 -34.27 15.30 19.51
N LYS F 346 -34.03 14.46 18.52
CA LYS F 346 -32.68 14.33 17.98
C LYS F 346 -32.30 15.62 17.29
N CME F 347 -31.05 15.74 16.85
CA CME F 347 -30.56 17.01 16.33
CB CME F 347 -29.11 17.01 15.83
SG CME F 347 -27.97 16.89 17.16
SD CME F 347 -28.28 18.54 18.43
CE CME F 347 -28.00 19.96 17.43
CZ CME F 347 -29.21 20.85 17.28
OH CME F 347 -29.43 21.45 18.54
C CME F 347 -31.44 17.48 15.19
O CME F 347 -31.61 18.66 14.86
N SER F 348 -32.04 16.48 14.56
CA SER F 348 -33.08 16.69 13.59
C SER F 348 -33.93 15.44 13.56
N ALA F 349 -35.23 15.65 13.39
CA ALA F 349 -36.15 14.54 13.25
C ALA F 349 -36.88 14.69 11.93
N VAL F 350 -37.50 13.61 11.46
CA VAL F 350 -38.40 13.70 10.33
C VAL F 350 -39.65 14.48 10.72
N SER F 351 -39.87 15.62 10.06
CA SER F 351 -41.03 16.45 10.31
C SER F 351 -41.96 16.56 9.10
N ARG F 352 -41.40 16.42 7.90
CA ARG F 352 -42.23 16.49 6.71
C ARG F 352 -42.11 15.23 5.86
N ALA F 353 -43.24 14.70 5.45
CA ALA F 353 -43.27 13.51 4.62
C ALA F 353 -44.09 13.76 3.37
N PHE F 354 -43.52 13.44 2.23
CA PHE F 354 -44.21 13.57 0.97
C PHE F 354 -44.47 12.19 0.37
N ILE F 355 -45.73 11.79 0.33
CA ILE F 355 -46.08 10.43 -0.05
C ILE F 355 -47.00 10.33 -1.27
N ALA F 356 -46.59 9.48 -2.22
CA ALA F 356 -47.38 9.20 -3.41
C ALA F 356 -48.71 8.57 -3.04
N HIS F 357 -49.77 9.07 -3.66
CA HIS F 357 -51.14 8.68 -3.40
C HIS F 357 -51.34 7.16 -3.29
N SER F 358 -50.77 6.42 -4.23
CA SER F 358 -50.96 4.98 -4.25
C SER F 358 -50.27 4.34 -3.06
N VAL F 359 -49.10 4.84 -2.69
CA VAL F 359 -48.44 4.36 -1.49
C VAL F 359 -49.24 4.71 -0.23
N TRP F 360 -49.82 5.91 -0.18
CA TRP F 360 -50.61 6.30 0.98
C TRP F 360 -51.82 5.38 1.16
N GLN F 361 -52.42 4.93 0.06
CA GLN F 361 -53.57 4.02 0.12
C GLN F 361 -53.21 2.70 0.78
N ARG F 362 -51.96 2.31 0.61
CA ARG F 362 -51.47 1.03 1.12
C ARG F 362 -50.95 1.06 2.56
N MET F 363 -50.42 2.19 3.04
CA MET F 363 -49.85 2.20 4.39
C MET F 363 -50.34 3.33 5.29
N GLY F 364 -51.21 4.19 4.77
CA GLY F 364 -51.71 5.32 5.52
C GLY F 364 -52.45 4.99 6.81
N ASP F 365 -53.41 4.08 6.74
CA ASP F 365 -54.17 3.71 7.93
C ASP F 365 -53.26 3.02 8.94
N GLU F 366 -52.31 2.26 8.43
CA GLU F 366 -51.36 1.58 9.30
C GLU F 366 -50.52 2.56 10.07
N LEU F 367 -49.99 3.57 9.38
CA LEU F 367 -49.21 4.64 10.02
C LEU F 367 -49.95 5.30 11.17
N LEU F 368 -51.20 5.66 10.93
CA LEU F 368 -52.02 6.33 11.91
C LEU F 368 -52.27 5.45 13.13
N ALA F 369 -52.60 4.19 12.88
CA ALA F 369 -52.91 3.26 13.94
C ALA F 369 -51.70 2.92 14.81
N LYS F 370 -50.55 2.69 14.18
CA LYS F 370 -49.33 2.41 14.93
C LYS F 370 -48.91 3.61 15.75
N ALA F 371 -49.01 4.79 15.18
CA ALA F 371 -48.65 6.02 15.87
C ALA F 371 -49.58 6.26 17.05
N ALA F 372 -50.84 5.85 16.92
CA ALA F 372 -51.79 6.02 18.00
C ALA F 372 -51.49 5.05 19.13
N GLU F 373 -50.85 3.94 18.81
CA GLU F 373 -50.58 2.91 19.79
C GLU F 373 -49.27 3.13 20.52
N LEU F 374 -48.39 3.89 19.88
CA LEU F 374 -47.05 4.12 20.39
C LEU F 374 -47.07 4.59 21.83
N ARG F 375 -46.25 3.99 22.68
CA ARG F 375 -46.32 4.29 24.09
C ARG F 375 -45.22 5.25 24.55
N TYR F 376 -45.64 6.38 25.10
CA TYR F 376 -44.75 7.33 25.73
C TYR F 376 -45.03 7.31 27.21
N GLY F 377 -44.00 7.05 28.01
CA GLY F 377 -44.16 7.00 29.45
C GLY F 377 -42.85 7.07 30.20
N ASP F 378 -42.89 6.64 31.46
CA ASP F 378 -41.71 6.51 32.29
C ASP F 378 -40.74 5.55 31.60
N ILE F 379 -39.51 5.98 31.38
CA ILE F 379 -38.59 5.16 30.62
C ILE F 379 -37.93 4.06 31.44
N THR F 380 -38.17 4.06 32.75
CA THR F 380 -37.73 2.96 33.59
C THR F 380 -38.67 1.79 33.40
N ASP F 381 -39.78 2.05 32.71
CA ASP F 381 -40.62 1.01 32.15
C ASP F 381 -40.08 0.75 30.74
N LEU F 382 -39.41 -0.37 30.57
CA LEU F 382 -38.69 -0.63 29.32
C LEU F 382 -39.63 -1.03 28.18
N SER F 383 -40.91 -1.20 28.46
CA SER F 383 -41.85 -1.52 27.42
C SER F 383 -42.25 -0.28 26.61
N ASN F 384 -42.07 0.91 27.20
CA ASN F 384 -42.36 2.16 26.52
C ASN F 384 -41.46 2.39 25.32
N TYR F 385 -42.00 2.97 24.25
CA TYR F 385 -41.20 3.31 23.08
C TYR F 385 -40.31 4.52 23.33
N GLY F 386 -40.82 5.45 24.12
CA GLY F 386 -40.12 6.68 24.39
C GLY F 386 -40.61 7.32 25.68
N GLY F 387 -40.08 8.48 26.01
CA GLY F 387 -40.44 9.16 27.24
C GLY F 387 -41.13 10.50 27.00
N ALA F 388 -40.66 11.53 27.68
CA ALA F 388 -41.30 12.83 27.62
C ALA F 388 -40.41 13.85 26.96
N LEU F 389 -40.93 15.06 26.77
CA LEU F 389 -40.11 16.14 26.25
C LEU F 389 -39.14 16.63 27.31
N ILE F 390 -38.12 17.35 26.92
CA ILE F 390 -36.99 17.57 27.81
C ILE F 390 -37.29 18.51 28.99
N ASP F 391 -38.03 19.59 28.76
CA ASP F 391 -38.43 20.46 29.85
C ASP F 391 -39.71 21.21 29.54
N GLN F 392 -40.11 22.08 30.47
CA GLN F 392 -41.36 22.81 30.37
C GLN F 392 -41.43 23.72 29.13
N ARG F 393 -40.34 24.39 28.81
CA ARG F 393 -40.29 25.24 27.61
C ARG F 393 -40.51 24.44 26.34
N ALA F 394 -40.04 23.19 26.30
CA ALA F 394 -40.21 22.40 25.10
C ALA F 394 -41.66 21.93 25.00
N PHE F 395 -42.25 21.61 26.13
CA PHE F 395 -43.65 21.23 26.18
C PHE F 395 -44.54 22.34 25.62
N VAL F 396 -44.30 23.56 26.09
CA VAL F 396 -45.09 24.72 25.68
C VAL F 396 -45.01 24.96 24.18
N LYS F 397 -43.80 24.91 23.63
CA LYS F 397 -43.61 25.08 22.19
C LYS F 397 -44.38 24.03 21.37
N ASN F 398 -44.46 22.81 21.86
CA ASN F 398 -45.19 21.79 21.13
C ASN F 398 -46.70 22.00 21.23
N VAL F 399 -47.19 22.37 22.40
CA VAL F 399 -48.60 22.68 22.58
C VAL F 399 -49.01 23.82 21.66
N ASP F 400 -48.18 24.84 21.58
CA ASP F 400 -48.44 25.96 20.71
C ASP F 400 -48.48 25.51 19.25
N ALA F 401 -47.60 24.59 18.90
CA ALA F 401 -47.54 24.07 17.54
C ALA F 401 -48.77 23.23 17.22
N ILE F 402 -49.21 22.41 18.17
CA ILE F 402 -50.40 21.61 17.98
C ILE F 402 -51.65 22.49 17.90
N GLU F 403 -51.74 23.49 18.76
CA GLU F 403 -52.88 24.39 18.73
C GLU F 403 -52.87 25.20 17.43
N ARG F 404 -51.69 25.61 17.00
CA ARG F 404 -51.55 26.32 15.74
C ARG F 404 -52.04 25.44 14.59
N ALA F 405 -51.70 24.15 14.65
CA ALA F 405 -52.09 23.23 13.60
C ALA F 405 -53.59 23.03 13.63
N LYS F 406 -54.15 22.95 14.83
CA LYS F 406 -55.59 22.77 14.96
C LYS F 406 -56.34 23.93 14.33
N GLY F 407 -55.84 25.14 14.52
CA GLY F 407 -56.47 26.32 13.97
C GLY F 407 -56.28 26.52 12.47
N ALA F 408 -55.19 26.00 11.93
CA ALA F 408 -54.85 26.23 10.53
C ALA F 408 -55.76 25.46 9.58
N ALA F 409 -56.21 26.16 8.53
CA ALA F 409 -57.12 25.59 7.54
C ALA F 409 -56.42 24.53 6.68
N ALA F 410 -55.14 24.75 6.43
CA ALA F 410 -54.37 23.90 5.54
C ALA F 410 -54.07 22.51 6.12
N VAL F 411 -54.22 22.35 7.44
CA VAL F 411 -53.77 21.11 8.08
C VAL F 411 -54.81 20.47 9.02
N THR F 412 -54.85 19.15 9.04
CA THR F 412 -55.74 18.35 9.86
C THR F 412 -54.98 17.45 10.83
N VAL F 413 -55.45 17.33 12.07
CA VAL F 413 -54.86 16.39 13.01
C VAL F 413 -55.43 14.99 12.78
N ALA F 414 -54.63 14.09 12.22
CA ALA F 414 -55.12 12.75 11.92
C ALA F 414 -55.03 11.79 13.13
N VAL F 415 -53.94 11.84 13.89
CA VAL F 415 -53.84 11.14 15.18
C VAL F 415 -53.04 11.93 16.18
N GLY F 416 -53.28 11.67 17.45
CA GLY F 416 -52.57 12.36 18.50
C GLY F 416 -53.01 13.79 18.71
N GLY F 417 -52.08 14.62 19.15
CA GLY F 417 -52.36 16.01 19.46
C GLY F 417 -52.62 16.23 20.94
N GLU F 418 -52.71 15.14 21.70
CA GLU F 418 -52.97 15.22 23.13
C GLU F 418 -51.69 15.46 23.91
N TYR F 419 -51.80 16.23 24.98
CA TYR F 419 -50.64 16.54 25.81
C TYR F 419 -51.03 16.70 27.27
N ASP F 420 -50.05 16.60 28.14
CA ASP F 420 -50.28 16.59 29.58
C ASP F 420 -48.97 16.78 30.33
N ASP F 421 -48.81 17.91 31.01
CA ASP F 421 -47.58 18.16 31.74
C ASP F 421 -47.72 17.96 33.24
N SER F 422 -48.73 17.24 33.68
CA SER F 422 -49.01 17.15 35.10
C SER F 422 -48.01 16.24 35.82
N GLU F 423 -47.54 15.20 35.14
CA GLU F 423 -46.63 14.26 35.77
C GLU F 423 -45.28 14.24 35.08
N GLY F 424 -45.31 14.37 33.76
CA GLY F 424 -44.10 14.53 32.98
C GLY F 424 -44.44 15.40 31.79
N TYR F 425 -43.46 15.74 30.98
CA TYR F 425 -43.74 16.59 29.84
C TYR F 425 -44.14 15.79 28.61
N PHE F 426 -45.28 15.11 28.71
CA PHE F 426 -45.71 14.19 27.67
C PHE F 426 -46.55 14.82 26.57
N VAL F 427 -46.11 14.61 25.34
CA VAL F 427 -46.87 14.94 24.15
C VAL F 427 -46.96 13.68 23.30
N ARG F 428 -48.16 13.36 22.85
CA ARG F 428 -48.38 12.15 22.06
C ARG F 428 -47.80 12.27 20.66
N PRO F 429 -47.45 11.13 20.07
CA PRO F 429 -47.09 11.13 18.65
C PRO F 429 -48.22 11.76 17.86
N THR F 430 -47.91 12.73 17.04
CA THR F 430 -48.94 13.44 16.34
C THR F 430 -48.69 13.42 14.85
N VAL F 431 -49.71 13.06 14.07
CA VAL F 431 -49.61 13.12 12.61
C VAL F 431 -50.58 14.12 12.01
N LEU F 432 -50.03 15.07 11.27
CA LEU F 432 -50.80 16.09 10.60
C LEU F 432 -50.95 15.79 9.11
N LEU F 433 -52.16 15.96 8.58
CA LEU F 433 -52.35 15.89 7.14
C LEU F 433 -52.45 17.29 6.59
N SER F 434 -51.53 17.63 5.70
CA SER F 434 -51.58 18.94 5.08
C SER F 434 -52.01 18.75 3.65
N ASP F 435 -53.08 19.43 3.26
CA ASP F 435 -53.59 19.35 1.91
C ASP F 435 -52.55 19.89 0.92
N ASP F 436 -51.55 20.58 1.44
CA ASP F 436 -50.62 21.33 0.63
C ASP F 436 -49.18 21.32 1.14
N PRO F 437 -48.19 21.24 0.23
CA PRO F 437 -46.77 21.34 0.60
C PRO F 437 -46.39 22.77 0.88
N GLU F 445 -39.30 25.40 14.46
CA GLU F 445 -40.28 26.04 15.32
C GLU F 445 -40.36 25.34 16.67
N TYR F 446 -39.97 24.07 16.68
CA TYR F 446 -40.19 23.19 17.82
C TYR F 446 -39.41 21.90 17.60
N PHE F 447 -39.04 21.22 18.68
CA PHE F 447 -38.61 19.84 18.55
C PHE F 447 -39.59 19.00 19.32
N GLY F 448 -40.10 17.96 18.69
CA GLY F 448 -41.11 17.12 19.31
C GLY F 448 -41.66 16.10 18.34
N PRO F 449 -42.57 15.25 18.81
CA PRO F 449 -43.12 14.15 18.03
C PRO F 449 -44.20 14.59 17.07
N LEU F 450 -43.87 15.46 16.14
CA LEU F 450 -44.85 16.01 15.22
C LEU F 450 -44.49 15.69 13.78
N LEU F 451 -45.36 14.94 13.11
CA LEU F 451 -45.10 14.57 11.74
C LEU F 451 -46.19 15.12 10.83
N SER F 452 -45.77 15.89 9.85
CA SER F 452 -46.65 16.46 8.83
C SER F 452 -46.56 15.67 7.52
N VAL F 453 -47.69 15.31 6.97
CA VAL F 453 -47.75 14.44 5.80
C VAL F 453 -48.55 15.07 4.68
N HIS F 454 -47.93 15.17 3.51
CA HIS F 454 -48.62 15.62 2.31
C HIS F 454 -48.72 14.48 1.32
N VAL F 455 -49.93 14.15 0.91
CA VAL F 455 -50.12 13.14 -0.12
C VAL F 455 -50.17 13.85 -1.47
N TYR F 456 -49.39 13.34 -2.42
CA TYR F 456 -49.30 13.95 -3.75
C TYR F 456 -49.58 12.90 -4.81
N PRO F 457 -50.17 13.30 -5.94
CA PRO F 457 -50.50 12.29 -6.96
C PRO F 457 -49.24 11.69 -7.57
N ASP F 458 -49.22 10.37 -7.72
CA ASP F 458 -48.05 9.64 -8.20
C ASP F 458 -47.29 10.34 -9.32
N GLU F 459 -48.01 10.86 -10.31
CA GLU F 459 -47.38 11.37 -11.51
C GLU F 459 -46.74 12.74 -11.32
N ARG F 460 -46.80 13.28 -10.11
CA ARG F 460 -46.19 14.57 -9.84
C ARG F 460 -44.94 14.48 -8.97
N TYR F 461 -44.29 13.33 -9.02
CA TYR F 461 -43.05 13.07 -8.29
C TYR F 461 -42.01 14.16 -8.51
N GLU F 462 -41.71 14.46 -9.77
CA GLU F 462 -40.72 15.47 -10.07
C GLU F 462 -41.13 16.85 -9.59
N GLN F 463 -42.40 17.16 -9.69
CA GLN F 463 -42.90 18.44 -9.22
C GLN F 463 -42.75 18.56 -7.72
N ILE F 464 -42.98 17.47 -7.01
CA ILE F 464 -42.82 17.49 -5.56
C ILE F 464 -41.36 17.70 -5.19
N LEU F 465 -40.44 17.12 -5.96
CA LEU F 465 -39.02 17.33 -5.70
C LEU F 465 -38.68 18.81 -5.82
N ASP F 466 -39.23 19.47 -6.84
CA ASP F 466 -38.99 20.90 -7.01
C ASP F 466 -39.52 21.72 -5.85
N VAL F 467 -40.69 21.36 -5.34
CA VAL F 467 -41.25 22.01 -4.17
C VAL F 467 -40.31 21.88 -2.98
N ILE F 468 -39.83 20.66 -2.73
CA ILE F 468 -38.90 20.41 -1.64
C ILE F 468 -37.63 21.22 -1.81
N ASP F 469 -37.10 21.24 -3.01
CA ASP F 469 -35.89 21.98 -3.29
C ASP F 469 -36.08 23.47 -3.07
N THR F 470 -37.25 23.97 -3.44
CA THR F 470 -37.55 25.40 -3.35
C THR F 470 -37.79 25.87 -1.93
N GLY F 471 -38.44 25.05 -1.12
CA GLY F 471 -38.86 25.47 0.21
C GLY F 471 -38.20 24.80 1.40
N SER F 472 -37.15 24.03 1.16
CA SER F 472 -36.40 23.46 2.27
C SER F 472 -35.06 24.15 2.39
N ARG F 473 -34.84 24.78 3.55
CA ARG F 473 -33.63 25.57 3.78
C ARG F 473 -33.01 25.12 5.09
N TYR F 474 -33.80 24.45 5.90
CA TYR F 474 -33.38 24.02 7.23
C TYR F 474 -33.39 22.51 7.32
N ALA F 475 -33.13 21.85 6.20
CA ALA F 475 -33.10 20.41 6.17
C ALA F 475 -31.67 19.90 6.37
N LEU F 476 -31.45 19.22 7.48
CA LEU F 476 -30.16 18.60 7.73
C LEU F 476 -30.00 17.36 6.90
N THR F 477 -31.07 16.57 6.86
CA THR F 477 -31.07 15.33 6.11
C THR F 477 -32.34 15.19 5.31
N GLY F 478 -32.28 14.40 4.26
CA GLY F 478 -33.43 14.09 3.46
C GLY F 478 -33.37 12.62 3.15
N ALA F 479 -34.49 12.03 2.78
CA ALA F 479 -34.48 10.64 2.39
C ALA F 479 -35.48 10.43 1.27
N VAL F 480 -35.13 9.53 0.36
CA VAL F 480 -36.05 9.07 -0.65
C VAL F 480 -36.35 7.59 -0.43
N ILE F 481 -37.61 7.21 -0.54
CA ILE F 481 -37.98 5.82 -0.48
C ILE F 481 -38.51 5.39 -1.85
N ALA F 482 -37.79 4.47 -2.48
CA ALA F 482 -38.06 4.04 -3.85
C ALA F 482 -37.24 2.82 -4.22
N ASP F 483 -37.85 1.85 -4.87
CA ASP F 483 -37.12 0.70 -5.38
C ASP F 483 -36.64 1.00 -6.78
N ASP F 484 -37.28 1.97 -7.41
CA ASP F 484 -37.03 2.31 -8.78
C ASP F 484 -35.75 3.13 -8.93
N ARG F 485 -34.79 2.61 -9.68
CA ARG F 485 -33.46 3.21 -9.71
C ARG F 485 -33.46 4.60 -10.32
N GLN F 486 -34.34 4.84 -11.29
CA GLN F 486 -34.43 6.15 -11.88
C GLN F 486 -34.94 7.17 -10.88
N ALA F 487 -35.95 6.76 -10.12
CA ALA F 487 -36.55 7.62 -9.12
C ALA F 487 -35.53 7.98 -8.04
N VAL F 488 -34.73 7.00 -7.64
CA VAL F 488 -33.69 7.19 -6.67
C VAL F 488 -32.65 8.19 -7.18
N LEU F 489 -32.20 7.99 -8.40
CA LEU F 489 -31.19 8.86 -8.96
C LEU F 489 -31.74 10.26 -9.22
N THR F 490 -33.02 10.35 -9.57
CA THR F 490 -33.60 11.65 -9.80
C THR F 490 -33.58 12.44 -8.50
N ALA F 491 -33.89 11.78 -7.39
CA ALA F 491 -33.92 12.44 -6.10
C ALA F 491 -32.52 12.88 -5.67
N LEU F 492 -31.54 12.01 -5.87
CA LEU F 492 -30.16 12.32 -5.53
C LEU F 492 -29.69 13.53 -6.28
N ASP F 493 -30.10 13.64 -7.53
CA ASP F 493 -29.62 14.71 -8.38
C ASP F 493 -30.38 16.00 -8.12
N ARG F 494 -31.70 15.91 -8.13
CA ARG F 494 -32.54 17.08 -7.99
C ARG F 494 -32.39 17.72 -6.62
N LEU F 495 -32.24 16.90 -5.59
CA LEU F 495 -32.20 17.40 -4.22
C LEU F 495 -30.78 17.48 -3.69
N ARG F 496 -29.80 17.53 -4.59
CA ARG F 496 -28.40 17.49 -4.21
C ARG F 496 -28.02 18.60 -3.24
N PHE F 497 -28.58 19.78 -3.44
CA PHE F 497 -28.24 20.91 -2.59
C PHE F 497 -29.30 21.21 -1.55
N ALA F 498 -30.34 20.39 -1.47
CA ALA F 498 -31.43 20.65 -0.55
C ALA F 498 -31.28 19.95 0.79
N ALA F 499 -30.20 19.21 0.96
CA ALA F 499 -29.91 18.59 2.24
C ALA F 499 -28.45 18.17 2.30
N GLY F 500 -27.90 18.01 3.49
CA GLY F 500 -26.50 17.69 3.63
C GLY F 500 -26.22 16.24 3.86
N ASN F 501 -27.25 15.49 4.20
CA ASN F 501 -27.08 14.06 4.37
C ASN F 501 -28.26 13.43 3.70
N PHE F 502 -28.03 12.55 2.74
CA PHE F 502 -29.15 12.00 2.02
C PHE F 502 -29.25 10.51 2.19
N TYR F 503 -30.47 10.03 2.37
CA TYR F 503 -30.69 8.63 2.66
C TYR F 503 -31.56 7.97 1.59
N VAL F 504 -31.26 6.73 1.28
CA VAL F 504 -32.04 5.97 0.31
C VAL F 504 -32.64 4.73 0.99
N ASN F 505 -33.96 4.66 1.02
CA ASN F 505 -34.70 3.53 1.58
C ASN F 505 -34.38 3.24 3.05
N ASP F 506 -34.25 4.31 3.82
CA ASP F 506 -34.10 4.19 5.25
C ASP F 506 -34.48 5.52 5.84
N LYS F 507 -34.70 5.56 7.14
CA LYS F 507 -34.94 6.81 7.83
C LYS F 507 -33.67 7.65 7.80
N PRO F 508 -33.81 8.98 7.82
CA PRO F 508 -32.66 9.85 7.76
C PRO F 508 -32.15 10.35 9.10
N THR F 509 -31.92 9.48 10.07
CA THR F 509 -31.36 9.92 11.35
C THR F 509 -30.95 8.74 12.21
N GLY F 510 -29.79 8.85 12.85
CA GLY F 510 -28.87 9.96 12.64
C GLY F 510 -27.62 9.42 11.98
N ALA F 511 -26.46 9.76 12.53
CA ALA F 511 -25.19 9.36 11.92
C ALA F 511 -24.34 8.49 12.84
N VAL F 512 -23.87 7.37 12.30
CA VAL F 512 -22.89 6.54 12.97
C VAL F 512 -21.50 7.09 12.69
N VAL F 513 -20.68 7.26 13.73
CA VAL F 513 -19.36 7.87 13.58
C VAL F 513 -18.47 7.12 12.59
N GLY F 514 -18.01 7.83 11.57
CA GLY F 514 -17.15 7.24 10.55
C GLY F 514 -17.91 6.65 9.38
N ARG F 515 -19.24 6.78 9.42
CA ARG F 515 -20.10 6.20 8.39
C ARG F 515 -20.90 7.26 7.65
N GLN F 516 -21.46 8.22 8.38
CA GLN F 516 -22.14 9.34 7.73
C GLN F 516 -21.66 10.70 8.24
N PRO F 517 -20.41 11.07 7.91
CA PRO F 517 -19.88 12.37 8.31
C PRO F 517 -20.52 13.54 7.53
N PHE F 518 -20.17 14.77 7.89
CA PHE F 518 -20.45 15.94 7.06
C PHE F 518 -21.92 16.33 6.89
N GLY F 519 -22.74 16.05 7.87
CA GLY F 519 -24.11 16.52 7.79
C GLY F 519 -24.20 18.03 7.92
N GLY F 520 -24.80 18.70 6.95
CA GLY F 520 -25.01 20.13 7.05
C GLY F 520 -26.25 20.64 6.34
N ALA F 521 -26.96 21.61 6.93
CA ALA F 521 -28.09 22.21 6.25
C ALA F 521 -27.61 23.12 5.12
N ARG F 522 -28.51 23.47 4.22
CA ARG F 522 -28.14 24.20 3.01
C ARG F 522 -27.43 25.53 3.28
N GLY F 523 -26.25 25.69 2.71
CA GLY F 523 -25.50 26.92 2.80
C GLY F 523 -24.62 27.02 4.04
N SER F 524 -24.75 26.05 4.93
CA SER F 524 -23.95 26.04 6.15
C SER F 524 -22.47 25.79 5.87
N ASP F 525 -21.64 26.14 6.84
CA ASP F 525 -20.21 25.90 6.75
C ASP F 525 -19.81 25.06 7.94
N THR F 526 -20.15 23.78 7.91
CA THR F 526 -19.93 22.96 9.08
C THR F 526 -19.24 21.64 8.78
N ASN F 527 -18.58 21.52 7.64
CA ASN F 527 -17.83 20.30 7.37
C ASN F 527 -16.71 20.04 8.37
N ASP F 528 -16.43 21.00 9.24
CA ASP F 528 -15.47 20.79 10.30
C ASP F 528 -16.13 20.37 11.61
N LYS F 529 -17.41 19.99 11.54
CA LYS F 529 -18.09 19.45 12.69
C LYS F 529 -17.45 18.15 13.17
N ALA F 530 -17.86 17.71 14.34
CA ALA F 530 -17.42 16.43 14.88
C ALA F 530 -17.71 15.28 13.93
N GLY F 531 -16.89 14.24 13.99
CA GLY F 531 -17.12 13.05 13.20
C GLY F 531 -16.16 12.86 12.04
N SER F 532 -15.16 13.74 11.96
CA SER F 532 -14.17 13.67 10.91
C SER F 532 -12.83 14.24 11.36
N PRO F 533 -11.74 13.92 10.65
CA PRO F 533 -10.44 14.51 10.96
C PRO F 533 -10.44 16.03 10.86
N LEU F 534 -11.36 16.58 10.06
CA LEU F 534 -11.45 18.02 9.89
C LEU F 534 -11.72 18.76 11.19
N ASN F 535 -12.57 18.19 12.05
CA ASN F 535 -12.82 18.78 13.36
C ASN F 535 -11.57 18.88 14.21
N LEU F 536 -10.78 17.81 14.24
CA LEU F 536 -9.58 17.82 15.08
C LEU F 536 -8.54 18.82 14.56
N LEU F 537 -8.48 19.02 13.25
CA LEU F 537 -7.55 20.01 12.71
C LEU F 537 -7.90 21.42 13.18
N ARG F 538 -9.18 21.67 13.44
CA ARG F 538 -9.59 22.97 13.97
C ARG F 538 -8.88 23.28 15.29
N TRP F 539 -8.56 22.24 16.06
CA TRP F 539 -7.92 22.44 17.36
C TRP F 539 -6.40 22.35 17.24
N THR F 540 -5.88 22.51 16.03
CA THR F 540 -4.45 22.56 15.83
C THR F 540 -4.03 23.77 15.04
N SER F 541 -2.77 24.13 15.18
CA SER F 541 -2.17 25.13 14.34
C SER F 541 -0.89 24.55 13.77
N ALA F 542 -0.95 24.13 12.52
CA ALA F 542 0.18 23.48 11.87
C ALA F 542 1.26 24.48 11.50
N ARG F 543 2.50 24.14 11.83
CA ARG F 543 3.65 24.92 11.35
C ARG F 543 4.58 24.05 10.52
N SER F 544 5.18 24.65 9.50
CA SER F 544 6.23 24.00 8.74
C SER F 544 7.59 24.25 9.37
N ILE F 545 8.40 23.21 9.42
CA ILE F 545 9.80 23.33 9.78
C ILE F 545 10.66 22.85 8.63
N LYS F 546 11.45 23.73 8.06
CA LYS F 546 12.36 23.38 6.98
C LYS F 546 13.81 23.57 7.36
N GLU F 547 14.61 22.53 7.23
CA GLU F 547 16.05 22.69 7.41
C GLU F 547 16.78 22.55 6.08
N THR F 548 17.70 23.45 5.80
CA THR F 548 18.55 23.31 4.62
C THR F 548 19.93 22.86 5.04
N PHE F 549 20.43 21.80 4.43
CA PHE F 549 21.71 21.25 4.84
C PHE F 549 22.93 22.02 4.35
N VAL F 550 22.96 22.39 3.08
CA VAL F 550 24.08 23.14 2.55
C VAL F 550 23.60 24.39 1.84
N ALA F 551 23.31 25.42 2.63
CA ALA F 551 22.70 26.64 2.11
C ALA F 551 23.68 27.49 1.33
N ALA F 552 23.12 28.45 0.58
CA ALA F 552 23.91 29.33 -0.27
C ALA F 552 24.88 30.20 0.52
N THR F 553 26.04 30.48 -0.04
CA THR F 553 27.03 31.33 0.62
C THR F 553 27.33 32.57 -0.21
N ASP F 554 26.78 32.64 -1.41
CA ASP F 554 26.87 33.83 -2.23
C ASP F 554 25.46 34.22 -2.67
N HIS F 555 25.10 35.48 -2.49
CA HIS F 555 23.73 35.92 -2.71
C HIS F 555 23.43 36.24 -4.18
N ILE F 556 24.45 36.24 -5.02
CA ILE F 556 24.29 36.61 -6.41
C ILE F 556 23.57 35.50 -7.19
N TYR F 557 22.68 35.90 -8.09
CA TYR F 557 21.92 34.97 -8.90
C TYR F 557 22.52 34.81 -10.28
N PRO F 558 22.35 33.63 -10.90
CA PRO F 558 22.91 33.35 -12.23
C PRO F 558 22.57 34.39 -13.30
N HIS F 559 21.40 35.02 -13.17
CA HIS F 559 20.94 35.93 -14.21
C HIS F 559 21.69 37.24 -14.22
N MET F 560 22.49 37.49 -13.20
CA MET F 560 23.14 38.78 -13.05
C MET F 560 24.51 38.88 -13.71
N ALA F 561 25.01 37.77 -14.23
CA ALA F 561 26.36 37.72 -14.78
C ALA F 561 26.51 38.55 -16.06
CO B12 G . -29.70 -31.21 -32.47
N21 B12 G . -31.46 -30.51 -32.55
N22 B12 G . -30.59 -32.90 -32.19
N23 B12 G . -27.88 -31.81 -32.45
N24 B12 G . -29.15 -29.41 -32.28
C1 B12 G . -31.54 -29.06 -32.79
C20 B12 G . -32.02 -28.55 -31.44
C2 B12 G . -32.62 -28.83 -33.89
C25 B12 G . -33.55 -27.68 -33.51
C26 B12 G . -32.13 -28.48 -35.29
C27 B12 G . -31.32 -29.47 -36.13
O28 B12 G . -30.39 -29.02 -36.76
N29 B12 G . -31.62 -30.76 -36.21
C3 B12 G . -33.42 -30.14 -33.90
C30 B12 G . -34.64 -30.12 -32.96
C31 B12 G . -36.02 -30.25 -33.63
C32 B12 G . -37.13 -30.22 -32.59
O34 B12 G . -37.80 -29.23 -32.39
N33 B12 G . -37.38 -31.31 -31.90
C4 B12 G . -32.40 -31.12 -33.41
C5 B12 G . -32.46 -32.55 -33.69
C35 B12 G . -33.56 -32.96 -34.62
C6 B12 G . -31.58 -33.39 -33.10
C7 B12 G . -31.55 -34.93 -33.18
C36 B12 G . -32.91 -35.55 -32.81
C37 B12 G . -31.12 -35.55 -34.51
C38 B12 G . -29.70 -35.24 -34.91
O39 B12 G . -29.46 -34.21 -35.49
N40 B12 G . -28.76 -36.12 -34.62
C8 B12 G . -30.59 -35.28 -32.05
C41 B12 G . -31.30 -35.49 -30.70
C42 B12 G . -30.36 -35.48 -29.51
C43 B12 G . -31.02 -35.52 -28.13
O44 B12 G . -32.16 -35.92 -27.96
N45 B12 G . -30.26 -35.10 -27.13
C9 B12 G . -29.80 -34.04 -31.96
C10 B12 G . -28.37 -34.05 -31.63
C11 B12 G . -27.54 -33.04 -31.81
C12 B12 G . -26.13 -33.34 -31.42
C46 B12 G . -25.03 -33.31 -32.45
C47 B12 G . -25.87 -33.81 -29.99
C13 B12 G . -25.76 -31.81 -31.28
C48 B12 G . -25.32 -31.24 -29.92
C49 B12 G . -23.86 -31.38 -29.45
C50 B12 G . -22.80 -31.24 -30.51
O51 B12 G . -22.23 -32.23 -30.94
N52 B12 G . -22.51 -30.02 -30.93
C14 B12 G . -26.84 -30.98 -31.97
C15 B12 G . -26.76 -29.54 -32.28
C53 B12 G . -25.39 -28.91 -32.45
C16 B12 G . -27.88 -28.82 -32.50
C17 B12 G . -28.08 -27.32 -32.84
C54 B12 G . -27.67 -27.08 -34.31
C55 B12 G . -27.36 -26.31 -31.94
C56 B12 G . -27.58 -26.55 -30.46
C57 B12 G . -26.64 -25.70 -29.65
O58 B12 G . -25.44 -25.93 -29.66
N59 B12 G . -27.16 -24.73 -28.93
C18 B12 G . -29.59 -27.12 -32.66
C60 B12 G . -30.29 -26.03 -33.50
C61 B12 G . -31.04 -25.14 -32.54
O63 B12 G . -30.89 -25.23 -31.34
N62 B12 G . -31.89 -24.25 -33.03
C19 B12 G . -30.15 -28.51 -32.70
C1P B12 G . -26.30 -23.85 -28.17
C2P B12 G . -26.15 -24.37 -26.74
C3P B12 G . -25.09 -23.58 -26.00
O3 B12 G . -27.40 -24.24 -26.09
O4 B12 G . -27.19 -25.90 -24.17
O5 B12 G . -29.44 -25.16 -24.90
P B12 G . -28.03 -25.48 -25.33
O2 B12 G . -28.03 -26.60 -26.47
C3R B12 G . -28.09 -27.97 -26.15
C2R B12 G . -29.39 -28.59 -26.63
O7R B12 G . -29.86 -27.93 -27.81
C1R B12 G . -29.00 -30.03 -26.91
O6R B12 G . -27.61 -30.04 -27.16
C4R B12 G . -27.02 -28.78 -26.87
C5R B12 G . -25.76 -29.01 -26.04
O8R B12 G . -26.11 -29.72 -24.86
N1B B12 G . -29.73 -30.55 -28.08
C8B B12 G . -30.92 -31.17 -28.06
C2B B12 G . -29.30 -30.47 -29.34
N3B B12 G . -30.19 -31.04 -30.17
C9B B12 G . -31.23 -31.49 -29.46
C4B B12 G . -32.40 -32.15 -29.81
C5B B12 G . -33.30 -32.49 -28.80
C5M B12 G . -34.59 -33.20 -29.14
C6B B12 G . -32.99 -32.17 -27.39
C6M B12 G . -33.97 -32.55 -26.32
C7B B12 G . -31.81 -31.52 -27.05
CO B12 H . -6.04 -17.73 -50.70
N21 B12 H . -4.48 -18.68 -51.15
N22 B12 H . -5.81 -16.90 -52.41
N23 B12 H . -7.62 -16.77 -50.14
N24 B12 H . -5.74 -18.32 -48.94
C1 B12 H . -4.05 -19.64 -50.13
C20 B12 H . -2.79 -18.99 -49.58
C2 B12 H . -3.74 -20.97 -50.85
C25 B12 H . -2.42 -21.55 -50.33
C26 B12 H . -4.84 -22.02 -50.80
C27 B12 H . -4.62 -23.13 -51.82
O28 B12 H . -5.26 -23.18 -52.86
N29 B12 H . -3.70 -24.04 -51.55
C3 B12 H . -3.61 -20.58 -52.32
C30 B12 H . -2.17 -20.24 -52.71
C31 B12 H . -1.61 -21.14 -53.81
C32 B12 H . -0.21 -20.68 -54.09
O34 B12 H . 0.73 -21.37 -53.73
N33 B12 H . -0.06 -19.52 -54.72
C4 B12 H . -4.46 -19.35 -52.39
C5 B12 H . -5.10 -18.86 -53.62
C35 B12 H . -4.96 -19.76 -54.82
C6 B12 H . -5.76 -17.68 -53.62
C7 B12 H . -6.44 -16.96 -54.78
C36 B12 H . -5.61 -16.82 -56.05
C37 B12 H . -7.78 -17.61 -55.17
C38 B12 H . -8.91 -17.30 -54.22
O39 B12 H . -9.05 -17.92 -53.20
N40 B12 H . -9.77 -16.34 -54.56
C8 B12 H . -6.61 -15.55 -54.23
C41 B12 H . -5.40 -14.63 -54.49
C42 B12 H . -5.52 -13.29 -53.76
C43 B12 H . -4.21 -12.54 -53.65
O44 B12 H . -3.45 -12.46 -54.59
N45 B12 H . -3.94 -11.95 -52.47
C9 B12 H . -6.66 -15.85 -52.78
C10 B12 H . -7.55 -15.09 -51.90
C11 B12 H . -7.93 -15.50 -50.72
C12 B12 H . -8.88 -14.56 -50.05
C46 B12 H . -10.28 -15.00 -49.70
C47 B12 H . -8.46 -13.11 -49.87
C13 B12 H . -8.52 -15.12 -48.62
C48 B12 H . -7.80 -14.22 -47.60
C49 B12 H . -8.64 -13.38 -46.64
C50 B12 H . -10.03 -13.87 -46.32
O51 B12 H . -11.00 -13.40 -46.89
N52 B12 H . -10.17 -14.78 -45.36
C14 B12 H . -7.83 -16.46 -48.77
C15 B12 H . -7.59 -17.46 -47.70
C53 B12 H . -8.54 -17.47 -46.54
C16 B12 H . -6.63 -18.40 -47.86
C17 B12 H . -6.19 -19.53 -46.90
C54 B12 H . -7.20 -20.67 -46.96
C55 B12 H . -5.93 -19.11 -45.44
C56 B12 H . -4.94 -17.98 -45.30
C57 B12 H . -4.95 -17.46 -43.88
O58 B12 H . -5.95 -16.98 -43.41
N59 B12 H . -3.84 -17.56 -43.17
C18 B12 H . -4.86 -20.00 -47.52
C60 B12 H . -4.45 -21.47 -47.32
C61 B12 H . -2.99 -21.48 -46.88
O63 B12 H . -2.43 -20.46 -46.51
N62 B12 H . -2.35 -22.64 -46.92
C19 B12 H . -4.91 -19.45 -48.91
C1P B12 H . -3.81 -17.14 -41.79
C2P B12 H . -3.25 -15.73 -41.69
C3P B12 H . -3.26 -15.25 -40.25
O3 B12 H . -1.92 -15.73 -42.18
O4 B12 H . -1.62 -13.27 -42.78
O5 B12 H . -0.05 -14.97 -43.64
P B12 H . -1.46 -14.67 -43.26
O2 B12 H . -2.46 -14.93 -44.48
C3R B12 H . -2.69 -13.94 -45.45
C2R B12 H . -2.12 -14.34 -46.79
O7R B12 H . -2.15 -15.74 -46.89
C1R B12 H . -3.06 -13.71 -47.81
O6R B12 H . -4.28 -13.44 -47.12
C4R B12 H . -4.16 -13.75 -45.73
C5R B12 H . -4.77 -12.63 -44.92
O8R B12 H . -3.95 -11.47 -45.07
N1B B12 H . -3.32 -14.59 -48.95
C8B B12 H . -2.64 -14.63 -50.10
C2B B12 H . -4.32 -15.47 -49.01
N3B B12 H . -4.31 -16.11 -50.19
C9B B12 H . -3.29 -15.64 -50.93
C4B B12 H . -2.81 -15.94 -52.20
C5B B12 H . -1.71 -15.25 -52.69
C5M B12 H . -1.17 -15.56 -54.06
C6B B12 H . -1.05 -14.22 -51.85
C6M B12 H . 0.15 -13.48 -52.37
C7B B12 H . -1.53 -13.94 -50.59
CO B12 I . 49.48 -10.14 19.11
N21 B12 I . 50.16 -8.48 19.77
N22 B12 I . 51.19 -10.26 18.21
N23 B12 I . 48.77 -11.84 18.55
N24 B12 I . 47.76 -9.47 19.59
C1 B12 I . 49.24 -7.77 20.68
C20 B12 I . 48.92 -6.45 20.03
C2 B12 I . 49.99 -7.58 22.01
C25 B12 I . 49.74 -6.22 22.64
C26 B12 I . 49.58 -8.70 22.98
C27 B12 I . 50.63 -9.08 24.00
O28 B12 I . 50.93 -10.26 24.11
N29 B12 I . 51.17 -8.12 24.74
C3 B12 I . 51.47 -7.68 21.64
C30 B12 I . 52.04 -6.35 21.14
C31 B12 I . 53.18 -5.72 21.95
C32 B12 I . 53.44 -4.34 21.37
O34 B12 I . 53.06 -3.34 21.95
N33 B12 I . 54.10 -4.28 20.21
C4 B12 I . 51.40 -8.58 20.47
C5 B12 I . 52.53 -9.40 20.04
C35 B12 I . 53.78 -9.27 20.88
C6 B12 I . 52.41 -10.20 18.96
C7 B12 I . 53.51 -11.08 18.33
C36 B12 I . 54.72 -10.25 17.88
C37 B12 I . 53.99 -12.23 19.23
C38 B12 I . 52.87 -12.96 19.93
O39 B12 I . 52.64 -12.74 21.11
N40 B12 I . 52.19 -13.86 19.22
C8 B12 I . 52.85 -11.66 17.09
C41 B12 I . 53.34 -11.09 15.74
C42 B12 I . 52.50 -9.91 15.26
C43 B12 I . 52.87 -9.49 13.85
O44 B12 I . 52.00 -9.14 13.06
N45 B12 I . 54.17 -9.51 13.55
C9 B12 I . 51.41 -11.36 17.35
C10 B12 I . 50.39 -12.22 16.77
C11 B12 I . 49.20 -12.41 17.33
C12 B12 I . 48.32 -13.41 16.59
C46 B12 I . 47.71 -14.57 17.36
C47 B12 I . 48.09 -13.21 15.10
C13 B12 I . 47.02 -12.68 17.08
C48 B12 I . 46.23 -11.82 16.08
C49 B12 I . 44.92 -12.41 15.55
C50 B12 I . 44.64 -13.83 16.03
O51 B12 I . 45.14 -14.79 15.48
N52 B12 I . 43.78 -13.93 17.04
C14 B12 I . 47.37 -11.90 18.34
C15 B12 I . 46.39 -11.38 19.32
C53 B12 I . 45.19 -12.26 19.60
C16 B12 I . 46.63 -10.22 19.95
C17 B12 I . 45.79 -9.45 20.98
C54 B12 I . 45.74 -10.19 22.32
C55 B12 I . 44.36 -9.17 20.50
C56 B12 I . 44.31 -8.13 19.38
C57 B12 I . 42.93 -8.12 18.76
O58 B12 I . 42.43 -9.16 18.37
N59 B12 I . 42.34 -6.94 18.66
C18 B12 I . 46.53 -8.12 21.13
C60 B12 I . 46.46 -7.42 22.50
C61 B12 I . 46.14 -5.95 22.28
O63 B12 I . 45.62 -5.55 21.25
N62 B12 I . 46.45 -5.09 23.26
C19 B12 I . 47.89 -8.45 20.56
C1P B12 I . 40.96 -6.79 18.22
C2P B12 I . 40.90 -6.38 16.75
C3P B12 I . 39.47 -6.29 16.31
O3 B12 I . 41.56 -5.12 16.59
O4 B12 I . 42.10 -5.18 14.09
O5 B12 I . 43.32 -3.54 15.54
P B12 I . 42.68 -4.90 15.45
O2 B12 I . 43.76 -6.03 15.85
C3R B12 I . 44.66 -6.58 14.91
C2R B12 I . 46.10 -6.22 15.22
O7R B12 I . 46.26 -6.05 16.63
C1R B12 I . 46.90 -7.42 14.75
O6R B12 I . 46.00 -8.53 14.72
C4R B12 I . 44.66 -8.10 14.98
C5R B12 I . 43.69 -8.73 13.99
O8R B12 I . 44.13 -8.43 12.66
N1B B12 I . 48.00 -7.70 15.69
C8B B12 I . 49.23 -7.17 15.65
C2B B12 I . 47.91 -8.54 16.71
N3B B12 I . 49.06 -8.58 17.38
C9B B12 I . 49.95 -7.76 16.79
C4B B12 I . 51.26 -7.42 17.06
C5B B12 I . 51.92 -6.52 16.24
C5M B12 I . 53.35 -6.15 16.52
C6B B12 I . 51.20 -5.92 15.09
C6M B12 I . 51.92 -4.94 14.21
C7B B12 I . 49.87 -6.25 14.83
CO B12 J . 28.82 -29.16 35.07
N21 B12 J . 28.71 -31.00 34.60
N22 B12 J . 28.47 -29.78 36.84
N23 B12 J . 29.06 -27.30 35.43
N24 B12 J . 28.62 -28.85 33.23
C1 B12 J . 28.92 -31.28 33.18
C20 B12 J . 27.52 -31.69 32.77
C2 B12 J . 29.94 -32.45 33.03
C25 B12 J . 29.42 -33.44 32.01
C26 B12 J . 31.38 -32.14 32.59
C27 B12 J . 32.35 -31.36 33.46
O28 B12 J . 33.05 -30.54 32.93
N29 B12 J . 32.46 -31.56 34.77
C3 B12 J . 29.93 -33.06 34.44
C30 B12 J . 28.91 -34.20 34.61
C31 B12 J . 29.54 -35.58 34.68
C32 B12 J . 28.51 -36.61 35.04
O34 B12 J . 28.14 -37.44 34.25
N33 B12 J . 28.04 -36.57 36.28
C4 B12 J . 29.52 -31.92 35.30
C5 B12 J . 29.77 -31.85 36.74
C35 B12 J . 30.57 -32.99 37.32
C6 B12 J . 29.27 -30.80 37.46
C7 B12 J . 29.33 -30.61 38.99
C36 B12 J . 28.72 -31.82 39.71
C37 B12 J . 30.71 -30.34 39.60
C38 B12 J . 31.20 -28.95 39.33
O39 B12 J . 31.90 -28.75 38.35
N40 B12 J . 30.85 -28.00 40.18
C8 B12 J . 28.39 -29.44 39.20
C41 B12 J . 26.97 -29.91 39.50
C42 B12 J . 25.95 -28.80 39.66
C43 B12 J . 24.59 -29.46 39.79
O44 B12 J . 23.59 -28.92 39.38
N45 B12 J . 24.59 -30.65 40.36
C9 B12 J . 28.37 -28.82 37.87
C10 B12 J . 28.25 -27.38 37.71
C11 B12 J . 28.53 -26.72 36.60
C12 B12 J . 28.38 -25.23 36.72
C46 B12 J . 29.54 -24.33 36.38
C47 B12 J . 27.05 -24.68 37.23
C13 B12 J . 28.12 -25.09 35.18
C48 B12 J . 26.71 -24.70 34.70
C49 B12 J . 26.42 -23.22 34.42
C50 B12 J . 27.57 -22.25 34.26
O51 B12 J . 28.02 -21.65 35.21
N52 B12 J . 28.05 -22.05 33.04
C14 B12 J . 28.64 -26.33 34.49
C15 B12 J . 28.85 -26.47 33.04
C53 B12 J . 29.09 -25.20 32.25
C16 B12 J . 28.93 -27.70 32.49
C17 B12 J . 29.05 -28.11 31.02
C54 B12 J . 30.40 -27.70 30.42
C55 B12 J . 27.72 -27.65 30.40
C56 B12 J . 27.70 -26.81 29.15
C57 B12 J . 26.29 -26.27 29.03
O58 B12 J . 26.00 -25.25 29.61
N59 B12 J . 25.41 -26.92 28.26
C18 B12 J . 28.85 -29.64 31.00
C60 B12 J . 29.56 -30.50 29.95
C61 B12 J . 28.52 -31.31 29.20
O63 B12 J . 27.33 -31.09 29.32
N62 B12 J . 28.93 -32.30 28.41
C19 B12 J . 28.93 -29.98 32.46
C1P B12 J . 24.58 -26.22 27.30
C2P B12 J . 23.25 -25.84 27.93
C3P B12 J . 22.51 -24.81 27.11
O3 B12 J . 22.44 -27.00 28.02
O4 B12 J . 20.62 -26.32 29.68
O5 B12 J . 21.05 -28.70 29.14
P B12 J . 21.65 -27.35 29.33
O2 B12 J . 22.83 -27.32 30.41
C3R B12 J . 22.57 -27.21 31.80
C2R B12 J . 22.87 -28.48 32.57
O7R B12 J . 23.95 -29.19 31.94
C1R B12 J . 23.26 -27.99 33.95
O6R B12 J . 23.64 -26.62 33.80
C4R B12 J . 23.47 -26.18 32.47
C5R B12 J . 22.84 -24.80 32.52
O8R B12 J . 21.60 -24.91 33.22
N1B B12 J . 24.36 -28.77 34.54
C8B B12 J . 24.24 -29.87 35.28
C2B B12 J . 25.67 -28.50 34.40
N3B B12 J . 26.42 -29.40 35.05
C9B B12 J . 25.60 -30.29 35.62
C4B B12 J . 25.84 -31.41 36.40
C5B B12 J . 24.75 -32.14 36.86
C5M B12 J . 24.96 -33.36 37.71
C6B B12 J . 23.37 -31.72 36.52
C6M B12 J . 22.22 -32.53 37.03
C7B B12 J . 23.16 -30.59 35.74
PA NAD K . -3.96 45.33 0.30
O1A NAD K . -4.14 46.80 0.40
O2A NAD K . -4.77 44.65 1.33
O5B NAD K . -4.39 44.84 -1.16
C5B NAD K . -4.82 43.53 -1.43
C4B NAD K . -5.97 43.63 -2.43
O4B NAD K . -7.13 44.03 -1.76
C3B NAD K . -5.70 44.68 -3.50
O3B NAD K . -6.09 44.16 -4.73
C2B NAD K . -6.64 45.82 -3.16
O2B NAD K . -7.06 46.49 -4.32
C1B NAD K . -7.76 45.03 -2.53
N9A NAD K . -8.71 45.81 -1.73
C8A NAD K . -8.48 46.61 -0.64
N7A NAD K . -9.67 47.11 -0.24
C5A NAD K . -10.65 46.62 -1.04
C6A NAD K . -12.03 46.79 -1.07
N6A NAD K . -12.66 47.27 -0.01
N1A NAD K . -12.77 46.13 -2.03
C2A NAD K . -12.13 45.32 -2.95
N3A NAD K . -10.76 45.17 -2.91
C4A NAD K . -10.04 45.80 -1.96
O3 NAD K . -2.43 44.88 0.52
PN NAD K . -1.24 44.75 -0.56
O1N NAD K . -0.43 43.61 -0.05
O2N NAD K . -0.58 46.08 -0.73
O5D NAD K . -1.87 44.27 -1.96
C5D NAD K . -1.98 45.11 -3.09
PA NAD L . -29.91 25.76 23.13
O1A NAD L . -29.15 26.34 22.01
O2A NAD L . -30.73 26.81 23.77
O5B NAD L . -28.87 25.12 24.16
C5B NAD L . -27.59 24.64 23.77
C4B NAD L . -26.63 24.92 24.90
O4B NAD L . -26.21 26.27 24.82
C3B NAD L . -27.30 24.75 26.27
O3B NAD L . -26.42 24.09 27.14
C2B NAD L . -27.49 26.16 26.77
O2B NAD L . -27.38 26.22 28.16
C1B NAD L . -26.34 26.87 26.09
N9A NAD L . -26.51 28.34 26.02
C8A NAD L . -27.57 29.07 25.54
N7A NAD L . -27.27 30.38 25.69
C5A NAD L . -26.04 30.50 26.25
C6A NAD L . -25.25 31.58 26.62
N6A NAD L . -25.46 32.79 26.11
N1A NAD L . -24.01 31.34 27.17
C2A NAD L . -23.57 30.06 27.36
N3A NAD L . -24.36 29.00 27.00
C4A NAD L . -25.56 29.21 26.45
O3 NAD L . -30.85 24.55 22.59
PN NAD L . -30.67 22.96 22.83
O2N NAD L . -30.21 22.36 21.56
O5D NAD L . -30.00 22.62 24.11
#